data_7R21
#
_entry.id   7R21
#
_cell.length_a   1.00
_cell.length_b   1.00
_cell.length_c   1.00
_cell.angle_alpha   90.00
_cell.angle_beta   90.00
_cell.angle_gamma   90.00
#
_symmetry.space_group_name_H-M   'P 1'
#
loop_
_entity.id
_entity.type
_entity.pdbx_description
1 polymer Cas11a
2 polymer Cas7a
3 polymer 'Type I-A CRISPR-associated protein Cas5'
4 polymer 'CrRNA (62-MER)'
#
loop_
_entity_poly.entity_id
_entity_poly.type
_entity_poly.pdbx_seq_one_letter_code
_entity_poly.pdbx_strand_id
1 'polypeptide(L)'
;GGWIRNIGRYLSYLVDDTFEEYAYDVVDGIAKARTQEELLEGVYKALRLAPKLKKKAESKGCPPPRIPSPEDIEALEEKV
EQLSNPKDLRKLAVSLALWAFASWNNCP
;
A,C,D,E,F,G,H
2 'polypeptide(L)'
;MYVRISGRIRLNAHSLNAQGGGGTNYIEITKTKVTVRTENGWTVVEVPAITGNMLKHWHFVGFVDYFKTTPYGVNLTERA
LRYNGTRFGQGETTATKANGATVQLNDEATIIKELADADVHGFLAPKTGRRRVSLVKASFILPTEDFIKEVEGERLITAI
KHNRVDVDEKGAIGSSKEGTAQMLFSREYATGLYGFSIVLDLGLVGIPQGLPVKFEENQPRPNIVIDPNERKARIESALK
ALIPMLSGYIGANLARSFPVFKVEELVAIASEGPIPALVHGFYEDYIEANRSIIKNARALGFNIEVFTYNVDLGEDIEAT
KVSSVEELVANLVKMV
;
I,J,K,L,M,N,O,Q,S,T
3 'polypeptide(L)'
;MDILLVCLRFPFFSVAKRSYQVRTSFLLPPPSALKGALAKGLILLKPEKYASSSLDEAALKAIKEIESKLVDIKAVSVAP
LSPLIRNAFLLKRLRNLESGSNAEKSDAMRREYTFTRELLVAYIFKNLTQEEKNLYLKAAMLIDVIGDTESLATPVWASF
VKPEDKKAPLAFSAPYTEIYSLLSSKIQAKGKIRMYIEKMRVSPEYSKTKGPQEEIFYLPIEERRYKRIVYYARIYPPEV
EKALTVDGEVLGIWIP
;
P
4 'polyribonucleotide' AUUGAAAGUUGUAGUAUGCGGUCCUUGCGGCUGAGAGCACUUCAGGAGUUGCCCGCGCCAGC R
#
# COMPACT_ATOMS: atom_id res chain seq x y z
N GLY A 2 -10.63 34.86 -15.01
CA GLY A 2 -11.67 34.93 -13.99
C GLY A 2 -11.43 36.01 -12.96
N TRP A 3 -10.89 37.15 -13.42
CA TRP A 3 -10.65 38.35 -12.63
C TRP A 3 -9.83 38.09 -11.35
N ILE A 4 -9.23 36.91 -11.25
CA ILE A 4 -8.41 36.58 -10.09
C ILE A 4 -7.02 37.20 -10.20
N ARG A 5 -6.44 37.20 -11.40
CA ARG A 5 -5.06 37.65 -11.56
C ARG A 5 -4.92 39.15 -11.28
N ASN A 6 -5.91 39.95 -11.68
CA ASN A 6 -5.78 41.39 -11.53
C ASN A 6 -5.84 41.82 -10.06
N ILE A 7 -6.81 41.31 -9.32
CA ILE A 7 -6.93 41.67 -7.90
C ILE A 7 -5.76 41.11 -7.11
N GLY A 8 -5.29 39.91 -7.48
CA GLY A 8 -4.11 39.38 -6.83
C GLY A 8 -2.86 40.20 -7.12
N ARG A 9 -2.75 40.71 -8.34
CA ARG A 9 -1.65 41.62 -8.67
C ARG A 9 -1.72 42.88 -7.82
N TYR A 10 -2.92 43.44 -7.67
CA TYR A 10 -3.07 44.64 -6.84
C TYR A 10 -2.68 44.35 -5.40
N LEU A 11 -3.12 43.21 -4.86
CA LEU A 11 -2.74 42.85 -3.50
C LEU A 11 -1.24 42.60 -3.36
N SER A 12 -0.59 42.09 -4.42
CA SER A 12 0.85 41.92 -4.40
C SER A 12 1.58 43.27 -4.43
N TYR A 13 0.96 44.29 -5.04
CA TYR A 13 1.60 45.59 -5.14
C TYR A 13 1.93 46.18 -3.76
N LEU A 14 1.23 45.76 -2.71
CA LEU A 14 1.43 46.34 -1.38
C LEU A 14 2.16 45.40 -0.42
N VAL A 15 2.73 44.31 -0.93
CA VAL A 15 3.46 43.37 -0.07
C VAL A 15 4.88 43.18 -0.59
N ASP A 16 5.08 43.36 -1.88
CA ASP A 16 6.36 43.05 -2.50
C ASP A 16 7.39 44.13 -2.22
N ASP A 17 8.58 43.96 -2.79
CA ASP A 17 9.67 44.92 -2.64
C ASP A 17 9.46 46.08 -3.60
N THR A 18 10.49 46.91 -3.75
CA THR A 18 10.48 48.13 -4.56
C THR A 18 9.46 49.15 -4.07
N PHE A 19 8.83 48.90 -2.92
CA PHE A 19 7.90 49.82 -2.30
C PHE A 19 8.31 50.01 -0.84
N GLU A 20 7.68 50.96 -0.17
CA GLU A 20 7.89 51.17 1.26
C GLU A 20 6.66 50.91 2.10
N GLU A 21 5.51 50.62 1.49
CA GLU A 21 4.26 50.39 2.20
C GLU A 21 4.07 48.87 2.30
N TYR A 22 4.67 48.28 3.33
CA TYR A 22 4.54 46.84 3.58
C TYR A 22 3.60 46.65 4.77
N ALA A 23 2.32 46.50 4.47
CA ALA A 23 1.29 46.22 5.47
C ALA A 23 0.50 45.02 4.96
N TYR A 24 0.97 43.82 5.27
CA TYR A 24 0.30 42.59 4.86
C TYR A 24 -0.75 42.14 5.88
N ASP A 25 -1.17 43.03 6.77
CA ASP A 25 -2.28 42.71 7.65
C ASP A 25 -3.57 42.49 6.86
N VAL A 26 -3.77 43.26 5.80
CA VAL A 26 -5.01 43.15 5.02
C VAL A 26 -5.05 41.83 4.26
N VAL A 27 -3.94 41.43 3.65
CA VAL A 27 -3.92 40.16 2.93
C VAL A 27 -4.01 39.00 3.90
N ASP A 28 -3.41 39.13 5.09
CA ASP A 28 -3.58 38.10 6.11
C ASP A 28 -5.03 37.98 6.54
N GLY A 29 -5.71 39.12 6.68
CA GLY A 29 -7.12 39.10 7.03
C GLY A 29 -8.00 38.48 5.96
N ILE A 30 -7.75 38.84 4.70
CA ILE A 30 -8.56 38.26 3.62
C ILE A 30 -8.29 36.77 3.50
N ALA A 31 -7.06 36.33 3.73
CA ALA A 31 -6.77 34.90 3.74
C ALA A 31 -7.46 34.20 4.90
N LYS A 32 -7.43 34.81 6.09
CA LYS A 32 -8.05 34.21 7.28
C LYS A 32 -9.47 34.77 7.44
N ALA A 33 -10.31 34.44 6.48
CA ALA A 33 -11.69 34.91 6.46
C ALA A 33 -12.62 33.74 6.17
N ARG A 34 -13.74 33.68 6.89
CA ARG A 34 -14.66 32.55 6.75
C ARG A 34 -16.13 32.97 6.74
N THR A 35 -16.44 34.27 6.75
CA THR A 35 -17.81 34.74 6.66
C THR A 35 -17.95 35.68 5.48
N GLN A 36 -19.19 35.88 5.04
CA GLN A 36 -19.45 36.59 3.78
C GLN A 36 -18.94 38.02 3.83
N GLU A 37 -19.16 38.71 4.96
CA GLU A 37 -18.92 40.15 5.02
C GLU A 37 -17.47 40.51 5.30
N GLU A 38 -16.74 39.67 6.05
CA GLU A 38 -15.35 40.00 6.34
C GLU A 38 -14.49 39.92 5.08
N LEU A 39 -14.84 39.04 4.14
CA LEU A 39 -14.15 39.02 2.85
C LEU A 39 -14.20 40.39 2.19
N LEU A 40 -15.40 40.93 2.03
CA LEU A 40 -15.57 42.23 1.38
C LEU A 40 -14.87 43.32 2.18
N GLU A 41 -15.03 43.30 3.51
CA GLU A 41 -14.41 44.33 4.32
C GLU A 41 -12.90 44.34 4.16
N GLY A 42 -12.27 43.17 4.25
CA GLY A 42 -10.82 43.10 4.12
C GLY A 42 -10.34 43.50 2.75
N VAL A 43 -10.99 42.98 1.69
CA VAL A 43 -10.51 43.28 0.34
C VAL A 43 -10.67 44.76 0.02
N TYR A 44 -11.74 45.38 0.53
CA TYR A 44 -11.95 46.80 0.23
C TYR A 44 -11.10 47.70 1.13
N LYS A 45 -10.75 47.25 2.34
CA LYS A 45 -9.69 47.95 3.06
C LYS A 45 -8.38 47.88 2.30
N ALA A 46 -8.11 46.75 1.64
CA ALA A 46 -6.92 46.67 0.80
C ALA A 46 -7.00 47.65 -0.37
N LEU A 47 -8.17 47.74 -1.03
CA LEU A 47 -8.36 48.71 -2.10
C LEU A 47 -8.30 50.16 -1.62
N ARG A 48 -8.55 50.42 -0.33
CA ARG A 48 -8.52 51.78 0.17
C ARG A 48 -7.15 52.43 0.07
N LEU A 49 -6.09 51.66 -0.14
CA LEU A 49 -4.74 52.20 -0.25
C LEU A 49 -4.35 52.52 -1.68
N ALA A 50 -5.30 52.54 -2.61
CA ALA A 50 -4.98 52.79 -4.01
C ALA A 50 -4.37 54.17 -4.25
N PRO A 51 -4.92 55.28 -3.74
CA PRO A 51 -4.26 56.58 -3.97
C PRO A 51 -2.87 56.65 -3.38
N LYS A 52 -2.62 55.97 -2.27
CA LYS A 52 -1.29 55.95 -1.67
C LYS A 52 -0.26 55.40 -2.65
N LEU A 53 -0.54 54.21 -3.20
CA LEU A 53 0.39 53.61 -4.15
C LEU A 53 0.45 54.42 -5.44
N LYS A 54 -0.68 55.00 -5.87
CA LYS A 54 -0.68 55.79 -7.09
C LYS A 54 0.24 57.00 -6.95
N LYS A 55 0.22 57.66 -5.79
CA LYS A 55 1.09 58.81 -5.58
C LYS A 55 2.53 58.41 -5.29
N LYS A 56 2.74 57.21 -4.70
CA LYS A 56 4.09 56.75 -4.42
C LYS A 56 4.78 56.17 -5.65
N ALA A 57 4.02 55.83 -6.69
CA ALA A 57 4.62 55.18 -7.86
C ALA A 57 5.60 56.09 -8.58
N GLU A 58 5.19 57.32 -8.87
CA GLU A 58 6.04 58.22 -9.65
C GLU A 58 7.24 58.71 -8.86
N SER A 59 7.30 58.45 -7.55
CA SER A 59 8.47 58.83 -6.76
C SER A 59 9.69 57.99 -7.11
N LYS A 60 9.50 56.82 -7.71
CA LYS A 60 10.61 55.94 -8.07
C LYS A 60 10.80 55.78 -9.57
N GLY A 61 9.85 56.24 -10.39
CA GLY A 61 9.99 56.23 -11.83
C GLY A 61 9.38 55.04 -12.53
N CYS A 62 9.05 53.97 -11.82
CA CYS A 62 8.42 52.83 -12.48
C CYS A 62 6.96 53.14 -12.77
N PRO A 63 6.36 52.50 -13.77
CA PRO A 63 5.00 52.87 -14.17
C PRO A 63 4.03 52.60 -13.04
N PRO A 64 2.95 53.40 -12.94
CA PRO A 64 2.07 53.29 -11.79
C PRO A 64 1.34 51.97 -11.79
N PRO A 65 0.98 51.45 -10.61
CA PRO A 65 0.21 50.21 -10.56
C PRO A 65 -1.18 50.38 -11.15
N ARG A 66 -1.71 49.30 -11.69
CA ARG A 66 -3.02 49.30 -12.34
C ARG A 66 -4.06 48.87 -11.32
N ILE A 67 -4.87 49.82 -10.88
CA ILE A 67 -5.97 49.50 -9.97
C ILE A 67 -6.95 48.58 -10.68
N PRO A 68 -7.53 47.57 -10.02
CA PRO A 68 -8.44 46.65 -10.71
C PRO A 68 -9.58 47.38 -11.38
N SER A 69 -9.90 46.94 -12.59
CA SER A 69 -10.89 47.60 -13.42
C SER A 69 -12.30 47.33 -12.89
N PRO A 70 -13.27 48.19 -13.23
CA PRO A 70 -14.60 48.08 -12.60
C PRO A 70 -15.30 46.75 -12.79
N GLU A 71 -15.18 46.10 -13.95
CA GLU A 71 -15.93 44.87 -14.17
C GLU A 71 -15.41 43.73 -13.31
N ASP A 72 -14.11 43.71 -13.01
CA ASP A 72 -13.59 42.70 -12.09
C ASP A 72 -14.21 42.84 -10.71
N ILE A 73 -14.24 44.07 -10.19
CA ILE A 73 -14.89 44.34 -8.90
C ILE A 73 -16.37 44.03 -8.93
N GLU A 74 -17.06 44.32 -10.03
CA GLU A 74 -18.47 43.96 -10.17
C GLU A 74 -18.68 42.46 -10.11
N ALA A 75 -17.87 41.69 -10.86
CA ALA A 75 -18.00 40.25 -10.87
C ALA A 75 -17.62 39.63 -9.53
N LEU A 76 -16.81 40.32 -8.74
CA LEU A 76 -16.40 39.79 -7.44
C LEU A 76 -17.61 39.40 -6.58
N GLU A 77 -18.61 40.28 -6.50
CA GLU A 77 -19.76 39.95 -5.66
C GLU A 77 -20.65 38.88 -6.29
N GLU A 78 -20.97 39.04 -7.58
CA GLU A 78 -21.87 38.09 -8.22
C GLU A 78 -21.26 36.69 -8.17
N LYS A 79 -19.94 36.62 -7.94
CA LYS A 79 -19.32 35.34 -7.63
C LYS A 79 -19.70 34.84 -6.23
N VAL A 80 -19.99 35.73 -5.28
CA VAL A 80 -20.15 35.29 -3.90
C VAL A 80 -21.60 35.05 -3.48
N GLU A 81 -22.57 35.79 -4.04
CA GLU A 81 -23.95 35.54 -3.65
C GLU A 81 -24.51 34.27 -4.27
N GLN A 82 -23.81 33.67 -5.24
CA GLN A 82 -24.24 32.42 -5.83
C GLN A 82 -23.72 31.19 -5.09
N LEU A 83 -22.97 31.39 -4.00
CA LEU A 83 -22.47 30.31 -3.17
C LEU A 83 -22.93 30.52 -1.74
N SER A 84 -23.29 29.42 -1.08
CA SER A 84 -23.82 29.47 0.28
C SER A 84 -22.97 28.74 1.30
N ASN A 85 -22.41 27.58 0.94
CA ASN A 85 -21.62 26.82 1.89
C ASN A 85 -20.30 27.54 2.19
N PRO A 86 -19.75 27.38 3.40
CA PRO A 86 -18.49 28.06 3.73
C PRO A 86 -17.27 27.37 3.15
N LYS A 87 -17.34 26.06 2.85
CA LYS A 87 -16.19 25.36 2.29
C LYS A 87 -15.80 25.92 0.93
N ASP A 88 -16.74 26.52 0.20
CA ASP A 88 -16.43 27.22 -1.04
C ASP A 88 -16.32 28.73 -0.86
N LEU A 89 -16.93 29.26 0.20
CA LEU A 89 -16.74 30.68 0.53
C LEU A 89 -15.29 30.96 0.88
N ARG A 90 -14.65 30.04 1.61
CA ARG A 90 -13.24 30.19 1.95
C ARG A 90 -12.32 29.97 0.75
N LYS A 91 -12.79 29.27 -0.29
CA LYS A 91 -11.95 28.99 -1.45
C LYS A 91 -11.40 30.27 -2.06
N LEU A 92 -12.29 31.09 -2.61
CA LEU A 92 -11.86 32.36 -3.22
C LEU A 92 -11.35 33.35 -2.18
N ALA A 93 -11.79 33.19 -0.92
CA ALA A 93 -11.27 34.05 0.14
C ALA A 93 -9.78 33.87 0.33
N VAL A 94 -9.31 32.62 0.27
CA VAL A 94 -7.90 32.36 0.54
C VAL A 94 -7.09 32.36 -0.75
N SER A 95 -7.71 32.02 -1.90
CA SER A 95 -6.97 31.90 -3.15
C SER A 95 -6.41 33.23 -3.64
N LEU A 96 -6.92 34.35 -3.13
CA LEU A 96 -6.41 35.65 -3.55
C LEU A 96 -5.01 35.92 -3.02
N ALA A 97 -4.57 35.17 -2.01
CA ALA A 97 -3.25 35.42 -1.41
C ALA A 97 -2.14 34.78 -2.24
N LEU A 98 -2.48 33.90 -3.18
CA LEU A 98 -1.45 33.25 -4.00
C LEU A 98 -0.67 34.28 -4.81
N TRP A 99 -1.37 35.24 -5.43
CA TRP A 99 -0.70 36.23 -6.25
C TRP A 99 0.04 37.27 -5.43
N ALA A 100 -0.30 37.43 -4.15
CA ALA A 100 0.35 38.42 -3.31
C ALA A 100 1.80 38.07 -2.99
N PHE A 101 2.23 36.85 -3.28
CA PHE A 101 3.59 36.41 -3.02
C PHE A 101 4.11 35.68 -4.25
N ALA A 102 5.03 36.31 -4.98
CA ALA A 102 5.61 35.72 -6.18
C ALA A 102 6.96 36.38 -6.42
N SER A 103 7.52 36.14 -7.60
CA SER A 103 8.86 36.60 -7.95
C SER A 103 8.90 37.24 -9.33
N TRP A 104 7.96 38.14 -9.59
CA TRP A 104 7.99 38.91 -10.82
C TRP A 104 8.54 40.31 -10.55
N ASN A 105 8.54 41.14 -11.59
CA ASN A 105 8.94 42.54 -11.49
C ASN A 105 7.68 43.40 -11.55
N ASN A 106 7.31 44.01 -10.43
CA ASN A 106 6.10 44.82 -10.38
C ASN A 106 6.24 46.05 -11.28
N CYS A 107 7.34 46.77 -11.18
CA CYS A 107 7.59 47.92 -12.04
C CYS A 107 9.08 48.23 -12.08
N PRO A 108 9.70 48.27 -13.26
CA PRO A 108 11.12 48.59 -13.44
C PRO A 108 11.46 50.05 -13.11
N GLY B 2 -26.75 47.23 -11.07
CA GLY B 2 -28.11 47.70 -10.96
C GLY B 2 -28.44 48.26 -9.58
N TRP B 3 -28.81 49.54 -9.54
CA TRP B 3 -29.24 50.23 -8.33
C TRP B 3 -28.09 50.43 -7.34
N ILE B 4 -26.93 49.85 -7.65
CA ILE B 4 -25.75 50.01 -6.80
C ILE B 4 -24.57 50.60 -7.55
N ARG B 5 -24.56 50.56 -8.88
CA ARG B 5 -23.44 51.11 -9.64
C ARG B 5 -23.46 52.64 -9.67
N ASN B 6 -24.66 53.24 -9.62
CA ASN B 6 -24.74 54.70 -9.70
C ASN B 6 -24.23 55.35 -8.42
N ILE B 7 -24.62 54.84 -7.26
CA ILE B 7 -24.13 55.39 -6.00
C ILE B 7 -22.63 55.17 -5.87
N GLY B 8 -22.14 54.01 -6.33
CA GLY B 8 -20.71 53.78 -6.35
C GLY B 8 -19.98 54.74 -7.26
N ARG B 9 -20.56 55.04 -8.42
CA ARG B 9 -19.97 56.02 -9.32
C ARG B 9 -19.92 57.40 -8.67
N TYR B 10 -21.00 57.78 -7.98
CA TYR B 10 -21.02 59.08 -7.31
C TYR B 10 -19.97 59.15 -6.22
N LEU B 11 -19.80 58.07 -5.46
CA LEU B 11 -18.74 58.03 -4.45
C LEU B 11 -17.36 58.05 -5.09
N SER B 12 -17.22 57.44 -6.27
CA SER B 12 -15.96 57.51 -7.00
C SER B 12 -15.65 58.94 -7.43
N TYR B 13 -16.69 59.71 -7.77
CA TYR B 13 -16.47 61.11 -8.12
C TYR B 13 -15.91 61.91 -6.95
N LEU B 14 -16.16 61.46 -5.72
CA LEU B 14 -15.68 62.19 -4.55
C LEU B 14 -14.16 62.16 -4.47
N VAL B 15 -13.57 60.97 -4.58
CA VAL B 15 -12.11 60.81 -4.53
C VAL B 15 -11.68 60.05 -5.78
N ASP B 16 -10.83 60.67 -6.59
CA ASP B 16 -10.38 60.09 -7.86
C ASP B 16 -9.28 60.99 -8.42
N ASP B 17 -8.80 60.65 -9.61
CA ASP B 17 -7.88 61.52 -10.32
C ASP B 17 -8.59 62.82 -10.68
N THR B 18 -7.84 63.93 -10.64
CA THR B 18 -8.40 65.27 -10.74
C THR B 18 -9.46 65.48 -9.67
N PHE B 19 -10.31 66.50 -9.83
CA PHE B 19 -11.36 66.82 -8.85
C PHE B 19 -10.76 66.95 -7.45
N GLU B 20 -9.95 67.99 -7.30
CA GLU B 20 -9.15 68.16 -6.09
C GLU B 20 -10.03 68.54 -4.90
N GLU B 21 -10.80 67.56 -4.41
CA GLU B 21 -11.61 67.69 -3.19
C GLU B 21 -11.66 66.30 -2.56
N TYR B 22 -10.74 66.05 -1.63
CA TYR B 22 -10.54 64.72 -1.07
C TYR B 22 -11.12 64.68 0.33
N ALA B 23 -12.04 63.75 0.57
CA ALA B 23 -12.66 63.55 1.89
C ALA B 23 -12.78 62.06 2.13
N TYR B 24 -11.75 61.46 2.73
CA TYR B 24 -11.79 60.04 3.05
C TYR B 24 -12.56 59.75 4.33
N ASP B 25 -12.82 60.77 5.15
CA ASP B 25 -13.51 60.56 6.42
C ASP B 25 -14.94 60.07 6.19
N VAL B 26 -15.64 60.63 5.18
CA VAL B 26 -17.03 60.25 4.95
C VAL B 26 -17.12 58.81 4.47
N VAL B 27 -16.25 58.40 3.53
CA VAL B 27 -16.30 57.03 3.06
C VAL B 27 -15.86 56.07 4.15
N ASP B 28 -14.89 56.47 4.99
CA ASP B 28 -14.49 55.62 6.11
C ASP B 28 -15.65 55.44 7.09
N GLY B 29 -16.38 56.52 7.39
CA GLY B 29 -17.52 56.40 8.27
C GLY B 29 -18.64 55.55 7.67
N ILE B 30 -18.84 55.65 6.36
CA ILE B 30 -19.82 54.80 5.69
C ILE B 30 -19.42 53.34 5.81
N ALA B 31 -18.14 53.04 5.60
CA ALA B 31 -17.66 51.66 5.71
C ALA B 31 -17.80 51.13 7.15
N LYS B 32 -17.45 51.97 8.12
CA LYS B 32 -17.45 51.56 9.52
C LYS B 32 -18.78 51.82 10.22
N ALA B 33 -19.81 52.25 9.49
CA ALA B 33 -21.12 52.46 10.07
C ALA B 33 -21.67 51.16 10.63
N ARG B 34 -22.19 51.21 11.86
CA ARG B 34 -22.71 50.03 12.53
C ARG B 34 -24.24 49.99 12.51
N THR B 35 -24.87 51.03 13.01
CA THR B 35 -26.33 51.11 13.01
C THR B 35 -26.83 51.83 11.76
N GLN B 36 -28.16 51.81 11.60
CA GLN B 36 -28.76 52.43 10.42
C GLN B 36 -28.54 53.94 10.39
N GLU B 37 -28.63 54.59 11.55
CA GLU B 37 -28.49 56.04 11.61
C GLU B 37 -27.12 56.49 11.12
N GLU B 38 -26.07 55.73 11.45
CA GLU B 38 -24.74 56.05 10.95
C GLU B 38 -24.69 55.98 9.43
N LEU B 39 -25.34 54.95 8.86
CA LEU B 39 -25.39 54.83 7.41
C LEU B 39 -26.12 56.01 6.78
N LEU B 40 -27.26 56.41 7.35
CA LEU B 40 -28.01 57.52 6.79
C LEU B 40 -27.22 58.83 6.89
N GLU B 41 -26.56 59.07 8.02
CA GLU B 41 -25.80 60.31 8.13
C GLU B 41 -24.57 60.30 7.23
N GLY B 42 -23.94 59.14 7.02
CA GLY B 42 -22.85 59.07 6.07
C GLY B 42 -23.31 59.32 4.65
N VAL B 43 -24.46 58.76 4.27
CA VAL B 43 -25.01 59.00 2.94
C VAL B 43 -25.34 60.48 2.77
N TYR B 44 -25.91 61.11 3.80
CA TYR B 44 -26.22 62.52 3.72
C TYR B 44 -24.95 63.35 3.58
N LYS B 45 -23.90 63.01 4.32
CA LYS B 45 -22.64 63.73 4.21
C LYS B 45 -22.05 63.58 2.80
N ALA B 46 -22.12 62.38 2.23
CA ALA B 46 -21.64 62.17 0.87
C ALA B 46 -22.44 62.98 -0.13
N LEU B 47 -23.76 63.03 0.04
CA LEU B 47 -24.61 63.76 -0.90
C LEU B 47 -24.49 65.27 -0.73
N ARG B 48 -24.07 65.75 0.43
CA ARG B 48 -23.98 67.19 0.66
C ARG B 48 -22.97 67.85 -0.27
N LEU B 49 -21.97 67.10 -0.73
CA LEU B 49 -20.92 67.65 -1.58
C LEU B 49 -21.28 67.61 -3.06
N ALA B 50 -22.49 67.19 -3.40
CA ALA B 50 -22.89 67.17 -4.82
C ALA B 50 -22.83 68.54 -5.48
N PRO B 51 -23.28 69.65 -4.88
CA PRO B 51 -23.11 70.95 -5.54
C PRO B 51 -21.66 71.29 -5.83
N LYS B 52 -20.74 70.92 -4.93
CA LYS B 52 -19.32 71.18 -5.15
C LYS B 52 -18.83 70.45 -6.40
N LEU B 53 -19.20 69.17 -6.53
CA LEU B 53 -18.80 68.40 -7.70
C LEU B 53 -19.43 68.95 -8.97
N LYS B 54 -20.71 69.36 -8.90
CA LYS B 54 -21.36 69.94 -10.06
C LYS B 54 -20.66 71.21 -10.51
N LYS B 55 -20.27 72.07 -9.55
CA LYS B 55 -19.57 73.31 -9.90
C LYS B 55 -18.17 73.02 -10.44
N LYS B 56 -17.48 72.03 -9.87
CA LYS B 56 -16.12 71.72 -10.30
C LYS B 56 -16.08 70.98 -11.63
N ALA B 57 -17.20 70.38 -12.06
CA ALA B 57 -17.21 69.64 -13.32
C ALA B 57 -16.86 70.54 -14.50
N GLU B 58 -17.47 71.73 -14.56
CA GLU B 58 -17.22 72.64 -15.67
C GLU B 58 -15.98 73.51 -15.45
N SER B 59 -15.41 73.51 -14.25
CA SER B 59 -14.23 74.33 -14.00
C SER B 59 -12.96 73.72 -14.61
N LYS B 60 -13.00 72.44 -15.00
CA LYS B 60 -11.86 71.79 -15.60
C LYS B 60 -12.20 71.13 -16.94
N GLY B 61 -13.39 71.37 -17.47
CA GLY B 61 -13.80 70.77 -18.72
C GLY B 61 -14.29 69.35 -18.62
N CYS B 62 -14.41 68.81 -17.41
CA CYS B 62 -14.87 67.44 -17.24
C CYS B 62 -16.38 67.35 -17.49
N PRO B 63 -16.88 66.18 -17.88
CA PRO B 63 -18.32 66.03 -18.04
C PRO B 63 -19.03 66.16 -16.69
N PRO B 64 -20.30 66.56 -16.69
CA PRO B 64 -20.99 66.74 -15.42
C PRO B 64 -21.13 65.42 -14.70
N PRO B 65 -21.11 65.44 -13.36
CA PRO B 65 -21.17 64.19 -12.60
C PRO B 65 -22.55 63.56 -12.69
N ARG B 66 -22.58 62.24 -12.51
CA ARG B 66 -23.83 61.48 -12.50
C ARG B 66 -24.48 61.63 -11.13
N ILE B 67 -25.16 62.76 -10.95
CA ILE B 67 -25.87 63.00 -9.69
C ILE B 67 -26.97 61.96 -9.54
N PRO B 68 -27.06 61.27 -8.40
CA PRO B 68 -28.05 60.20 -8.26
C PRO B 68 -29.47 60.72 -8.41
N SER B 69 -30.31 59.93 -9.09
CA SER B 69 -31.72 60.25 -9.20
C SER B 69 -32.43 60.03 -7.87
N PRO B 70 -33.56 60.67 -7.65
CA PRO B 70 -34.29 60.47 -6.38
C PRO B 70 -34.78 59.03 -6.19
N GLU B 71 -34.86 58.25 -7.26
CA GLU B 71 -35.38 56.89 -7.15
C GLU B 71 -34.51 56.02 -6.24
N ASP B 72 -33.19 56.07 -6.44
CA ASP B 72 -32.32 55.18 -5.69
C ASP B 72 -32.33 55.53 -4.20
N ILE B 73 -32.32 56.81 -3.85
CA ILE B 73 -32.32 57.20 -2.45
C ILE B 73 -33.69 56.91 -1.82
N GLU B 74 -34.78 57.18 -2.54
CA GLU B 74 -36.10 56.90 -1.98
C GLU B 74 -36.34 55.40 -1.83
N ALA B 75 -35.65 54.57 -2.62
CA ALA B 75 -35.74 53.14 -2.40
C ALA B 75 -34.84 52.69 -1.25
N LEU B 76 -33.63 53.26 -1.16
CA LEU B 76 -32.72 52.91 -0.07
C LEU B 76 -33.30 53.29 1.28
N GLU B 77 -34.16 54.31 1.31
CA GLU B 77 -34.76 54.74 2.58
C GLU B 77 -35.48 53.59 3.27
N GLU B 78 -36.22 52.78 2.52
CA GLU B 78 -36.83 51.58 3.10
C GLU B 78 -35.96 50.34 2.94
N LYS B 79 -34.99 50.36 2.03
CA LYS B 79 -34.07 49.23 1.89
C LYS B 79 -33.17 49.10 3.12
N VAL B 80 -33.00 50.19 3.87
CA VAL B 80 -32.23 50.11 5.11
C VAL B 80 -33.13 49.69 6.27
N GLU B 81 -34.40 50.11 6.25
CA GLU B 81 -35.28 49.97 7.40
C GLU B 81 -36.00 48.62 7.43
N GLN B 82 -35.26 47.52 7.36
CA GLN B 82 -35.82 46.20 7.63
C GLN B 82 -34.87 45.26 8.36
N LEU B 83 -33.68 45.72 8.73
CA LEU B 83 -32.68 44.88 9.37
C LEU B 83 -32.62 45.18 10.86
N SER B 84 -32.75 44.14 11.67
CA SER B 84 -32.63 44.26 13.12
C SER B 84 -31.24 43.95 13.64
N ASN B 85 -30.28 43.65 12.75
CA ASN B 85 -28.93 43.33 13.15
C ASN B 85 -27.93 44.14 12.35
N PRO B 86 -26.85 44.62 12.99
CA PRO B 86 -25.79 45.31 12.23
C PRO B 86 -25.05 44.39 11.28
N LYS B 87 -25.16 43.08 11.45
CA LYS B 87 -24.42 42.13 10.61
C LYS B 87 -24.74 42.34 9.13
N ASP B 88 -26.01 42.12 8.76
CA ASP B 88 -26.41 42.32 7.37
C ASP B 88 -26.35 43.78 6.95
N LEU B 89 -26.25 44.71 7.90
CA LEU B 89 -26.07 46.12 7.57
C LEU B 89 -24.64 46.41 7.10
N ARG B 90 -23.66 45.71 7.67
CA ARG B 90 -22.26 45.96 7.32
C ARG B 90 -21.99 45.64 5.85
N LYS B 91 -22.55 44.53 5.36
CA LYS B 91 -22.28 44.14 3.98
C LYS B 91 -22.85 45.16 2.99
N LEU B 92 -24.04 45.69 3.24
CA LEU B 92 -24.58 46.68 2.32
C LEU B 92 -23.90 48.03 2.49
N ALA B 93 -23.42 48.35 3.70
CA ALA B 93 -22.64 49.56 3.86
C ALA B 93 -21.34 49.50 3.06
N VAL B 94 -20.64 48.37 3.12
CA VAL B 94 -19.41 48.28 2.34
C VAL B 94 -19.74 48.12 0.85
N SER B 95 -20.93 47.62 0.52
CA SER B 95 -21.37 47.62 -0.88
C SER B 95 -21.64 49.04 -1.37
N LEU B 96 -22.07 49.94 -0.48
CA LEU B 96 -22.12 51.35 -0.84
C LEU B 96 -20.71 51.92 -0.99
N ALA B 97 -19.78 51.47 -0.15
CA ALA B 97 -18.41 51.98 -0.19
C ALA B 97 -17.55 51.35 -1.29
N LEU B 98 -18.09 50.39 -2.04
CA LEU B 98 -17.34 49.67 -3.07
C LEU B 98 -16.44 50.53 -3.94
N TRP B 99 -17.04 51.44 -4.71
CA TRP B 99 -16.40 51.98 -5.90
C TRP B 99 -15.63 53.27 -5.65
N ALA B 100 -15.34 53.61 -4.39
CA ALA B 100 -14.61 54.83 -4.10
C ALA B 100 -13.19 54.82 -4.65
N PHE B 101 -12.64 53.63 -4.93
CA PHE B 101 -11.25 53.49 -5.36
C PHE B 101 -11.15 52.53 -6.54
N ALA B 102 -12.01 52.70 -7.54
CA ALA B 102 -12.01 51.87 -8.72
C ALA B 102 -11.39 52.62 -9.91
N SER B 103 -11.12 51.88 -10.98
CA SER B 103 -10.50 52.44 -12.17
C SER B 103 -11.57 53.01 -13.10
N TRP B 104 -12.11 54.15 -12.70
CA TRP B 104 -13.18 54.81 -13.44
C TRP B 104 -12.63 55.90 -14.34
N ASN B 105 -13.22 56.02 -15.53
CA ASN B 105 -12.88 57.08 -16.48
C ASN B 105 -13.76 58.30 -16.20
N ASN B 106 -13.53 58.90 -15.03
CA ASN B 106 -14.36 60.02 -14.60
C ASN B 106 -14.21 61.22 -15.53
N CYS B 107 -12.98 61.53 -15.94
CA CYS B 107 -12.70 62.62 -16.86
C CYS B 107 -11.85 62.10 -18.00
N PRO B 108 -12.48 61.50 -19.02
CA PRO B 108 -11.77 60.95 -20.19
C PRO B 108 -11.14 62.03 -21.05
N GLY C 2 29.76 -63.20 -1.23
CA GLY C 2 30.10 -61.87 -1.65
C GLY C 2 28.90 -60.94 -1.78
N TRP C 3 28.24 -60.70 -0.65
CA TRP C 3 27.07 -59.81 -0.55
C TRP C 3 26.01 -60.11 -1.62
N ILE C 4 25.98 -61.34 -2.11
CA ILE C 4 24.96 -61.77 -3.06
C ILE C 4 23.90 -62.64 -2.39
N ARG C 5 24.31 -63.51 -1.46
CA ARG C 5 23.34 -64.38 -0.78
C ARG C 5 22.35 -63.56 0.03
N ASN C 6 22.82 -62.55 0.75
CA ASN C 6 21.94 -61.75 1.59
C ASN C 6 20.92 -60.98 0.75
N ILE C 7 21.36 -60.41 -0.38
CA ILE C 7 20.41 -59.73 -1.26
C ILE C 7 19.65 -60.74 -2.10
N GLY C 8 20.26 -61.89 -2.40
CA GLY C 8 19.56 -62.90 -3.18
C GLY C 8 18.34 -63.47 -2.46
N ARG C 9 18.47 -63.73 -1.16
CA ARG C 9 17.33 -64.24 -0.41
C ARG C 9 16.24 -63.19 -0.27
N TYR C 10 16.62 -61.92 -0.11
CA TYR C 10 15.61 -60.86 -0.08
C TYR C 10 14.88 -60.75 -1.41
N LEU C 11 15.63 -60.90 -2.52
CA LEU C 11 14.99 -60.91 -3.83
C LEU C 11 14.05 -62.10 -3.98
N SER C 12 14.45 -63.26 -3.45
CA SER C 12 13.59 -64.44 -3.48
C SER C 12 12.35 -64.24 -2.63
N TYR C 13 12.42 -63.39 -1.60
CA TYR C 13 11.26 -63.11 -0.77
C TYR C 13 10.09 -62.54 -1.56
N LEU C 14 10.36 -61.93 -2.72
CA LEU C 14 9.32 -61.38 -3.58
C LEU C 14 8.73 -62.42 -4.54
N VAL C 15 9.20 -63.66 -4.50
CA VAL C 15 8.74 -64.68 -5.41
C VAL C 15 8.17 -65.90 -4.69
N ASP C 16 8.58 -66.17 -3.45
CA ASP C 16 8.18 -67.39 -2.76
C ASP C 16 6.67 -67.48 -2.63
N ASP C 17 6.15 -68.71 -2.78
CA ASP C 17 4.71 -68.93 -2.71
C ASP C 17 4.16 -68.67 -1.32
N THR C 18 4.96 -68.87 -0.28
CA THR C 18 4.50 -68.62 1.09
C THR C 18 4.19 -67.15 1.33
N PHE C 19 4.76 -66.24 0.52
CA PHE C 19 4.41 -64.83 0.53
C PHE C 19 3.56 -64.57 -0.71
N GLU C 20 2.25 -64.53 -0.53
CA GLU C 20 1.30 -64.44 -1.64
C GLU C 20 1.15 -62.98 -2.08
N GLU C 21 2.19 -62.47 -2.73
CA GLU C 21 2.12 -61.14 -3.34
C GLU C 21 2.55 -61.21 -4.80
N TYR C 22 3.50 -62.11 -5.10
CA TYR C 22 3.84 -62.50 -6.47
C TYR C 22 4.27 -61.29 -7.31
N ALA C 23 5.40 -60.71 -6.92
CA ALA C 23 6.00 -59.59 -7.66
C ALA C 23 7.08 -60.15 -8.57
N TYR C 24 6.70 -60.51 -9.79
CA TYR C 24 7.65 -60.98 -10.78
C TYR C 24 8.16 -59.86 -11.69
N ASP C 25 7.47 -58.73 -11.73
CA ASP C 25 7.88 -57.63 -12.61
C ASP C 25 9.24 -57.06 -12.19
N VAL C 26 9.48 -56.94 -10.88
CA VAL C 26 10.75 -56.41 -10.41
C VAL C 26 11.89 -57.37 -10.76
N VAL C 27 11.66 -58.68 -10.61
CA VAL C 27 12.68 -59.66 -10.96
C VAL C 27 12.96 -59.63 -12.46
N ASP C 28 11.91 -59.51 -13.27
CA ASP C 28 12.11 -59.40 -14.71
C ASP C 28 12.88 -58.13 -15.06
N GLY C 29 12.58 -57.03 -14.37
CA GLY C 29 13.28 -55.78 -14.65
C GLY C 29 14.75 -55.82 -14.29
N ILE C 30 15.08 -56.39 -13.13
CA ILE C 30 16.49 -56.48 -12.74
C ILE C 30 17.22 -57.47 -13.63
N ALA C 31 16.54 -58.56 -14.02
CA ALA C 31 17.17 -59.54 -14.91
C ALA C 31 17.45 -58.95 -16.28
N LYS C 32 16.49 -58.21 -16.83
CA LYS C 32 16.63 -57.62 -18.17
C LYS C 32 17.10 -56.17 -18.04
N ALA C 33 18.34 -56.03 -17.60
CA ALA C 33 18.98 -54.73 -17.43
C ALA C 33 20.12 -54.60 -18.43
N ARG C 34 20.13 -53.50 -19.20
CA ARG C 34 21.15 -53.27 -20.21
C ARG C 34 22.24 -52.32 -19.75
N THR C 35 21.95 -51.41 -18.81
CA THR C 35 22.95 -50.47 -18.34
C THR C 35 22.67 -50.13 -16.88
N GLN C 36 23.30 -49.06 -16.40
CA GLN C 36 23.34 -48.77 -14.97
C GLN C 36 21.99 -48.32 -14.43
N GLU C 37 21.35 -47.37 -15.12
CA GLU C 37 20.24 -46.64 -14.52
C GLU C 37 19.03 -47.54 -14.27
N GLU C 38 18.63 -48.33 -15.25
CA GLU C 38 17.46 -49.17 -15.07
C GLU C 38 17.73 -50.31 -14.09
N LEU C 39 18.97 -50.78 -14.02
CA LEU C 39 19.31 -51.79 -13.02
C LEU C 39 19.17 -51.22 -11.60
N LEU C 40 19.71 -50.01 -11.39
CA LEU C 40 19.56 -49.37 -10.09
C LEU C 40 18.09 -49.09 -9.78
N GLU C 41 17.33 -48.65 -10.77
CA GLU C 41 15.91 -48.37 -10.57
C GLU C 41 15.17 -49.65 -10.18
N GLY C 42 15.47 -50.76 -10.87
CA GLY C 42 14.80 -52.01 -10.56
C GLY C 42 15.14 -52.54 -9.19
N VAL C 43 16.41 -52.45 -8.80
CA VAL C 43 16.78 -52.90 -7.46
C VAL C 43 16.16 -51.98 -6.41
N TYR C 44 15.99 -50.69 -6.73
CA TYR C 44 15.29 -49.80 -5.81
C TYR C 44 13.82 -50.19 -5.66
N LYS C 45 13.16 -50.54 -6.76
CA LYS C 45 11.77 -50.99 -6.66
C LYS C 45 11.67 -52.28 -5.87
N ALA C 46 12.64 -53.18 -6.05
CA ALA C 46 12.65 -54.42 -5.26
C ALA C 46 12.83 -54.13 -3.78
N LEU C 47 13.71 -53.18 -3.44
CA LEU C 47 13.98 -52.85 -2.05
C LEU C 47 12.90 -51.99 -1.41
N ARG C 48 12.06 -51.34 -2.22
CA ARG C 48 11.03 -50.45 -1.69
C ARG C 48 9.91 -51.21 -0.99
N LEU C 49 9.72 -52.49 -1.31
CA LEU C 49 8.62 -53.28 -0.76
C LEU C 49 8.94 -53.84 0.63
N ALA C 50 9.95 -53.31 1.31
CA ALA C 50 10.33 -53.84 2.62
C ALA C 50 9.21 -53.75 3.66
N PRO C 51 8.54 -52.60 3.86
CA PRO C 51 7.48 -52.57 4.88
C PRO C 51 6.34 -53.54 4.60
N LYS C 52 5.98 -53.73 3.34
CA LYS C 52 4.93 -54.69 3.00
C LYS C 52 5.32 -56.09 3.42
N LEU C 53 6.54 -56.51 3.10
CA LEU C 53 6.99 -57.84 3.47
C LEU C 53 7.09 -57.99 4.99
N LYS C 54 7.58 -56.96 5.67
CA LYS C 54 7.70 -57.03 7.12
C LYS C 54 6.34 -57.18 7.79
N LYS C 55 5.37 -56.34 7.39
CA LYS C 55 4.05 -56.39 8.00
C LYS C 55 3.21 -57.57 7.52
N LYS C 56 3.59 -58.22 6.43
CA LYS C 56 2.93 -59.45 6.03
C LYS C 56 3.51 -60.68 6.72
N ALA C 57 4.82 -60.70 6.97
CA ALA C 57 5.43 -61.81 7.68
C ALA C 57 5.12 -61.75 9.16
N GLU C 58 5.07 -60.54 9.74
CA GLU C 58 4.73 -60.41 11.15
C GLU C 58 3.31 -60.89 11.43
N SER C 59 2.37 -60.55 10.55
CA SER C 59 0.99 -60.96 10.72
C SER C 59 0.78 -62.45 10.48
N LYS C 60 1.75 -63.15 9.90
CA LYS C 60 1.62 -64.57 9.61
C LYS C 60 2.20 -65.46 10.71
N GLY C 61 3.38 -65.13 11.23
CA GLY C 61 3.96 -65.91 12.31
C GLY C 61 5.40 -66.31 12.08
N CYS C 62 5.77 -66.55 10.83
CA CYS C 62 7.12 -66.98 10.51
C CYS C 62 8.10 -65.82 10.71
N PRO C 63 9.39 -66.12 10.90
CA PRO C 63 10.34 -65.07 11.23
C PRO C 63 10.38 -64.02 10.15
N PRO C 64 10.57 -62.75 10.53
CA PRO C 64 10.53 -61.67 9.54
C PRO C 64 11.71 -61.76 8.59
N PRO C 65 11.55 -61.29 7.35
CA PRO C 65 12.67 -61.28 6.41
C PRO C 65 13.76 -60.33 6.86
N ARG C 66 15.00 -60.64 6.47
CA ARG C 66 16.15 -59.82 6.81
C ARG C 66 16.45 -58.91 5.62
N ILE C 67 16.18 -57.61 5.79
CA ILE C 67 16.50 -56.63 4.75
C ILE C 67 18.01 -56.52 4.61
N PRO C 68 18.54 -56.33 3.41
CA PRO C 68 20.01 -56.20 3.26
C PRO C 68 20.57 -55.11 4.17
N SER C 69 21.64 -55.47 4.87
CA SER C 69 22.26 -54.57 5.83
C SER C 69 22.90 -53.39 5.12
N PRO C 70 22.98 -52.22 5.76
CA PRO C 70 23.57 -51.05 5.09
C PRO C 70 25.05 -51.17 4.78
N GLU C 71 25.75 -52.18 5.31
CA GLU C 71 27.17 -52.34 5.00
C GLU C 71 27.39 -52.82 3.57
N ASP C 72 26.50 -53.67 3.05
CA ASP C 72 26.65 -54.15 1.69
C ASP C 72 25.89 -53.32 0.67
N ILE C 73 25.18 -52.28 1.11
CA ILE C 73 24.46 -51.43 0.18
C ILE C 73 25.42 -50.62 -0.67
N GLU C 74 26.41 -49.96 -0.04
CA GLU C 74 27.35 -49.15 -0.81
C GLU C 74 28.23 -49.99 -1.71
N ALA C 75 28.37 -51.28 -1.41
CA ALA C 75 29.14 -52.16 -2.29
C ALA C 75 28.51 -52.22 -3.68
N LEU C 76 27.19 -52.11 -3.77
CA LEU C 76 26.51 -52.20 -5.05
C LEU C 76 27.01 -51.11 -6.00
N GLU C 77 26.91 -49.84 -5.58
CA GLU C 77 27.44 -48.76 -6.41
C GLU C 77 28.95 -48.79 -6.52
N GLU C 78 29.66 -49.12 -5.43
CA GLU C 78 31.12 -49.14 -5.48
C GLU C 78 31.64 -50.17 -6.47
N LYS C 79 30.87 -51.21 -6.78
CA LYS C 79 31.26 -52.15 -7.82
C LYS C 79 30.69 -51.80 -9.18
N VAL C 80 29.46 -51.27 -9.25
CA VAL C 80 28.79 -51.08 -10.53
C VAL C 80 29.14 -49.74 -11.17
N GLU C 81 29.83 -48.85 -10.47
CA GLU C 81 30.24 -47.59 -11.08
C GLU C 81 31.23 -47.81 -12.22
N GLN C 82 32.13 -48.78 -12.06
CA GLN C 82 33.14 -49.05 -13.06
C GLN C 82 32.67 -50.01 -14.16
N LEU C 83 31.47 -50.55 -14.05
CA LEU C 83 30.93 -51.47 -15.07
C LEU C 83 30.30 -50.67 -16.21
N SER C 84 31.19 -50.08 -17.02
CA SER C 84 30.73 -49.37 -18.21
C SER C 84 30.32 -50.34 -19.31
N ASN C 85 31.05 -51.44 -19.45
CA ASN C 85 30.75 -52.41 -20.50
C ASN C 85 29.54 -53.25 -20.09
N PRO C 86 28.49 -53.29 -20.91
CA PRO C 86 27.30 -54.10 -20.54
C PRO C 86 27.59 -55.59 -20.48
N LYS C 87 28.63 -56.07 -21.17
CA LYS C 87 28.90 -57.51 -21.18
C LYS C 87 29.22 -58.03 -19.79
N ASP C 88 30.03 -57.30 -19.03
CA ASP C 88 30.32 -57.69 -17.65
C ASP C 88 29.15 -57.40 -16.72
N LEU C 89 28.36 -56.37 -17.02
CA LEU C 89 27.20 -56.05 -16.20
C LEU C 89 26.16 -57.17 -16.25
N ARG C 90 25.94 -57.74 -17.43
CA ARG C 90 24.95 -58.80 -17.59
C ARG C 90 25.22 -59.98 -16.66
N LYS C 91 26.49 -60.25 -16.37
CA LYS C 91 26.85 -61.34 -15.47
C LYS C 91 26.10 -61.24 -14.14
N LEU C 92 26.31 -60.13 -13.41
CA LEU C 92 25.63 -59.97 -12.14
C LEU C 92 24.15 -59.68 -12.34
N ALA C 93 23.77 -59.02 -13.44
CA ALA C 93 22.37 -58.73 -13.68
C ALA C 93 21.53 -59.99 -13.80
N VAL C 94 22.12 -61.07 -14.31
CA VAL C 94 21.42 -62.34 -14.36
C VAL C 94 21.72 -63.22 -13.14
N SER C 95 22.88 -63.03 -12.51
CA SER C 95 23.18 -63.80 -11.30
C SER C 95 22.23 -63.45 -10.17
N LEU C 96 21.88 -62.17 -10.03
CA LEU C 96 20.93 -61.78 -9.00
C LEU C 96 19.56 -62.42 -9.24
N ALA C 97 19.10 -62.41 -10.48
CA ALA C 97 17.82 -63.05 -10.80
C ALA C 97 17.86 -64.54 -10.55
N LEU C 98 18.98 -65.19 -10.90
CA LEU C 98 19.13 -66.62 -10.64
C LEU C 98 19.08 -66.92 -9.16
N TRP C 99 19.76 -66.09 -8.35
CA TRP C 99 19.70 -66.26 -6.90
C TRP C 99 18.30 -66.03 -6.36
N ALA C 100 17.54 -65.14 -7.02
CA ALA C 100 16.17 -64.85 -6.59
C ALA C 100 15.22 -66.01 -6.80
N PHE C 101 15.61 -67.04 -7.56
CA PHE C 101 14.72 -68.16 -7.86
C PHE C 101 15.16 -69.45 -7.18
N ALA C 102 16.01 -69.36 -6.16
CA ALA C 102 16.40 -70.54 -5.42
C ALA C 102 15.31 -70.93 -4.42
N SER C 103 15.52 -72.03 -3.70
CA SER C 103 14.54 -72.49 -2.73
C SER C 103 14.36 -71.47 -1.61
N TRP C 104 15.42 -71.25 -0.83
CA TRP C 104 15.43 -70.24 0.24
C TRP C 104 14.25 -70.42 1.20
N ASN C 105 14.27 -71.56 1.89
CA ASN C 105 13.24 -71.85 2.90
C ASN C 105 13.23 -70.77 3.98
N ASN C 106 12.17 -69.98 4.04
CA ASN C 106 12.07 -68.87 4.96
C ASN C 106 11.13 -69.15 6.13
N CYS C 107 9.88 -69.51 5.84
CA CYS C 107 8.88 -69.74 6.88
C CYS C 107 8.66 -71.24 7.05
N PRO C 108 9.06 -71.83 8.19
CA PRO C 108 8.89 -73.27 8.44
C PRO C 108 7.44 -73.65 8.71
N GLY D 1 31.08 -39.94 -3.29
CA GLY D 1 31.73 -38.76 -2.78
C GLY D 1 31.75 -38.69 -1.26
N GLY D 2 31.06 -39.63 -0.63
CA GLY D 2 30.99 -39.70 0.81
C GLY D 2 29.79 -38.99 1.43
N TRP D 3 29.16 -38.08 0.69
CA TRP D 3 27.96 -37.42 1.17
C TRP D 3 26.69 -38.12 0.75
N ILE D 4 26.76 -39.02 -0.24
CA ILE D 4 25.59 -39.79 -0.63
C ILE D 4 25.12 -40.66 0.53
N ARG D 5 26.06 -41.33 1.20
CA ARG D 5 25.71 -42.12 2.37
C ARG D 5 25.20 -41.22 3.50
N ASN D 6 25.80 -40.04 3.66
CA ASN D 6 25.37 -39.13 4.71
C ASN D 6 23.92 -38.70 4.52
N ILE D 7 23.53 -38.40 3.29
CA ILE D 7 22.15 -37.97 3.05
C ILE D 7 21.21 -39.17 3.03
N GLY D 8 21.68 -40.35 2.62
CA GLY D 8 20.85 -41.53 2.68
C GLY D 8 20.53 -41.95 4.10
N ARG D 9 21.49 -41.77 5.02
CA ARG D 9 21.23 -42.05 6.42
C ARG D 9 20.09 -41.20 6.95
N TYR D 10 20.06 -39.92 6.58
CA TYR D 10 18.96 -39.05 6.98
C TYR D 10 17.65 -39.47 6.31
N LEU D 11 17.70 -39.78 5.00
CA LEU D 11 16.51 -40.21 4.30
C LEU D 11 15.93 -41.51 4.85
N SER D 12 16.76 -42.32 5.50
CA SER D 12 16.26 -43.56 6.10
C SER D 12 15.26 -43.29 7.21
N TYR D 13 15.35 -42.13 7.86
CA TYR D 13 14.47 -41.84 8.99
C TYR D 13 13.03 -41.60 8.56
N LEU D 14 12.79 -41.34 7.27
CA LEU D 14 11.44 -41.08 6.80
C LEU D 14 10.66 -42.35 6.48
N VAL D 15 11.30 -43.52 6.53
CA VAL D 15 10.63 -44.77 6.17
C VAL D 15 10.75 -45.78 7.30
N ASP D 16 11.79 -45.66 8.12
CA ASP D 16 12.07 -46.68 9.11
C ASP D 16 11.00 -46.71 10.20
N ASP D 17 10.89 -47.87 10.85
CA ASP D 17 9.94 -48.03 11.94
C ASP D 17 10.45 -47.31 13.19
N THR D 18 9.70 -47.45 14.27
CA THR D 18 9.97 -46.77 15.55
C THR D 18 10.01 -45.26 15.41
N PHE D 19 9.46 -44.73 14.31
CA PHE D 19 9.40 -43.29 14.09
C PHE D 19 8.02 -42.79 13.68
N GLU D 20 7.14 -43.67 13.19
CA GLU D 20 5.74 -43.35 12.94
C GLU D 20 5.57 -42.18 11.96
N GLU D 21 6.61 -41.84 11.22
CA GLU D 21 6.56 -40.80 10.19
C GLU D 21 6.81 -41.51 8.87
N TYR D 22 5.73 -41.97 8.23
CA TYR D 22 5.81 -42.81 7.04
C TYR D 22 5.68 -41.92 5.81
N ALA D 23 6.78 -41.27 5.46
CA ALA D 23 6.80 -40.34 4.33
C ALA D 23 7.38 -41.05 3.10
N TYR D 24 6.55 -41.91 2.51
CA TYR D 24 6.95 -42.62 1.30
C TYR D 24 6.86 -41.73 0.07
N ASP D 25 5.95 -40.74 0.07
CA ASP D 25 5.75 -39.91 -1.10
C ASP D 25 7.00 -39.10 -1.43
N VAL D 26 7.65 -38.53 -0.42
CA VAL D 26 8.83 -37.71 -0.67
C VAL D 26 9.99 -38.57 -1.17
N VAL D 27 10.15 -39.77 -0.59
CA VAL D 27 11.21 -40.67 -1.03
C VAL D 27 10.99 -41.09 -2.48
N ASP D 28 9.74 -41.43 -2.82
CA ASP D 28 9.43 -41.79 -4.21
C ASP D 28 9.65 -40.61 -5.16
N GLY D 29 9.29 -39.41 -4.73
CA GLY D 29 9.52 -38.25 -5.57
C GLY D 29 10.99 -37.97 -5.80
N ILE D 30 11.82 -38.16 -4.77
CA ILE D 30 13.26 -38.04 -4.96
C ILE D 30 13.76 -39.13 -5.90
N ALA D 31 13.25 -40.35 -5.75
CA ALA D 31 13.65 -41.43 -6.65
C ALA D 31 13.18 -41.20 -8.07
N LYS D 32 12.07 -40.49 -8.26
CA LYS D 32 11.51 -40.22 -9.57
C LYS D 32 11.91 -38.83 -10.07
N ALA D 33 13.13 -38.40 -9.75
CA ALA D 33 13.60 -37.05 -10.07
C ALA D 33 13.89 -36.96 -11.56
N ARG D 34 12.92 -36.47 -12.33
CA ARG D 34 13.12 -36.32 -13.77
C ARG D 34 14.10 -35.21 -14.08
N THR D 35 13.94 -34.05 -13.46
CA THR D 35 14.79 -32.90 -13.69
C THR D 35 15.43 -32.44 -12.38
N GLN D 36 16.41 -31.55 -12.51
CA GLN D 36 17.14 -31.07 -11.34
C GLN D 36 16.25 -30.22 -10.44
N GLU D 37 15.33 -29.46 -11.03
CA GLU D 37 14.42 -28.62 -10.25
C GLU D 37 13.63 -29.44 -9.24
N GLU D 38 12.96 -30.48 -9.72
CA GLU D 38 12.10 -31.27 -8.83
C GLU D 38 12.93 -32.17 -7.91
N LEU D 39 14.14 -32.54 -8.33
CA LEU D 39 15.04 -33.24 -7.40
C LEU D 39 15.38 -32.36 -6.21
N LEU D 40 15.76 -31.10 -6.47
CA LEU D 40 16.06 -30.18 -5.38
C LEU D 40 14.83 -29.91 -4.53
N GLU D 41 13.66 -29.79 -5.17
CA GLU D 41 12.42 -29.57 -4.43
C GLU D 41 12.14 -30.74 -3.50
N GLY D 42 12.28 -31.97 -4.00
CA GLY D 42 12.05 -33.14 -3.17
C GLY D 42 13.04 -33.24 -2.02
N VAL D 43 14.30 -32.90 -2.28
CA VAL D 43 15.29 -32.85 -1.20
C VAL D 43 14.89 -31.83 -0.14
N TYR D 44 14.35 -30.68 -0.59
CA TYR D 44 13.90 -29.67 0.36
C TYR D 44 12.75 -30.18 1.21
N LYS D 45 11.77 -30.86 0.60
CA LYS D 45 10.67 -31.41 1.38
C LYS D 45 11.16 -32.47 2.36
N ALA D 46 12.13 -33.29 1.94
CA ALA D 46 12.70 -34.28 2.85
C ALA D 46 13.43 -33.62 4.02
N LEU D 47 14.11 -32.50 3.75
CA LEU D 47 14.85 -31.81 4.80
C LEU D 47 13.94 -31.05 5.74
N ARG D 48 12.77 -30.60 5.27
CA ARG D 48 11.86 -29.86 6.14
C ARG D 48 11.40 -30.67 7.34
N LEU D 49 11.42 -32.00 7.25
CA LEU D 49 10.98 -32.87 8.35
C LEU D 49 12.06 -33.08 9.39
N ALA D 50 13.18 -32.37 9.30
CA ALA D 50 14.28 -32.57 10.24
C ALA D 50 13.90 -32.28 11.69
N PRO D 51 13.26 -31.15 12.03
CA PRO D 51 12.95 -30.91 13.46
C PRO D 51 12.05 -31.98 14.07
N LYS D 52 11.09 -32.50 13.29
CA LYS D 52 10.16 -33.49 13.82
C LYS D 52 10.89 -34.76 14.25
N LEU D 53 11.71 -35.32 13.35
CA LEU D 53 12.48 -36.50 13.70
C LEU D 53 13.49 -36.20 14.80
N LYS D 54 14.11 -35.01 14.74
CA LYS D 54 15.13 -34.66 15.72
C LYS D 54 14.55 -34.65 17.13
N LYS D 55 13.35 -34.09 17.30
CA LYS D 55 12.70 -34.09 18.60
C LYS D 55 12.10 -35.43 18.98
N LYS D 56 11.49 -36.16 18.03
CA LYS D 56 10.85 -37.41 18.39
C LYS D 56 11.86 -38.50 18.73
N ALA D 57 13.05 -38.47 18.13
CA ALA D 57 14.06 -39.46 18.46
C ALA D 57 14.47 -39.38 19.92
N GLU D 58 14.70 -38.17 20.43
CA GLU D 58 14.99 -38.00 21.85
C GLU D 58 13.73 -38.12 22.71
N SER D 59 12.55 -37.94 22.13
CA SER D 59 11.31 -38.18 22.85
C SER D 59 11.01 -39.66 23.04
N LYS D 60 11.62 -40.55 22.25
CA LYS D 60 11.45 -41.98 22.43
C LYS D 60 12.76 -42.69 22.70
N GLY D 61 13.72 -42.01 23.32
CA GLY D 61 14.95 -42.66 23.75
C GLY D 61 15.82 -43.20 22.63
N CYS D 62 16.02 -42.43 21.57
CA CYS D 62 16.87 -42.82 20.46
C CYS D 62 17.91 -41.75 20.20
N PRO D 63 19.06 -42.12 19.66
CA PRO D 63 20.08 -41.12 19.35
C PRO D 63 19.56 -40.12 18.35
N PRO D 64 19.99 -38.86 18.45
CA PRO D 64 19.49 -37.86 17.52
C PRO D 64 19.88 -38.20 16.10
N PRO D 65 19.02 -37.89 15.13
CA PRO D 65 19.34 -38.23 13.74
C PRO D 65 20.48 -37.38 13.20
N ARG D 66 21.23 -37.96 12.27
CA ARG D 66 22.36 -37.28 11.65
C ARG D 66 21.86 -36.47 10.47
N ILE D 67 21.41 -35.25 10.77
CA ILE D 67 20.98 -34.32 9.72
C ILE D 67 22.20 -33.96 8.86
N PRO D 68 22.08 -33.95 7.54
CA PRO D 68 23.27 -33.71 6.70
C PRO D 68 23.90 -32.36 6.98
N SER D 69 25.23 -32.33 6.94
CA SER D 69 25.98 -31.12 7.20
C SER D 69 25.85 -30.14 6.02
N PRO D 70 26.13 -28.86 6.25
CA PRO D 70 26.09 -27.90 5.13
C PRO D 70 27.06 -28.24 4.02
N GLU D 71 28.15 -28.95 4.31
CA GLU D 71 29.06 -29.38 3.27
C GLU D 71 28.37 -30.34 2.29
N ASP D 72 27.54 -31.24 2.82
CA ASP D 72 26.78 -32.14 1.96
C ASP D 72 25.83 -31.35 1.07
N ILE D 73 25.18 -30.32 1.62
CA ILE D 73 24.28 -29.49 0.82
C ILE D 73 25.05 -28.76 -0.27
N GLU D 74 26.25 -28.26 0.06
CA GLU D 74 27.06 -27.59 -0.95
C GLU D 74 27.46 -28.54 -2.06
N ALA D 75 27.86 -29.77 -1.71
CA ALA D 75 28.21 -30.75 -2.72
C ALA D 75 27.01 -31.11 -3.59
N LEU D 76 25.83 -31.25 -2.98
CA LEU D 76 24.63 -31.55 -3.76
C LEU D 76 24.30 -30.40 -4.70
N GLU D 77 24.43 -29.17 -4.23
CA GLU D 77 24.19 -28.01 -5.09
C GLU D 77 25.15 -27.99 -6.27
N GLU D 78 26.43 -28.28 -6.02
CA GLU D 78 27.41 -28.32 -7.09
C GLU D 78 27.04 -29.40 -8.12
N LYS D 79 26.69 -30.60 -7.64
CA LYS D 79 26.33 -31.68 -8.56
C LYS D 79 25.10 -31.32 -9.38
N VAL D 80 24.09 -30.73 -8.75
CA VAL D 80 22.90 -30.32 -9.49
C VAL D 80 23.26 -29.27 -10.53
N GLU D 81 24.15 -28.33 -10.18
CA GLU D 81 24.53 -27.28 -11.11
C GLU D 81 25.26 -27.84 -12.32
N GLN D 82 26.19 -28.78 -12.10
CA GLN D 82 27.03 -29.25 -13.19
C GLN D 82 26.45 -30.45 -13.94
N LEU D 83 25.30 -30.97 -13.52
CA LEU D 83 24.64 -32.08 -14.21
C LEU D 83 23.39 -31.56 -14.90
N SER D 84 23.47 -31.34 -16.20
CA SER D 84 22.33 -30.97 -17.02
C SER D 84 21.87 -32.10 -17.93
N ASN D 85 22.43 -33.30 -17.74
CA ASN D 85 22.10 -34.46 -18.56
C ASN D 85 21.20 -35.39 -17.76
N PRO D 86 19.98 -35.68 -18.25
CA PRO D 86 19.12 -36.62 -17.51
C PRO D 86 19.72 -38.00 -17.37
N LYS D 87 20.61 -38.40 -18.27
CA LYS D 87 21.26 -39.71 -18.18
C LYS D 87 21.99 -39.87 -16.86
N ASP D 88 22.82 -38.88 -16.49
CA ASP D 88 23.49 -38.92 -15.20
C ASP D 88 22.56 -38.53 -14.07
N LEU D 89 21.57 -37.67 -14.33
CA LEU D 89 20.69 -37.19 -13.28
C LEU D 89 19.85 -38.32 -12.70
N ARG D 90 19.36 -39.23 -13.55
CA ARG D 90 18.55 -40.34 -13.06
C ARG D 90 19.33 -41.21 -12.09
N LYS D 91 20.55 -41.60 -12.47
CA LYS D 91 21.34 -42.43 -11.59
C LYS D 91 21.79 -41.68 -10.34
N LEU D 92 22.05 -40.37 -10.46
CA LEU D 92 22.38 -39.57 -9.28
C LEU D 92 21.23 -39.59 -8.28
N ALA D 93 20.00 -39.36 -8.75
CA ALA D 93 18.85 -39.37 -7.87
C ALA D 93 18.64 -40.75 -7.25
N VAL D 94 18.74 -41.80 -8.06
CA VAL D 94 18.54 -43.15 -7.54
C VAL D 94 19.60 -43.50 -6.52
N SER D 95 20.81 -42.94 -6.66
CA SER D 95 21.90 -43.26 -5.75
C SER D 95 21.54 -42.91 -4.31
N LEU D 96 21.05 -41.69 -4.07
CA LEU D 96 20.68 -41.33 -2.71
C LEU D 96 19.25 -41.73 -2.37
N ALA D 97 18.43 -42.08 -3.35
CA ALA D 97 17.10 -42.59 -3.02
C ALA D 97 17.14 -44.04 -2.56
N LEU D 98 18.13 -44.81 -3.01
CA LEU D 98 18.19 -46.23 -2.66
C LEU D 98 18.52 -46.45 -1.18
N TRP D 99 19.27 -45.52 -0.58
CA TRP D 99 19.71 -45.69 0.80
C TRP D 99 18.58 -45.58 1.81
N ALA D 100 17.40 -45.11 1.41
CA ALA D 100 16.31 -44.94 2.36
C ALA D 100 15.89 -46.27 2.98
N PHE D 101 15.87 -47.32 2.18
CA PHE D 101 15.47 -48.66 2.65
C PHE D 101 16.73 -49.48 2.89
N ALA D 102 16.93 -49.89 4.14
CA ALA D 102 18.08 -50.69 4.54
C ALA D 102 17.83 -51.18 5.96
N SER D 103 18.75 -52.00 6.45
CA SER D 103 18.69 -52.51 7.83
C SER D 103 19.44 -51.60 8.79
N TRP D 104 19.12 -50.31 8.76
CA TRP D 104 19.81 -49.36 9.61
C TRP D 104 19.49 -49.61 11.09
N ASN D 105 20.51 -49.54 11.93
CA ASN D 105 20.34 -49.69 13.37
C ASN D 105 20.29 -48.31 14.02
N ASN D 106 19.19 -47.60 13.71
CA ASN D 106 19.01 -46.26 14.23
C ASN D 106 18.84 -46.26 15.74
N CYS D 107 17.94 -47.09 16.25
CA CYS D 107 17.69 -47.18 17.69
C CYS D 107 18.25 -48.48 18.23
N PRO D 108 19.32 -48.45 19.03
CA PRO D 108 19.92 -49.66 19.60
C PRO D 108 19.03 -50.34 20.63
N GLY E 2 29.45 -18.09 -0.50
CA GLY E 2 29.32 -18.18 -1.94
C GLY E 2 28.12 -17.45 -2.49
N TRP E 3 27.72 -16.38 -1.78
CA TRP E 3 26.64 -15.48 -2.16
C TRP E 3 25.27 -16.12 -1.97
N ILE E 4 25.23 -17.41 -1.68
CA ILE E 4 23.99 -18.10 -1.35
C ILE E 4 24.17 -18.79 -0.01
N ARG E 5 25.40 -19.16 0.30
CA ARG E 5 25.69 -19.84 1.56
C ARG E 5 25.50 -18.91 2.75
N ASN E 6 25.81 -17.63 2.59
CA ASN E 6 25.64 -16.68 3.68
C ASN E 6 24.16 -16.34 3.91
N ILE E 7 23.38 -16.21 2.84
CA ILE E 7 21.95 -15.99 3.01
C ILE E 7 21.29 -17.21 3.63
N GLY E 8 21.71 -18.40 3.22
CA GLY E 8 21.22 -19.61 3.87
C GLY E 8 21.65 -19.70 5.32
N ARG E 9 22.86 -19.24 5.64
CA ARG E 9 23.30 -19.18 7.02
C ARG E 9 22.40 -18.29 7.85
N TYR E 10 22.05 -17.11 7.31
CA TYR E 10 21.13 -16.23 8.03
C TYR E 10 19.75 -16.88 8.16
N LEU E 11 19.26 -17.51 7.09
CA LEU E 11 17.94 -18.13 7.11
C LEU E 11 17.86 -19.30 8.06
N SER E 12 18.97 -19.99 8.32
CA SER E 12 18.97 -21.09 9.28
C SER E 12 18.74 -20.63 10.71
N TYR E 13 18.87 -19.33 10.99
CA TYR E 13 18.59 -18.83 12.32
C TYR E 13 17.10 -18.88 12.65
N LEU E 14 16.25 -18.79 11.63
CA LEU E 14 14.80 -18.80 11.86
C LEU E 14 14.30 -20.16 12.33
N VAL E 15 15.07 -21.24 12.12
CA VAL E 15 14.71 -22.55 12.64
C VAL E 15 15.97 -23.35 12.96
N ASP E 16 16.12 -23.70 14.24
CA ASP E 16 17.27 -24.46 14.73
C ASP E 16 17.07 -24.72 16.22
N ASP E 17 17.96 -25.51 16.79
CA ASP E 17 18.03 -25.62 18.24
C ASP E 17 18.45 -24.29 18.84
N THR E 18 18.00 -24.03 20.07
CA THR E 18 18.08 -22.71 20.68
C THR E 18 17.43 -21.68 19.77
N PHE E 19 17.69 -20.40 20.00
CA PHE E 19 17.09 -19.32 19.22
C PHE E 19 15.57 -19.50 19.12
N GLU E 20 14.93 -19.39 20.28
CA GLU E 20 13.55 -19.85 20.42
C GLU E 20 12.60 -18.94 19.66
N GLU E 21 12.71 -18.95 18.33
CA GLU E 21 11.81 -18.20 17.47
C GLU E 21 11.70 -19.02 16.17
N TYR E 22 10.59 -19.73 16.02
CA TYR E 22 10.39 -20.65 14.91
C TYR E 22 9.53 -19.98 13.86
N ALA E 23 10.09 -19.83 12.66
CA ALA E 23 9.39 -19.20 11.53
C ALA E 23 9.50 -20.13 10.32
N TYR E 24 8.57 -21.06 10.20
CA TYR E 24 8.54 -21.95 9.05
C TYR E 24 7.77 -21.36 7.88
N ASP E 25 6.83 -20.46 8.16
CA ASP E 25 6.01 -19.89 7.08
C ASP E 25 6.86 -19.05 6.12
N VAL E 26 7.81 -18.28 6.64
CA VAL E 26 8.63 -17.45 5.78
C VAL E 26 9.57 -18.32 4.95
N VAL E 27 10.11 -19.39 5.55
CA VAL E 27 10.97 -20.30 4.81
C VAL E 27 10.18 -20.99 3.69
N ASP E 28 8.95 -21.41 3.99
CA ASP E 28 8.11 -22.02 2.95
C ASP E 28 7.79 -21.01 1.85
N GLY E 29 7.47 -19.77 2.21
CA GLY E 29 7.17 -18.77 1.21
C GLY E 29 8.36 -18.47 0.31
N ILE E 30 9.56 -18.45 0.89
CA ILE E 30 10.76 -18.29 0.08
C ILE E 30 10.95 -19.49 -0.85
N ALA E 31 10.79 -20.70 -0.30
CA ALA E 31 11.03 -21.91 -1.08
C ALA E 31 9.95 -22.13 -2.15
N LYS E 32 8.70 -21.81 -1.83
CA LYS E 32 7.59 -22.01 -2.75
C LYS E 32 7.30 -20.78 -3.60
N ALA E 33 8.30 -19.94 -3.83
CA ALA E 33 8.11 -18.73 -4.61
C ALA E 33 7.83 -19.07 -6.07
N ARG E 34 6.82 -18.42 -6.64
CA ARG E 34 6.43 -18.62 -8.03
C ARG E 34 6.77 -17.43 -8.91
N THR E 35 6.59 -16.22 -8.42
CA THR E 35 6.95 -15.00 -9.15
C THR E 35 8.04 -14.26 -8.40
N GLN E 36 8.71 -13.34 -9.11
CA GLN E 36 9.82 -12.61 -8.51
C GLN E 36 9.36 -11.76 -7.34
N GLU E 37 8.15 -11.18 -7.44
CA GLU E 37 7.62 -10.41 -6.33
C GLU E 37 7.45 -11.27 -5.09
N GLU E 38 6.98 -12.51 -5.25
CA GLU E 38 6.82 -13.40 -4.11
C GLU E 38 8.16 -13.69 -3.46
N LEU E 39 9.20 -13.95 -4.26
CA LEU E 39 10.52 -14.20 -3.71
C LEU E 39 11.05 -12.98 -2.97
N LEU E 40 10.86 -11.79 -3.53
CA LEU E 40 11.33 -10.57 -2.87
C LEU E 40 10.60 -10.34 -1.55
N GLU E 41 9.27 -10.55 -1.53
CA GLU E 41 8.53 -10.41 -0.29
C GLU E 41 8.96 -11.43 0.75
N GLY E 42 9.21 -12.67 0.33
CA GLY E 42 9.71 -13.67 1.26
C GLY E 42 11.05 -13.29 1.86
N VAL E 43 11.96 -12.78 1.02
CA VAL E 43 13.26 -12.34 1.51
C VAL E 43 13.09 -11.16 2.47
N TYR E 44 12.18 -10.25 2.16
CA TYR E 44 11.93 -9.12 3.04
C TYR E 44 11.40 -9.57 4.41
N LYS E 45 10.45 -10.52 4.39
CA LYS E 45 9.94 -11.04 5.65
C LYS E 45 11.02 -11.78 6.44
N ALA E 46 11.92 -12.48 5.74
CA ALA E 46 13.04 -13.13 6.42
C ALA E 46 13.96 -12.10 7.07
N LEU E 47 14.25 -11.01 6.36
CA LEU E 47 15.12 -9.97 6.90
C LEU E 47 14.46 -9.15 7.99
N ARG E 48 13.13 -9.11 8.03
CA ARG E 48 12.41 -8.34 9.05
C ARG E 48 12.73 -8.82 10.45
N LEU E 49 13.10 -10.09 10.63
CA LEU E 49 13.34 -10.66 11.94
C LEU E 49 14.79 -10.48 12.40
N ALA E 50 15.59 -9.71 11.67
CA ALA E 50 17.00 -9.56 12.03
C ALA E 50 17.21 -8.94 13.41
N PRO E 51 16.54 -7.83 13.79
CA PRO E 51 16.76 -7.30 15.14
C PRO E 51 16.42 -8.27 16.24
N LYS E 52 15.37 -9.08 16.06
CA LYS E 52 15.01 -10.08 17.06
C LYS E 52 16.15 -11.05 17.30
N LEU E 53 16.72 -11.60 16.22
CA LEU E 53 17.82 -12.54 16.34
C LEU E 53 19.06 -11.87 16.93
N LYS E 54 19.35 -10.64 16.50
CA LYS E 54 20.52 -9.95 17.00
C LYS E 54 20.43 -9.72 18.51
N LYS E 55 19.24 -9.35 19.00
CA LYS E 55 19.10 -9.13 20.44
C LYS E 55 19.08 -10.46 21.20
N LYS E 56 18.48 -11.50 20.62
CA LYS E 56 18.39 -12.78 21.29
C LYS E 56 19.72 -13.53 21.32
N ALA E 57 20.66 -13.18 20.43
CA ALA E 57 21.94 -13.86 20.41
C ALA E 57 22.67 -13.72 21.74
N GLU E 58 22.81 -12.50 22.25
CA GLU E 58 23.48 -12.30 23.53
C GLU E 58 22.59 -12.63 24.72
N SER E 59 21.28 -12.71 24.53
CA SER E 59 20.39 -13.11 25.60
C SER E 59 20.58 -14.57 25.99
N LYS E 60 21.21 -15.37 25.13
CA LYS E 60 21.49 -16.77 25.43
C LYS E 60 22.97 -17.10 25.36
N GLY E 61 23.83 -16.11 25.15
CA GLY E 61 25.26 -16.34 25.07
C GLY E 61 25.78 -16.71 23.70
N CYS E 62 24.92 -16.88 22.72
CA CYS E 62 25.36 -17.27 21.39
C CYS E 62 26.05 -16.09 20.69
N PRO E 63 27.03 -16.37 19.83
CA PRO E 63 27.62 -15.32 19.01
C PRO E 63 26.56 -14.56 18.23
N PRO E 64 26.80 -13.29 17.92
CA PRO E 64 25.81 -12.52 17.17
C PRO E 64 25.59 -13.11 15.80
N PRO E 65 24.38 -13.01 15.26
CA PRO E 65 24.10 -13.61 13.96
C PRO E 65 24.83 -12.91 12.83
N ARG E 66 25.03 -13.66 11.75
CA ARG E 66 25.72 -13.16 10.56
C ARG E 66 24.68 -12.59 9.61
N ILE E 67 24.30 -11.34 9.85
CA ILE E 67 23.35 -10.64 8.97
C ILE E 67 24.01 -10.44 7.61
N PRO E 68 23.30 -10.72 6.50
CA PRO E 68 23.92 -10.55 5.18
C PRO E 68 24.34 -9.10 4.94
N SER E 69 25.48 -8.93 4.26
CA SER E 69 26.00 -7.63 3.92
C SER E 69 25.09 -6.96 2.89
N PRO E 70 25.21 -5.64 2.71
CA PRO E 70 24.43 -4.99 1.64
C PRO E 70 24.74 -5.53 0.26
N GLU E 71 26.00 -5.87 -0.02
CA GLU E 71 26.42 -6.14 -1.39
C GLU E 71 25.72 -7.36 -1.97
N ASP E 72 25.57 -8.44 -1.17
CA ASP E 72 24.95 -9.63 -1.72
C ASP E 72 23.44 -9.43 -1.89
N ILE E 73 22.84 -8.59 -1.06
CA ILE E 73 21.43 -8.25 -1.24
C ILE E 73 21.25 -7.48 -2.55
N GLU E 74 22.12 -6.52 -2.82
CA GLU E 74 22.05 -5.82 -4.11
C GLU E 74 22.23 -6.79 -5.26
N ALA E 75 23.25 -7.65 -5.16
CA ALA E 75 23.53 -8.61 -6.23
C ALA E 75 22.34 -9.53 -6.47
N LEU E 76 21.67 -9.96 -5.39
CA LEU E 76 20.44 -10.71 -5.55
C LEU E 76 19.38 -9.89 -6.27
N GLU E 77 19.30 -8.59 -5.99
CA GLU E 77 18.29 -7.77 -6.64
C GLU E 77 18.52 -7.66 -8.14
N GLU E 78 19.78 -7.48 -8.59
CA GLU E 78 19.96 -7.48 -10.03
C GLU E 78 20.06 -8.87 -10.63
N LYS E 79 20.22 -9.93 -9.83
CA LYS E 79 20.16 -11.28 -10.38
C LYS E 79 18.73 -11.71 -10.60
N VAL E 80 17.80 -11.20 -9.77
CA VAL E 80 16.39 -11.49 -9.98
C VAL E 80 15.89 -10.86 -11.28
N GLU E 81 16.39 -9.68 -11.62
CA GLU E 81 15.87 -8.95 -12.78
C GLU E 81 16.52 -9.37 -14.10
N GLN E 82 16.59 -10.68 -14.33
CA GLN E 82 16.79 -11.21 -15.67
C GLN E 82 16.06 -12.53 -15.88
N LEU E 83 15.29 -13.01 -14.91
CA LEU E 83 14.63 -14.31 -14.98
C LEU E 83 13.21 -14.08 -15.47
N SER E 84 12.97 -14.33 -16.76
CA SER E 84 11.66 -14.12 -17.37
C SER E 84 10.73 -15.31 -17.23
N ASN E 85 11.21 -16.43 -16.70
CA ASN E 85 10.40 -17.62 -16.56
C ASN E 85 10.52 -18.20 -15.16
N PRO E 86 9.50 -18.88 -14.67
CA PRO E 86 9.60 -19.53 -13.36
C PRO E 86 10.61 -20.66 -13.33
N LYS E 87 11.08 -21.12 -14.49
CA LYS E 87 12.01 -22.26 -14.55
C LYS E 87 13.24 -22.00 -13.69
N ASP E 88 13.88 -20.85 -13.89
CA ASP E 88 15.09 -20.52 -13.14
C ASP E 88 14.77 -19.98 -11.76
N LEU E 89 13.66 -19.25 -11.62
CA LEU E 89 13.31 -18.63 -10.35
C LEU E 89 13.02 -19.68 -9.28
N ARG E 90 12.31 -20.74 -9.64
CA ARG E 90 12.04 -21.81 -8.68
C ARG E 90 13.33 -22.48 -8.24
N LYS E 91 14.25 -22.72 -9.18
CA LYS E 91 15.53 -23.32 -8.83
C LYS E 91 16.32 -22.42 -7.88
N LEU E 92 16.32 -21.11 -8.15
CA LEU E 92 16.99 -20.17 -7.26
C LEU E 92 16.38 -20.19 -5.86
N ALA E 93 15.05 -20.20 -5.79
CA ALA E 93 14.38 -20.20 -4.50
C ALA E 93 14.69 -21.47 -3.71
N VAL E 94 14.64 -22.63 -4.37
CA VAL E 94 14.93 -23.88 -3.68
C VAL E 94 16.38 -23.94 -3.24
N SER E 95 17.29 -23.45 -4.09
CA SER E 95 18.70 -23.41 -3.69
C SER E 95 18.90 -22.50 -2.48
N LEU E 96 18.21 -21.36 -2.45
CA LEU E 96 18.33 -20.45 -1.32
C LEU E 96 17.81 -21.11 -0.05
N ALA E 97 16.67 -21.79 -0.14
CA ALA E 97 16.04 -22.35 1.05
C ALA E 97 16.59 -23.69 1.48
N LEU E 98 17.42 -24.33 0.66
CA LEU E 98 17.96 -25.64 1.02
C LEU E 98 18.92 -25.57 2.21
N TRP E 99 19.62 -24.44 2.38
CA TRP E 99 20.59 -24.32 3.46
C TRP E 99 19.94 -24.14 4.83
N ALA E 100 18.64 -23.85 4.88
CA ALA E 100 18.00 -23.51 6.15
C ALA E 100 18.03 -24.67 7.14
N PHE E 101 17.77 -25.89 6.65
CA PHE E 101 17.63 -27.06 7.51
C PHE E 101 18.89 -27.90 7.56
N ALA E 102 20.06 -27.27 7.48
CA ALA E 102 21.34 -27.97 7.55
C ALA E 102 21.83 -28.00 9.00
N SER E 103 22.85 -28.83 9.23
CA SER E 103 23.43 -29.00 10.56
C SER E 103 24.49 -27.93 10.80
N TRP E 104 24.01 -26.69 10.92
CA TRP E 104 24.89 -25.56 11.16
C TRP E 104 25.31 -25.52 12.63
N ASN E 105 26.51 -25.00 12.87
CA ASN E 105 26.99 -24.72 14.22
C ASN E 105 26.72 -23.25 14.52
N ASN E 106 25.45 -22.96 14.82
CA ASN E 106 25.02 -21.57 14.99
C ASN E 106 25.74 -20.91 16.16
N CYS E 107 25.82 -21.60 17.30
CA CYS E 107 26.53 -21.06 18.44
C CYS E 107 27.02 -22.17 19.36
N PRO E 108 28.31 -22.53 19.30
CA PRO E 108 28.88 -23.58 20.15
C PRO E 108 29.02 -23.14 21.61
N GLY F 2 21.81 0.36 -8.22
CA GLY F 2 21.96 1.70 -8.78
C GLY F 2 20.74 2.57 -8.57
N TRP F 3 20.96 3.77 -8.03
CA TRP F 3 19.93 4.79 -7.83
C TRP F 3 18.98 4.40 -6.70
N ILE F 4 19.10 3.18 -6.18
CA ILE F 4 18.32 2.75 -5.03
C ILE F 4 19.20 2.49 -3.81
N ARG F 5 20.49 2.23 -3.98
CA ARG F 5 21.37 2.05 -2.83
C ARG F 5 21.45 3.33 -2.01
N ASN F 6 21.44 4.49 -2.67
CA ASN F 6 21.51 5.76 -1.95
C ASN F 6 20.28 5.98 -1.08
N ILE F 7 19.08 5.64 -1.58
CA ILE F 7 17.88 5.77 -0.77
C ILE F 7 17.73 4.59 0.20
N GLY F 8 18.20 3.40 -0.18
CA GLY F 8 18.16 2.28 0.73
C GLY F 8 19.03 2.48 1.96
N ARG F 9 20.18 3.13 1.78
CA ARG F 9 21.04 3.44 2.92
C ARG F 9 20.36 4.40 3.88
N TYR F 10 19.69 5.42 3.35
CA TYR F 10 18.94 6.34 4.21
C TYR F 10 17.80 5.61 4.91
N LEU F 11 17.16 4.67 4.21
CA LEU F 11 16.11 3.88 4.84
C LEU F 11 16.66 3.04 5.99
N SER F 12 17.84 2.46 5.79
CA SER F 12 18.49 1.70 6.86
C SER F 12 18.95 2.58 8.01
N TYR F 13 19.21 3.86 7.73
CA TYR F 13 19.69 4.77 8.78
C TYR F 13 18.70 4.90 9.95
N LEU F 14 17.42 4.63 9.73
CA LEU F 14 16.40 4.85 10.74
C LEU F 14 15.89 3.56 11.38
N VAL F 15 16.47 2.41 11.04
CA VAL F 15 15.97 1.14 11.58
C VAL F 15 17.16 0.34 12.10
N ASP F 16 18.31 0.97 12.20
CA ASP F 16 19.52 0.32 12.67
C ASP F 16 19.86 0.78 14.09
N ASP F 17 20.86 0.12 14.68
CA ASP F 17 21.33 0.49 16.00
C ASP F 17 22.19 1.75 15.93
N THR F 18 22.64 2.21 17.09
CA THR F 18 23.44 3.43 17.26
C THR F 18 22.67 4.67 16.82
N PHE F 19 21.40 4.51 16.48
CA PHE F 19 20.53 5.63 16.12
C PHE F 19 19.25 5.69 16.91
N GLU F 20 18.85 4.61 17.59
CA GLU F 20 17.75 4.61 18.55
C GLU F 20 16.48 5.24 17.97
N GLU F 21 16.22 4.95 16.70
CA GLU F 21 14.99 5.40 16.04
C GLU F 21 13.98 4.26 15.92
N TYR F 22 14.39 3.15 15.32
CA TYR F 22 13.60 1.92 15.30
C TYR F 22 12.21 2.16 14.73
N ALA F 23 12.13 2.94 13.65
CA ALA F 23 10.86 3.26 13.00
C ALA F 23 10.52 2.12 12.03
N TYR F 24 10.05 1.01 12.61
CA TYR F 24 9.64 -0.12 11.81
C TYR F 24 8.32 0.14 11.08
N ASP F 25 7.49 1.04 11.60
CA ASP F 25 6.19 1.30 10.98
C ASP F 25 6.35 1.91 9.59
N VAL F 26 7.27 2.87 9.43
CA VAL F 26 7.44 3.50 8.12
C VAL F 26 8.05 2.53 7.13
N VAL F 27 8.97 1.68 7.59
CA VAL F 27 9.56 0.67 6.71
C VAL F 27 8.51 -0.32 6.25
N ASP F 28 7.65 -0.76 7.18
CA ASP F 28 6.58 -1.68 6.80
C ASP F 28 5.59 -1.02 5.84
N GLY F 29 5.28 0.26 6.08
CA GLY F 29 4.39 0.96 5.16
C GLY F 29 4.96 1.11 3.77
N ILE F 30 6.28 1.36 3.69
CA ILE F 30 6.93 1.44 2.37
C ILE F 30 6.91 0.09 1.69
N ALA F 31 7.29 -0.97 2.42
CA ALA F 31 7.36 -2.29 1.81
C ALA F 31 5.97 -2.82 1.47
N LYS F 32 5.00 -2.65 2.36
CA LYS F 32 3.64 -3.14 2.14
C LYS F 32 2.75 -2.01 1.62
N ALA F 33 3.08 -1.52 0.43
CA ALA F 33 2.32 -0.46 -0.23
C ALA F 33 1.51 -1.05 -1.38
N ARG F 34 0.20 -0.78 -1.39
CA ARG F 34 -0.67 -1.32 -2.41
C ARG F 34 -0.79 -0.36 -3.60
N THR F 35 -1.14 0.89 -3.33
CA THR F 35 -1.26 1.94 -4.33
C THR F 35 -0.06 2.88 -4.26
N GLN F 36 0.15 3.63 -5.34
CA GLN F 36 1.30 4.52 -5.39
C GLN F 36 1.17 5.66 -4.40
N GLU F 37 -0.06 6.04 -4.03
CA GLU F 37 -0.24 7.01 -2.96
C GLU F 37 0.37 6.50 -1.66
N GLU F 38 0.12 5.24 -1.33
CA GLU F 38 0.64 4.68 -0.08
C GLU F 38 2.17 4.66 -0.10
N LEU F 39 2.76 4.27 -1.23
CA LEU F 39 4.22 4.26 -1.33
C LEU F 39 4.78 5.67 -1.18
N LEU F 40 4.14 6.66 -1.82
CA LEU F 40 4.62 8.03 -1.70
C LEU F 40 4.53 8.53 -0.26
N GLU F 41 3.41 8.26 0.42
CA GLU F 41 3.30 8.68 1.81
C GLU F 41 4.32 7.99 2.70
N GLY F 42 4.55 6.70 2.47
CA GLY F 42 5.52 5.98 3.29
C GLY F 42 6.93 6.50 3.11
N VAL F 43 7.33 6.73 1.85
CA VAL F 43 8.68 7.24 1.62
C VAL F 43 8.78 8.68 2.13
N TYR F 44 7.68 9.45 2.11
CA TYR F 44 7.70 10.76 2.73
C TYR F 44 7.93 10.65 4.23
N LYS F 45 7.23 9.73 4.90
CA LYS F 45 7.40 9.57 6.33
C LYS F 45 8.82 9.15 6.66
N ALA F 46 9.41 8.30 5.82
CA ALA F 46 10.81 7.94 6.01
C ALA F 46 11.73 9.15 5.83
N LEU F 47 11.44 9.99 4.83
CA LEU F 47 12.27 11.14 4.53
C LEU F 47 12.12 12.26 5.55
N ARG F 48 10.99 12.29 6.27
CA ARG F 48 10.70 13.41 7.17
C ARG F 48 11.73 13.51 8.29
N LEU F 49 12.16 12.38 8.84
CA LEU F 49 13.09 12.41 9.96
C LEU F 49 14.52 12.62 9.47
N ALA F 50 14.73 13.62 8.61
CA ALA F 50 16.06 13.90 8.11
C ALA F 50 16.89 14.68 9.15
N PRO F 51 16.44 15.85 9.62
CA PRO F 51 17.27 16.58 10.61
C PRO F 51 17.47 15.83 11.90
N LYS F 52 16.47 15.04 12.31
CA LYS F 52 16.58 14.29 13.56
C LYS F 52 17.74 13.31 13.52
N LEU F 53 17.93 12.65 12.37
CA LEU F 53 19.12 11.82 12.18
C LEU F 53 20.38 12.66 11.98
N LYS F 54 20.30 13.71 11.16
CA LYS F 54 21.49 14.47 10.79
C LYS F 54 22.20 15.03 12.02
N LYS F 55 21.46 15.71 12.90
CA LYS F 55 22.12 16.33 14.04
C LYS F 55 22.33 15.38 15.20
N LYS F 56 21.50 14.35 15.34
CA LYS F 56 21.74 13.37 16.40
C LYS F 56 22.99 12.56 16.12
N ALA F 57 23.30 12.31 14.84
CA ALA F 57 24.56 11.66 14.50
C ALA F 57 25.75 12.49 14.95
N GLU F 58 25.71 13.80 14.67
CA GLU F 58 26.80 14.68 15.13
C GLU F 58 26.82 14.77 16.64
N SER F 59 25.69 14.56 17.30
CA SER F 59 25.67 14.55 18.75
C SER F 59 26.45 13.40 19.36
N LYS F 60 26.75 12.36 18.57
CA LYS F 60 27.58 11.25 19.05
C LYS F 60 28.86 11.07 18.25
N GLY F 61 29.29 12.10 17.51
CA GLY F 61 30.51 11.99 16.72
C GLY F 61 30.43 10.97 15.61
N CYS F 62 29.32 10.99 14.87
CA CYS F 62 29.04 10.05 13.81
C CYS F 62 29.10 10.75 12.44
N PRO F 63 29.53 10.05 11.39
CA PRO F 63 29.50 10.63 10.06
C PRO F 63 28.08 11.01 9.68
N PRO F 64 27.92 12.11 8.94
CA PRO F 64 26.56 12.59 8.62
C PRO F 64 25.80 11.60 7.77
N PRO F 65 24.52 11.39 8.08
CA PRO F 65 23.69 10.55 7.20
C PRO F 65 23.63 11.11 5.79
N ARG F 66 23.53 10.20 4.82
CA ARG F 66 23.50 10.55 3.40
C ARG F 66 22.04 10.67 2.96
N ILE F 67 21.49 11.87 3.08
CA ILE F 67 20.12 12.13 2.62
C ILE F 67 20.09 12.04 1.09
N PRO F 68 19.08 11.42 0.50
CA PRO F 68 19.07 11.25 -0.96
C PRO F 68 19.07 12.57 -1.72
N SER F 69 19.72 12.56 -2.87
CA SER F 69 19.83 13.73 -3.72
C SER F 69 18.48 14.05 -4.38
N PRO F 70 18.26 15.31 -4.77
CA PRO F 70 17.03 15.63 -5.51
C PRO F 70 16.87 14.85 -6.81
N GLU F 71 17.97 14.49 -7.47
CA GLU F 71 17.87 13.77 -8.74
C GLU F 71 17.20 12.42 -8.57
N ASP F 72 17.59 11.68 -7.53
CA ASP F 72 16.93 10.39 -7.29
C ASP F 72 15.49 10.57 -6.87
N ILE F 73 15.17 11.67 -6.18
CA ILE F 73 13.78 11.98 -5.85
C ILE F 73 12.97 12.17 -7.13
N GLU F 74 13.52 12.94 -8.08
CA GLU F 74 12.81 13.17 -9.33
C GLU F 74 12.64 11.87 -10.11
N ALA F 75 13.69 11.04 -10.15
CA ALA F 75 13.58 9.76 -10.85
C ALA F 75 12.54 8.86 -10.22
N LEU F 76 12.50 8.82 -8.88
CA LEU F 76 11.50 8.01 -8.18
C LEU F 76 10.10 8.52 -8.47
N GLU F 77 9.91 9.84 -8.47
CA GLU F 77 8.59 10.40 -8.77
C GLU F 77 8.17 10.04 -10.20
N GLU F 78 9.09 10.15 -11.14
CA GLU F 78 8.77 9.82 -12.54
C GLU F 78 8.39 8.34 -12.68
N LYS F 79 9.15 7.45 -12.06
CA LYS F 79 8.85 6.02 -12.20
C LYS F 79 7.55 5.66 -11.49
N VAL F 80 7.27 6.29 -10.34
CA VAL F 80 5.98 6.05 -9.69
C VAL F 80 4.85 6.55 -10.57
N GLU F 81 5.05 7.69 -11.24
CA GLU F 81 4.02 8.22 -12.14
C GLU F 81 3.75 7.28 -13.30
N GLN F 82 4.82 6.73 -13.90
CA GLN F 82 4.63 5.89 -15.09
C GLN F 82 4.24 4.46 -14.75
N LEU F 83 4.28 4.05 -13.49
CA LEU F 83 3.89 2.70 -13.09
C LEU F 83 2.42 2.70 -12.71
N SER F 84 1.62 1.96 -13.46
CA SER F 84 0.18 1.84 -13.21
C SER F 84 -0.25 0.46 -12.72
N ASN F 85 0.35 -0.60 -13.24
CA ASN F 85 -0.02 -1.94 -12.82
C ASN F 85 0.42 -2.18 -11.38
N PRO F 86 -0.44 -2.78 -10.55
CA PRO F 86 -0.05 -3.04 -9.15
C PRO F 86 1.14 -3.96 -9.01
N LYS F 87 1.39 -4.84 -9.98
CA LYS F 87 2.48 -5.81 -9.85
C LYS F 87 3.84 -5.11 -9.85
N ASP F 88 4.07 -4.23 -10.84
CA ASP F 88 5.34 -3.52 -10.89
C ASP F 88 5.50 -2.57 -9.72
N LEU F 89 4.41 -1.95 -9.28
CA LEU F 89 4.47 -1.08 -8.11
C LEU F 89 4.84 -1.85 -6.85
N ARG F 90 4.27 -3.05 -6.68
CA ARG F 90 4.64 -3.90 -5.56
C ARG F 90 6.11 -4.30 -5.66
N LYS F 91 6.56 -4.63 -6.87
CA LYS F 91 7.97 -4.98 -7.08
C LYS F 91 8.88 -3.83 -6.64
N LEU F 92 8.57 -2.61 -7.06
CA LEU F 92 9.37 -1.46 -6.69
C LEU F 92 9.33 -1.21 -5.18
N ALA F 93 8.15 -1.33 -4.58
CA ALA F 93 8.02 -1.08 -3.14
C ALA F 93 8.84 -2.08 -2.33
N VAL F 94 8.79 -3.35 -2.71
CA VAL F 94 9.56 -4.36 -1.99
C VAL F 94 11.05 -4.16 -2.23
N SER F 95 11.44 -3.78 -3.45
CA SER F 95 12.86 -3.58 -3.75
C SER F 95 13.42 -2.39 -2.99
N LEU F 96 12.60 -1.36 -2.77
CA LEU F 96 13.08 -0.16 -2.07
C LEU F 96 13.51 -0.48 -0.65
N ALA F 97 12.72 -1.27 0.07
CA ALA F 97 12.96 -1.57 1.48
C ALA F 97 13.54 -2.96 1.69
N LEU F 98 14.10 -3.58 0.65
CA LEU F 98 14.61 -4.93 0.79
C LEU F 98 15.82 -4.98 1.73
N TRP F 99 16.72 -4.02 1.62
CA TRP F 99 17.93 -4.02 2.44
C TRP F 99 17.92 -2.92 3.50
N ALA F 100 16.73 -2.49 3.93
CA ALA F 100 16.67 -1.61 5.09
C ALA F 100 17.22 -2.31 6.33
N PHE F 101 17.06 -3.63 6.41
CA PHE F 101 17.56 -4.44 7.51
C PHE F 101 18.86 -5.14 7.17
N ALA F 102 19.67 -4.56 6.30
CA ALA F 102 20.92 -5.17 5.86
C ALA F 102 21.98 -4.97 6.93
N SER F 103 23.24 -5.24 6.58
CA SER F 103 24.34 -5.14 7.53
C SER F 103 25.31 -4.03 7.14
N TRP F 104 24.77 -2.87 6.77
CA TRP F 104 25.60 -1.73 6.41
C TRP F 104 26.53 -1.38 7.56
N ASN F 105 27.81 -1.16 7.25
CA ASN F 105 28.80 -0.78 8.25
C ASN F 105 28.86 0.74 8.37
N ASN F 106 27.69 1.34 8.56
CA ASN F 106 27.55 2.77 8.71
C ASN F 106 27.93 3.20 10.13
N CYS F 107 28.42 4.42 10.25
CA CYS F 107 28.80 5.02 11.53
C CYS F 107 29.85 4.17 12.22
N PRO F 108 31.09 4.09 11.71
CA PRO F 108 32.13 3.25 12.29
C PRO F 108 32.57 3.73 13.67
N GLY G 2 8.58 20.86 -14.01
CA GLY G 2 7.24 21.32 -14.33
C GLY G 2 6.52 21.90 -13.13
N TRP G 3 6.97 23.08 -12.70
CA TRP G 3 6.37 23.85 -11.61
C TRP G 3 6.16 23.04 -10.34
N ILE G 4 6.78 21.87 -10.24
CA ILE G 4 6.77 21.06 -9.04
C ILE G 4 8.12 21.09 -8.34
N ARG G 5 9.20 21.13 -9.11
CA ARG G 5 10.53 21.24 -8.52
C ARG G 5 10.75 22.60 -7.86
N ASN G 6 10.20 23.66 -8.44
CA ASN G 6 10.44 25.00 -7.91
C ASN G 6 9.71 25.23 -6.59
N ILE G 7 8.45 24.81 -6.50
CA ILE G 7 7.73 24.91 -5.24
C ILE G 7 8.36 23.99 -4.20
N GLY G 8 8.91 22.85 -4.64
CA GLY G 8 9.69 22.02 -3.72
C GLY G 8 10.91 22.73 -3.20
N ARG G 9 11.62 23.46 -4.08
CA ARG G 9 12.74 24.27 -3.63
C ARG G 9 12.31 25.28 -2.57
N TYR G 10 11.19 25.97 -2.84
CA TYR G 10 10.71 26.97 -1.90
C TYR G 10 10.35 26.34 -0.56
N LEU G 11 9.69 25.18 -0.58
CA LEU G 11 9.35 24.49 0.66
C LEU G 11 10.61 24.06 1.41
N SER G 12 11.63 23.64 0.66
CA SER G 12 12.89 23.24 1.28
C SER G 12 13.58 24.42 1.95
N TYR G 13 13.47 25.61 1.36
CA TYR G 13 14.19 26.77 1.90
C TYR G 13 13.81 27.06 3.35
N LEU G 14 12.62 26.65 3.78
CA LEU G 14 12.14 26.93 5.13
C LEU G 14 12.21 25.72 6.05
N VAL G 15 12.92 24.66 5.66
CA VAL G 15 13.05 23.48 6.50
C VAL G 15 14.52 23.16 6.71
N ASP G 16 15.35 23.55 5.74
CA ASP G 16 16.75 23.15 5.74
C ASP G 16 17.53 23.90 6.81
N ASP G 17 18.81 23.57 6.94
CA ASP G 17 19.69 24.22 7.89
C ASP G 17 20.15 25.56 7.31
N THR G 18 21.14 26.18 7.97
CA THR G 18 21.67 27.49 7.62
C THR G 18 20.62 28.59 7.67
N PHE G 19 19.42 28.29 8.16
CA PHE G 19 18.34 29.24 8.33
C PHE G 19 17.88 29.24 9.78
N GLU G 20 16.85 30.04 10.07
CA GLU G 20 16.31 30.13 11.41
C GLU G 20 14.86 29.68 11.51
N GLU G 21 14.13 29.65 10.40
CA GLU G 21 12.72 29.23 10.39
C GLU G 21 12.68 27.72 10.17
N TYR G 22 12.41 26.97 11.24
CA TYR G 22 12.17 25.53 11.15
C TYR G 22 10.67 25.32 11.16
N ALA G 23 10.03 25.63 10.03
CA ALA G 23 8.56 25.61 9.94
C ALA G 23 8.12 24.25 9.40
N TYR G 24 7.96 23.30 10.33
CA TYR G 24 7.40 22.01 9.98
C TYR G 24 5.88 22.03 9.92
N ASP G 25 5.25 23.07 10.48
CA ASP G 25 3.79 23.17 10.47
C ASP G 25 3.26 23.25 9.04
N VAL G 26 3.89 24.08 8.21
CA VAL G 26 3.39 24.27 6.85
C VAL G 26 3.59 23.00 6.02
N VAL G 27 4.72 22.32 6.21
CA VAL G 27 4.96 21.08 5.48
C VAL G 27 3.97 20.00 5.93
N ASP G 28 3.70 19.94 7.23
CA ASP G 28 2.71 18.98 7.73
C ASP G 28 1.33 19.26 7.16
N GLY G 29 0.95 20.54 7.09
CA GLY G 29 -0.32 20.89 6.47
C GLY G 29 -0.36 20.56 4.99
N ILE G 30 0.77 20.73 4.31
CA ILE G 30 0.83 20.38 2.88
C ILE G 30 0.60 18.88 2.71
N ALA G 31 1.34 18.07 3.46
CA ALA G 31 1.26 16.62 3.29
C ALA G 31 -0.07 16.08 3.76
N LYS G 32 -0.51 16.47 4.96
CA LYS G 32 -1.74 15.95 5.52
C LYS G 32 -2.94 16.70 4.96
N ALA G 33 -3.03 16.78 3.64
CA ALA G 33 -4.12 17.47 2.96
C ALA G 33 -4.96 16.45 2.20
N ARG G 34 -6.27 16.44 2.48
CA ARG G 34 -7.18 15.54 1.81
C ARG G 34 -8.41 16.27 1.27
N THR G 35 -8.44 17.59 1.34
CA THR G 35 -9.52 18.39 0.80
C THR G 35 -8.94 19.52 -0.06
N GLN G 36 -9.81 20.14 -0.85
CA GLN G 36 -9.38 21.18 -1.77
C GLN G 36 -8.85 22.40 -1.03
N GLU G 37 -9.51 22.80 0.06
CA GLU G 37 -9.18 24.06 0.72
C GLU G 37 -7.89 23.97 1.53
N GLU G 38 -7.67 22.84 2.22
CA GLU G 38 -6.55 22.76 3.15
C GLU G 38 -5.21 22.77 2.43
N LEU G 39 -5.14 22.17 1.24
CA LEU G 39 -3.89 22.22 0.47
C LEU G 39 -3.55 23.65 0.10
N LEU G 40 -4.54 24.41 -0.35
CA LEU G 40 -4.30 25.82 -0.68
C LEU G 40 -3.89 26.61 0.56
N GLU G 41 -4.54 26.35 1.69
CA GLU G 41 -4.17 27.03 2.92
C GLU G 41 -2.74 26.72 3.33
N GLY G 42 -2.32 25.46 3.19
CA GLY G 42 -0.95 25.10 3.49
C GLY G 42 0.05 25.78 2.56
N VAL G 43 -0.24 25.78 1.26
CA VAL G 43 0.64 26.46 0.31
C VAL G 43 0.77 27.93 0.67
N TYR G 44 -0.34 28.55 1.07
CA TYR G 44 -0.33 29.99 1.31
C TYR G 44 0.36 30.33 2.62
N LYS G 45 0.19 29.49 3.64
CA LYS G 45 0.94 29.66 4.89
C LYS G 45 2.42 29.51 4.63
N ALA G 46 2.81 28.57 3.78
CA ALA G 46 4.22 28.44 3.41
C ALA G 46 4.72 29.67 2.67
N LEU G 47 3.92 30.20 1.75
CA LEU G 47 4.34 31.36 0.96
C LEU G 47 4.40 32.63 1.80
N ARG G 48 3.64 32.68 2.90
CA ARG G 48 3.61 33.88 3.73
C ARG G 48 4.97 34.20 4.34
N LEU G 49 5.89 33.24 4.40
CA LEU G 49 7.20 33.42 5.00
C LEU G 49 8.25 33.90 4.00
N ALA G 50 7.85 34.23 2.78
CA ALA G 50 8.82 34.63 1.75
C ALA G 50 9.64 35.87 2.14
N PRO G 51 9.05 36.96 2.65
CA PRO G 51 9.89 38.11 3.04
C PRO G 51 10.93 37.77 4.10
N LYS G 52 10.62 36.88 5.04
CA LYS G 52 11.57 36.51 6.07
C LYS G 52 12.81 35.86 5.46
N LEU G 53 12.60 34.88 4.57
CA LEU G 53 13.73 34.24 3.90
C LEU G 53 14.48 35.20 3.01
N LYS G 54 13.76 36.09 2.32
CA LYS G 54 14.42 37.10 1.49
C LYS G 54 15.33 37.98 2.33
N LYS G 55 14.86 38.41 3.50
CA LYS G 55 15.68 39.27 4.35
C LYS G 55 16.86 38.51 4.94
N LYS G 56 16.65 37.25 5.33
CA LYS G 56 17.73 36.48 5.93
C LYS G 56 18.74 35.99 4.91
N ALA G 57 18.41 36.03 3.61
CA ALA G 57 19.35 35.56 2.60
C ALA G 57 20.65 36.35 2.61
N GLU G 58 20.56 37.68 2.71
CA GLU G 58 21.77 38.49 2.74
C GLU G 58 22.48 38.46 4.09
N SER G 59 21.84 37.92 5.13
CA SER G 59 22.51 37.82 6.42
C SER G 59 23.72 36.89 6.35
N LYS G 60 23.57 35.76 5.67
CA LYS G 60 24.67 34.82 5.50
C LYS G 60 25.48 35.06 4.25
N GLY G 61 24.96 35.82 3.29
CA GLY G 61 25.67 36.13 2.07
C GLY G 61 25.34 35.23 0.89
N CYS G 62 24.70 34.09 1.13
CA CYS G 62 24.34 33.21 0.03
C CYS G 62 23.17 33.82 -0.77
N PRO G 63 23.03 33.48 -2.04
CA PRO G 63 22.08 34.20 -2.91
C PRO G 63 20.64 33.97 -2.47
N PRO G 64 19.74 34.90 -2.81
CA PRO G 64 18.38 34.82 -2.28
C PRO G 64 17.66 33.59 -2.78
N PRO G 65 16.69 33.07 -2.03
CA PRO G 65 15.95 31.88 -2.45
C PRO G 65 15.16 32.14 -3.72
N ARG G 66 14.90 31.06 -4.45
CA ARG G 66 14.19 31.12 -5.74
C ARG G 66 12.70 31.06 -5.44
N ILE G 67 12.10 32.23 -5.27
CA ILE G 67 10.65 32.31 -5.00
C ILE G 67 9.90 31.79 -6.22
N PRO G 68 8.82 31.03 -6.05
CA PRO G 68 8.11 30.50 -7.22
C PRO G 68 7.62 31.59 -8.15
N SER G 69 7.72 31.32 -9.45
CA SER G 69 7.37 32.29 -10.48
C SER G 69 5.86 32.44 -10.58
N PRO G 70 5.38 33.54 -11.15
CA PRO G 70 3.93 33.71 -11.35
C PRO G 70 3.27 32.57 -12.12
N GLU G 71 3.93 31.99 -13.12
CA GLU G 71 3.30 30.91 -13.88
C GLU G 71 3.31 29.59 -13.10
N ASP G 72 4.36 29.35 -12.30
CA ASP G 72 4.40 28.13 -11.51
C ASP G 72 3.26 28.09 -10.50
N ILE G 73 2.99 29.23 -9.85
CA ILE G 73 1.86 29.31 -8.94
C ILE G 73 0.54 29.55 -9.68
N GLU G 74 0.60 29.94 -10.96
CA GLU G 74 -0.61 30.07 -11.76
C GLU G 74 -1.16 28.71 -12.15
N ALA G 75 -0.28 27.79 -12.53
CA ALA G 75 -0.71 26.46 -12.94
C ALA G 75 -1.39 25.69 -11.80
N LEU G 76 -1.13 26.08 -10.55
CA LEU G 76 -1.67 25.33 -9.41
C LEU G 76 -3.18 25.41 -9.35
N GLU G 77 -3.76 26.58 -9.64
CA GLU G 77 -5.21 26.71 -9.58
C GLU G 77 -5.90 25.74 -10.52
N GLU G 78 -5.50 25.74 -11.79
CA GLU G 78 -6.14 24.86 -12.77
C GLU G 78 -5.63 23.44 -12.70
N LYS G 79 -4.59 23.16 -11.92
CA LYS G 79 -4.21 21.77 -11.69
C LYS G 79 -5.01 21.15 -10.55
N VAL G 80 -5.33 21.94 -9.52
CA VAL G 80 -6.06 21.39 -8.38
C VAL G 80 -7.57 21.52 -8.57
N GLU G 81 -8.03 22.45 -9.42
CA GLU G 81 -9.47 22.63 -9.61
C GLU G 81 -10.09 21.43 -10.33
N GLN G 82 -9.36 20.79 -11.22
CA GLN G 82 -9.89 19.69 -12.01
C GLN G 82 -9.81 18.35 -11.29
N LEU G 83 -9.26 18.31 -10.08
CA LEU G 83 -9.16 17.08 -9.30
C LEU G 83 -10.43 16.91 -8.48
N SER G 84 -11.14 15.80 -8.70
CA SER G 84 -12.37 15.50 -8.00
C SER G 84 -12.18 14.42 -6.93
N ASN G 85 -11.65 13.26 -7.31
CA ASN G 85 -11.37 12.23 -6.33
C ASN G 85 -10.25 12.65 -5.38
N PRO G 86 -10.27 12.20 -4.13
CA PRO G 86 -9.19 12.57 -3.20
C PRO G 86 -7.92 11.76 -3.37
N LYS G 87 -8.00 10.55 -3.93
CA LYS G 87 -6.81 9.74 -4.10
C LYS G 87 -5.82 10.37 -5.06
N ASP G 88 -6.27 11.21 -5.97
CA ASP G 88 -5.38 11.97 -6.84
C ASP G 88 -5.11 13.38 -6.32
N LEU G 89 -6.02 13.94 -5.53
CA LEU G 89 -5.76 15.23 -4.89
C LEU G 89 -4.60 15.12 -3.91
N ARG G 90 -4.55 14.04 -3.13
CA ARG G 90 -3.50 13.87 -2.14
C ARG G 90 -2.16 13.50 -2.75
N LYS G 91 -2.14 12.97 -3.98
CA LYS G 91 -0.87 12.64 -4.62
C LYS G 91 -0.03 13.89 -4.84
N LEU G 92 -0.65 14.97 -5.32
CA LEU G 92 0.06 16.23 -5.52
C LEU G 92 0.58 16.77 -4.20
N ALA G 93 -0.22 16.70 -3.15
CA ALA G 93 0.21 17.20 -1.84
C ALA G 93 1.40 16.40 -1.32
N VAL G 94 1.35 15.09 -1.44
CA VAL G 94 2.46 14.25 -0.98
C VAL G 94 3.72 14.55 -1.78
N SER G 95 3.59 14.69 -3.10
CA SER G 95 4.77 15.00 -3.92
C SER G 95 5.36 16.36 -3.54
N LEU G 96 4.50 17.37 -3.35
CA LEU G 96 4.99 18.70 -2.98
C LEU G 96 5.70 18.68 -1.64
N ALA G 97 5.13 17.99 -0.66
CA ALA G 97 5.76 17.92 0.65
C ALA G 97 7.03 17.08 0.63
N LEU G 98 7.09 16.09 -0.25
CA LEU G 98 8.24 15.20 -0.33
C LEU G 98 9.41 15.86 -1.04
N TRP G 99 9.15 16.76 -1.98
CA TRP G 99 10.24 17.47 -2.65
C TRP G 99 11.04 18.35 -1.72
N ALA G 100 10.53 18.67 -0.53
CA ALA G 100 11.23 19.61 0.36
C ALA G 100 12.46 18.96 1.00
N PHE G 101 12.35 17.69 1.40
CA PHE G 101 13.42 17.02 2.13
C PHE G 101 14.40 16.41 1.14
N ALA G 102 15.55 17.05 0.98
CA ALA G 102 16.63 16.53 0.14
C ALA G 102 17.95 16.99 0.73
N SER G 103 19.04 16.79 -0.01
CA SER G 103 20.38 17.11 0.46
C SER G 103 21.18 17.81 -0.63
N TRP G 104 20.58 18.81 -1.28
CA TRP G 104 21.31 19.61 -2.24
C TRP G 104 21.96 20.80 -1.54
N ASN G 105 22.59 21.68 -2.32
CA ASN G 105 23.17 22.92 -1.79
C ASN G 105 22.15 24.03 -1.99
N ASN G 106 21.46 24.41 -0.91
CA ASN G 106 20.45 25.45 -1.01
C ASN G 106 21.07 26.78 -1.41
N CYS G 107 22.12 27.20 -0.71
CA CYS G 107 22.86 28.40 -1.07
C CYS G 107 24.26 28.36 -0.47
N PRO G 108 25.30 28.47 -1.29
CA PRO G 108 26.70 28.44 -0.82
C PRO G 108 27.05 29.64 0.04
N MET H 1 23.13 -61.51 -67.84
CA MET H 1 23.70 -62.79 -68.26
C MET H 1 24.18 -63.58 -67.05
N TYR H 2 25.50 -63.68 -66.90
CA TYR H 2 26.10 -64.38 -65.76
C TYR H 2 26.22 -63.40 -64.61
N VAL H 3 25.43 -63.60 -63.55
CA VAL H 3 25.41 -62.66 -62.43
C VAL H 3 25.64 -63.43 -61.13
N ARG H 4 26.22 -62.74 -60.15
CA ARG H 4 26.50 -63.31 -58.85
C ARG H 4 26.27 -62.24 -57.79
N ILE H 5 25.46 -62.57 -56.78
CA ILE H 5 25.09 -61.61 -55.73
C ILE H 5 25.44 -62.22 -54.38
N SER H 6 25.98 -61.39 -53.48
CA SER H 6 26.29 -61.84 -52.13
C SER H 6 26.21 -60.65 -51.19
N GLY H 7 25.61 -60.86 -50.02
CA GLY H 7 25.46 -59.76 -49.10
C GLY H 7 24.86 -60.20 -47.78
N ARG H 8 24.46 -59.21 -47.00
CA ARG H 8 23.89 -59.40 -45.68
C ARG H 8 22.56 -58.67 -45.58
N ILE H 9 21.59 -59.32 -44.92
CA ILE H 9 20.22 -58.83 -44.80
C ILE H 9 19.77 -58.99 -43.36
N ARG H 10 18.98 -58.01 -42.89
CA ARG H 10 18.41 -58.05 -41.54
C ARG H 10 16.98 -58.55 -41.62
N LEU H 11 16.68 -59.62 -40.89
CA LEU H 11 15.33 -60.14 -40.78
C LEU H 11 15.12 -60.71 -39.39
N ASN H 12 14.05 -60.31 -38.73
CA ASN H 12 13.74 -60.74 -37.38
C ASN H 12 12.26 -61.09 -37.29
N ALA H 13 11.92 -61.83 -36.22
CA ALA H 13 10.57 -62.35 -36.01
C ALA H 13 10.13 -63.21 -37.20
N HIS H 14 10.91 -64.25 -37.45
CA HIS H 14 10.67 -65.14 -38.57
C HIS H 14 10.78 -66.59 -38.12
N SER H 15 10.00 -67.46 -38.75
CA SER H 15 10.05 -68.89 -38.53
C SER H 15 10.16 -69.62 -39.86
N LEU H 16 10.96 -69.09 -40.76
CA LEU H 16 11.11 -69.69 -42.08
C LEU H 16 11.83 -71.02 -41.96
N ASN H 17 11.37 -72.01 -42.73
CA ASN H 17 12.03 -73.30 -42.87
C ASN H 17 12.24 -73.99 -41.52
N ALA H 18 11.11 -74.32 -40.89
CA ALA H 18 11.14 -75.03 -39.62
C ALA H 18 11.15 -76.54 -39.87
N GLN H 19 11.08 -77.31 -38.78
CA GLN H 19 11.00 -78.77 -38.87
C GLN H 19 9.59 -79.29 -39.05
N GLY H 20 8.64 -78.43 -39.42
CA GLY H 20 7.29 -78.88 -39.72
C GLY H 20 6.48 -79.25 -38.50
N GLY H 21 6.99 -80.20 -37.70
CA GLY H 21 6.26 -80.65 -36.53
C GLY H 21 4.97 -81.36 -36.86
N GLY H 22 5.01 -82.25 -37.86
CA GLY H 22 3.83 -82.98 -38.27
C GLY H 22 3.41 -84.09 -37.34
N GLY H 23 4.24 -84.44 -36.37
CA GLY H 23 3.90 -85.48 -35.41
C GLY H 23 4.03 -85.03 -33.97
N THR H 24 4.54 -83.81 -33.77
CA THR H 24 4.74 -83.26 -32.44
C THR H 24 4.08 -81.88 -32.37
N ASN H 25 3.62 -81.54 -31.16
CA ASN H 25 2.97 -80.26 -30.95
C ASN H 25 3.96 -79.10 -30.94
N TYR H 26 5.25 -79.38 -30.80
CA TYR H 26 6.29 -78.35 -30.78
C TYR H 26 6.99 -78.33 -32.12
N ILE H 27 7.04 -77.14 -32.74
CA ILE H 27 7.67 -76.97 -34.04
C ILE H 27 9.00 -76.26 -33.82
N GLU H 28 10.09 -76.93 -34.18
CA GLU H 28 11.44 -76.41 -33.98
C GLU H 28 11.93 -75.76 -35.27
N ILE H 29 12.46 -74.55 -35.16
CA ILE H 29 13.09 -73.92 -36.31
C ILE H 29 14.36 -74.69 -36.67
N THR H 30 14.82 -74.51 -37.90
CA THR H 30 16.03 -75.18 -38.35
C THR H 30 17.25 -74.63 -37.61
N LYS H 31 18.22 -75.51 -37.38
CA LYS H 31 19.47 -75.12 -36.74
C LYS H 31 20.62 -75.82 -37.45
N THR H 32 21.82 -75.26 -37.27
CA THR H 32 23.04 -75.88 -37.78
C THR H 32 24.20 -75.48 -36.89
N LYS H 33 25.25 -76.30 -36.91
CA LYS H 33 26.44 -76.04 -36.12
C LYS H 33 27.43 -75.23 -36.94
N VAL H 34 28.10 -74.28 -36.27
CA VAL H 34 29.05 -73.39 -36.91
C VAL H 34 30.25 -73.21 -35.98
N THR H 35 31.45 -73.35 -36.54
CA THR H 35 32.69 -73.14 -35.80
C THR H 35 33.20 -71.72 -36.00
N VAL H 36 33.68 -71.10 -34.92
CA VAL H 36 34.17 -69.73 -34.97
C VAL H 36 35.21 -69.52 -33.88
N ARG H 37 36.12 -68.57 -34.10
CA ARG H 37 37.13 -68.27 -33.09
C ARG H 37 36.51 -67.60 -31.88
N THR H 38 37.12 -67.82 -30.71
CA THR H 38 36.71 -67.19 -29.47
C THR H 38 37.93 -66.63 -28.73
N GLU H 39 38.77 -65.87 -29.45
CA GLU H 39 40.02 -65.32 -28.91
C GLU H 39 40.96 -66.46 -28.47
N ASN H 40 41.47 -67.15 -29.50
CA ASN H 40 42.28 -68.36 -29.38
C ASN H 40 41.45 -69.51 -28.83
N GLY H 41 40.41 -69.88 -29.57
CA GLY H 41 39.61 -71.06 -29.28
C GLY H 41 38.60 -71.30 -30.38
N TRP H 42 38.43 -72.56 -30.78
CA TRP H 42 37.52 -72.92 -31.87
C TRP H 42 36.20 -73.39 -31.26
N THR H 43 35.35 -72.43 -30.94
CA THR H 43 34.07 -72.75 -30.32
C THR H 43 33.02 -73.06 -31.38
N VAL H 44 31.95 -73.73 -30.94
CA VAL H 44 30.89 -74.19 -31.83
C VAL H 44 29.56 -73.66 -31.32
N VAL H 45 28.74 -73.16 -32.24
CA VAL H 45 27.45 -72.57 -31.89
C VAL H 45 26.36 -73.19 -32.76
N GLU H 46 25.16 -73.27 -32.20
CA GLU H 46 23.98 -73.76 -32.91
C GLU H 46 23.14 -72.56 -33.31
N VAL H 47 23.10 -72.27 -34.60
CA VAL H 47 22.41 -71.07 -35.10
C VAL H 47 21.45 -71.46 -36.22
N PRO H 48 20.31 -70.79 -36.35
CA PRO H 48 19.40 -71.11 -37.46
C PRO H 48 19.99 -70.74 -38.80
N ALA H 49 19.61 -71.52 -39.82
CA ALA H 49 20.11 -71.29 -41.16
C ALA H 49 19.10 -71.80 -42.17
N ILE H 50 18.64 -70.93 -43.05
CA ILE H 50 17.65 -71.29 -44.06
C ILE H 50 18.34 -72.08 -45.17
N THR H 51 17.78 -73.24 -45.50
CA THR H 51 18.38 -74.10 -46.51
C THR H 51 18.25 -73.50 -47.89
N GLY H 52 19.19 -73.86 -48.78
CA GLY H 52 19.18 -73.35 -50.14
C GLY H 52 18.01 -73.84 -50.98
N ASN H 53 17.43 -74.98 -50.61
CA ASN H 53 16.25 -75.47 -51.32
C ASN H 53 15.09 -74.50 -51.19
N MET H 54 14.93 -73.90 -50.01
CA MET H 54 13.86 -72.92 -49.81
C MET H 54 14.04 -71.72 -50.74
N LEU H 55 15.25 -71.18 -50.82
CA LEU H 55 15.51 -70.05 -51.69
C LEU H 55 15.33 -70.43 -53.16
N LYS H 56 15.77 -71.63 -53.55
CA LYS H 56 15.58 -72.07 -54.92
C LYS H 56 14.09 -72.17 -55.26
N HIS H 57 13.30 -72.74 -54.36
CA HIS H 57 11.86 -72.86 -54.62
C HIS H 57 11.20 -71.49 -54.71
N TRP H 58 11.59 -70.55 -53.83
CA TRP H 58 10.95 -69.24 -53.87
C TRP H 58 11.39 -68.43 -55.08
N HIS H 59 12.64 -68.58 -55.51
CA HIS H 59 13.04 -67.96 -56.78
C HIS H 59 12.26 -68.55 -57.94
N PHE H 60 12.03 -69.86 -57.91
CA PHE H 60 11.20 -70.48 -58.94
C PHE H 60 9.79 -69.93 -58.93
N VAL H 61 9.23 -69.72 -57.73
CA VAL H 61 7.90 -69.15 -57.60
C VAL H 61 7.85 -67.76 -58.21
N GLY H 62 8.84 -66.93 -57.88
CA GLY H 62 8.90 -65.59 -58.45
C GLY H 62 9.05 -65.61 -59.96
N PHE H 63 9.89 -66.51 -60.47
CA PHE H 63 10.10 -66.60 -61.91
C PHE H 63 8.83 -67.04 -62.64
N VAL H 64 8.13 -68.04 -62.10
CA VAL H 64 6.91 -68.50 -62.76
C VAL H 64 5.81 -67.45 -62.64
N ASP H 65 5.81 -66.65 -61.57
CA ASP H 65 4.82 -65.59 -61.46
C ASP H 65 5.10 -64.47 -62.45
N TYR H 66 6.38 -64.12 -62.63
CA TYR H 66 6.73 -63.06 -63.57
C TYR H 66 6.68 -63.51 -65.03
N PHE H 67 6.75 -64.82 -65.29
CA PHE H 67 6.69 -65.31 -66.65
C PHE H 67 5.27 -65.42 -67.20
N LYS H 68 4.26 -65.33 -66.35
CA LYS H 68 2.88 -65.40 -66.83
C LYS H 68 2.46 -64.10 -67.51
N THR H 69 2.99 -62.97 -67.03
CA THR H 69 2.58 -61.67 -67.58
C THR H 69 3.00 -61.53 -69.04
N THR H 70 4.19 -62.01 -69.38
CA THR H 70 4.69 -61.84 -70.73
C THR H 70 3.82 -62.62 -71.72
N PRO H 71 3.68 -62.13 -72.96
CA PRO H 71 2.87 -62.85 -73.95
C PRO H 71 3.41 -64.23 -74.29
N TYR H 72 4.69 -64.47 -74.05
CA TYR H 72 5.32 -65.76 -74.33
C TYR H 72 5.26 -66.72 -73.14
N GLY H 73 4.39 -66.44 -72.18
CA GLY H 73 4.29 -67.24 -70.97
C GLY H 73 3.49 -68.51 -71.06
N VAL H 74 2.96 -68.83 -72.25
CA VAL H 74 2.20 -70.07 -72.42
C VAL H 74 3.11 -71.27 -72.22
N ASN H 75 4.38 -71.17 -72.63
CA ASN H 75 5.32 -72.29 -72.56
C ASN H 75 5.73 -72.51 -71.10
N LEU H 76 4.84 -73.16 -70.36
CA LEU H 76 5.10 -73.51 -68.97
C LEU H 76 4.40 -74.82 -68.67
N THR H 77 4.93 -75.55 -67.69
CA THR H 77 4.29 -76.78 -67.26
C THR H 77 3.06 -76.48 -66.42
N GLU H 78 2.10 -77.42 -66.43
CA GLU H 78 0.93 -77.29 -65.56
C GLU H 78 1.33 -77.32 -64.10
N ARG H 79 2.43 -78.02 -63.77
CA ARG H 79 2.92 -78.03 -62.39
C ARG H 79 3.40 -76.64 -61.98
N ALA H 80 3.97 -75.88 -62.91
CA ALA H 80 4.53 -74.58 -62.58
C ALA H 80 3.47 -73.62 -62.08
N LEU H 81 2.27 -73.67 -62.68
CA LEU H 81 1.20 -72.77 -62.28
C LEU H 81 0.71 -73.03 -60.86
N ARG H 82 0.90 -74.24 -60.34
CA ARG H 82 0.50 -74.58 -58.99
C ARG H 82 1.66 -74.50 -58.00
N TYR H 83 2.79 -73.92 -58.41
CA TYR H 83 4.00 -73.86 -57.60
C TYR H 83 4.50 -75.26 -57.24
N ASN H 84 4.21 -76.22 -58.12
CA ASN H 84 4.78 -77.56 -58.08
C ASN H 84 6.16 -77.51 -58.74
N GLY H 85 6.68 -78.64 -59.19
CA GLY H 85 8.06 -78.66 -59.65
C GLY H 85 8.82 -79.91 -59.28
N THR H 86 8.10 -80.97 -58.91
CA THR H 86 8.72 -82.28 -58.79
C THR H 86 9.41 -82.69 -60.09
N ARG H 87 8.90 -82.21 -61.23
CA ARG H 87 9.57 -82.33 -62.53
C ARG H 87 9.84 -83.79 -62.90
N PHE H 88 8.75 -84.49 -63.15
CA PHE H 88 8.74 -85.83 -63.72
C PHE H 88 9.21 -86.88 -62.72
N GLY H 89 9.83 -87.94 -63.21
CA GLY H 89 10.25 -89.04 -62.38
C GLY H 89 10.43 -90.30 -63.21
N GLN H 90 10.63 -91.41 -62.51
CA GLN H 90 10.88 -92.68 -63.18
C GLN H 90 9.68 -93.18 -63.97
N GLY H 91 8.47 -92.75 -63.62
CA GLY H 91 7.27 -93.24 -64.26
C GLY H 91 6.65 -92.33 -65.29
N GLU H 92 7.20 -91.15 -65.53
CA GLU H 92 6.62 -90.17 -66.43
C GLU H 92 7.60 -89.88 -67.56
N THR H 93 7.08 -89.89 -68.80
CA THR H 93 7.85 -89.52 -69.98
C THR H 93 7.10 -88.50 -70.83
N THR H 94 6.04 -87.92 -70.30
CA THR H 94 5.19 -86.99 -71.02
C THR H 94 5.02 -85.71 -70.19
N ALA H 95 5.17 -84.56 -70.84
CA ALA H 95 5.02 -83.28 -70.18
C ALA H 95 3.72 -82.62 -70.64
N THR H 96 2.96 -82.11 -69.68
CA THR H 96 1.73 -81.37 -69.96
C THR H 96 1.99 -79.89 -69.77
N LYS H 97 1.73 -79.11 -70.82
CA LYS H 97 1.97 -77.67 -70.77
C LYS H 97 0.81 -76.98 -70.04
N ALA H 98 0.86 -75.65 -70.01
CA ALA H 98 -0.21 -74.89 -69.37
C ALA H 98 -1.53 -75.07 -70.10
N ASN H 99 -1.49 -75.15 -71.43
CA ASN H 99 -2.70 -75.36 -72.21
C ASN H 99 -3.06 -76.84 -72.36
N GLY H 100 -2.22 -77.75 -71.89
CA GLY H 100 -2.51 -79.16 -71.95
C GLY H 100 -2.07 -79.82 -73.23
N ALA H 101 -0.83 -79.54 -73.65
CA ALA H 101 -0.26 -80.10 -74.86
C ALA H 101 0.77 -81.15 -74.50
N THR H 102 0.67 -82.32 -75.12
CA THR H 102 1.62 -83.39 -74.86
C THR H 102 2.99 -83.03 -75.44
N VAL H 103 4.03 -83.16 -74.61
CA VAL H 103 5.40 -82.90 -75.02
C VAL H 103 6.22 -84.14 -74.70
N GLN H 104 6.96 -84.62 -75.69
CA GLN H 104 7.83 -85.77 -75.49
C GLN H 104 9.15 -85.35 -74.86
N LEU H 105 9.74 -86.27 -74.09
CA LEU H 105 11.00 -86.03 -73.40
C LEU H 105 12.17 -86.71 -74.10
N ASN H 106 12.12 -86.80 -75.43
CA ASN H 106 13.18 -87.48 -76.17
C ASN H 106 14.50 -86.74 -76.05
N ASP H 107 14.46 -85.41 -76.14
CA ASP H 107 15.68 -84.61 -76.12
C ASP H 107 15.45 -83.35 -75.31
N GLU H 108 16.55 -82.78 -74.80
CA GLU H 108 16.47 -81.56 -74.01
C GLU H 108 16.07 -80.35 -74.83
N ALA H 109 16.34 -80.36 -76.14
CA ALA H 109 16.03 -79.21 -76.98
C ALA H 109 14.53 -78.93 -76.98
N THR H 110 13.72 -79.95 -77.26
CA THR H 110 12.27 -79.76 -77.26
C THR H 110 11.75 -79.42 -75.87
N ILE H 111 12.35 -80.02 -74.83
CA ILE H 111 11.92 -79.76 -73.46
C ILE H 111 12.10 -78.30 -73.11
N ILE H 112 13.28 -77.75 -73.42
CA ILE H 112 13.52 -76.34 -73.11
C ILE H 112 12.81 -75.41 -74.09
N LYS H 113 12.45 -75.89 -75.27
CA LYS H 113 11.69 -75.06 -76.20
C LYS H 113 10.22 -74.93 -75.76
N GLU H 114 9.62 -76.02 -75.30
CA GLU H 114 8.22 -76.02 -74.92
C GLU H 114 7.98 -75.67 -73.45
N LEU H 115 9.02 -75.76 -72.62
CA LEU H 115 8.89 -75.47 -71.20
C LEU H 115 9.91 -74.43 -70.80
N ALA H 116 9.54 -73.59 -69.84
CA ALA H 116 10.41 -72.54 -69.32
C ALA H 116 10.98 -72.86 -67.95
N ASP H 117 10.20 -73.47 -67.07
CA ASP H 117 10.71 -73.86 -65.77
C ASP H 117 11.80 -74.92 -65.89
N ALA H 118 11.60 -75.89 -66.78
CA ALA H 118 12.61 -76.93 -66.98
C ALA H 118 13.89 -76.37 -67.57
N ASP H 119 13.78 -75.29 -68.36
CA ASP H 119 14.97 -74.69 -68.95
C ASP H 119 15.83 -74.01 -67.88
N VAL H 120 15.21 -73.23 -67.01
CA VAL H 120 15.97 -72.41 -66.07
C VAL H 120 16.38 -73.23 -64.85
N HIS H 121 15.43 -73.96 -64.25
CA HIS H 121 15.68 -74.68 -63.01
C HIS H 121 16.03 -76.15 -63.24
N GLY H 122 16.26 -76.56 -64.49
CA GLY H 122 16.65 -77.92 -64.76
C GLY H 122 15.47 -78.88 -64.65
N PHE H 123 15.79 -80.16 -64.80
CA PHE H 123 14.79 -81.24 -64.72
C PHE H 123 15.54 -82.57 -64.67
N LEU H 124 14.79 -83.66 -64.72
CA LEU H 124 15.36 -85.00 -64.77
C LEU H 124 14.39 -85.93 -65.47
N ALA H 125 14.91 -86.74 -66.38
CA ALA H 125 14.13 -87.69 -67.18
C ALA H 125 14.75 -89.06 -67.06
N PRO H 126 14.37 -89.86 -66.06
CA PRO H 126 15.00 -91.17 -65.89
C PRO H 126 14.81 -92.11 -67.06
N LYS H 127 13.79 -91.87 -67.90
CA LYS H 127 13.53 -92.75 -69.05
C LYS H 127 14.71 -92.77 -70.01
N THR H 128 15.21 -91.59 -70.39
CA THR H 128 16.29 -91.48 -71.37
C THR H 128 17.42 -90.58 -70.91
N GLY H 129 17.49 -90.27 -69.61
CA GLY H 129 18.53 -89.38 -69.11
C GLY H 129 18.18 -87.94 -69.34
N ARG H 130 18.85 -87.30 -70.30
CA ARG H 130 18.57 -85.92 -70.69
C ARG H 130 18.63 -84.98 -69.48
N ARG H 131 19.61 -85.22 -68.61
CA ARG H 131 19.76 -84.42 -67.41
C ARG H 131 20.19 -83.00 -67.77
N ARG H 132 19.53 -82.01 -67.18
CA ARG H 132 19.91 -80.61 -67.34
C ARG H 132 20.05 -80.00 -65.95
N VAL H 133 21.24 -79.49 -65.65
CA VAL H 133 21.50 -78.92 -64.34
C VAL H 133 20.80 -77.56 -64.22
N SER H 134 20.52 -77.17 -62.98
CA SER H 134 19.90 -75.88 -62.74
C SER H 134 20.85 -74.74 -63.09
N LEU H 135 20.32 -73.72 -63.77
CA LEU H 135 21.13 -72.56 -64.12
C LEU H 135 21.25 -71.57 -62.98
N VAL H 136 20.42 -71.69 -61.95
CA VAL H 136 20.43 -70.80 -60.81
C VAL H 136 20.69 -71.63 -59.56
N LYS H 137 21.71 -71.26 -58.80
CA LYS H 137 22.07 -71.94 -57.58
C LYS H 137 22.11 -70.95 -56.42
N ALA H 138 21.77 -71.44 -55.23
CA ALA H 138 21.71 -70.61 -54.03
C ALA H 138 22.39 -71.34 -52.89
N SER H 139 22.91 -70.56 -51.94
CA SER H 139 23.56 -71.09 -50.76
C SER H 139 22.62 -71.01 -49.56
N PHE H 140 23.12 -71.42 -48.41
CA PHE H 140 22.34 -71.34 -47.17
C PHE H 140 22.27 -69.89 -46.69
N ILE H 141 21.50 -69.66 -45.64
CA ILE H 141 21.27 -68.33 -45.09
C ILE H 141 21.71 -68.37 -43.64
N LEU H 142 22.96 -68.01 -43.38
CA LEU H 142 23.48 -68.05 -42.03
C LEU H 142 23.67 -66.64 -41.48
N PRO H 143 23.47 -66.43 -40.19
CA PRO H 143 23.91 -65.18 -39.57
C PRO H 143 25.41 -65.02 -39.72
N THR H 144 25.85 -63.79 -39.96
CA THR H 144 27.26 -63.55 -40.21
C THR H 144 28.09 -63.90 -38.96
N GLU H 145 29.34 -64.33 -39.21
CA GLU H 145 30.19 -64.73 -38.10
C GLU H 145 30.53 -63.55 -37.20
N ASP H 146 30.49 -62.32 -37.73
CA ASP H 146 30.68 -61.14 -36.88
C ASP H 146 29.55 -61.03 -35.85
N PHE H 147 28.31 -61.26 -36.29
CA PHE H 147 27.18 -61.24 -35.37
C PHE H 147 27.32 -62.32 -34.30
N ILE H 148 27.71 -63.53 -34.71
CA ILE H 148 27.87 -64.62 -33.76
C ILE H 148 28.97 -64.30 -32.75
N LYS H 149 30.09 -63.75 -33.22
CA LYS H 149 31.15 -63.35 -32.31
C LYS H 149 30.69 -62.30 -31.33
N GLU H 150 29.94 -61.31 -31.81
CA GLU H 150 29.57 -60.18 -30.96
C GLU H 150 28.43 -60.49 -30.01
N VAL H 151 27.64 -61.53 -30.27
CA VAL H 151 26.58 -61.89 -29.34
C VAL H 151 27.06 -62.90 -28.29
N GLU H 152 27.93 -63.83 -28.67
CA GLU H 152 28.46 -64.85 -27.77
C GLU H 152 27.33 -65.62 -27.09
N GLY H 153 26.76 -65.02 -26.04
CA GLY H 153 25.62 -65.60 -25.36
C GLY H 153 24.32 -65.27 -26.06
N GLU H 154 23.24 -65.22 -25.28
CA GLU H 154 21.90 -64.83 -25.74
C GLU H 154 21.31 -65.88 -26.67
N ARG H 155 19.98 -66.04 -26.63
CA ARG H 155 19.32 -67.10 -27.37
C ARG H 155 18.88 -66.67 -28.76
N LEU H 156 18.30 -65.47 -28.86
CA LEU H 156 17.69 -64.96 -30.10
C LEU H 156 16.76 -65.99 -30.76
N ILE H 157 16.24 -66.92 -29.95
CA ILE H 157 15.25 -67.90 -30.39
C ILE H 157 14.13 -67.86 -29.36
N THR H 158 12.93 -67.50 -29.80
CA THR H 158 11.78 -67.38 -28.93
C THR H 158 10.74 -68.42 -29.28
N ALA H 159 10.32 -69.21 -28.29
CA ALA H 159 9.27 -70.20 -28.46
C ALA H 159 7.94 -69.53 -28.06
N ILE H 160 7.18 -69.09 -29.05
CA ILE H 160 5.92 -68.39 -28.83
C ILE H 160 4.78 -69.37 -29.02
N LYS H 161 3.84 -69.39 -28.09
CA LYS H 161 2.76 -70.37 -28.08
C LYS H 161 1.50 -69.76 -28.68
N HIS H 162 0.83 -70.54 -29.54
CA HIS H 162 -0.42 -70.13 -30.16
C HIS H 162 -1.48 -71.20 -29.91
N ASN H 163 -2.70 -70.75 -29.64
CA ASN H 163 -3.83 -71.64 -29.40
C ASN H 163 -4.76 -71.64 -30.60
N ARG H 164 -5.64 -72.65 -30.65
CA ARG H 164 -6.69 -72.75 -31.66
C ARG H 164 -8.00 -73.00 -30.91
N VAL H 165 -8.66 -71.92 -30.48
CA VAL H 165 -9.91 -72.06 -29.75
C VAL H 165 -11.03 -72.42 -30.73
N ASP H 166 -11.87 -73.37 -30.33
CA ASP H 166 -13.00 -73.84 -31.12
C ASP H 166 -14.23 -73.86 -30.24
N VAL H 167 -15.04 -72.80 -30.31
CA VAL H 167 -16.28 -72.74 -29.55
C VAL H 167 -17.28 -73.73 -30.13
N ASP H 168 -18.06 -74.36 -29.24
CA ASP H 168 -19.02 -75.37 -29.67
C ASP H 168 -20.27 -74.69 -30.22
N GLU H 169 -21.35 -75.45 -30.35
CA GLU H 169 -22.52 -74.95 -31.06
C GLU H 169 -23.18 -73.80 -30.31
N LYS H 170 -23.23 -73.88 -28.97
CA LYS H 170 -23.71 -72.73 -28.22
C LYS H 170 -22.56 -71.85 -27.74
N GLY H 171 -21.78 -72.35 -26.78
CA GLY H 171 -20.59 -71.65 -26.33
C GLY H 171 -19.50 -72.54 -25.78
N ALA H 172 -19.67 -73.86 -25.90
CA ALA H 172 -18.83 -74.78 -25.15
C ALA H 172 -17.48 -74.98 -25.83
N ILE H 173 -16.62 -75.76 -25.17
CA ILE H 173 -15.27 -76.03 -25.65
C ILE H 173 -14.80 -77.34 -25.04
N GLY H 174 -13.92 -78.04 -25.76
CA GLY H 174 -13.38 -79.30 -25.27
C GLY H 174 -11.92 -79.41 -25.61
N SER H 175 -11.22 -80.28 -24.87
CA SER H 175 -9.78 -80.46 -25.03
C SER H 175 -9.43 -81.61 -25.96
N SER H 176 -9.79 -82.84 -25.57
CA SER H 176 -9.42 -84.00 -26.38
C SER H 176 -10.48 -85.10 -26.43
N LYS H 177 -11.65 -84.91 -25.83
CA LYS H 177 -12.66 -85.95 -25.79
C LYS H 177 -13.95 -85.62 -26.51
N GLU H 178 -14.21 -84.34 -26.80
CA GLU H 178 -15.42 -83.94 -27.52
C GLU H 178 -15.26 -84.02 -29.04
N GLY H 179 -14.07 -84.34 -29.53
CA GLY H 179 -13.83 -84.41 -30.95
C GLY H 179 -13.57 -83.09 -31.63
N THR H 180 -13.58 -81.99 -30.88
CA THR H 180 -13.34 -80.68 -31.45
C THR H 180 -11.85 -80.46 -31.70
N ALA H 181 -11.52 -79.31 -32.28
CA ALA H 181 -10.13 -78.95 -32.61
C ALA H 181 -9.72 -77.78 -31.74
N GLN H 182 -9.24 -78.08 -30.54
CA GLN H 182 -8.75 -77.07 -29.60
C GLN H 182 -7.39 -77.53 -29.09
N MET H 183 -6.32 -76.92 -29.60
CA MET H 183 -4.97 -77.30 -29.24
C MET H 183 -4.14 -76.06 -28.93
N LEU H 184 -2.94 -76.30 -28.42
CA LEU H 184 -2.01 -75.25 -27.99
C LEU H 184 -0.62 -75.65 -28.46
N PHE H 185 -0.17 -75.10 -29.59
CA PHE H 185 1.11 -75.45 -30.17
C PHE H 185 2.09 -74.31 -29.97
N SER H 186 3.33 -74.53 -30.40
CA SER H 186 4.39 -73.55 -30.23
C SER H 186 5.19 -73.43 -31.52
N ARG H 187 5.76 -72.24 -31.74
CA ARG H 187 6.56 -71.96 -32.92
C ARG H 187 7.83 -71.21 -32.49
N GLU H 188 8.94 -71.52 -33.15
CA GLU H 188 10.22 -70.91 -32.86
C GLU H 188 10.47 -69.76 -33.82
N TYR H 189 10.74 -68.58 -33.28
CA TYR H 189 11.00 -67.37 -34.05
C TYR H 189 12.43 -66.92 -33.80
N ALA H 190 13.15 -66.64 -34.89
CA ALA H 190 14.56 -66.28 -34.84
C ALA H 190 14.76 -64.83 -35.27
N THR H 191 15.95 -64.31 -34.96
CA THR H 191 16.35 -62.97 -35.35
C THR H 191 17.78 -63.03 -35.87
N GLY H 192 18.38 -61.86 -36.08
CA GLY H 192 19.77 -61.76 -36.44
C GLY H 192 19.97 -61.23 -37.86
N LEU H 193 21.22 -60.91 -38.15
CA LEU H 193 21.64 -60.43 -39.46
C LEU H 193 22.23 -61.59 -40.24
N TYR H 194 21.51 -62.05 -41.26
CA TYR H 194 21.88 -63.24 -42.02
C TYR H 194 22.67 -62.86 -43.27
N GLY H 195 23.31 -63.86 -43.85
CA GLY H 195 24.08 -63.69 -45.07
C GLY H 195 23.53 -64.54 -46.19
N PHE H 196 23.46 -63.96 -47.39
CA PHE H 196 22.90 -64.64 -48.56
C PHE H 196 23.88 -64.54 -49.73
N SER H 197 23.76 -65.50 -50.64
CA SER H 197 24.62 -65.55 -51.82
C SER H 197 23.94 -66.43 -52.87
N ILE H 198 23.78 -65.88 -54.08
CA ILE H 198 23.17 -66.59 -55.19
C ILE H 198 24.02 -66.42 -56.44
N VAL H 199 23.95 -67.41 -57.33
CA VAL H 199 24.69 -67.41 -58.59
C VAL H 199 23.71 -67.78 -59.70
N LEU H 200 23.53 -66.87 -60.66
CA LEU H 200 22.61 -67.08 -61.78
C LEU H 200 23.43 -67.15 -63.06
N ASP H 201 23.48 -68.33 -63.66
CA ASP H 201 24.14 -68.52 -64.95
C ASP H 201 23.12 -68.44 -66.08
N LEU H 202 22.51 -67.26 -66.22
CA LEU H 202 21.45 -67.05 -67.18
C LEU H 202 21.95 -67.04 -68.62
N GLY H 203 23.26 -67.03 -68.84
CA GLY H 203 23.79 -67.00 -70.20
C GLY H 203 23.53 -68.26 -71.01
N LEU H 204 23.02 -69.32 -70.38
CA LEU H 204 22.77 -70.59 -71.05
C LEU H 204 21.27 -70.83 -71.29
N VAL H 205 20.43 -69.81 -71.05
CA VAL H 205 19.00 -69.98 -71.20
C VAL H 205 18.66 -70.15 -72.68
N GLY H 206 17.97 -71.24 -73.01
CA GLY H 206 17.58 -71.52 -74.37
C GLY H 206 18.59 -72.30 -75.18
N ILE H 207 19.78 -72.56 -74.63
CA ILE H 207 20.82 -73.32 -75.31
C ILE H 207 20.82 -74.73 -74.74
N PRO H 208 20.72 -75.77 -75.58
CA PRO H 208 20.78 -77.14 -75.07
C PRO H 208 22.08 -77.40 -74.32
N GLN H 209 21.99 -78.23 -73.29
CA GLN H 209 23.15 -78.53 -72.46
C GLN H 209 24.24 -79.25 -73.27
N GLY H 210 23.84 -80.18 -74.13
CA GLY H 210 24.82 -80.97 -74.84
C GLY H 210 25.52 -80.23 -75.96
N LEU H 211 24.90 -79.19 -76.51
CA LEU H 211 25.42 -78.46 -77.66
C LEU H 211 25.48 -76.97 -77.32
N PRO H 212 26.53 -76.54 -76.60
CA PRO H 212 26.66 -75.11 -76.31
C PRO H 212 26.78 -74.24 -77.55
N VAL H 213 27.42 -74.73 -78.61
CA VAL H 213 27.58 -73.99 -79.85
C VAL H 213 27.29 -74.93 -81.02
N LYS H 214 26.93 -74.33 -82.16
CA LYS H 214 26.63 -75.11 -83.35
C LYS H 214 27.86 -75.30 -84.24
N PHE H 215 28.64 -74.25 -84.45
CA PHE H 215 29.89 -74.30 -85.22
C PHE H 215 29.69 -74.97 -86.58
N GLU H 216 28.86 -74.33 -87.41
CA GLU H 216 28.56 -74.82 -88.75
C GLU H 216 29.24 -74.03 -89.85
N GLU H 217 29.27 -72.70 -89.74
CA GLU H 217 29.89 -71.83 -90.74
C GLU H 217 31.28 -71.38 -90.32
N ASN H 218 31.98 -72.21 -89.54
CA ASN H 218 33.31 -71.89 -89.01
C ASN H 218 33.28 -70.68 -88.09
N GLN H 219 32.15 -70.46 -87.42
CA GLN H 219 32.06 -69.50 -86.33
C GLN H 219 31.39 -70.19 -85.15
N PRO H 220 31.92 -70.08 -83.94
CA PRO H 220 31.31 -70.73 -82.77
C PRO H 220 30.11 -69.96 -82.21
N ARG H 221 29.08 -69.81 -83.05
CA ARG H 221 27.88 -69.11 -82.63
C ARG H 221 27.11 -69.94 -81.61
N PRO H 222 26.46 -69.28 -80.64
CA PRO H 222 25.67 -70.03 -79.66
C PRO H 222 24.53 -70.79 -80.32
N ASN H 223 24.26 -71.99 -79.80
CA ASN H 223 23.20 -72.84 -80.32
C ASN H 223 21.91 -72.51 -79.58
N ILE H 224 21.30 -71.40 -79.97
CA ILE H 224 20.01 -70.97 -79.40
C ILE H 224 18.91 -71.66 -80.21
N VAL H 225 18.31 -72.69 -79.63
CA VAL H 225 17.25 -73.43 -80.32
C VAL H 225 15.93 -72.69 -80.32
N ILE H 226 15.82 -71.62 -79.54
CA ILE H 226 14.57 -70.89 -79.39
C ILE H 226 14.70 -69.50 -80.02
N ASP H 227 13.59 -68.78 -80.07
CA ASP H 227 13.59 -67.45 -80.64
C ASP H 227 14.28 -66.47 -79.68
N PRO H 228 15.07 -65.52 -80.20
CA PRO H 228 15.75 -64.58 -79.30
C PRO H 228 14.81 -63.74 -78.46
N ASN H 229 13.61 -63.42 -78.97
CA ASN H 229 12.70 -62.53 -78.25
C ASN H 229 12.28 -63.15 -76.92
N GLU H 230 11.78 -64.38 -76.94
CA GLU H 230 11.35 -64.96 -75.68
C GLU H 230 12.50 -65.54 -74.88
N ARG H 231 13.68 -65.74 -75.48
CA ARG H 231 14.88 -65.95 -74.68
C ARG H 231 15.19 -64.74 -73.82
N LYS H 232 15.12 -63.55 -74.43
CA LYS H 232 15.27 -62.32 -73.66
C LYS H 232 14.16 -62.17 -72.63
N ALA H 233 12.94 -62.58 -72.98
CA ALA H 233 11.84 -62.56 -72.02
C ALA H 233 12.13 -63.46 -70.83
N ARG H 234 12.68 -64.66 -71.07
CA ARG H 234 13.06 -65.54 -69.98
C ARG H 234 14.14 -64.91 -69.11
N ILE H 235 15.13 -64.27 -69.75
CA ILE H 235 16.18 -63.60 -68.98
C ILE H 235 15.59 -62.51 -68.09
N GLU H 236 14.69 -61.70 -68.65
CA GLU H 236 14.09 -60.61 -67.90
C GLU H 236 13.25 -61.14 -66.75
N SER H 237 12.48 -62.21 -67.00
CA SER H 237 11.67 -62.79 -65.94
C SER H 237 12.53 -63.36 -64.82
N ALA H 238 13.61 -64.04 -65.17
CA ALA H 238 14.51 -64.59 -64.15
C ALA H 238 15.17 -63.48 -63.35
N LEU H 239 15.55 -62.39 -64.01
CA LEU H 239 16.17 -61.28 -63.29
C LEU H 239 15.17 -60.54 -62.40
N LYS H 240 13.92 -60.42 -62.85
CA LYS H 240 12.88 -59.78 -62.04
C LYS H 240 12.41 -60.66 -60.90
N ALA H 241 12.59 -61.98 -61.00
CA ALA H 241 12.22 -62.86 -59.90
C ALA H 241 13.04 -62.57 -58.64
N LEU H 242 14.17 -61.87 -58.77
CA LEU H 242 14.95 -61.50 -57.61
C LEU H 242 14.23 -60.49 -56.74
N ILE H 243 13.36 -59.67 -57.33
CA ILE H 243 12.66 -58.65 -56.55
C ILE H 243 11.75 -59.26 -55.48
N PRO H 244 10.89 -60.25 -55.77
CA PRO H 244 10.11 -60.86 -54.69
C PRO H 244 10.87 -61.95 -53.95
N MET H 245 12.16 -61.71 -53.69
CA MET H 245 12.91 -62.53 -52.74
C MET H 245 13.54 -61.67 -51.66
N LEU H 246 14.23 -60.59 -52.03
CA LEU H 246 14.80 -59.68 -51.03
C LEU H 246 13.79 -58.61 -50.63
N SER H 247 12.59 -59.05 -50.30
CA SER H 247 11.57 -58.19 -49.71
C SER H 247 10.82 -58.86 -48.56
N GLY H 248 10.94 -60.16 -48.38
CA GLY H 248 10.23 -60.85 -47.32
C GLY H 248 9.45 -62.05 -47.83
N TYR H 249 9.66 -62.40 -49.10
CA TYR H 249 8.92 -63.49 -49.74
C TYR H 249 9.74 -64.76 -49.84
N ILE H 250 10.54 -65.05 -48.83
CA ILE H 250 11.30 -66.30 -48.75
C ILE H 250 10.91 -67.00 -47.45
N GLY H 251 10.77 -68.32 -47.51
CA GLY H 251 10.60 -69.12 -46.32
C GLY H 251 9.18 -69.62 -46.13
N ALA H 252 8.89 -69.94 -44.87
CA ALA H 252 7.62 -70.55 -44.48
C ALA H 252 6.91 -69.65 -43.47
N ASN H 253 5.69 -70.05 -43.11
CA ASN H 253 4.86 -69.33 -42.17
C ASN H 253 4.65 -67.88 -42.63
N LEU H 254 4.50 -67.71 -43.95
CA LEU H 254 4.35 -66.36 -44.50
C LEU H 254 3.07 -65.70 -44.04
N ALA H 255 2.00 -66.47 -43.84
CA ALA H 255 0.72 -65.90 -43.45
C ALA H 255 0.79 -65.26 -42.07
N ARG H 256 1.47 -65.92 -41.12
CA ARG H 256 1.48 -65.45 -39.73
C ARG H 256 2.76 -64.72 -39.34
N SER H 257 3.85 -64.87 -40.10
CA SER H 257 5.11 -64.24 -39.74
C SER H 257 5.47 -63.10 -40.67
N PHE H 258 5.61 -63.37 -41.99
CA PHE H 258 6.06 -62.38 -42.97
C PHE H 258 7.27 -61.62 -42.44
N PRO H 259 8.45 -62.23 -42.48
CA PRO H 259 9.59 -61.72 -41.71
C PRO H 259 9.84 -60.23 -41.92
N VAL H 260 10.24 -59.57 -40.84
CA VAL H 260 10.53 -58.14 -40.86
C VAL H 260 11.83 -57.95 -41.63
N PHE H 261 11.72 -57.60 -42.90
CA PHE H 261 12.82 -57.70 -43.85
C PHE H 261 13.45 -56.34 -44.12
N LYS H 262 14.78 -56.33 -44.20
CA LYS H 262 15.53 -55.13 -44.58
C LYS H 262 16.89 -55.58 -45.07
N VAL H 263 17.15 -55.41 -46.37
CA VAL H 263 18.46 -55.74 -46.91
C VAL H 263 19.47 -54.72 -46.41
N GLU H 264 20.57 -55.21 -45.85
CA GLU H 264 21.57 -54.33 -45.25
C GLU H 264 22.62 -53.90 -46.26
N GLU H 265 23.31 -54.86 -46.87
CA GLU H 265 24.34 -54.54 -47.85
C GLU H 265 24.46 -55.69 -48.84
N LEU H 266 25.01 -55.38 -50.01
CA LEU H 266 25.17 -56.41 -51.03
C LEU H 266 26.18 -55.97 -52.09
N VAL H 267 26.78 -56.96 -52.74
CA VAL H 267 27.64 -56.75 -53.89
C VAL H 267 27.20 -57.73 -54.98
N ALA H 268 27.13 -57.23 -56.22
CA ALA H 268 26.76 -58.05 -57.35
C ALA H 268 27.72 -57.80 -58.49
N ILE H 269 28.03 -58.86 -59.24
CA ILE H 269 28.85 -58.75 -60.44
C ILE H 269 28.12 -59.40 -61.59
N ALA H 270 28.19 -58.77 -62.76
CA ALA H 270 27.53 -59.25 -63.96
C ALA H 270 28.50 -59.23 -65.12
N SER H 271 28.42 -60.27 -65.96
CA SER H 271 29.29 -60.38 -67.13
C SER H 271 28.61 -61.26 -68.16
N GLU H 272 29.12 -61.16 -69.39
CA GLU H 272 28.62 -61.95 -70.51
C GLU H 272 29.33 -63.29 -70.66
N GLY H 273 30.38 -63.54 -69.89
CA GLY H 273 31.12 -64.78 -69.97
C GLY H 273 31.18 -65.49 -68.64
N PRO H 274 31.76 -66.70 -68.63
CA PRO H 274 31.89 -67.44 -67.37
C PRO H 274 32.75 -66.69 -66.37
N ILE H 275 32.23 -66.58 -65.15
CA ILE H 275 32.89 -65.82 -64.08
C ILE H 275 32.73 -66.56 -62.76
N PRO H 276 33.64 -66.35 -61.83
CA PRO H 276 33.55 -67.04 -60.54
C PRO H 276 32.72 -66.30 -59.51
N ALA H 277 32.09 -67.07 -58.63
CA ALA H 277 31.40 -66.50 -57.48
C ALA H 277 32.41 -65.86 -56.53
N LEU H 278 31.97 -64.81 -55.84
CA LEU H 278 32.92 -63.98 -55.09
C LEU H 278 33.26 -64.60 -53.75
N VAL H 279 32.31 -64.58 -52.82
CA VAL H 279 32.44 -65.21 -51.50
C VAL H 279 31.08 -65.15 -50.84
N HIS H 280 30.81 -66.06 -49.91
CA HIS H 280 29.57 -65.98 -49.15
C HIS H 280 29.61 -64.79 -48.19
N GLY H 281 28.43 -64.29 -47.85
CA GLY H 281 28.32 -63.18 -46.91
C GLY H 281 28.43 -63.56 -45.46
N PHE H 282 28.56 -64.86 -45.15
CA PHE H 282 28.69 -65.30 -43.77
C PHE H 282 30.03 -64.87 -43.18
N TYR H 283 31.05 -64.71 -44.01
CA TYR H 283 32.38 -64.37 -43.52
C TYR H 283 32.47 -62.90 -43.16
N GLU H 284 33.22 -62.62 -42.10
CA GLU H 284 33.38 -61.24 -41.62
C GLU H 284 34.15 -60.39 -42.63
N ASP H 285 35.19 -60.96 -43.23
CA ASP H 285 36.07 -60.24 -44.16
C ASP H 285 35.67 -60.45 -45.61
N TYR H 286 34.37 -60.60 -45.88
CA TYR H 286 33.92 -60.88 -47.24
C TYR H 286 34.03 -59.69 -48.17
N ILE H 287 34.04 -58.47 -47.64
CA ILE H 287 34.16 -57.28 -48.50
C ILE H 287 35.56 -57.22 -49.11
N GLU H 288 36.59 -57.40 -48.28
CA GLU H 288 37.96 -57.43 -48.80
C GLU H 288 38.18 -58.61 -49.73
N ALA H 289 37.55 -59.75 -49.45
CA ALA H 289 37.62 -60.88 -50.37
C ALA H 289 37.00 -60.54 -51.71
N ASN H 290 35.86 -59.84 -51.69
CA ASN H 290 35.24 -59.40 -52.94
C ASN H 290 36.17 -58.47 -53.71
N ARG H 291 36.78 -57.51 -53.01
CA ARG H 291 37.68 -56.56 -53.67
C ARG H 291 38.86 -57.30 -54.31
N SER H 292 39.48 -58.21 -53.56
CA SER H 292 40.61 -58.96 -54.08
C SER H 292 40.21 -59.81 -55.27
N ILE H 293 39.06 -60.49 -55.18
CA ILE H 293 38.67 -61.40 -56.25
C ILE H 293 38.31 -60.64 -57.52
N ILE H 294 37.66 -59.46 -57.38
CA ILE H 294 37.32 -58.70 -58.57
C ILE H 294 38.57 -58.11 -59.20
N LYS H 295 39.53 -57.65 -58.38
CA LYS H 295 40.78 -57.15 -58.93
C LYS H 295 41.52 -58.24 -59.67
N ASN H 296 41.59 -59.45 -59.09
CA ASN H 296 42.27 -60.56 -59.74
C ASN H 296 41.57 -60.97 -61.02
N ALA H 297 40.23 -61.01 -61.02
CA ALA H 297 39.49 -61.38 -62.22
C ALA H 297 39.70 -60.36 -63.32
N ARG H 298 39.69 -59.07 -62.99
CA ARG H 298 39.95 -58.04 -63.99
C ARG H 298 41.39 -58.06 -64.46
N ALA H 299 42.32 -58.54 -63.63
CA ALA H 299 43.71 -58.65 -64.08
C ALA H 299 43.89 -59.71 -65.15
N LEU H 300 43.04 -60.75 -65.15
CA LEU H 300 43.14 -61.83 -66.12
C LEU H 300 42.45 -61.51 -67.44
N GLY H 301 41.81 -60.36 -67.56
CA GLY H 301 41.14 -59.99 -68.79
C GLY H 301 39.68 -60.38 -68.82
N PHE H 302 38.93 -59.95 -67.81
CA PHE H 302 37.49 -60.22 -67.72
C PHE H 302 36.73 -58.90 -67.68
N ASN H 303 35.62 -58.85 -68.40
CA ASN H 303 34.75 -57.67 -68.45
C ASN H 303 33.63 -57.85 -67.42
N ILE H 304 33.80 -57.22 -66.26
CA ILE H 304 32.88 -57.37 -65.14
C ILE H 304 32.27 -56.01 -64.82
N GLU H 305 30.96 -56.01 -64.58
CA GLU H 305 30.24 -54.83 -64.12
C GLU H 305 29.81 -55.08 -62.68
N VAL H 306 30.23 -54.20 -61.77
CA VAL H 306 30.09 -54.41 -60.34
C VAL H 306 29.16 -53.35 -59.76
N PHE H 307 28.16 -53.81 -59.00
CA PHE H 307 27.20 -52.94 -58.31
C PHE H 307 27.31 -53.19 -56.82
N THR H 308 27.28 -52.11 -56.04
CA THR H 308 27.44 -52.18 -54.60
C THR H 308 26.33 -51.41 -53.90
N TYR H 309 25.76 -52.01 -52.86
CA TYR H 309 24.74 -51.37 -52.03
C TYR H 309 25.23 -51.39 -50.59
N ASN H 310 25.38 -50.20 -50.00
CA ASN H 310 25.81 -50.04 -48.61
C ASN H 310 27.14 -50.72 -48.34
N VAL H 311 28.08 -50.52 -49.26
CA VAL H 311 29.44 -51.04 -49.11
C VAL H 311 30.35 -50.24 -50.04
N ASP H 312 31.56 -49.96 -49.56
CA ASP H 312 32.49 -49.13 -50.32
C ASP H 312 33.23 -49.94 -51.37
N LEU H 313 33.82 -51.07 -50.97
CA LEU H 313 34.58 -51.93 -51.87
C LEU H 313 35.73 -51.18 -52.55
N GLY H 314 36.33 -50.24 -51.83
CA GLY H 314 37.45 -49.47 -52.36
C GLY H 314 36.99 -48.36 -53.30
N GLU H 315 37.97 -47.55 -53.70
CA GLU H 315 37.74 -46.45 -54.63
C GLU H 315 38.32 -46.71 -56.01
N ASP H 316 39.37 -47.53 -56.11
CA ASP H 316 39.98 -47.81 -57.40
C ASP H 316 39.01 -48.52 -58.34
N ILE H 317 38.23 -49.46 -57.81
CA ILE H 317 37.30 -50.22 -58.65
C ILE H 317 36.12 -49.33 -59.03
N GLU H 318 35.80 -49.30 -60.32
CA GLU H 318 34.67 -48.53 -60.83
C GLU H 318 33.39 -49.32 -60.53
N ALA H 319 32.80 -49.04 -59.37
CA ALA H 319 31.58 -49.69 -58.92
C ALA H 319 30.39 -48.76 -59.09
N THR H 320 29.20 -49.35 -59.17
CA THR H 320 27.97 -48.61 -59.35
C THR H 320 27.20 -48.54 -58.04
N LYS H 321 26.85 -47.32 -57.64
CA LYS H 321 26.04 -47.14 -56.44
C LYS H 321 24.64 -47.67 -56.65
N VAL H 322 24.12 -48.33 -55.62
CA VAL H 322 22.81 -49.00 -55.69
C VAL H 322 21.95 -48.46 -54.56
N SER H 323 20.79 -47.90 -54.93
CA SER H 323 19.84 -47.41 -53.92
C SER H 323 19.08 -48.57 -53.27
N SER H 324 18.72 -49.57 -54.06
CA SER H 324 17.97 -50.73 -53.57
C SER H 324 18.13 -51.86 -54.56
N VAL H 325 17.67 -53.05 -54.16
CA VAL H 325 17.78 -54.23 -55.01
C VAL H 325 17.08 -53.99 -56.35
N GLU H 326 16.00 -53.20 -56.34
CA GLU H 326 15.31 -52.90 -57.59
C GLU H 326 16.14 -52.02 -58.51
N GLU H 327 16.95 -51.12 -57.95
CA GLU H 327 17.88 -50.37 -58.78
C GLU H 327 18.87 -51.31 -59.45
N LEU H 328 19.35 -52.31 -58.72
CA LEU H 328 20.24 -53.31 -59.30
C LEU H 328 19.54 -54.08 -60.42
N VAL H 329 18.28 -54.46 -60.21
CA VAL H 329 17.56 -55.20 -61.24
C VAL H 329 17.33 -54.33 -62.47
N ALA H 330 17.01 -53.06 -62.26
CA ALA H 330 16.81 -52.14 -63.38
C ALA H 330 18.10 -51.94 -64.17
N ASN H 331 19.23 -51.87 -63.47
CA ASN H 331 20.51 -51.78 -64.16
C ASN H 331 20.85 -53.08 -64.89
N LEU H 332 20.42 -54.21 -64.34
CA LEU H 332 20.73 -55.51 -64.95
C LEU H 332 19.90 -55.73 -66.21
N VAL H 333 18.65 -55.29 -66.21
CA VAL H 333 17.76 -55.55 -67.34
C VAL H 333 18.14 -54.69 -68.54
N LYS H 334 19.16 -53.86 -68.38
CA LYS H 334 19.70 -53.12 -69.52
C LYS H 334 20.33 -54.04 -70.56
N MET H 335 20.75 -55.23 -70.17
CA MET H 335 21.35 -56.18 -71.10
C MET H 335 20.34 -57.26 -71.51
N MET I 1 -6.16 -57.22 -57.68
CA MET I 1 -5.63 -56.09 -56.93
C MET I 1 -4.75 -56.55 -55.78
N TYR I 2 -3.52 -56.05 -55.76
CA TYR I 2 -2.56 -56.33 -54.71
C TYR I 2 -2.24 -55.02 -54.00
N VAL I 3 -2.25 -55.03 -52.67
CA VAL I 3 -2.02 -53.82 -51.89
C VAL I 3 -1.13 -54.15 -50.70
N ARG I 4 -0.22 -53.24 -50.39
CA ARG I 4 0.69 -53.36 -49.25
C ARG I 4 0.61 -52.11 -48.40
N ILE I 5 0.57 -52.29 -47.08
CA ILE I 5 0.46 -51.19 -46.12
C ILE I 5 1.56 -51.35 -45.09
N SER I 6 2.22 -50.24 -44.75
CA SER I 6 3.28 -50.28 -43.74
C SER I 6 3.37 -48.91 -43.07
N GLY I 7 3.48 -48.91 -41.74
CA GLY I 7 3.56 -47.66 -41.02
C GLY I 7 3.76 -47.87 -39.54
N ARG I 8 3.58 -46.78 -38.79
CA ARG I 8 3.76 -46.77 -37.35
C ARG I 8 2.43 -46.43 -36.67
N ILE I 9 2.24 -46.96 -35.47
CA ILE I 9 1.06 -46.68 -34.66
C ILE I 9 1.50 -46.39 -33.23
N ARG I 10 1.03 -45.26 -32.69
CA ARG I 10 1.20 -44.98 -31.27
C ARG I 10 0.24 -45.84 -30.47
N LEU I 11 0.71 -46.34 -29.33
CA LEU I 11 -0.07 -47.32 -28.58
C LEU I 11 0.44 -47.35 -27.15
N ASN I 12 -0.41 -46.98 -26.20
CA ASN I 12 -0.04 -46.96 -24.79
C ASN I 12 -1.14 -47.60 -23.96
N ALA I 13 -0.73 -48.23 -22.85
CA ALA I 13 -1.63 -48.92 -21.93
C ALA I 13 -2.43 -50.01 -22.65
N HIS I 14 -1.71 -50.98 -23.21
CA HIS I 14 -2.34 -52.07 -23.96
C HIS I 14 -1.85 -53.40 -23.41
N SER I 15 -2.79 -54.25 -22.98
CA SER I 15 -2.49 -55.64 -22.65
C SER I 15 -2.96 -56.56 -23.78
N LEU I 16 -2.33 -56.41 -24.94
CA LEU I 16 -2.72 -57.17 -26.13
C LEU I 16 -1.83 -58.39 -26.28
N ASN I 17 -2.46 -59.55 -26.52
CA ASN I 17 -1.76 -60.81 -26.79
C ASN I 17 -0.85 -61.18 -25.61
N ALA I 18 -1.50 -61.47 -24.48
CA ALA I 18 -0.79 -61.92 -23.29
C ALA I 18 -0.40 -63.39 -23.42
N GLN I 19 0.35 -63.88 -22.43
CA GLN I 19 0.83 -65.26 -22.43
C GLN I 19 0.00 -66.16 -21.54
N GLY I 20 -0.12 -65.82 -20.26
CA GLY I 20 -0.77 -66.70 -19.31
C GLY I 20 -2.26 -66.81 -19.53
N GLY I 21 -2.84 -67.83 -18.89
CA GLY I 21 -4.26 -68.07 -18.99
C GLY I 21 -5.07 -67.21 -18.04
N GLY I 22 -6.40 -67.28 -18.21
CA GLY I 22 -7.28 -66.48 -17.38
C GLY I 22 -7.25 -66.89 -15.92
N GLY I 23 -7.25 -68.20 -15.65
CA GLY I 23 -7.26 -68.69 -14.29
C GLY I 23 -5.94 -68.54 -13.57
N THR I 24 -4.84 -68.43 -14.30
CA THR I 24 -3.53 -68.31 -13.70
C THR I 24 -3.27 -66.87 -13.27
N ASN I 25 -2.71 -66.71 -12.07
CA ASN I 25 -2.37 -65.38 -11.59
C ASN I 25 -1.17 -64.82 -12.34
N TYR I 26 -1.07 -63.49 -12.37
CA TYR I 26 0.00 -62.77 -13.05
C TYR I 26 0.07 -63.14 -14.53
N ILE I 27 -0.99 -62.75 -15.25
CA ILE I 27 -1.00 -62.93 -16.69
C ILE I 27 0.08 -62.06 -17.30
N GLU I 28 0.96 -62.68 -18.09
CA GLU I 28 2.15 -62.02 -18.62
C GLU I 28 1.96 -61.73 -20.10
N ILE I 29 2.51 -60.61 -20.56
CA ILE I 29 2.42 -60.22 -21.96
C ILE I 29 3.52 -60.92 -22.75
N THR I 30 3.30 -61.09 -24.05
CA THR I 30 4.27 -61.75 -24.91
C THR I 30 5.49 -60.85 -25.12
N LYS I 31 6.66 -61.50 -25.26
CA LYS I 31 7.91 -60.81 -25.49
C LYS I 31 8.60 -61.41 -26.71
N THR I 32 9.34 -60.57 -27.42
CA THR I 32 10.06 -61.00 -28.61
C THR I 32 11.39 -60.24 -28.68
N LYS I 33 12.40 -60.88 -29.26
CA LYS I 33 13.72 -60.29 -29.38
C LYS I 33 13.86 -59.54 -30.69
N VAL I 34 14.56 -58.41 -30.65
CA VAL I 34 14.87 -57.62 -31.84
C VAL I 34 16.32 -57.18 -31.78
N THR I 35 16.89 -56.88 -32.95
CA THR I 35 18.29 -56.50 -33.08
C THR I 35 18.39 -55.03 -33.47
N VAL I 36 19.21 -54.28 -32.74
CA VAL I 36 19.37 -52.85 -32.91
C VAL I 36 20.85 -52.50 -32.83
N ARG I 37 21.16 -51.22 -33.08
CA ARG I 37 22.53 -50.72 -33.13
C ARG I 37 23.05 -50.30 -31.76
N THR I 38 22.39 -49.33 -31.12
CA THR I 38 22.85 -48.71 -29.88
C THR I 38 24.28 -48.18 -30.04
N GLU I 39 24.48 -47.39 -31.11
CA GLU I 39 25.73 -46.69 -31.44
C GLU I 39 26.96 -47.61 -31.35
N ASN I 40 26.76 -48.92 -31.46
CA ASN I 40 27.86 -49.88 -31.52
C ASN I 40 27.37 -51.07 -32.34
N GLY I 41 28.04 -52.20 -32.20
CA GLY I 41 27.64 -53.40 -32.90
C GLY I 41 26.23 -53.87 -32.56
N TRP I 42 25.81 -54.95 -33.20
CA TRP I 42 24.43 -55.41 -33.08
C TRP I 42 24.17 -55.94 -31.68
N THR I 43 23.04 -55.53 -31.10
CA THR I 43 22.62 -56.00 -29.79
C THR I 43 21.14 -56.39 -29.84
N VAL I 44 20.78 -57.45 -29.12
CA VAL I 44 19.42 -57.95 -29.10
C VAL I 44 18.76 -57.56 -27.79
N VAL I 45 17.53 -57.09 -27.88
CA VAL I 45 16.75 -56.66 -26.73
C VAL I 45 15.36 -57.31 -26.80
N GLU I 46 14.78 -57.53 -25.64
CA GLU I 46 13.49 -58.21 -25.52
C GLU I 46 12.41 -57.17 -25.24
N VAL I 47 11.42 -57.11 -26.12
CA VAL I 47 10.39 -56.07 -26.06
C VAL I 47 9.01 -56.70 -26.21
N PRO I 48 7.95 -56.09 -25.67
CA PRO I 48 6.60 -56.62 -25.89
C PRO I 48 6.22 -56.54 -27.36
N ALA I 49 5.40 -57.50 -27.78
CA ALA I 49 5.04 -57.60 -29.20
C ALA I 49 3.67 -58.25 -29.33
N ILE I 50 3.08 -58.09 -30.51
CA ILE I 50 1.81 -58.73 -30.86
C ILE I 50 2.08 -59.63 -32.06
N THR I 51 1.71 -60.90 -31.94
CA THR I 51 2.00 -61.88 -32.98
C THR I 51 1.17 -61.60 -34.22
N GLY I 52 1.61 -62.15 -35.35
CA GLY I 52 0.89 -61.99 -36.60
C GLY I 52 -0.40 -62.78 -36.65
N ASN I 53 -0.48 -63.85 -35.86
CA ASN I 53 -1.71 -64.64 -35.81
C ASN I 53 -2.86 -63.80 -35.27
N MET I 54 -2.59 -62.97 -34.25
CA MET I 54 -3.63 -62.12 -33.68
C MET I 54 -4.15 -61.13 -34.72
N LEU I 55 -3.23 -60.50 -35.46
CA LEU I 55 -3.61 -59.56 -36.50
C LEU I 55 -4.41 -60.26 -37.60
N LYS I 56 -3.97 -61.45 -38.01
CA LYS I 56 -4.69 -62.18 -39.05
C LYS I 56 -6.09 -62.55 -38.60
N HIS I 57 -6.24 -62.98 -37.34
CA HIS I 57 -7.56 -63.34 -36.85
C HIS I 57 -8.47 -62.13 -36.77
N TRP I 58 -7.95 -60.97 -36.35
CA TRP I 58 -8.83 -59.81 -36.30
C TRP I 58 -9.15 -59.28 -37.69
N HIS I 59 -8.25 -59.46 -38.65
CA HIS I 59 -8.62 -59.19 -40.04
C HIS I 59 -9.74 -60.10 -40.49
N PHE I 60 -9.68 -61.38 -40.10
CA PHE I 60 -10.76 -62.31 -40.42
C PHE I 60 -12.08 -61.86 -39.79
N VAL I 61 -12.03 -61.38 -38.55
CA VAL I 61 -13.23 -60.90 -37.87
C VAL I 61 -13.82 -59.71 -38.62
N GLY I 62 -12.97 -58.74 -38.98
CA GLY I 62 -13.45 -57.58 -39.71
C GLY I 62 -14.01 -57.93 -41.07
N PHE I 63 -13.36 -58.85 -41.78
CA PHE I 63 -13.86 -59.28 -43.08
C PHE I 63 -15.21 -59.96 -42.97
N VAL I 64 -15.39 -60.82 -41.95
CA VAL I 64 -16.69 -61.46 -41.76
C VAL I 64 -17.75 -60.41 -41.45
N ASP I 65 -17.42 -59.45 -40.57
CA ASP I 65 -18.38 -58.41 -40.21
C ASP I 65 -18.81 -57.61 -41.44
N TYR I 66 -17.86 -57.24 -42.30
CA TYR I 66 -18.20 -56.42 -43.46
C TYR I 66 -18.76 -57.23 -44.62
N PHE I 67 -18.61 -58.55 -44.61
CA PHE I 67 -19.18 -59.39 -45.65
C PHE I 67 -20.56 -59.92 -45.30
N LYS I 68 -20.93 -59.90 -44.01
CA LYS I 68 -22.26 -60.34 -43.63
C LYS I 68 -23.35 -59.47 -44.25
N THR I 69 -23.13 -58.15 -44.28
CA THR I 69 -24.16 -57.24 -44.75
C THR I 69 -24.36 -57.30 -46.26
N THR I 70 -23.40 -57.83 -47.01
CA THR I 70 -23.52 -57.89 -48.46
C THR I 70 -24.58 -58.91 -48.86
N PRO I 71 -25.18 -58.74 -50.05
CA PRO I 71 -26.19 -59.70 -50.50
C PRO I 71 -25.68 -61.12 -50.64
N TYR I 72 -24.37 -61.31 -50.82
CA TYR I 72 -23.77 -62.63 -50.90
C TYR I 72 -23.29 -63.14 -49.55
N GLY I 73 -23.82 -62.59 -48.45
CA GLY I 73 -23.38 -62.98 -47.12
C GLY I 73 -23.75 -64.39 -46.71
N VAL I 74 -24.67 -65.02 -47.43
CA VAL I 74 -25.03 -66.40 -47.12
C VAL I 74 -23.87 -67.34 -47.39
N ASN I 75 -23.05 -67.04 -48.40
CA ASN I 75 -21.92 -67.88 -48.76
C ASN I 75 -20.81 -67.69 -47.72
N LEU I 76 -20.98 -68.37 -46.59
CA LEU I 76 -20.04 -68.25 -45.48
C LEU I 76 -20.18 -69.47 -44.59
N THR I 77 -19.10 -69.81 -43.91
CA THR I 77 -19.12 -70.94 -42.98
C THR I 77 -19.85 -70.56 -41.71
N GLU I 78 -20.49 -71.57 -41.09
CA GLU I 78 -21.17 -71.34 -39.82
C GLU I 78 -20.18 -70.96 -38.73
N ARG I 79 -18.95 -71.46 -38.81
CA ARG I 79 -17.93 -71.09 -37.82
C ARG I 79 -17.52 -69.63 -37.96
N ALA I 80 -17.62 -69.07 -39.17
CA ALA I 80 -17.25 -67.67 -39.37
C ALA I 80 -18.17 -66.74 -38.59
N LEU I 81 -19.46 -67.07 -38.55
CA LEU I 81 -20.40 -66.24 -37.78
C LEU I 81 -20.07 -66.23 -36.31
N ARG I 82 -19.43 -67.29 -35.81
CA ARG I 82 -18.96 -67.37 -34.43
C ARG I 82 -17.57 -66.81 -34.26
N TYR I 83 -16.97 -66.26 -35.33
CA TYR I 83 -15.58 -65.80 -35.31
C TYR I 83 -14.63 -66.95 -34.95
N ASN I 84 -14.96 -68.15 -35.43
CA ASN I 84 -14.15 -69.33 -35.19
C ASN I 84 -13.20 -69.54 -36.36
N GLY I 85 -11.91 -69.42 -36.10
CA GLY I 85 -10.91 -69.53 -37.14
C GLY I 85 -10.47 -70.94 -37.48
N THR I 86 -10.99 -71.95 -36.79
CA THR I 86 -10.59 -73.33 -37.07
C THR I 86 -11.23 -73.81 -38.38
N ARG I 87 -10.52 -73.61 -39.48
CA ARG I 87 -11.03 -73.96 -40.81
C ARG I 87 -10.64 -75.39 -41.13
N PHE I 88 -11.62 -76.30 -41.04
CA PHE I 88 -11.47 -77.69 -41.48
C PHE I 88 -10.35 -78.39 -40.71
N GLY I 89 -10.59 -78.54 -39.41
CA GLY I 89 -9.63 -79.21 -38.54
C GLY I 89 -9.41 -80.66 -38.87
N GLN I 90 -8.62 -81.36 -38.06
CA GLN I 90 -8.24 -82.73 -38.35
C GLN I 90 -9.38 -83.67 -38.00
N GLY I 91 -9.79 -84.48 -38.96
CA GLY I 91 -10.79 -85.50 -38.73
C GLY I 91 -12.20 -85.20 -39.19
N GLU I 92 -12.37 -84.34 -40.19
CA GLU I 92 -13.69 -84.07 -40.75
C GLU I 92 -13.60 -83.99 -42.25
N THR I 93 -14.71 -84.35 -42.92
CA THR I 93 -14.80 -84.37 -44.36
C THR I 93 -15.76 -83.35 -44.94
N THR I 94 -16.81 -82.98 -44.19
CA THR I 94 -17.81 -82.03 -44.67
C THR I 94 -17.88 -80.84 -43.71
N ALA I 95 -18.37 -79.73 -44.22
CA ALA I 95 -18.51 -78.49 -43.46
C ALA I 95 -19.94 -77.98 -43.60
N THR I 96 -20.31 -77.06 -42.73
CA THR I 96 -21.65 -76.50 -42.68
C THR I 96 -21.62 -75.04 -43.13
N LYS I 97 -22.55 -74.67 -44.00
CA LYS I 97 -22.66 -73.30 -44.47
C LYS I 97 -23.35 -72.44 -43.41
N ALA I 98 -23.50 -71.16 -43.71
CA ALA I 98 -24.17 -70.25 -42.78
C ALA I 98 -25.66 -70.54 -42.69
N ASN I 99 -26.28 -70.97 -43.79
CA ASN I 99 -27.70 -71.28 -43.82
C ASN I 99 -28.00 -72.71 -43.41
N GLY I 100 -26.99 -73.52 -43.13
CA GLY I 100 -27.17 -74.89 -42.73
C GLY I 100 -26.89 -75.91 -43.81
N ALA I 101 -26.70 -75.47 -45.06
CA ALA I 101 -26.40 -76.41 -46.13
C ALA I 101 -25.02 -77.02 -45.95
N THR I 102 -24.91 -78.30 -46.27
CA THR I 102 -23.64 -79.01 -46.15
C THR I 102 -22.81 -78.85 -47.42
N VAL I 103 -21.48 -78.83 -47.24
CA VAL I 103 -20.55 -78.73 -48.34
C VAL I 103 -19.47 -79.79 -48.16
N GLN I 104 -19.12 -80.46 -49.25
CA GLN I 104 -18.14 -81.55 -49.23
C GLN I 104 -16.76 -81.02 -49.58
N LEU I 105 -15.77 -81.36 -48.77
CA LEU I 105 -14.39 -80.89 -48.98
C LEU I 105 -13.64 -81.90 -49.85
N ASN I 106 -14.08 -81.99 -51.10
CA ASN I 106 -13.46 -82.86 -52.10
C ASN I 106 -12.61 -82.08 -53.09
N ASP I 107 -13.13 -80.96 -53.61
CA ASP I 107 -12.41 -80.12 -54.54
C ASP I 107 -12.37 -78.68 -54.04
N GLU I 108 -11.32 -77.95 -54.44
CA GLU I 108 -11.14 -76.59 -53.98
C GLU I 108 -12.10 -75.62 -54.67
N ALA I 109 -12.54 -75.94 -55.88
CA ALA I 109 -13.40 -75.01 -56.63
C ALA I 109 -14.71 -74.76 -55.90
N THR I 110 -15.40 -75.84 -55.51
CA THR I 110 -16.67 -75.68 -54.80
C THR I 110 -16.45 -75.06 -53.42
N ILE I 111 -15.35 -75.41 -52.76
CA ILE I 111 -15.07 -74.87 -51.43
C ILE I 111 -14.94 -73.35 -51.50
N ILE I 112 -14.17 -72.85 -52.47
CA ILE I 112 -14.00 -71.41 -52.59
C ILE I 112 -15.22 -70.74 -53.21
N LYS I 113 -16.04 -71.48 -53.96
CA LYS I 113 -17.26 -70.89 -54.51
C LYS I 113 -18.33 -70.69 -53.45
N GLU I 114 -18.52 -71.68 -52.58
CA GLU I 114 -19.60 -71.61 -51.61
C GLU I 114 -19.19 -71.01 -50.27
N LEU I 115 -17.92 -71.11 -49.90
CA LEU I 115 -17.42 -70.61 -48.63
C LEU I 115 -16.46 -69.45 -48.91
N ALA I 116 -16.78 -68.27 -48.37
CA ALA I 116 -15.99 -67.08 -48.63
C ALA I 116 -14.81 -66.93 -47.68
N ASP I 117 -15.00 -67.29 -46.41
CA ASP I 117 -13.90 -67.15 -45.45
C ASP I 117 -12.74 -68.08 -45.80
N ALA I 118 -13.03 -69.31 -46.21
CA ALA I 118 -11.99 -70.24 -46.60
C ALA I 118 -11.30 -69.84 -47.89
N ASP I 119 -11.86 -68.92 -48.66
CA ASP I 119 -11.26 -68.48 -49.91
C ASP I 119 -10.28 -67.34 -49.68
N VAL I 120 -10.68 -66.31 -48.92
CA VAL I 120 -9.79 -65.19 -48.67
C VAL I 120 -8.66 -65.58 -47.75
N HIS I 121 -8.95 -66.32 -46.68
CA HIS I 121 -7.98 -66.65 -45.66
C HIS I 121 -7.33 -68.01 -45.84
N GLY I 122 -7.67 -68.73 -46.91
CA GLY I 122 -7.09 -70.04 -47.13
C GLY I 122 -7.63 -71.07 -46.16
N PHE I 123 -7.22 -72.32 -46.37
CA PHE I 123 -7.68 -73.41 -45.53
C PHE I 123 -6.78 -74.61 -45.70
N LEU I 124 -6.94 -75.58 -44.80
CA LEU I 124 -6.28 -76.87 -44.88
C LEU I 124 -7.26 -77.96 -44.51
N ALA I 125 -7.26 -79.04 -45.27
CA ALA I 125 -8.14 -80.19 -45.03
C ALA I 125 -7.27 -81.43 -44.99
N PRO I 126 -6.72 -81.76 -43.82
CA PRO I 126 -5.85 -82.95 -43.72
C PRO I 126 -6.56 -84.26 -44.03
N LYS I 127 -7.84 -84.38 -43.67
CA LYS I 127 -8.55 -85.64 -43.91
C LYS I 127 -8.64 -85.94 -45.41
N THR I 128 -8.93 -84.92 -46.21
CA THR I 128 -8.90 -85.07 -47.65
C THR I 128 -7.54 -84.68 -48.24
N GLY I 129 -6.85 -83.73 -47.61
CA GLY I 129 -5.58 -83.26 -48.09
C GLY I 129 -5.61 -81.97 -48.87
N ARG I 130 -6.72 -81.23 -48.82
CA ARG I 130 -6.84 -80.02 -49.63
C ARG I 130 -6.08 -78.86 -49.00
N ARG I 131 -5.68 -77.92 -49.85
CA ARG I 131 -4.85 -76.80 -49.42
C ARG I 131 -5.34 -75.51 -50.07
N ARG I 132 -5.12 -74.40 -49.38
CA ARG I 132 -5.27 -73.07 -50.00
C ARG I 132 -4.48 -72.07 -49.16
N VAL I 133 -3.45 -71.48 -49.75
CA VAL I 133 -2.62 -70.52 -49.04
C VAL I 133 -3.41 -69.25 -48.79
N SER I 134 -3.27 -68.70 -47.58
CA SER I 134 -3.98 -67.48 -47.22
C SER I 134 -3.56 -66.33 -48.13
N LEU I 135 -4.56 -65.57 -48.59
CA LEU I 135 -4.27 -64.41 -49.43
C LEU I 135 -3.76 -63.23 -48.62
N VAL I 136 -4.12 -63.14 -47.35
CA VAL I 136 -3.69 -62.07 -46.46
C VAL I 136 -2.53 -62.56 -45.61
N LYS I 137 -1.48 -61.75 -45.52
CA LYS I 137 -0.33 -62.05 -44.67
C LYS I 137 -0.05 -60.87 -43.77
N ALA I 138 0.28 -61.15 -42.50
CA ALA I 138 0.51 -60.12 -41.51
C ALA I 138 1.84 -60.37 -40.82
N SER I 139 2.46 -59.29 -40.36
CA SER I 139 3.72 -59.33 -39.63
C SER I 139 3.47 -59.04 -38.16
N PHE I 140 4.53 -59.14 -37.36
CA PHE I 140 4.43 -58.83 -35.96
C PHE I 140 4.26 -57.32 -35.75
N ILE I 141 3.70 -56.95 -34.61
CA ILE I 141 3.59 -55.56 -34.21
C ILE I 141 4.74 -55.33 -33.23
N LEU I 142 5.88 -54.92 -33.76
CA LEU I 142 7.08 -54.69 -32.97
C LEU I 142 7.28 -53.21 -32.71
N PRO I 143 7.71 -52.82 -31.52
CA PRO I 143 8.09 -51.42 -31.30
C PRO I 143 9.23 -51.02 -32.21
N THR I 144 9.13 -49.82 -32.78
CA THR I 144 10.09 -49.38 -33.79
C THR I 144 11.48 -49.21 -33.18
N GLU I 145 12.49 -49.44 -34.01
CA GLU I 145 13.87 -49.56 -33.51
C GLU I 145 14.36 -48.26 -32.89
N ASP I 146 14.09 -47.12 -33.54
CA ASP I 146 14.57 -45.85 -33.02
C ASP I 146 13.91 -45.50 -31.69
N PHE I 147 12.66 -45.90 -31.49
CA PHE I 147 12.03 -45.70 -30.19
C PHE I 147 12.71 -46.51 -29.11
N ILE I 148 13.06 -47.77 -29.41
CA ILE I 148 13.77 -48.60 -28.45
C ILE I 148 15.13 -47.99 -28.12
N LYS I 149 15.84 -47.52 -29.14
CA LYS I 149 17.13 -46.89 -28.91
C LYS I 149 16.99 -45.57 -28.15
N GLU I 150 15.84 -44.92 -28.26
CA GLU I 150 15.64 -43.60 -27.67
C GLU I 150 15.21 -43.65 -26.22
N VAL I 151 14.78 -44.81 -25.71
CA VAL I 151 14.27 -44.90 -24.35
C VAL I 151 15.20 -45.65 -23.40
N GLU I 152 16.30 -46.22 -23.91
CA GLU I 152 17.30 -46.94 -23.11
C GLU I 152 16.68 -47.93 -22.12
N GLY I 153 15.49 -48.45 -22.42
CA GLY I 153 14.90 -49.54 -21.67
C GLY I 153 14.39 -49.25 -20.28
N GLU I 154 13.30 -48.49 -20.16
CA GLU I 154 12.55 -48.39 -18.91
C GLU I 154 11.54 -49.52 -18.75
N ARG I 155 11.69 -50.59 -19.53
CA ARG I 155 10.91 -51.83 -19.58
C ARG I 155 9.56 -51.66 -20.26
N LEU I 156 9.09 -50.44 -20.50
CA LEU I 156 7.82 -50.17 -21.20
C LEU I 156 6.67 -51.04 -20.68
N ILE I 157 6.74 -51.51 -19.44
CA ILE I 157 5.80 -52.50 -18.92
C ILE I 157 5.38 -52.11 -17.52
N THR I 158 4.08 -52.16 -17.25
CA THR I 158 3.55 -51.95 -15.91
C THR I 158 2.67 -53.14 -15.54
N ALA I 159 2.99 -53.79 -14.43
CA ALA I 159 2.21 -54.94 -13.96
C ALA I 159 1.18 -54.42 -12.95
N ILE I 160 -0.06 -54.28 -13.40
CA ILE I 160 -1.13 -53.76 -12.57
C ILE I 160 -1.95 -54.93 -12.07
N LYS I 161 -2.10 -55.05 -10.75
CA LYS I 161 -2.88 -56.13 -10.17
C LYS I 161 -4.22 -55.61 -9.66
N HIS I 162 -5.23 -56.45 -9.77
CA HIS I 162 -6.59 -56.09 -9.37
C HIS I 162 -7.38 -57.37 -9.16
N ASN I 163 -8.57 -57.21 -8.56
CA ASN I 163 -9.30 -58.36 -8.02
C ASN I 163 -10.79 -58.22 -8.31
N ARG I 164 -11.49 -59.34 -8.14
CA ARG I 164 -12.95 -59.36 -8.10
C ARG I 164 -13.41 -59.38 -6.64
N VAL I 165 -14.68 -59.03 -6.44
CA VAL I 165 -15.21 -58.84 -5.10
C VAL I 165 -16.29 -59.88 -4.88
N ASP I 166 -16.08 -61.08 -5.43
CA ASP I 166 -16.98 -62.19 -5.21
C ASP I 166 -17.23 -62.38 -3.71
N VAL I 167 -18.48 -62.21 -3.31
CA VAL I 167 -18.87 -62.23 -1.91
C VAL I 167 -20.11 -63.10 -1.75
N ASP I 168 -20.26 -63.69 -0.56
CA ASP I 168 -21.44 -64.49 -0.27
C ASP I 168 -22.68 -63.61 -0.18
N GLU I 169 -23.85 -64.27 -0.29
CA GLU I 169 -25.11 -63.53 -0.25
C GLU I 169 -25.33 -62.84 1.08
N LYS I 170 -24.75 -63.37 2.16
CA LYS I 170 -24.87 -62.75 3.48
C LYS I 170 -23.96 -61.54 3.65
N GLY I 171 -23.05 -61.30 2.71
CA GLY I 171 -22.13 -60.19 2.80
C GLY I 171 -20.74 -60.52 3.32
N ALA I 172 -20.42 -61.81 3.47
CA ALA I 172 -19.12 -62.23 3.99
C ALA I 172 -18.22 -62.69 2.86
N ILE I 173 -16.99 -62.19 2.85
CA ILE I 173 -15.98 -62.59 1.86
C ILE I 173 -15.28 -63.82 2.44
N GLY I 174 -15.69 -65.00 1.99
CA GLY I 174 -15.14 -66.23 2.51
C GLY I 174 -13.79 -66.56 1.92
N SER I 175 -13.18 -67.62 2.47
CA SER I 175 -11.88 -68.08 2.02
C SER I 175 -12.07 -69.14 0.92
N SER I 176 -10.99 -69.84 0.58
CA SER I 176 -11.06 -70.87 -0.46
C SER I 176 -11.93 -72.05 -0.04
N LYS I 177 -12.14 -72.26 1.26
CA LYS I 177 -12.97 -73.35 1.73
C LYS I 177 -14.46 -73.03 1.66
N GLU I 178 -14.84 -71.78 1.39
CA GLU I 178 -16.24 -71.41 1.29
C GLU I 178 -16.78 -71.54 -0.13
N GLY I 179 -15.98 -71.19 -1.13
CA GLY I 179 -16.41 -71.26 -2.51
C GLY I 179 -16.27 -69.95 -3.24
N THR I 180 -15.89 -68.89 -2.51
CA THR I 180 -15.71 -67.58 -3.12
C THR I 180 -14.41 -67.55 -3.92
N ALA I 181 -14.28 -66.50 -4.74
CA ALA I 181 -13.13 -66.35 -5.63
C ALA I 181 -12.55 -64.95 -5.52
N GLN I 182 -12.47 -64.42 -4.30
CA GLN I 182 -11.90 -63.10 -4.07
C GLN I 182 -10.38 -63.23 -4.05
N MET I 183 -9.77 -63.07 -5.22
CA MET I 183 -8.32 -63.21 -5.35
C MET I 183 -7.78 -62.11 -6.25
N LEU I 184 -6.51 -61.77 -6.03
CA LEU I 184 -5.82 -60.76 -6.82
C LEU I 184 -5.11 -61.42 -7.99
N PHE I 185 -5.24 -60.83 -9.18
CA PHE I 185 -4.50 -61.26 -10.35
C PHE I 185 -3.89 -60.05 -11.04
N SER I 186 -2.74 -60.25 -11.65
CA SER I 186 -1.97 -59.16 -12.25
C SER I 186 -1.98 -59.29 -13.77
N ARG I 187 -2.10 -58.15 -14.43
CA ARG I 187 -2.02 -58.06 -15.88
C ARG I 187 -0.92 -57.08 -16.26
N GLU I 188 -0.13 -57.44 -17.27
CA GLU I 188 0.95 -56.58 -17.73
C GLU I 188 0.46 -55.72 -18.88
N TYR I 189 0.70 -54.41 -18.78
CA TYR I 189 0.28 -53.45 -19.78
C TYR I 189 1.51 -52.80 -20.37
N ALA I 190 1.56 -52.72 -21.71
CA ALA I 190 2.68 -52.17 -22.43
C ALA I 190 2.33 -50.84 -23.07
N THR I 191 3.36 -50.17 -23.58
CA THR I 191 3.25 -48.84 -24.16
C THR I 191 4.37 -48.65 -25.16
N GLY I 192 4.24 -47.60 -25.98
CA GLY I 192 5.29 -47.19 -26.86
C GLY I 192 4.80 -46.93 -28.27
N LEU I 193 5.75 -46.84 -29.20
CA LEU I 193 5.48 -46.63 -30.61
C LEU I 193 5.82 -47.90 -31.36
N TYR I 194 4.84 -48.41 -32.11
CA TYR I 194 4.97 -49.70 -32.78
C TYR I 194 5.01 -49.53 -34.28
N GLY I 195 5.27 -50.64 -34.97
CA GLY I 195 5.25 -50.65 -36.42
C GLY I 195 4.50 -51.88 -36.92
N PHE I 196 3.82 -51.71 -38.06
CA PHE I 196 2.99 -52.76 -38.61
C PHE I 196 3.21 -52.84 -40.12
N SER I 197 2.91 -54.03 -40.66
CA SER I 197 3.01 -54.25 -42.10
C SER I 197 2.15 -55.46 -42.46
N ILE I 198 1.10 -55.22 -43.25
CA ILE I 198 0.19 -56.28 -43.70
C ILE I 198 0.08 -56.21 -45.21
N VAL I 199 0.16 -57.36 -45.86
CA VAL I 199 0.09 -57.46 -47.31
C VAL I 199 -1.15 -58.25 -47.69
N LEU I 200 -1.84 -57.78 -48.74
CA LEU I 200 -3.04 -58.42 -49.25
C LEU I 200 -2.81 -58.83 -50.70
N ASP I 201 -3.26 -60.03 -51.04
CA ASP I 201 -3.09 -60.56 -52.39
C ASP I 201 -4.46 -60.77 -53.04
N LEU I 202 -5.34 -59.77 -52.91
CA LEU I 202 -6.73 -59.89 -53.34
C LEU I 202 -6.91 -60.07 -54.84
N GLY I 203 -5.83 -60.13 -55.61
CA GLY I 203 -5.96 -60.38 -57.04
C GLY I 203 -6.32 -61.81 -57.38
N LEU I 204 -6.09 -62.75 -56.46
CA LEU I 204 -6.36 -64.16 -56.68
C LEU I 204 -7.65 -64.61 -56.03
N VAL I 205 -8.49 -63.67 -55.57
CA VAL I 205 -9.73 -64.03 -54.92
C VAL I 205 -10.69 -64.66 -55.93
N GLY I 206 -11.38 -65.72 -55.50
CA GLY I 206 -12.31 -66.40 -56.38
C GLY I 206 -11.67 -67.29 -57.43
N ILE I 207 -10.35 -67.49 -57.37
CA ILE I 207 -9.62 -68.29 -58.34
C ILE I 207 -9.05 -69.51 -57.61
N PRO I 208 -9.37 -70.72 -58.04
CA PRO I 208 -8.76 -71.90 -57.41
C PRO I 208 -7.26 -71.93 -57.61
N GLN I 209 -6.55 -72.43 -56.59
CA GLN I 209 -5.09 -72.49 -56.65
C GLN I 209 -4.63 -73.47 -57.70
N GLY I 210 -5.32 -74.60 -57.85
CA GLY I 210 -4.87 -75.63 -58.77
C GLY I 210 -4.91 -75.21 -60.22
N LEU I 211 -5.98 -74.53 -60.63
CA LEU I 211 -6.19 -74.16 -62.03
C LEU I 211 -6.47 -72.66 -62.10
N PRO I 212 -5.42 -71.83 -62.03
CA PRO I 212 -5.64 -70.38 -62.15
C PRO I 212 -6.21 -69.95 -63.49
N VAL I 213 -5.87 -70.64 -64.57
CA VAL I 213 -6.32 -70.28 -65.91
C VAL I 213 -6.90 -71.51 -66.60
N LYS I 214 -7.78 -71.27 -67.57
CA LYS I 214 -8.45 -72.33 -68.30
C LYS I 214 -8.13 -72.38 -69.79
N PHE I 215 -7.59 -71.30 -70.37
CA PHE I 215 -7.15 -71.27 -71.76
C PHE I 215 -8.28 -71.64 -72.72
N GLU I 216 -9.44 -71.00 -72.53
CA GLU I 216 -10.56 -71.24 -73.42
C GLU I 216 -10.28 -70.71 -74.82
N GLU I 217 -9.70 -69.52 -74.93
CA GLU I 217 -9.41 -68.88 -76.21
C GLU I 217 -7.91 -68.85 -76.49
N ASN I 218 -7.18 -69.86 -76.00
CA ASN I 218 -5.72 -69.96 -76.14
C ASN I 218 -4.99 -68.78 -75.49
N GLN I 219 -5.66 -68.06 -74.60
CA GLN I 219 -5.11 -66.91 -73.89
C GLN I 219 -5.35 -67.07 -72.40
N PRO I 220 -4.49 -66.47 -71.56
CA PRO I 220 -4.64 -66.66 -70.12
C PRO I 220 -5.83 -65.94 -69.51
N ARG I 221 -7.03 -66.50 -69.72
CA ARG I 221 -8.21 -66.00 -69.02
C ARG I 221 -8.27 -66.60 -67.62
N PRO I 222 -8.40 -65.79 -66.58
CA PRO I 222 -8.45 -66.33 -65.21
C PRO I 222 -9.67 -67.21 -65.00
N ASN I 223 -9.50 -68.22 -64.15
CA ASN I 223 -10.57 -69.19 -63.87
C ASN I 223 -11.41 -68.68 -62.70
N ILE I 224 -12.26 -67.71 -63.00
CA ILE I 224 -13.18 -67.16 -62.01
C ILE I 224 -14.34 -68.13 -61.86
N VAL I 225 -14.36 -68.86 -60.74
CA VAL I 225 -15.39 -69.86 -60.51
C VAL I 225 -16.69 -69.25 -60.01
N ILE I 226 -16.65 -68.02 -59.51
CA ILE I 226 -17.84 -67.36 -58.98
C ILE I 226 -18.22 -66.20 -59.90
N ASP I 227 -19.36 -65.58 -59.58
CA ASP I 227 -19.81 -64.42 -60.34
C ASP I 227 -18.86 -63.25 -60.11
N PRO I 228 -18.68 -62.40 -61.12
CA PRO I 228 -17.81 -61.22 -60.92
C PRO I 228 -18.29 -60.31 -59.81
N ASN I 229 -19.60 -60.20 -59.62
CA ASN I 229 -20.13 -59.36 -58.54
C ASN I 229 -19.73 -59.91 -57.17
N GLU I 230 -19.81 -61.22 -56.98
CA GLU I 230 -19.41 -61.81 -55.72
C GLU I 230 -17.92 -61.61 -55.45
N ARG I 231 -17.10 -61.80 -56.49
CA ARG I 231 -15.66 -61.56 -56.33
C ARG I 231 -15.39 -60.12 -55.96
N LYS I 232 -16.04 -59.18 -56.65
CA LYS I 232 -15.86 -57.77 -56.31
C LYS I 232 -16.27 -57.50 -54.87
N ALA I 233 -17.44 -57.98 -54.45
CA ALA I 233 -17.93 -57.72 -53.10
C ALA I 233 -16.98 -58.29 -52.06
N ARG I 234 -16.44 -59.49 -52.31
CA ARG I 234 -15.41 -60.04 -51.45
C ARG I 234 -14.20 -59.10 -51.40
N ILE I 235 -13.86 -58.48 -52.53
CA ILE I 235 -12.71 -57.58 -52.57
C ILE I 235 -12.93 -56.38 -51.65
N GLU I 236 -14.07 -55.69 -51.77
CA GLU I 236 -14.21 -54.50 -50.91
C GLU I 236 -14.47 -54.91 -49.47
N SER I 237 -15.00 -56.12 -49.24
CA SER I 237 -15.10 -56.59 -47.86
C SER I 237 -13.73 -56.75 -47.23
N ALA I 238 -12.80 -57.38 -47.95
CA ALA I 238 -11.44 -57.53 -47.45
C ALA I 238 -10.76 -56.18 -47.28
N LEU I 239 -11.04 -55.24 -48.19
CA LEU I 239 -10.43 -53.92 -48.09
C LEU I 239 -11.01 -53.11 -46.93
N LYS I 240 -12.30 -53.22 -46.69
CA LYS I 240 -12.96 -52.51 -45.60
C LYS I 240 -12.71 -53.16 -44.24
N ALA I 241 -12.21 -54.39 -44.21
CA ALA I 241 -11.82 -54.98 -42.94
C ALA I 241 -10.70 -54.20 -42.27
N LEU I 242 -10.01 -53.33 -43.00
CA LEU I 242 -8.95 -52.51 -42.42
C LEU I 242 -9.49 -51.37 -41.57
N ILE I 243 -10.74 -50.94 -41.79
CA ILE I 243 -11.29 -49.84 -41.00
C ILE I 243 -11.39 -50.21 -39.51
N PRO I 244 -11.94 -51.36 -39.12
CA PRO I 244 -11.84 -51.74 -37.71
C PRO I 244 -10.44 -52.15 -37.28
N MET I 245 -9.59 -52.54 -38.22
CA MET I 245 -8.21 -52.89 -37.91
C MET I 245 -7.46 -51.73 -37.28
N LEU I 246 -7.29 -50.65 -38.03
CA LEU I 246 -6.53 -49.49 -37.54
C LEU I 246 -7.43 -48.51 -36.80
N SER I 247 -8.20 -49.06 -35.85
CA SER I 247 -9.03 -48.26 -34.96
C SER I 247 -8.97 -48.71 -33.52
N GLY I 248 -8.39 -49.89 -33.23
CA GLY I 248 -8.31 -50.37 -31.87
C GLY I 248 -8.90 -51.75 -31.68
N TYR I 249 -9.09 -52.48 -32.77
CA TYR I 249 -9.71 -53.80 -32.75
C TYR I 249 -8.75 -54.88 -33.25
N ILE I 250 -7.50 -54.83 -32.82
CA ILE I 250 -6.53 -55.86 -33.21
C ILE I 250 -5.84 -56.43 -31.97
N GLY I 251 -6.53 -56.39 -30.83
CA GLY I 251 -5.92 -56.81 -29.59
C GLY I 251 -6.87 -57.64 -28.75
N ALA I 252 -6.32 -58.20 -27.68
CA ALA I 252 -7.08 -58.94 -26.68
C ALA I 252 -7.40 -58.02 -25.52
N ASN I 253 -8.22 -58.52 -24.60
CA ASN I 253 -8.62 -57.78 -23.40
C ASN I 253 -9.25 -56.44 -23.76
N LEU I 254 -10.01 -56.43 -24.85
CA LEU I 254 -10.68 -55.20 -25.28
C LEU I 254 -11.75 -54.75 -24.29
N ALA I 255 -12.31 -55.67 -23.51
CA ALA I 255 -13.37 -55.31 -22.57
C ALA I 255 -12.85 -54.44 -21.44
N ARG I 256 -11.59 -54.61 -21.04
CA ARG I 256 -11.03 -53.89 -19.91
C ARG I 256 -9.87 -52.97 -20.27
N SER I 257 -9.26 -53.14 -21.44
CA SER I 257 -8.15 -52.30 -21.86
C SER I 257 -8.49 -51.40 -23.05
N PHE I 258 -8.94 -51.99 -24.16
CA PHE I 258 -9.29 -51.26 -25.37
C PHE I 258 -8.17 -50.32 -25.79
N PRO I 259 -7.12 -50.85 -26.44
CA PRO I 259 -5.86 -50.12 -26.54
C PRO I 259 -6.03 -48.74 -27.18
N VAL I 260 -5.26 -47.80 -26.67
CA VAL I 260 -5.36 -46.38 -27.06
C VAL I 260 -4.59 -46.23 -28.37
N PHE I 261 -5.33 -46.20 -29.48
CA PHE I 261 -4.70 -46.11 -30.79
C PHE I 261 -4.66 -44.69 -31.33
N LYS I 262 -3.60 -44.42 -32.09
CA LYS I 262 -3.55 -43.26 -32.98
C LYS I 262 -2.49 -43.56 -34.03
N VAL I 263 -2.93 -43.74 -35.28
CA VAL I 263 -1.98 -44.01 -36.35
C VAL I 263 -1.09 -42.79 -36.55
N GLU I 264 0.22 -42.99 -36.47
CA GLU I 264 1.15 -41.88 -36.60
C GLU I 264 1.41 -41.55 -38.07
N GLU I 265 1.76 -42.57 -38.87
CA GLU I 265 2.09 -42.37 -40.27
C GLU I 265 2.03 -43.73 -40.96
N LEU I 266 1.76 -43.70 -42.26
CA LEU I 266 1.78 -44.96 -43.02
C LEU I 266 1.86 -44.69 -44.51
N VAL I 267 2.19 -45.74 -45.25
CA VAL I 267 2.26 -45.73 -46.70
C VAL I 267 1.58 -46.98 -47.23
N ALA I 268 0.79 -46.83 -48.28
CA ALA I 268 0.12 -47.94 -48.93
C ALA I 268 0.36 -47.85 -50.44
N ILE I 269 0.58 -49.01 -51.06
CA ILE I 269 0.81 -49.09 -52.49
C ILE I 269 -0.09 -50.16 -53.08
N ALA I 270 -0.61 -49.90 -54.28
CA ALA I 270 -1.46 -50.86 -54.99
C ALA I 270 -1.33 -50.64 -56.48
N SER I 271 -1.17 -51.74 -57.23
CA SER I 271 -1.00 -51.64 -58.67
C SER I 271 -1.72 -52.74 -59.45
N GLU I 272 -2.71 -53.41 -58.85
CA GLU I 272 -3.49 -54.48 -59.50
C GLU I 272 -2.59 -55.46 -60.26
N GLY I 273 -1.42 -55.73 -59.70
CA GLY I 273 -0.46 -56.64 -60.29
C GLY I 273 0.59 -57.04 -59.29
N PRO I 274 1.60 -57.80 -59.74
CA PRO I 274 2.68 -58.19 -58.83
C PRO I 274 3.38 -56.97 -58.26
N ILE I 275 3.59 -56.97 -56.95
CA ILE I 275 4.17 -55.83 -56.25
C ILE I 275 5.21 -56.31 -55.26
N PRO I 276 6.36 -55.64 -55.18
CA PRO I 276 7.31 -55.95 -54.09
C PRO I 276 6.72 -55.62 -52.74
N ALA I 277 7.09 -56.41 -51.74
CA ALA I 277 6.68 -56.12 -50.37
C ALA I 277 7.37 -54.87 -49.86
N LEU I 278 6.62 -54.04 -49.12
CA LEU I 278 7.19 -52.84 -48.54
C LEU I 278 8.12 -53.21 -47.39
N VAL I 279 8.77 -52.18 -46.84
CA VAL I 279 9.65 -52.35 -45.69
C VAL I 279 8.84 -52.13 -44.43
N HIS I 280 8.99 -53.04 -43.46
CA HIS I 280 8.27 -52.95 -42.21
C HIS I 280 8.58 -51.64 -41.49
N GLY I 281 7.58 -51.10 -40.79
CA GLY I 281 7.75 -49.86 -40.07
C GLY I 281 8.65 -49.93 -38.86
N PHE I 282 9.13 -51.13 -38.51
CA PHE I 282 10.00 -51.28 -37.35
C PHE I 282 11.30 -50.51 -37.52
N TYR I 283 11.87 -50.55 -38.72
CA TYR I 283 13.15 -49.87 -38.95
C TYR I 283 12.96 -48.36 -38.98
N GLU I 284 13.98 -47.65 -38.52
CA GLU I 284 13.93 -46.20 -38.45
C GLU I 284 14.10 -45.52 -39.81
N ASP I 285 14.69 -46.22 -40.78
CA ASP I 285 14.92 -45.67 -42.11
C ASP I 285 14.05 -46.35 -43.16
N TYR I 286 12.83 -46.72 -42.77
CA TYR I 286 11.92 -47.39 -43.71
C TYR I 286 11.28 -46.42 -44.69
N ILE I 287 11.20 -45.14 -44.36
CA ILE I 287 10.61 -44.17 -45.27
C ILE I 287 11.46 -44.05 -46.54
N GLU I 288 12.77 -43.88 -46.36
CA GLU I 288 13.66 -43.76 -47.51
C GLU I 288 13.70 -45.04 -48.33
N ALA I 289 13.72 -46.19 -47.67
CA ALA I 289 13.72 -47.46 -48.39
C ALA I 289 12.44 -47.63 -49.20
N ASN I 290 11.30 -47.29 -48.61
CA ASN I 290 10.04 -47.38 -49.35
C ASN I 290 10.01 -46.41 -50.52
N ARG I 291 10.54 -45.19 -50.32
CA ARG I 291 10.61 -44.23 -51.41
C ARG I 291 11.46 -44.77 -52.57
N SER I 292 12.61 -45.34 -52.24
CA SER I 292 13.47 -45.90 -53.28
C SER I 292 12.80 -47.07 -54.00
N ILE I 293 12.15 -47.96 -53.25
CA ILE I 293 11.47 -49.10 -53.87
C ILE I 293 10.36 -48.61 -54.80
N ILE I 294 9.56 -47.64 -54.34
CA ILE I 294 8.49 -47.13 -55.18
C ILE I 294 9.04 -46.48 -56.44
N LYS I 295 10.09 -45.67 -56.31
CA LYS I 295 10.64 -44.97 -57.47
C LYS I 295 11.21 -45.96 -58.48
N ASN I 296 11.99 -46.93 -58.02
CA ASN I 296 12.58 -47.89 -58.95
C ASN I 296 11.52 -48.81 -59.56
N ALA I 297 10.50 -49.21 -58.80
CA ALA I 297 9.45 -50.04 -59.36
C ALA I 297 8.67 -49.27 -60.43
N ARG I 298 8.36 -48.00 -60.17
CA ARG I 298 7.65 -47.20 -61.17
C ARG I 298 8.50 -47.00 -62.41
N ALA I 299 9.80 -46.75 -62.23
CA ALA I 299 10.68 -46.56 -63.39
C ALA I 299 10.86 -47.86 -64.16
N LEU I 300 10.75 -49.01 -63.49
CA LEU I 300 10.97 -50.30 -64.13
C LEU I 300 9.81 -50.71 -65.03
N GLY I 301 8.63 -50.11 -64.84
CA GLY I 301 7.48 -50.47 -65.65
C GLY I 301 6.32 -51.06 -64.87
N PHE I 302 6.16 -50.62 -63.63
CA PHE I 302 5.06 -51.04 -62.77
C PHE I 302 4.11 -49.86 -62.55
N ASN I 303 2.82 -50.13 -62.52
CA ASN I 303 1.80 -49.10 -62.37
C ASN I 303 1.43 -48.87 -60.91
N ILE I 304 2.44 -48.62 -60.07
CA ILE I 304 2.22 -48.48 -58.63
C ILE I 304 1.47 -47.19 -58.35
N GLU I 305 0.44 -47.27 -57.52
CA GLU I 305 -0.27 -46.11 -57.00
C GLU I 305 -0.07 -46.05 -55.50
N VAL I 306 0.34 -44.88 -54.99
CA VAL I 306 0.84 -44.73 -53.64
C VAL I 306 -0.01 -43.70 -52.89
N PHE I 307 -0.48 -44.09 -51.70
CA PHE I 307 -1.15 -43.19 -50.79
C PHE I 307 -0.33 -43.09 -49.51
N THR I 308 -0.02 -41.87 -49.08
CA THR I 308 0.83 -41.65 -47.93
C THR I 308 0.12 -40.76 -46.91
N TYR I 309 0.25 -41.12 -45.64
CA TYR I 309 -0.28 -40.32 -44.53
C TYR I 309 0.87 -39.97 -43.61
N ASN I 310 1.06 -38.67 -43.39
CA ASN I 310 2.00 -38.13 -42.41
C ASN I 310 3.45 -38.50 -42.72
N VAL I 311 3.77 -38.69 -43.99
CA VAL I 311 5.15 -38.86 -44.44
C VAL I 311 5.35 -38.03 -45.70
N ASP I 312 6.52 -37.40 -45.81
CA ASP I 312 6.85 -36.60 -46.98
C ASP I 312 7.32 -37.43 -48.16
N LEU I 313 7.84 -38.63 -47.91
CA LEU I 313 8.26 -39.57 -48.95
C LEU I 313 9.33 -38.96 -49.84
N GLY I 314 8.96 -38.58 -51.06
CA GLY I 314 9.92 -38.03 -52.01
C GLY I 314 9.59 -36.64 -52.48
N GLU I 315 8.32 -36.26 -52.39
CA GLU I 315 7.83 -34.93 -52.74
C GLU I 315 7.92 -34.66 -54.23
N ASP I 316 8.48 -35.61 -54.99
CA ASP I 316 8.57 -35.47 -56.44
C ASP I 316 7.76 -36.51 -57.20
N ILE I 317 7.39 -37.62 -56.57
CA ILE I 317 6.62 -38.66 -57.21
C ILE I 317 5.14 -38.47 -56.86
N GLU I 318 4.28 -39.08 -57.65
CA GLU I 318 2.84 -38.92 -57.51
C GLU I 318 2.34 -39.78 -56.35
N ALA I 319 2.19 -39.15 -55.18
CA ALA I 319 1.67 -39.79 -53.99
C ALA I 319 0.47 -39.00 -53.48
N THR I 320 -0.59 -39.71 -53.08
CA THR I 320 -1.82 -39.07 -52.64
C THR I 320 -1.76 -38.80 -51.15
N LYS I 321 -2.02 -37.54 -50.78
CA LYS I 321 -2.01 -37.11 -49.38
C LYS I 321 -3.34 -37.50 -48.74
N VAL I 322 -3.40 -38.74 -48.25
CA VAL I 322 -4.59 -39.23 -47.58
C VAL I 322 -4.61 -38.70 -46.15
N SER I 323 -5.82 -38.51 -45.61
CA SER I 323 -5.98 -37.91 -44.30
C SER I 323 -6.22 -38.91 -43.18
N SER I 324 -6.68 -40.12 -43.50
CA SER I 324 -6.95 -41.12 -42.48
C SER I 324 -7.04 -42.49 -43.14
N VAL I 325 -7.27 -43.52 -42.32
CA VAL I 325 -7.27 -44.90 -42.82
C VAL I 325 -8.50 -45.16 -43.69
N GLU I 326 -9.67 -44.69 -43.27
CA GLU I 326 -10.88 -45.00 -44.03
C GLU I 326 -10.91 -44.24 -45.35
N GLU I 327 -10.31 -43.04 -45.41
CA GLU I 327 -10.14 -42.40 -46.70
C GLU I 327 -9.20 -43.21 -47.59
N LEU I 328 -8.17 -43.82 -47.00
CA LEU I 328 -7.27 -44.66 -47.77
C LEU I 328 -8.00 -45.87 -48.33
N VAL I 329 -8.86 -46.52 -47.54
CA VAL I 329 -9.59 -47.66 -48.06
C VAL I 329 -10.65 -47.22 -49.06
N ALA I 330 -11.19 -46.00 -48.92
CA ALA I 330 -12.09 -45.46 -49.93
C ALA I 330 -11.37 -45.30 -51.27
N ASN I 331 -10.15 -44.75 -51.24
CA ASN I 331 -9.37 -44.64 -52.46
C ASN I 331 -9.01 -46.01 -53.02
N LEU I 332 -8.77 -46.99 -52.15
CA LEU I 332 -8.48 -48.35 -52.62
C LEU I 332 -9.68 -48.96 -53.32
N VAL I 333 -10.89 -48.77 -52.77
CA VAL I 333 -12.07 -49.35 -53.39
C VAL I 333 -12.55 -48.56 -54.60
N LYS I 334 -12.10 -47.31 -54.75
CA LYS I 334 -12.40 -46.58 -55.98
C LYS I 334 -11.60 -47.06 -57.18
N MET I 335 -10.56 -47.86 -56.98
CA MET I 335 -9.70 -48.33 -58.07
C MET I 335 -9.88 -49.81 -58.35
N VAL I 336 -10.95 -50.42 -57.86
CA VAL I 336 -11.23 -51.82 -58.14
C VAL I 336 -11.67 -51.99 -59.60
N MET J 1 -27.20 -51.18 -32.87
CA MET J 1 -27.10 -49.74 -32.72
C MET J 1 -25.88 -49.40 -31.86
N TYR J 2 -24.80 -49.01 -32.53
CA TYR J 2 -23.48 -48.87 -31.92
C TYR J 2 -23.18 -47.42 -31.58
N VAL J 3 -22.48 -47.21 -30.47
CA VAL J 3 -22.13 -45.89 -29.97
C VAL J 3 -20.65 -45.86 -29.63
N ARG J 4 -19.99 -44.76 -30.00
CA ARG J 4 -18.63 -44.47 -29.59
C ARG J 4 -18.59 -43.11 -28.95
N ILE J 5 -17.91 -42.99 -27.81
CA ILE J 5 -17.81 -41.72 -27.08
C ILE J 5 -16.36 -41.48 -26.72
N SER J 6 -15.92 -40.23 -26.87
CA SER J 6 -14.57 -39.86 -26.45
C SER J 6 -14.62 -38.43 -25.96
N GLY J 7 -13.64 -38.06 -25.15
CA GLY J 7 -13.56 -36.68 -24.69
C GLY J 7 -12.62 -36.51 -23.52
N ARG J 8 -12.73 -35.35 -22.88
CA ARG J 8 -11.87 -34.93 -21.78
C ARG J 8 -12.71 -34.42 -20.63
N ILE J 9 -12.31 -34.81 -19.42
CA ILE J 9 -12.96 -34.42 -18.17
C ILE J 9 -11.91 -33.97 -17.18
N ARG J 10 -12.22 -32.95 -16.39
CA ARG J 10 -11.29 -32.42 -15.41
C ARG J 10 -11.63 -32.99 -14.03
N LEU J 11 -10.63 -33.61 -13.37
CA LEU J 11 -10.81 -34.25 -12.09
C LEU J 11 -9.92 -33.57 -11.07
N ASN J 12 -10.50 -33.23 -9.91
CA ASN J 12 -9.76 -32.58 -8.83
C ASN J 12 -10.04 -33.30 -7.52
N ALA J 13 -8.99 -33.42 -6.70
CA ALA J 13 -9.10 -34.00 -5.36
C ALA J 13 -9.75 -35.38 -5.39
N HIS J 14 -9.28 -36.21 -6.32
CA HIS J 14 -9.83 -37.55 -6.51
C HIS J 14 -8.80 -38.59 -6.10
N SER J 15 -9.30 -39.70 -5.56
CA SER J 15 -8.48 -40.85 -5.20
C SER J 15 -9.10 -42.13 -5.76
N LEU J 16 -9.67 -42.03 -6.97
CA LEU J 16 -10.35 -43.16 -7.59
C LEU J 16 -9.35 -44.24 -7.98
N ASN J 17 -9.70 -45.49 -7.68
CA ASN J 17 -8.92 -46.66 -8.07
C ASN J 17 -7.49 -46.57 -7.52
N ALA J 18 -7.40 -46.63 -6.20
CA ALA J 18 -6.11 -46.67 -5.54
C ALA J 18 -5.57 -48.11 -5.53
N GLN J 19 -4.34 -48.25 -5.03
CA GLN J 19 -3.71 -49.56 -4.94
C GLN J 19 -4.09 -50.32 -3.67
N GLY J 20 -4.90 -49.73 -2.80
CA GLY J 20 -5.47 -50.43 -1.68
C GLY J 20 -4.57 -50.63 -0.48
N GLY J 21 -3.26 -50.78 -0.69
CA GLY J 21 -2.35 -51.01 0.41
C GLY J 21 -2.45 -52.43 0.96
N GLY J 22 -3.63 -52.80 1.44
CA GLY J 22 -3.87 -54.14 1.94
C GLY J 22 -3.59 -54.31 3.42
N GLY J 23 -2.32 -54.28 3.80
CA GLY J 23 -1.94 -54.50 5.18
C GLY J 23 -0.98 -53.46 5.72
N THR J 24 -1.00 -52.27 5.13
CA THR J 24 -0.13 -51.18 5.55
C THR J 24 -0.95 -49.91 5.70
N ASN J 25 -0.33 -48.90 6.30
CA ASN J 25 -0.99 -47.62 6.56
C ASN J 25 -0.85 -46.64 5.40
N TYR J 26 -0.25 -47.05 4.30
CA TYR J 26 -0.10 -46.22 3.11
C TYR J 26 -0.94 -46.78 1.98
N ILE J 27 -1.73 -45.93 1.34
CA ILE J 27 -2.54 -46.30 0.19
C ILE J 27 -2.11 -45.44 -0.98
N GLU J 28 -1.64 -46.07 -2.05
CA GLU J 28 -1.13 -45.37 -3.21
C GLU J 28 -2.15 -45.36 -4.33
N ILE J 29 -2.13 -44.30 -5.13
CA ILE J 29 -2.96 -44.22 -6.33
C ILE J 29 -2.30 -45.04 -7.42
N THR J 30 -3.11 -45.70 -8.24
CA THR J 30 -2.57 -46.57 -9.28
C THR J 30 -1.81 -45.76 -10.32
N LYS J 31 -0.69 -46.32 -10.79
CA LYS J 31 0.20 -45.65 -11.72
C LYS J 31 0.28 -46.45 -13.01
N THR J 32 0.49 -45.74 -14.12
CA THR J 32 0.75 -46.41 -15.39
C THR J 32 1.71 -45.56 -16.20
N LYS J 33 2.47 -46.23 -17.06
CA LYS J 33 3.48 -45.58 -17.88
C LYS J 33 2.88 -45.25 -19.25
N VAL J 34 3.06 -44.01 -19.69
CA VAL J 34 2.58 -43.57 -21.00
C VAL J 34 3.73 -42.94 -21.76
N THR J 35 3.62 -42.98 -23.08
CA THR J 35 4.64 -42.45 -23.98
C THR J 35 4.23 -41.08 -24.49
N VAL J 36 5.11 -40.11 -24.32
CA VAL J 36 4.86 -38.72 -24.69
C VAL J 36 5.89 -38.33 -25.74
N ARG J 37 5.42 -37.70 -26.83
CA ARG J 37 6.27 -37.33 -27.95
C ARG J 37 7.36 -36.35 -27.54
N THR J 38 6.96 -35.14 -27.13
CA THR J 38 7.85 -34.08 -26.66
C THR J 38 8.75 -33.59 -27.80
N GLU J 39 9.18 -32.32 -27.73
CA GLU J 39 10.05 -31.79 -28.77
C GLU J 39 11.49 -32.28 -28.63
N ASN J 40 11.85 -32.87 -27.49
CA ASN J 40 13.19 -33.39 -27.27
C ASN J 40 13.31 -34.87 -27.55
N GLY J 41 12.26 -35.51 -28.04
CA GLY J 41 12.28 -36.93 -28.32
C GLY J 41 11.34 -37.70 -27.41
N TRP J 42 11.02 -38.92 -27.84
CA TRP J 42 10.05 -39.75 -27.13
C TRP J 42 10.51 -40.03 -25.71
N THR J 43 9.58 -39.90 -24.77
CA THR J 43 9.86 -40.17 -23.36
C THR J 43 8.71 -40.99 -22.77
N VAL J 44 8.98 -41.60 -21.62
CA VAL J 44 7.98 -42.38 -20.90
C VAL J 44 7.82 -41.78 -19.52
N VAL J 45 6.57 -41.54 -19.12
CA VAL J 45 6.27 -40.92 -17.83
C VAL J 45 5.24 -41.77 -17.09
N GLU J 46 5.44 -41.92 -15.79
CA GLU J 46 4.49 -42.63 -14.93
C GLU J 46 3.49 -41.63 -14.38
N VAL J 47 2.21 -41.87 -14.66
CA VAL J 47 1.15 -40.93 -14.29
C VAL J 47 0.02 -41.69 -13.59
N PRO J 48 -0.75 -41.04 -12.73
CA PRO J 48 -1.92 -41.70 -12.15
C PRO J 48 -2.97 -41.96 -13.20
N ALA J 49 -3.74 -43.03 -13.00
CA ALA J 49 -4.72 -43.44 -13.99
C ALA J 49 -5.82 -44.25 -13.30
N ILE J 50 -6.93 -44.39 -14.01
CA ILE J 50 -8.04 -45.23 -13.59
C ILE J 50 -8.19 -46.36 -14.60
N THR J 51 -8.10 -47.59 -14.12
CA THR J 51 -8.15 -48.75 -15.01
C THR J 51 -9.52 -48.85 -15.67
N GLY J 52 -9.53 -49.40 -16.89
CA GLY J 52 -10.78 -49.60 -17.59
C GLY J 52 -11.68 -50.63 -16.96
N ASN J 53 -11.13 -51.52 -16.15
CA ASN J 53 -11.96 -52.52 -15.48
C ASN J 53 -12.94 -51.88 -14.51
N MET J 54 -12.48 -50.89 -13.73
CA MET J 54 -13.39 -50.22 -12.80
C MET J 54 -14.38 -49.34 -13.55
N LEU J 55 -13.98 -48.76 -14.68
CA LEU J 55 -14.93 -48.04 -15.51
C LEU J 55 -16.02 -48.96 -16.01
N LYS J 56 -15.66 -50.18 -16.45
CA LYS J 56 -16.64 -51.16 -16.87
C LYS J 56 -17.54 -51.56 -15.70
N HIS J 57 -16.96 -51.74 -14.52
CA HIS J 57 -17.76 -52.11 -13.35
C HIS J 57 -18.78 -51.03 -13.01
N TRP J 58 -18.38 -49.77 -13.09
CA TRP J 58 -19.32 -48.70 -12.77
C TRP J 58 -20.37 -48.52 -13.85
N HIS J 59 -20.04 -48.78 -15.11
CA HIS J 59 -21.07 -48.84 -16.14
C HIS J 59 -22.06 -49.96 -15.85
N PHE J 60 -21.56 -51.10 -15.39
CA PHE J 60 -22.44 -52.21 -15.01
C PHE J 60 -23.35 -51.80 -13.86
N VAL J 61 -22.80 -51.08 -12.88
CA VAL J 61 -23.60 -50.60 -11.75
C VAL J 61 -24.71 -49.68 -12.23
N GLY J 62 -24.37 -48.74 -13.11
CA GLY J 62 -25.40 -47.85 -13.65
C GLY J 62 -26.46 -48.58 -14.45
N PHE J 63 -26.04 -49.56 -15.25
CA PHE J 63 -26.99 -50.33 -16.03
C PHE J 63 -27.95 -51.09 -15.14
N VAL J 64 -27.44 -51.71 -14.07
CA VAL J 64 -28.30 -52.42 -13.13
C VAL J 64 -29.26 -51.44 -12.46
N ASP J 65 -28.76 -50.27 -12.05
CA ASP J 65 -29.60 -49.28 -11.39
C ASP J 65 -30.75 -48.84 -12.28
N TYR J 66 -30.47 -48.61 -13.56
CA TYR J 66 -31.53 -48.14 -14.46
C TYR J 66 -32.40 -49.27 -14.99
N PHE J 67 -31.94 -50.52 -14.92
CA PHE J 67 -32.76 -51.64 -15.36
C PHE J 67 -33.62 -52.22 -14.24
N LYS J 68 -33.30 -51.92 -12.98
CA LYS J 68 -34.15 -52.38 -11.88
C LYS J 68 -35.54 -51.77 -11.95
N THR J 69 -35.63 -50.48 -12.28
CA THR J 69 -36.92 -49.82 -12.37
C THR J 69 -37.75 -50.33 -13.53
N THR J 70 -37.10 -50.82 -14.58
CA THR J 70 -37.80 -51.29 -15.76
C THR J 70 -38.73 -52.44 -15.40
N PRO J 71 -39.94 -52.50 -15.98
CA PRO J 71 -40.85 -53.61 -15.65
C PRO J 71 -40.26 -54.99 -15.94
N TYR J 72 -39.34 -55.08 -16.89
CA TYR J 72 -38.61 -56.32 -17.17
C TYR J 72 -37.39 -56.48 -16.28
N GLY J 73 -37.33 -55.77 -15.16
CA GLY J 73 -36.17 -55.77 -14.29
C GLY J 73 -35.98 -57.02 -13.44
N VAL J 74 -36.97 -57.92 -13.43
CA VAL J 74 -36.83 -59.16 -12.69
C VAL J 74 -35.78 -60.07 -13.32
N ASN J 75 -35.45 -59.85 -14.60
CA ASN J 75 -34.51 -60.71 -15.31
C ASN J 75 -33.07 -60.33 -15.00
N LEU J 76 -32.71 -60.30 -13.72
CA LEU J 76 -31.35 -60.01 -13.28
C LEU J 76 -30.89 -61.09 -12.32
N THR J 77 -29.58 -61.12 -12.07
CA THR J 77 -29.00 -62.05 -11.13
C THR J 77 -29.07 -61.47 -9.72
N GLU J 78 -29.19 -62.35 -8.73
CA GLU J 78 -29.18 -61.88 -7.35
C GLU J 78 -27.88 -61.18 -7.01
N ARG J 79 -26.78 -61.61 -7.62
CA ARG J 79 -25.50 -60.93 -7.40
C ARG J 79 -25.50 -59.54 -8.00
N ALA J 80 -26.22 -59.34 -9.10
CA ALA J 80 -26.26 -58.03 -9.75
C ALA J 80 -26.92 -56.99 -8.85
N LEU J 81 -27.97 -57.39 -8.11
CA LEU J 81 -28.63 -56.46 -7.21
C LEU J 81 -27.68 -55.97 -6.12
N ARG J 82 -26.69 -56.77 -5.76
CA ARG J 82 -25.65 -56.38 -4.83
C ARG J 82 -24.44 -55.79 -5.53
N TYR J 83 -24.52 -55.56 -6.84
CA TYR J 83 -23.43 -55.02 -7.65
C TYR J 83 -22.21 -55.92 -7.61
N ASN J 84 -22.43 -57.22 -7.43
CA ASN J 84 -21.34 -58.20 -7.46
C ASN J 84 -21.05 -58.53 -8.91
N GLY J 85 -19.89 -58.12 -9.40
CA GLY J 85 -19.55 -58.29 -10.79
C GLY J 85 -19.11 -59.66 -11.22
N THR J 86 -18.90 -60.58 -10.27
CA THR J 86 -18.43 -61.92 -10.63
C THR J 86 -19.48 -62.64 -11.47
N ARG J 87 -19.04 -63.23 -12.57
CA ARG J 87 -19.92 -63.94 -13.50
C ARG J 87 -19.56 -65.41 -13.48
N PHE J 88 -20.28 -66.17 -12.66
CA PHE J 88 -20.26 -67.64 -12.71
C PHE J 88 -18.85 -68.16 -12.44
N GLY J 89 -18.38 -67.93 -11.22
CA GLY J 89 -17.07 -68.39 -10.79
C GLY J 89 -16.84 -69.87 -10.99
N GLN J 90 -15.58 -70.30 -10.90
CA GLN J 90 -15.24 -71.68 -11.19
C GLN J 90 -15.91 -72.62 -10.21
N GLY J 91 -16.48 -73.71 -10.73
CA GLY J 91 -17.06 -74.75 -9.91
C GLY J 91 -18.57 -74.74 -9.83
N GLU J 92 -19.23 -73.65 -10.21
CA GLU J 92 -20.68 -73.55 -10.13
C GLU J 92 -21.29 -73.60 -11.52
N THR J 93 -22.39 -74.35 -11.65
CA THR J 93 -23.08 -74.53 -12.92
C THR J 93 -24.49 -73.96 -12.91
N THR J 94 -24.88 -73.27 -11.84
CA THR J 94 -26.21 -72.70 -11.72
C THR J 94 -26.10 -71.23 -11.35
N ALA J 95 -27.11 -70.46 -11.75
CA ALA J 95 -27.19 -69.04 -11.44
C ALA J 95 -28.50 -68.75 -10.72
N THR J 96 -28.42 -68.02 -9.62
CA THR J 96 -29.61 -67.67 -8.85
C THR J 96 -30.20 -66.38 -9.39
N LYS J 97 -31.43 -66.46 -9.90
CA LYS J 97 -32.09 -65.29 -10.45
C LYS J 97 -32.51 -64.34 -9.32
N ALA J 98 -32.92 -63.13 -9.71
CA ALA J 98 -33.33 -62.13 -8.73
C ALA J 98 -34.54 -62.60 -7.94
N ASN J 99 -35.51 -63.22 -8.62
CA ASN J 99 -36.69 -63.73 -7.94
C ASN J 99 -36.42 -65.00 -7.14
N GLY J 100 -35.23 -65.58 -7.26
CA GLY J 100 -34.88 -66.80 -6.57
C GLY J 100 -34.85 -68.04 -7.43
N ALA J 101 -35.31 -67.95 -8.68
CA ALA J 101 -35.30 -69.11 -9.56
C ALA J 101 -33.86 -69.48 -9.93
N THR J 102 -33.68 -70.75 -10.29
CA THR J 102 -32.38 -71.27 -10.67
C THR J 102 -32.31 -71.42 -12.18
N VAL J 103 -31.22 -70.92 -12.77
CA VAL J 103 -31.00 -70.93 -14.20
C VAL J 103 -29.79 -71.79 -14.50
N GLN J 104 -29.96 -72.77 -15.38
CA GLN J 104 -28.85 -73.63 -15.78
C GLN J 104 -27.89 -72.87 -16.68
N LEU J 105 -26.63 -73.29 -16.66
CA LEU J 105 -25.58 -72.68 -17.45
C LEU J 105 -25.15 -73.56 -18.63
N ASN J 106 -25.98 -74.52 -19.01
CA ASN J 106 -25.65 -75.39 -20.13
C ASN J 106 -25.97 -74.76 -21.48
N ASP J 107 -26.75 -73.69 -21.51
CA ASP J 107 -27.15 -73.05 -22.75
C ASP J 107 -26.95 -71.55 -22.64
N GLU J 108 -26.36 -70.96 -23.68
CA GLU J 108 -26.14 -69.51 -23.68
C GLU J 108 -27.44 -68.75 -23.97
N ALA J 109 -28.33 -69.33 -24.76
CA ALA J 109 -29.57 -68.63 -25.12
C ALA J 109 -30.42 -68.35 -23.89
N THR J 110 -30.58 -69.34 -23.00
CA THR J 110 -31.34 -69.10 -21.78
C THR J 110 -30.64 -68.07 -20.89
N ILE J 111 -29.32 -68.16 -20.78
CA ILE J 111 -28.57 -67.24 -19.94
C ILE J 111 -28.80 -65.80 -20.39
N ILE J 112 -28.69 -65.54 -21.69
CA ILE J 112 -28.94 -64.19 -22.17
C ILE J 112 -30.43 -63.85 -22.14
N LYS J 113 -31.31 -64.86 -22.12
CA LYS J 113 -32.73 -64.60 -22.12
C LYS J 113 -33.21 -64.07 -20.78
N GLU J 114 -32.78 -64.71 -19.67
CA GLU J 114 -33.29 -64.34 -18.36
C GLU J 114 -32.23 -63.77 -17.43
N LEU J 115 -31.06 -63.41 -17.94
CA LEU J 115 -30.03 -62.74 -17.16
C LEU J 115 -29.48 -61.58 -17.98
N ALA J 116 -29.87 -60.35 -17.62
CA ALA J 116 -29.51 -59.19 -18.40
C ALA J 116 -28.04 -58.80 -18.24
N ASP J 117 -27.50 -58.95 -17.03
CA ASP J 117 -26.11 -58.58 -16.79
C ASP J 117 -25.15 -59.44 -17.63
N ALA J 118 -25.40 -60.75 -17.68
CA ALA J 118 -24.58 -61.62 -18.51
C ALA J 118 -24.78 -61.32 -19.99
N ASP J 119 -25.97 -60.86 -20.37
CA ASP J 119 -26.23 -60.52 -21.77
C ASP J 119 -25.43 -59.28 -22.18
N VAL J 120 -25.43 -58.24 -21.35
CA VAL J 120 -24.82 -56.98 -21.75
C VAL J 120 -23.32 -57.00 -21.49
N HIS J 121 -22.90 -57.35 -20.28
CA HIS J 121 -21.50 -57.28 -19.89
C HIS J 121 -20.76 -58.60 -20.06
N GLY J 122 -21.39 -59.60 -20.67
CA GLY J 122 -20.72 -60.85 -20.93
C GLY J 122 -20.58 -61.71 -19.69
N PHE J 123 -20.07 -62.92 -19.86
CA PHE J 123 -19.89 -63.85 -18.75
C PHE J 123 -18.93 -64.95 -19.18
N LEU J 124 -18.59 -65.81 -18.23
CA LEU J 124 -17.77 -66.99 -18.52
C LEU J 124 -17.97 -68.00 -17.40
N ALA J 125 -18.32 -69.23 -17.78
CA ALA J 125 -18.47 -70.32 -16.82
C ALA J 125 -17.42 -71.38 -17.11
N PRO J 126 -16.31 -71.40 -16.38
CA PRO J 126 -15.24 -72.38 -16.68
C PRO J 126 -15.68 -73.82 -16.52
N LYS J 127 -16.65 -74.10 -15.63
CA LYS J 127 -17.06 -75.48 -15.39
C LYS J 127 -17.69 -76.11 -16.63
N THR J 128 -18.56 -75.37 -17.31
CA THR J 128 -19.25 -75.89 -18.48
C THR J 128 -18.70 -75.35 -19.80
N GLY J 129 -17.84 -74.34 -19.75
CA GLY J 129 -17.18 -73.84 -20.95
C GLY J 129 -17.91 -72.74 -21.70
N ARG J 130 -19.13 -72.42 -21.31
CA ARG J 130 -19.87 -71.37 -22.00
C ARG J 130 -19.22 -70.01 -21.78
N ARG J 131 -19.31 -69.15 -22.80
CA ARG J 131 -18.67 -67.85 -22.75
C ARG J 131 -19.48 -66.87 -23.60
N ARG J 132 -19.23 -65.58 -23.36
CA ARG J 132 -19.83 -64.52 -24.16
C ARG J 132 -19.02 -63.26 -23.97
N VAL J 133 -18.50 -62.70 -25.05
CA VAL J 133 -17.72 -61.47 -24.96
C VAL J 133 -18.64 -60.31 -24.61
N SER J 134 -18.14 -59.39 -23.80
CA SER J 134 -18.96 -58.26 -23.35
C SER J 134 -19.26 -57.32 -24.51
N LEU J 135 -20.42 -56.67 -24.41
CA LEU J 135 -20.85 -55.69 -25.41
C LEU J 135 -20.37 -54.29 -25.11
N VAL J 136 -19.66 -54.09 -23.99
CA VAL J 136 -19.17 -52.79 -23.57
C VAL J 136 -17.66 -52.84 -23.52
N LYS J 137 -17.00 -51.90 -24.19
CA LYS J 137 -15.55 -51.80 -24.19
C LYS J 137 -15.14 -50.51 -23.50
N ALA J 138 -14.32 -50.63 -22.46
CA ALA J 138 -13.88 -49.49 -21.67
C ALA J 138 -12.37 -49.40 -21.73
N SER J 139 -11.86 -48.18 -21.86
CA SER J 139 -10.44 -47.91 -21.94
C SER J 139 -9.96 -47.20 -20.67
N PHE J 140 -8.64 -47.12 -20.53
CA PHE J 140 -8.05 -46.47 -19.38
C PHE J 140 -8.38 -44.98 -19.38
N ILE J 141 -8.43 -44.40 -18.19
CA ILE J 141 -8.54 -42.96 -18.02
C ILE J 141 -7.15 -42.41 -17.74
N LEU J 142 -6.63 -41.63 -18.68
CA LEU J 142 -5.26 -41.14 -18.58
C LEU J 142 -5.24 -39.63 -18.70
N PRO J 143 -4.34 -38.96 -17.99
CA PRO J 143 -4.15 -37.53 -18.22
C PRO J 143 -3.67 -37.27 -19.64
N THR J 144 -4.26 -36.25 -20.26
CA THR J 144 -3.99 -35.99 -21.67
C THR J 144 -2.56 -35.49 -21.88
N GLU J 145 -2.10 -35.64 -23.12
CA GLU J 145 -0.68 -35.42 -23.42
C GLU J 145 -0.28 -33.97 -23.23
N ASP J 146 -1.07 -33.04 -23.79
CA ASP J 146 -0.70 -31.63 -23.67
C ASP J 146 -0.75 -31.14 -22.24
N PHE J 147 -1.58 -31.75 -21.39
CA PHE J 147 -1.55 -31.43 -19.97
C PHE J 147 -0.21 -31.78 -19.36
N ILE J 148 0.33 -32.96 -19.70
CA ILE J 148 1.64 -33.35 -19.22
C ILE J 148 2.71 -32.42 -19.78
N LYS J 149 2.53 -31.98 -21.03
CA LYS J 149 3.43 -30.99 -21.61
C LYS J 149 3.45 -29.71 -20.79
N GLU J 150 2.27 -29.21 -20.42
CA GLU J 150 2.17 -27.90 -19.79
C GLU J 150 2.55 -27.92 -18.32
N VAL J 151 2.26 -29.00 -17.59
CA VAL J 151 2.53 -29.02 -16.17
C VAL J 151 3.93 -29.55 -15.81
N GLU J 152 4.59 -30.24 -16.75
CA GLU J 152 5.92 -30.79 -16.51
C GLU J 152 5.94 -31.70 -15.28
N GLY J 153 4.87 -32.47 -15.12
CA GLY J 153 4.75 -33.41 -14.02
C GLY J 153 4.23 -32.82 -12.71
N GLU J 154 5.09 -32.11 -11.98
CA GLU J 154 4.79 -31.54 -10.67
C GLU J 154 4.36 -32.59 -9.65
N ARG J 155 4.48 -33.88 -10.01
CA ARG J 155 4.15 -35.04 -9.19
C ARG J 155 2.66 -35.22 -9.03
N LEU J 156 1.88 -34.18 -9.36
CA LEU J 156 0.42 -34.24 -9.52
C LEU J 156 -0.28 -34.97 -8.38
N ILE J 157 0.33 -35.07 -7.19
CA ILE J 157 -0.18 -35.95 -6.15
C ILE J 157 0.16 -35.37 -4.79
N THR J 158 -0.82 -35.42 -3.89
CA THR J 158 -0.63 -35.10 -2.48
C THR J 158 -0.92 -36.33 -1.64
N ALA J 159 -0.37 -36.36 -0.43
CA ALA J 159 -0.63 -37.42 0.53
C ALA J 159 -1.23 -36.80 1.78
N ILE J 160 -2.49 -37.12 2.05
CA ILE J 160 -3.22 -36.55 3.19
C ILE J 160 -3.38 -37.64 4.24
N LYS J 161 -3.08 -37.30 5.49
CA LYS J 161 -3.15 -38.25 6.59
C LYS J 161 -4.47 -38.09 7.35
N HIS J 162 -5.14 -39.21 7.59
CA HIS J 162 -6.36 -39.27 8.37
C HIS J 162 -6.13 -40.15 9.59
N ASN J 163 -6.66 -39.72 10.73
CA ASN J 163 -6.51 -40.49 11.95
C ASN J 163 -7.60 -41.55 12.08
N ARG J 164 -7.35 -42.52 12.95
CA ARG J 164 -8.27 -43.59 13.29
C ARG J 164 -8.47 -43.48 14.79
N VAL J 165 -9.45 -42.68 15.20
CA VAL J 165 -9.67 -42.38 16.61
C VAL J 165 -10.50 -43.49 17.24
N ASP J 166 -10.00 -44.07 18.33
CA ASP J 166 -10.70 -45.10 19.08
C ASP J 166 -10.81 -44.63 20.53
N VAL J 167 -11.88 -43.88 20.81
CA VAL J 167 -12.14 -43.38 22.16
C VAL J 167 -13.12 -44.34 22.82
N ASP J 168 -12.68 -44.95 23.92
CA ASP J 168 -13.51 -45.92 24.63
C ASP J 168 -14.47 -45.20 25.56
N GLU J 169 -15.18 -45.97 26.38
CA GLU J 169 -16.16 -45.40 27.30
C GLU J 169 -15.50 -44.48 28.32
N LYS J 170 -14.25 -44.78 28.70
CA LYS J 170 -13.52 -43.94 29.64
C LYS J 170 -12.89 -42.72 28.98
N GLY J 171 -12.82 -42.69 27.65
CA GLY J 171 -12.24 -41.56 26.95
C GLY J 171 -10.73 -41.58 26.92
N ALA J 172 -10.15 -42.65 26.37
CA ALA J 172 -8.70 -42.78 26.26
C ALA J 172 -8.34 -43.31 24.89
N ILE J 173 -7.18 -42.87 24.38
CA ILE J 173 -6.73 -43.32 23.08
C ILE J 173 -6.04 -44.68 23.14
N GLY J 174 -5.63 -45.13 24.33
CA GLY J 174 -5.00 -46.42 24.47
C GLY J 174 -3.54 -46.41 24.08
N SER J 175 -2.93 -47.59 24.17
CA SER J 175 -1.52 -47.78 23.84
C SER J 175 -1.32 -49.08 23.06
N SER J 176 -2.32 -49.47 22.27
CA SER J 176 -2.26 -50.69 21.45
C SER J 176 -1.99 -51.93 22.30
N LYS J 177 -2.53 -51.96 23.52
CA LYS J 177 -2.36 -53.11 24.39
C LYS J 177 -3.71 -53.59 24.92
N GLU J 178 -4.66 -52.67 25.08
CA GLU J 178 -5.98 -53.03 25.58
C GLU J 178 -6.90 -53.51 24.45
N GLY J 179 -6.68 -53.03 23.24
CA GLY J 179 -7.54 -53.38 22.12
C GLY J 179 -7.98 -52.17 21.32
N THR J 180 -7.37 -51.02 21.61
CA THR J 180 -7.72 -49.79 20.92
C THR J 180 -7.26 -49.83 19.46
N ALA J 181 -7.86 -48.96 18.66
CA ALA J 181 -7.56 -48.87 17.23
C ALA J 181 -7.35 -47.42 16.83
N GLN J 182 -6.58 -46.69 17.63
CA GLN J 182 -6.20 -45.31 17.32
C GLN J 182 -4.89 -45.33 16.55
N MET J 183 -4.93 -44.95 15.27
CA MET J 183 -3.75 -45.00 14.42
C MET J 183 -3.80 -43.79 13.48
N LEU J 184 -2.97 -43.81 12.45
CA LEU J 184 -2.88 -42.70 11.52
C LEU J 184 -2.48 -43.24 10.15
N PHE J 185 -3.42 -43.27 9.21
CA PHE J 185 -3.14 -43.75 7.85
C PHE J 185 -3.10 -42.56 6.90
N SER J 186 -2.76 -42.85 5.64
CA SER J 186 -2.64 -41.78 4.64
C SER J 186 -3.18 -42.25 3.31
N ARG J 187 -3.69 -41.29 2.53
CA ARG J 187 -4.31 -41.54 1.23
C ARG J 187 -3.72 -40.58 0.21
N GLU J 188 -3.55 -41.07 -1.01
CA GLU J 188 -2.97 -40.28 -2.09
C GLU J 188 -4.08 -39.71 -2.96
N TYR J 189 -4.02 -38.40 -3.21
CA TYR J 189 -5.01 -37.69 -3.99
C TYR J 189 -4.34 -37.03 -5.20
N ALA J 190 -4.94 -37.19 -6.37
CA ALA J 190 -4.39 -36.67 -7.61
C ALA J 190 -5.34 -35.62 -8.20
N THR J 191 -4.89 -34.99 -9.27
CA THR J 191 -5.68 -33.96 -9.96
C THR J 191 -5.17 -33.84 -11.39
N GLY J 192 -5.98 -33.21 -12.23
CA GLY J 192 -5.61 -32.93 -13.60
C GLY J 192 -6.75 -33.18 -14.55
N LEU J 193 -6.46 -33.01 -15.84
CA LEU J 193 -7.44 -33.19 -16.90
C LEU J 193 -7.14 -34.51 -17.61
N TYR J 194 -8.12 -35.40 -17.61
CA TYR J 194 -7.99 -36.76 -18.14
C TYR J 194 -8.82 -36.90 -19.42
N GLY J 195 -8.50 -37.94 -20.17
CA GLY J 195 -9.26 -38.26 -21.37
C GLY J 195 -9.85 -39.65 -21.27
N PHE J 196 -11.05 -39.80 -21.83
CA PHE J 196 -11.80 -41.05 -21.75
C PHE J 196 -12.37 -41.42 -23.10
N SER J 197 -12.58 -42.73 -23.30
CA SER J 197 -13.24 -43.27 -24.48
C SER J 197 -13.99 -44.52 -24.08
N ILE J 198 -15.21 -44.66 -24.61
CA ILE J 198 -16.11 -45.77 -24.26
C ILE J 198 -16.79 -46.24 -25.54
N VAL J 199 -16.97 -47.56 -25.67
CA VAL J 199 -17.57 -48.17 -26.84
C VAL J 199 -18.74 -49.03 -26.39
N LEU J 200 -19.91 -48.85 -27.01
CA LEU J 200 -21.09 -49.66 -26.73
C LEU J 200 -21.54 -50.31 -28.02
N ASP J 201 -21.33 -51.62 -28.14
CA ASP J 201 -21.77 -52.37 -29.31
C ASP J 201 -23.13 -53.02 -29.06
N LEU J 202 -24.12 -52.16 -28.77
CA LEU J 202 -25.46 -52.61 -28.45
C LEU J 202 -26.19 -53.03 -29.73
N GLY J 203 -25.77 -54.17 -30.26
CA GLY J 203 -26.41 -54.75 -31.42
C GLY J 203 -26.62 -56.23 -31.26
N LEU J 204 -26.11 -56.78 -30.16
CA LEU J 204 -26.22 -58.21 -29.86
C LEU J 204 -26.99 -58.47 -28.57
N VAL J 205 -27.74 -57.48 -28.08
CA VAL J 205 -28.54 -57.70 -26.88
C VAL J 205 -29.69 -58.63 -27.20
N GLY J 206 -29.82 -59.70 -26.42
CA GLY J 206 -30.83 -60.70 -26.66
C GLY J 206 -30.56 -61.60 -27.85
N ILE J 207 -29.46 -61.41 -28.55
CA ILE J 207 -29.08 -62.19 -29.72
C ILE J 207 -27.87 -63.04 -29.32
N PRO J 208 -28.00 -64.37 -29.30
CA PRO J 208 -26.84 -65.20 -28.96
C PRO J 208 -25.71 -65.01 -29.96
N GLN J 209 -24.49 -65.04 -29.45
CA GLN J 209 -23.30 -64.85 -30.28
C GLN J 209 -22.92 -66.10 -31.05
N GLY J 210 -23.60 -67.22 -30.82
CA GLY J 210 -23.34 -68.43 -31.57
C GLY J 210 -24.11 -68.47 -32.88
N LEU J 211 -25.38 -68.10 -32.84
CA LEU J 211 -26.26 -68.10 -34.02
C LEU J 211 -26.93 -66.75 -34.14
N PRO J 212 -26.20 -65.71 -34.58
CA PRO J 212 -26.81 -64.38 -34.70
C PRO J 212 -27.93 -64.31 -35.73
N VAL J 213 -27.96 -65.21 -36.73
CA VAL J 213 -28.97 -65.18 -37.77
C VAL J 213 -29.61 -66.56 -37.88
N LYS J 214 -30.72 -66.62 -38.60
CA LYS J 214 -31.48 -67.85 -38.79
C LYS J 214 -31.57 -68.32 -40.22
N PHE J 215 -31.61 -67.40 -41.20
CA PHE J 215 -31.62 -67.73 -42.63
C PHE J 215 -32.82 -68.62 -42.97
N GLU J 216 -34.00 -68.04 -42.81
CA GLU J 216 -35.24 -68.74 -43.12
C GLU J 216 -35.32 -69.12 -44.59
N GLU J 217 -35.07 -68.16 -45.47
CA GLU J 217 -35.08 -68.36 -46.92
C GLU J 217 -33.88 -67.70 -47.57
N ASN J 218 -32.70 -67.91 -46.98
CA ASN J 218 -31.47 -67.22 -47.39
C ASN J 218 -31.64 -65.71 -47.28
N GLN J 219 -32.44 -65.29 -46.32
CA GLN J 219 -32.68 -63.87 -46.04
C GLN J 219 -32.23 -63.58 -44.62
N PRO J 220 -31.14 -62.84 -44.42
CA PRO J 220 -30.66 -62.59 -43.06
C PRO J 220 -31.71 -61.87 -42.22
N ARG J 221 -31.80 -62.28 -40.95
CA ARG J 221 -32.67 -61.64 -39.98
C ARG J 221 -32.07 -61.90 -38.61
N PRO J 222 -32.10 -60.91 -37.70
CA PRO J 222 -31.53 -61.12 -36.37
C PRO J 222 -32.25 -62.23 -35.62
N ASN J 223 -31.48 -63.00 -34.87
CA ASN J 223 -32.00 -64.12 -34.07
C ASN J 223 -32.15 -63.63 -32.64
N ILE J 224 -33.32 -63.09 -32.32
CA ILE J 224 -33.60 -62.55 -30.99
C ILE J 224 -34.35 -63.62 -30.20
N VAL J 225 -33.80 -63.98 -29.04
CA VAL J 225 -34.44 -64.98 -28.17
C VAL J 225 -35.40 -64.34 -27.18
N ILE J 226 -35.59 -63.03 -27.23
CA ILE J 226 -36.51 -62.32 -26.35
C ILE J 226 -37.38 -61.40 -27.18
N ASP J 227 -38.47 -60.96 -26.59
CA ASP J 227 -39.36 -60.02 -27.27
C ASP J 227 -38.68 -58.67 -27.45
N PRO J 228 -39.06 -57.92 -28.50
CA PRO J 228 -38.36 -56.66 -28.79
C PRO J 228 -38.48 -55.61 -27.69
N ASN J 229 -39.53 -55.67 -26.87
CA ASN J 229 -39.66 -54.70 -25.78
C ASN J 229 -38.52 -54.84 -24.77
N GLU J 230 -38.13 -56.08 -24.46
CA GLU J 230 -37.00 -56.28 -23.57
C GLU J 230 -35.71 -55.78 -24.18
N ARG J 231 -35.53 -55.97 -25.49
CA ARG J 231 -34.37 -55.42 -26.17
C ARG J 231 -34.32 -53.91 -26.05
N LYS J 232 -35.46 -53.25 -26.29
CA LYS J 232 -35.51 -51.79 -26.19
C LYS J 232 -35.22 -51.34 -24.77
N ALA J 233 -35.79 -52.02 -23.77
CA ALA J 233 -35.54 -51.65 -22.39
C ALA J 233 -34.08 -51.81 -22.01
N ARG J 234 -33.46 -52.92 -22.42
CA ARG J 234 -32.05 -53.14 -22.11
C ARG J 234 -31.16 -52.11 -22.78
N ILE J 235 -31.45 -51.78 -24.04
CA ILE J 235 -30.64 -50.78 -24.74
C ILE J 235 -30.80 -49.41 -24.08
N GLU J 236 -32.04 -49.05 -23.71
CA GLU J 236 -32.26 -47.76 -23.05
C GLU J 236 -31.56 -47.70 -21.70
N SER J 237 -31.60 -48.79 -20.94
CA SER J 237 -30.90 -48.82 -19.66
C SER J 237 -29.40 -48.71 -19.84
N ALA J 238 -28.84 -49.41 -20.82
CA ALA J 238 -27.40 -49.33 -21.08
C ALA J 238 -27.00 -47.92 -21.49
N LEU J 239 -27.83 -47.25 -22.31
CA LEU J 239 -27.54 -45.88 -22.68
C LEU J 239 -27.64 -44.93 -21.49
N LYS J 240 -28.67 -45.09 -20.67
CA LYS J 240 -28.85 -44.22 -19.51
C LYS J 240 -27.84 -44.48 -18.42
N ALA J 241 -27.14 -45.62 -18.47
CA ALA J 241 -26.08 -45.89 -17.50
C ALA J 241 -24.95 -44.89 -17.59
N LEU J 242 -24.86 -44.13 -18.68
CA LEU J 242 -23.82 -43.12 -18.81
C LEU J 242 -24.06 -41.91 -17.92
N ILE J 243 -25.31 -41.65 -17.53
CA ILE J 243 -25.60 -40.50 -16.67
C ILE J 243 -24.92 -40.62 -15.32
N PRO J 244 -25.04 -41.74 -14.57
CA PRO J 244 -24.27 -41.85 -13.32
C PRO J 244 -22.87 -42.37 -13.57
N MET J 245 -22.23 -41.87 -14.61
CA MET J 245 -20.82 -42.06 -14.88
C MET J 245 -20.11 -40.75 -15.16
N LEU J 246 -20.75 -39.86 -15.91
CA LEU J 246 -20.18 -38.56 -16.24
C LEU J 246 -20.58 -37.48 -15.23
N SER J 247 -21.31 -37.86 -14.18
CA SER J 247 -21.64 -36.94 -13.10
C SER J 247 -20.66 -37.01 -11.94
N GLY J 248 -19.85 -38.06 -11.85
CA GLY J 248 -18.87 -38.17 -10.79
C GLY J 248 -18.93 -39.49 -10.05
N TYR J 249 -19.67 -40.46 -10.57
CA TYR J 249 -19.85 -41.76 -9.94
C TYR J 249 -18.89 -42.80 -10.50
N ILE J 250 -17.69 -42.38 -10.90
CA ILE J 250 -16.65 -43.28 -11.38
C ILE J 250 -15.57 -43.38 -10.32
N GLY J 251 -15.19 -44.60 -9.97
CA GLY J 251 -14.05 -44.81 -9.10
C GLY J 251 -14.45 -45.12 -7.67
N ALA J 252 -13.42 -45.27 -6.84
CA ALA J 252 -13.57 -45.66 -5.45
C ALA J 252 -13.49 -44.43 -4.55
N ASN J 253 -13.63 -44.67 -3.24
CA ASN J 253 -13.56 -43.64 -2.21
C ASN J 253 -14.58 -42.52 -2.46
N LEU J 254 -15.76 -42.90 -2.92
CA LEU J 254 -16.80 -41.92 -3.18
C LEU J 254 -17.35 -41.31 -1.90
N ALA J 255 -17.30 -42.02 -0.78
CA ALA J 255 -17.87 -41.51 0.46
C ALA J 255 -17.01 -40.44 1.10
N ARG J 256 -15.71 -40.44 0.85
CA ARG J 256 -14.80 -39.49 1.46
C ARG J 256 -14.10 -38.56 0.49
N SER J 257 -14.09 -38.89 -0.81
CA SER J 257 -13.47 -38.03 -1.81
C SER J 257 -14.48 -37.46 -2.79
N PHE J 258 -15.26 -38.30 -3.46
CA PHE J 258 -16.28 -37.88 -4.41
C PHE J 258 -15.71 -36.90 -5.44
N PRO J 259 -15.00 -37.39 -6.45
CA PRO J 259 -14.24 -36.51 -7.34
C PRO J 259 -15.07 -35.34 -7.86
N VAL J 260 -14.38 -34.21 -8.07
CA VAL J 260 -15.06 -32.98 -8.43
C VAL J 260 -15.73 -33.12 -9.81
N PHE J 261 -15.00 -33.65 -10.79
CA PHE J 261 -15.57 -34.27 -11.99
C PHE J 261 -16.46 -33.31 -12.78
N LYS J 262 -15.83 -32.34 -13.41
CA LYS J 262 -16.48 -31.56 -14.46
C LYS J 262 -16.12 -32.14 -15.81
N VAL J 263 -17.13 -32.29 -16.68
CA VAL J 263 -16.90 -32.75 -18.04
C VAL J 263 -16.50 -31.55 -18.89
N GLU J 264 -15.30 -31.62 -19.48
CA GLU J 264 -14.77 -30.50 -20.25
C GLU J 264 -15.30 -30.50 -21.68
N GLU J 265 -15.08 -31.58 -22.41
CA GLU J 265 -15.56 -31.64 -23.79
C GLU J 265 -15.73 -33.09 -24.20
N LEU J 266 -16.54 -33.31 -25.24
CA LEU J 266 -16.74 -34.67 -25.71
C LEU J 266 -17.29 -34.66 -27.13
N VAL J 267 -17.07 -35.79 -27.81
CA VAL J 267 -17.67 -36.07 -29.12
C VAL J 267 -18.10 -37.52 -29.14
N ALA J 268 -19.30 -37.77 -29.67
CA ALA J 268 -19.84 -39.12 -29.75
C ALA J 268 -20.45 -39.34 -31.12
N ILE J 269 -20.39 -40.58 -31.57
CA ILE J 269 -21.02 -41.00 -32.82
C ILE J 269 -21.88 -42.22 -32.55
N ALA J 270 -22.92 -42.38 -33.34
CA ALA J 270 -23.84 -43.49 -33.18
C ALA J 270 -24.40 -43.88 -34.54
N SER J 271 -24.42 -45.19 -34.81
CA SER J 271 -24.91 -45.65 -36.10
C SER J 271 -25.43 -47.08 -35.97
N GLU J 272 -26.40 -47.42 -36.82
CA GLU J 272 -26.99 -48.75 -36.78
C GLU J 272 -26.01 -49.83 -37.21
N GLY J 273 -25.18 -49.55 -38.21
CA GLY J 273 -24.23 -50.51 -38.70
C GLY J 273 -22.88 -50.43 -37.99
N PRO J 274 -21.93 -51.25 -38.41
CA PRO J 274 -20.61 -51.22 -37.78
C PRO J 274 -19.84 -49.97 -38.18
N ILE J 275 -19.18 -49.36 -37.19
CA ILE J 275 -18.43 -48.12 -37.42
C ILE J 275 -17.10 -48.21 -36.70
N PRO J 276 -16.08 -47.52 -37.23
CA PRO J 276 -14.79 -47.49 -36.56
C PRO J 276 -14.86 -46.73 -35.24
N ALA J 277 -14.00 -47.13 -34.31
CA ALA J 277 -13.95 -46.47 -33.01
C ALA J 277 -13.36 -45.07 -33.12
N LEU J 278 -13.78 -44.19 -32.21
CA LEU J 278 -13.28 -42.84 -32.19
C LEU J 278 -11.88 -42.80 -31.57
N VAL J 279 -11.20 -41.67 -31.78
CA VAL J 279 -9.87 -41.48 -31.24
C VAL J 279 -9.96 -41.13 -29.76
N HIS J 280 -9.12 -41.77 -28.94
CA HIS J 280 -9.12 -41.53 -27.51
C HIS J 280 -8.75 -40.09 -27.21
N GLY J 281 -9.26 -39.57 -26.10
CA GLY J 281 -9.04 -38.19 -25.71
C GLY J 281 -7.71 -37.89 -25.09
N PHE J 282 -6.85 -38.90 -24.91
CA PHE J 282 -5.52 -38.67 -24.36
C PHE J 282 -4.67 -37.82 -25.29
N TYR J 283 -4.78 -38.04 -26.60
CA TYR J 283 -3.93 -37.35 -27.55
C TYR J 283 -4.37 -35.90 -27.72
N GLU J 284 -3.39 -35.02 -27.87
CA GLU J 284 -3.69 -33.60 -28.03
C GLU J 284 -4.40 -33.33 -29.36
N ASP J 285 -3.96 -33.96 -30.43
CA ASP J 285 -4.56 -33.78 -31.76
C ASP J 285 -5.59 -34.86 -32.03
N TYR J 286 -6.64 -34.87 -31.23
CA TYR J 286 -7.70 -35.87 -31.38
C TYR J 286 -8.98 -35.29 -31.96
N ILE J 287 -9.15 -33.96 -31.94
CA ILE J 287 -10.30 -33.36 -32.60
C ILE J 287 -10.16 -33.45 -34.11
N GLU J 288 -8.97 -33.15 -34.64
CA GLU J 288 -8.77 -33.21 -36.08
C GLU J 288 -8.89 -34.64 -36.60
N ALA J 289 -8.31 -35.60 -35.88
CA ALA J 289 -8.40 -37.00 -36.30
C ALA J 289 -9.85 -37.48 -36.30
N ASN J 290 -10.60 -37.14 -35.25
CA ASN J 290 -12.00 -37.53 -35.19
C ASN J 290 -12.81 -36.86 -36.30
N ARG J 291 -12.52 -35.59 -36.58
CA ARG J 291 -13.19 -34.89 -37.67
C ARG J 291 -12.94 -35.58 -39.01
N SER J 292 -11.68 -35.89 -39.30
CA SER J 292 -11.35 -36.56 -40.55
C SER J 292 -12.00 -37.94 -40.63
N ILE J 293 -11.98 -38.69 -39.53
CA ILE J 293 -12.58 -40.02 -39.52
C ILE J 293 -14.08 -39.92 -39.82
N ILE J 294 -14.76 -38.99 -39.14
CA ILE J 294 -16.20 -38.84 -39.34
C ILE J 294 -16.51 -38.46 -40.77
N LYS J 295 -15.78 -37.46 -41.31
CA LYS J 295 -16.05 -36.98 -42.66
C LYS J 295 -15.83 -38.08 -43.69
N ASN J 296 -14.70 -38.78 -43.61
CA ASN J 296 -14.41 -39.80 -44.62
C ASN J 296 -15.31 -41.02 -44.46
N ALA J 297 -15.68 -41.38 -43.23
CA ALA J 297 -16.60 -42.49 -43.03
C ALA J 297 -17.98 -42.16 -43.59
N ARG J 298 -18.45 -40.93 -43.38
CA ARG J 298 -19.72 -40.53 -43.98
C ARG J 298 -19.62 -40.48 -45.49
N ALA J 299 -18.45 -40.12 -46.03
CA ALA J 299 -18.25 -40.19 -47.47
C ALA J 299 -18.32 -41.63 -47.99
N LEU J 300 -17.84 -42.60 -47.20
CA LEU J 300 -17.92 -44.00 -47.58
C LEU J 300 -19.35 -44.53 -47.59
N GLY J 301 -20.31 -43.79 -47.04
CA GLY J 301 -21.69 -44.23 -47.02
C GLY J 301 -22.21 -44.69 -45.68
N PHE J 302 -21.45 -44.51 -44.61
CA PHE J 302 -21.90 -44.90 -43.28
C PHE J 302 -22.88 -43.86 -42.74
N ASN J 303 -24.07 -44.32 -42.35
CA ASN J 303 -25.11 -43.43 -41.84
C ASN J 303 -24.91 -43.22 -40.33
N ILE J 304 -23.94 -42.37 -40.02
CA ILE J 304 -23.58 -42.08 -38.63
C ILE J 304 -24.18 -40.76 -38.21
N GLU J 305 -24.40 -40.63 -36.90
CA GLU J 305 -24.92 -39.41 -36.30
C GLU J 305 -23.93 -38.94 -35.25
N VAL J 306 -23.59 -37.65 -35.29
CA VAL J 306 -22.52 -37.09 -34.47
C VAL J 306 -23.11 -36.07 -33.51
N PHE J 307 -22.79 -36.23 -32.23
CA PHE J 307 -23.18 -35.28 -31.19
C PHE J 307 -21.92 -34.73 -30.53
N THR J 308 -21.80 -33.41 -30.48
CA THR J 308 -20.59 -32.77 -29.99
C THR J 308 -20.92 -31.81 -28.86
N TYR J 309 -20.11 -31.84 -27.80
CA TYR J 309 -20.24 -30.94 -26.66
C TYR J 309 -18.93 -30.23 -26.45
N ASN J 310 -18.95 -28.90 -26.59
CA ASN J 310 -17.78 -28.03 -26.42
C ASN J 310 -16.70 -28.32 -27.47
N VAL J 311 -17.10 -28.87 -28.61
CA VAL J 311 -16.21 -29.10 -29.75
C VAL J 311 -16.93 -28.61 -31.01
N ASP J 312 -16.22 -27.85 -31.83
CA ASP J 312 -16.85 -27.21 -32.98
C ASP J 312 -16.94 -28.16 -34.17
N LEU J 313 -15.85 -28.85 -34.49
CA LEU J 313 -15.77 -29.76 -35.64
C LEU J 313 -16.02 -29.05 -36.97
N GLY J 314 -15.86 -27.73 -37.02
CA GLY J 314 -16.05 -27.02 -38.26
C GLY J 314 -17.50 -26.92 -38.70
N GLU J 315 -17.68 -26.73 -40.00
CA GLU J 315 -18.98 -26.55 -40.61
C GLU J 315 -19.37 -27.68 -41.55
N ASP J 316 -18.39 -28.32 -42.21
CA ASP J 316 -18.71 -29.34 -43.21
C ASP J 316 -19.47 -30.50 -42.59
N ILE J 317 -19.10 -30.92 -41.39
CA ILE J 317 -19.73 -32.06 -40.73
C ILE J 317 -21.05 -31.61 -40.12
N GLU J 318 -22.12 -32.35 -40.44
CA GLU J 318 -23.45 -32.06 -39.90
C GLU J 318 -23.57 -32.72 -38.53
N ALA J 319 -23.29 -31.94 -37.48
CA ALA J 319 -23.35 -32.42 -36.11
C ALA J 319 -24.25 -31.51 -35.30
N THR J 320 -24.92 -32.09 -34.30
CA THR J 320 -25.84 -31.36 -33.43
C THR J 320 -25.14 -31.07 -32.12
N LYS J 321 -25.06 -29.78 -31.77
CA LYS J 321 -24.46 -29.40 -30.49
C LYS J 321 -25.35 -29.88 -29.35
N VAL J 322 -24.71 -30.41 -28.31
CA VAL J 322 -25.40 -30.97 -27.16
C VAL J 322 -24.92 -30.25 -25.90
N SER J 323 -25.87 -29.90 -25.03
CA SER J 323 -25.53 -29.07 -23.87
C SER J 323 -24.85 -29.86 -22.77
N SER J 324 -25.25 -31.11 -22.55
CA SER J 324 -24.69 -31.91 -21.48
C SER J 324 -24.87 -33.38 -21.82
N VAL J 325 -24.35 -34.25 -20.95
CA VAL J 325 -24.45 -35.69 -21.18
C VAL J 325 -25.90 -36.16 -21.10
N GLU J 326 -26.72 -35.50 -20.28
CA GLU J 326 -28.13 -35.88 -20.20
C GLU J 326 -28.84 -35.65 -21.52
N GLU J 327 -28.58 -34.51 -22.17
CA GLU J 327 -29.16 -34.27 -23.48
C GLU J 327 -28.60 -35.26 -24.52
N LEU J 328 -27.34 -35.64 -24.38
CA LEU J 328 -26.75 -36.62 -25.30
C LEU J 328 -27.46 -37.96 -25.18
N VAL J 329 -27.69 -38.43 -23.95
CA VAL J 329 -28.37 -39.71 -23.79
C VAL J 329 -29.84 -39.60 -24.18
N ALA J 330 -30.45 -38.42 -24.00
CA ALA J 330 -31.81 -38.22 -24.49
C ALA J 330 -31.88 -38.35 -26.00
N ASN J 331 -30.92 -37.74 -26.71
CA ASN J 331 -30.86 -37.89 -28.17
C ASN J 331 -30.59 -39.33 -28.57
N LEU J 332 -29.72 -40.03 -27.83
CA LEU J 332 -29.41 -41.42 -28.15
C LEU J 332 -30.62 -42.31 -27.98
N VAL J 333 -31.39 -42.13 -26.90
CA VAL J 333 -32.58 -42.94 -26.70
C VAL J 333 -33.73 -42.48 -27.58
N LYS J 334 -33.65 -41.27 -28.15
CA LYS J 334 -34.65 -40.85 -29.11
C LYS J 334 -34.64 -41.72 -30.35
N MET J 335 -33.44 -42.07 -30.83
CA MET J 335 -33.29 -42.94 -32.00
C MET J 335 -33.12 -44.40 -31.56
N VAL J 336 -34.15 -44.90 -30.88
CA VAL J 336 -34.19 -46.24 -30.26
C VAL J 336 -32.84 -46.72 -29.77
N MET K 1 -35.55 -41.40 -1.46
CA MET K 1 -35.27 -39.98 -1.67
C MET K 1 -33.79 -39.70 -1.85
N TYR K 2 -33.42 -39.24 -3.04
CA TYR K 2 -32.06 -38.83 -3.35
C TYR K 2 -32.00 -37.32 -3.50
N VAL K 3 -31.11 -36.68 -2.76
CA VAL K 3 -30.99 -35.23 -2.74
C VAL K 3 -29.52 -34.83 -2.85
N ARG K 4 -29.24 -33.84 -3.68
CA ARG K 4 -27.90 -33.29 -3.88
C ARG K 4 -27.94 -31.80 -3.62
N ILE K 5 -26.90 -31.27 -2.99
CA ILE K 5 -26.78 -29.85 -2.71
C ILE K 5 -25.34 -29.41 -2.92
N SER K 6 -25.14 -28.30 -3.61
CA SER K 6 -23.80 -27.79 -3.87
C SER K 6 -23.85 -26.29 -4.03
N GLY K 7 -22.78 -25.62 -3.62
CA GLY K 7 -22.74 -24.18 -3.70
C GLY K 7 -21.42 -23.63 -3.22
N ARG K 8 -21.43 -22.35 -2.88
CA ARG K 8 -20.26 -21.63 -2.41
C ARG K 8 -20.55 -20.96 -1.07
N ILE K 9 -19.56 -21.02 -0.17
CA ILE K 9 -19.65 -20.43 1.15
C ILE K 9 -18.38 -19.61 1.40
N ARG K 10 -18.47 -18.69 2.35
CA ARG K 10 -17.36 -17.82 2.71
C ARG K 10 -16.80 -18.24 4.06
N LEU K 11 -15.48 -18.38 4.12
CA LEU K 11 -14.77 -18.72 5.34
C LEU K 11 -13.71 -17.66 5.61
N ASN K 12 -13.68 -17.15 6.82
CA ASN K 12 -12.70 -16.13 7.22
C ASN K 12 -12.08 -16.53 8.55
N ALA K 13 -10.76 -16.46 8.64
CA ALA K 13 -10.02 -16.80 9.85
C ALA K 13 -10.36 -18.19 10.35
N HIS K 14 -10.32 -19.16 9.45
CA HIS K 14 -10.62 -20.54 9.78
C HIS K 14 -9.34 -21.36 9.86
N SER K 15 -9.31 -22.31 10.78
CA SER K 15 -8.20 -23.25 10.92
C SER K 15 -8.73 -24.67 10.94
N LEU K 16 -9.80 -24.92 10.18
CA LEU K 16 -10.42 -26.23 10.16
C LEU K 16 -9.52 -27.25 9.48
N ASN K 17 -9.44 -28.44 10.07
CA ASN K 17 -8.71 -29.58 9.52
C ASN K 17 -7.23 -29.22 9.29
N ALA K 18 -6.54 -28.96 10.39
CA ALA K 18 -5.11 -28.73 10.32
C ALA K 18 -4.36 -30.04 10.16
N GLN K 19 -3.07 -29.93 9.84
CA GLN K 19 -2.22 -31.11 9.64
C GLN K 19 -1.74 -31.73 10.95
N GLY K 20 -2.34 -31.36 12.07
CA GLY K 20 -1.98 -31.94 13.35
C GLY K 20 -0.63 -31.52 13.86
N GLY K 21 -0.44 -31.57 15.18
CA GLY K 21 0.83 -31.20 15.75
C GLY K 21 1.63 -32.39 16.24
N GLY K 22 0.96 -33.35 16.86
CA GLY K 22 1.65 -34.49 17.44
C GLY K 22 2.65 -34.08 18.50
N GLY K 23 2.32 -33.06 19.30
CA GLY K 23 3.22 -32.51 20.29
C GLY K 23 4.12 -31.41 19.80
N THR K 24 4.12 -31.12 18.50
CA THR K 24 4.97 -30.06 17.97
C THR K 24 4.36 -28.69 18.25
N ASN K 25 5.19 -27.67 18.09
CA ASN K 25 4.81 -26.29 18.37
C ASN K 25 4.51 -25.49 17.12
N TYR K 26 4.34 -26.16 15.98
CA TYR K 26 3.89 -25.50 14.75
C TYR K 26 2.78 -26.34 14.13
N ILE K 27 1.59 -25.76 14.01
CA ILE K 27 0.43 -26.44 13.46
C ILE K 27 0.03 -25.72 12.18
N GLU K 28 0.00 -26.46 11.08
CA GLU K 28 -0.37 -25.92 9.78
C GLU K 28 -1.60 -26.66 9.25
N ILE K 29 -2.36 -25.97 8.41
CA ILE K 29 -3.60 -26.52 7.89
C ILE K 29 -3.32 -27.33 6.62
N THR K 30 -4.23 -28.25 6.32
CA THR K 30 -4.05 -29.13 5.18
C THR K 30 -4.16 -28.36 3.87
N LYS K 31 -3.35 -28.75 2.90
CA LYS K 31 -3.31 -28.11 1.60
C LYS K 31 -3.30 -29.18 0.51
N THR K 32 -3.80 -28.82 -0.66
CA THR K 32 -3.86 -29.75 -1.78
C THR K 32 -3.71 -29.00 -3.08
N LYS K 33 -3.31 -29.72 -4.13
CA LYS K 33 -3.09 -29.13 -5.43
C LYS K 33 -4.36 -29.14 -6.27
N VAL K 34 -4.59 -28.05 -7.00
CA VAL K 34 -5.71 -27.95 -7.93
C VAL K 34 -5.20 -27.35 -9.23
N THR K 35 -5.81 -27.77 -10.33
CA THR K 35 -5.40 -27.36 -11.68
C THR K 35 -6.37 -26.30 -12.22
N VAL K 36 -5.81 -25.21 -12.73
CA VAL K 36 -6.61 -24.15 -13.31
C VAL K 36 -6.04 -23.77 -14.67
N ARG K 37 -6.91 -23.23 -15.53
CA ARG K 37 -6.51 -22.87 -16.89
C ARG K 37 -5.68 -21.59 -16.92
N THR K 38 -6.07 -20.60 -16.10
CA THR K 38 -5.37 -19.32 -15.92
C THR K 38 -4.95 -18.66 -17.25
N GLU K 39 -5.68 -18.96 -18.33
CA GLU K 39 -5.50 -18.36 -19.66
C GLU K 39 -4.04 -18.37 -20.13
N ASN K 40 -3.20 -19.17 -19.49
CA ASN K 40 -1.79 -19.29 -19.87
C ASN K 40 -1.33 -20.74 -19.81
N GLY K 41 -2.24 -21.67 -20.09
CA GLY K 41 -1.92 -23.08 -19.92
C GLY K 41 -2.27 -23.58 -18.54
N TRP K 42 -2.56 -24.88 -18.46
CA TRP K 42 -2.95 -25.47 -17.19
C TRP K 42 -1.81 -25.39 -16.19
N THR K 43 -2.11 -24.87 -15.00
CA THR K 43 -1.13 -24.75 -13.93
C THR K 43 -1.68 -25.35 -12.65
N VAL K 44 -0.77 -25.84 -11.81
CA VAL K 44 -1.10 -26.50 -10.56
C VAL K 44 -0.76 -25.55 -9.42
N VAL K 45 -1.75 -25.24 -8.60
CA VAL K 45 -1.59 -24.33 -7.47
C VAL K 45 -1.99 -25.05 -6.20
N GLU K 46 -1.19 -24.88 -5.15
CA GLU K 46 -1.46 -25.51 -3.86
C GLU K 46 -2.29 -24.55 -3.01
N VAL K 47 -3.47 -24.99 -2.62
CA VAL K 47 -4.42 -24.15 -1.89
C VAL K 47 -4.85 -24.87 -0.62
N PRO K 48 -5.20 -24.14 0.44
CA PRO K 48 -5.74 -24.79 1.64
C PRO K 48 -7.09 -25.43 1.36
N ALA K 49 -7.35 -26.53 2.07
CA ALA K 49 -8.60 -27.26 1.89
C ALA K 49 -8.86 -28.09 3.13
N ILE K 50 -10.11 -28.54 3.25
CA ILE K 50 -10.52 -29.46 4.31
C ILE K 50 -11.10 -30.71 3.64
N THR K 51 -10.63 -31.87 4.10
CA THR K 51 -10.97 -33.12 3.45
C THR K 51 -12.45 -33.44 3.58
N GLY K 52 -12.97 -34.19 2.62
CA GLY K 52 -14.35 -34.64 2.69
C GLY K 52 -14.60 -35.64 3.80
N ASN K 53 -13.56 -36.32 4.27
CA ASN K 53 -13.73 -37.29 5.35
C ASN K 53 -14.22 -36.60 6.62
N MET K 54 -13.62 -35.46 6.97
CA MET K 54 -14.02 -34.79 8.21
C MET K 54 -15.35 -34.06 8.05
N LEU K 55 -15.66 -33.59 6.84
CA LEU K 55 -17.01 -33.10 6.56
C LEU K 55 -18.06 -34.20 6.75
N LYS K 56 -17.74 -35.40 6.28
CA LYS K 56 -18.62 -36.55 6.49
C LYS K 56 -18.76 -36.85 7.99
N HIS K 57 -17.66 -36.76 8.74
CA HIS K 57 -17.72 -36.99 10.17
C HIS K 57 -18.61 -35.97 10.86
N TRP K 58 -18.54 -34.70 10.43
CA TRP K 58 -19.39 -33.69 11.05
C TRP K 58 -20.85 -33.85 10.66
N HIS K 59 -21.12 -34.34 9.45
CA HIS K 59 -22.49 -34.72 9.12
C HIS K 59 -22.97 -35.85 10.02
N PHE K 60 -22.10 -36.82 10.29
CA PHE K 60 -22.45 -37.90 11.21
C PHE K 60 -22.74 -37.35 12.60
N VAL K 61 -21.94 -36.39 13.05
CA VAL K 61 -22.17 -35.77 14.36
C VAL K 61 -23.53 -35.08 14.39
N GLY K 62 -23.85 -34.32 13.35
CA GLY K 62 -25.15 -33.68 13.30
C GLY K 62 -26.29 -34.67 13.29
N PHE K 63 -26.16 -35.75 12.53
CA PHE K 63 -27.21 -36.75 12.45
C PHE K 63 -27.42 -37.45 13.80
N VAL K 64 -26.33 -37.86 14.45
CA VAL K 64 -26.46 -38.53 15.74
C VAL K 64 -26.97 -37.55 16.79
N ASP K 65 -26.70 -36.26 16.63
CA ASP K 65 -27.21 -35.27 17.58
C ASP K 65 -28.71 -35.08 17.40
N TYR K 66 -29.17 -34.98 16.16
CA TYR K 66 -30.60 -34.78 15.90
C TYR K 66 -31.42 -36.06 16.10
N PHE K 67 -30.77 -37.23 16.09
CA PHE K 67 -31.48 -38.49 16.27
C PHE K 67 -31.70 -38.86 17.74
N LYS K 68 -31.07 -38.13 18.67
CA LYS K 68 -31.25 -38.44 20.09
C LYS K 68 -32.65 -38.11 20.57
N THR K 69 -33.19 -36.95 20.14
CA THR K 69 -34.51 -36.54 20.59
C THR K 69 -35.62 -37.39 19.98
N THR K 70 -35.32 -38.12 18.91
CA THR K 70 -36.32 -39.00 18.31
C THR K 70 -36.70 -40.12 19.27
N PRO K 71 -37.97 -40.49 19.36
CA PRO K 71 -38.36 -41.62 20.22
C PRO K 71 -37.66 -42.91 19.87
N TYR K 72 -37.22 -43.09 18.63
CA TYR K 72 -36.47 -44.26 18.21
C TYR K 72 -34.96 -44.07 18.37
N GLY K 73 -34.54 -43.16 19.24
CA GLY K 73 -33.13 -42.88 19.42
C GLY K 73 -32.36 -43.90 20.23
N VAL K 74 -33.05 -44.85 20.86
CA VAL K 74 -32.33 -45.89 21.60
C VAL K 74 -31.61 -46.83 20.65
N ASN K 75 -32.09 -46.96 19.41
CA ASN K 75 -31.45 -47.80 18.40
C ASN K 75 -30.26 -47.05 17.84
N LEU K 76 -29.19 -47.02 18.62
CA LEU K 76 -28.02 -46.23 18.28
C LEU K 76 -26.81 -46.84 18.98
N THR K 77 -25.65 -46.77 18.32
CA THR K 77 -24.43 -47.33 18.91
C THR K 77 -24.00 -46.51 20.12
N GLU K 78 -23.57 -47.20 21.17
CA GLU K 78 -23.08 -46.52 22.36
C GLU K 78 -21.84 -45.69 22.03
N ARG K 79 -20.99 -46.18 21.13
CA ARG K 79 -19.82 -45.43 20.70
C ARG K 79 -20.20 -44.13 20.01
N ALA K 80 -21.40 -44.06 19.42
CA ALA K 80 -21.81 -42.87 18.70
C ALA K 80 -22.22 -41.72 19.63
N LEU K 81 -22.66 -42.04 20.84
CA LEU K 81 -23.13 -41.01 21.76
C LEU K 81 -22.02 -40.03 22.14
N ARG K 82 -20.76 -40.43 22.03
CA ARG K 82 -19.63 -39.53 22.25
C ARG K 82 -19.00 -39.08 20.95
N TYR K 83 -19.73 -39.18 19.84
CA TYR K 83 -19.26 -38.73 18.52
C TYR K 83 -17.97 -39.43 18.12
N ASN K 84 -17.92 -40.74 18.34
CA ASN K 84 -16.78 -41.57 17.95
C ASN K 84 -17.21 -42.42 16.76
N GLY K 85 -16.55 -42.24 15.63
CA GLY K 85 -16.91 -42.94 14.42
C GLY K 85 -16.06 -44.15 14.10
N THR K 86 -15.65 -44.88 15.13
CA THR K 86 -14.80 -46.06 14.93
C THR K 86 -15.58 -47.24 14.35
N ARG K 87 -16.91 -47.20 14.40
CA ARG K 87 -17.76 -48.31 14.00
C ARG K 87 -17.39 -49.59 14.76
N PHE K 88 -16.88 -50.58 14.04
CA PHE K 88 -16.63 -51.90 14.59
C PHE K 88 -15.16 -52.30 14.56
N GLY K 89 -14.27 -51.35 14.28
CA GLY K 89 -12.84 -51.59 14.39
C GLY K 89 -12.37 -52.72 13.50
N GLN K 90 -11.34 -53.41 13.95
CA GLN K 90 -10.77 -54.54 13.23
C GLN K 90 -10.95 -55.85 13.99
N GLY K 91 -10.45 -55.93 15.23
CA GLY K 91 -10.57 -57.14 16.02
C GLY K 91 -11.77 -57.13 16.94
N GLU K 92 -12.96 -56.92 16.40
CA GLU K 92 -14.17 -56.85 17.21
C GLU K 92 -15.21 -57.84 16.68
N THR K 93 -15.96 -58.42 17.60
CA THR K 93 -17.03 -59.34 17.27
C THR K 93 -18.41 -58.83 17.64
N THR K 94 -18.55 -58.15 18.78
CA THR K 94 -19.82 -57.62 19.21
C THR K 94 -19.75 -56.11 19.32
N ALA K 95 -20.87 -55.45 19.02
CA ALA K 95 -20.99 -54.00 19.10
C ALA K 95 -21.90 -53.63 20.25
N THR K 96 -21.46 -52.67 21.07
CA THR K 96 -22.24 -52.26 22.22
C THR K 96 -23.33 -51.28 21.82
N LYS K 97 -24.50 -51.44 22.42
CA LYS K 97 -25.67 -50.63 22.16
C LYS K 97 -25.74 -49.49 23.17
N ALA K 98 -26.37 -48.38 22.77
CA ALA K 98 -26.58 -47.28 23.70
C ALA K 98 -27.42 -47.70 24.89
N ASN K 99 -28.33 -48.65 24.69
CA ASN K 99 -29.11 -49.19 25.80
C ASN K 99 -28.29 -50.12 26.68
N GLY K 100 -27.08 -50.47 26.26
CA GLY K 100 -26.24 -51.40 26.99
C GLY K 100 -26.23 -52.81 26.44
N ALA K 101 -27.15 -53.12 25.53
CA ALA K 101 -27.20 -54.46 24.96
C ALA K 101 -26.05 -54.67 23.99
N THR K 102 -26.00 -55.86 23.39
CA THR K 102 -24.94 -56.23 22.47
C THR K 102 -25.55 -56.69 21.14
N VAL K 103 -24.84 -56.42 20.05
CA VAL K 103 -25.28 -56.78 18.71
C VAL K 103 -24.17 -57.55 18.03
N GLN K 104 -24.52 -58.66 17.38
CA GLN K 104 -23.54 -59.46 16.67
C GLN K 104 -23.12 -58.78 15.37
N LEU K 105 -21.88 -59.05 14.95
CA LEU K 105 -21.33 -58.39 13.78
C LEU K 105 -21.82 -59.00 12.47
N ASN K 106 -22.46 -60.16 12.51
CA ASN K 106 -23.00 -60.78 11.32
C ASN K 106 -24.47 -60.42 11.15
N ASP K 107 -25.07 -60.87 10.05
CA ASP K 107 -26.48 -60.62 9.74
C ASP K 107 -26.75 -59.12 9.66
N GLU K 108 -26.19 -58.52 8.61
CA GLU K 108 -26.25 -57.07 8.35
C GLU K 108 -27.64 -56.49 8.58
N ALA K 109 -28.69 -57.27 8.34
CA ALA K 109 -30.03 -56.80 8.61
C ALA K 109 -30.21 -56.46 10.09
N THR K 110 -29.69 -57.30 10.97
CA THR K 110 -29.76 -57.01 12.40
C THR K 110 -28.99 -55.74 12.73
N ILE K 111 -27.81 -55.56 12.14
CA ILE K 111 -27.00 -54.38 12.42
C ILE K 111 -27.74 -53.11 12.00
N ILE K 112 -28.34 -53.12 10.81
CA ILE K 112 -29.01 -51.92 10.33
C ILE K 112 -30.33 -51.69 11.08
N LYS K 113 -30.95 -52.75 11.59
CA LYS K 113 -32.19 -52.57 12.33
C LYS K 113 -31.96 -52.23 13.80
N GLU K 114 -30.74 -52.40 14.32
CA GLU K 114 -30.44 -52.04 15.69
C GLU K 114 -29.56 -50.81 15.83
N LEU K 115 -28.67 -50.55 14.88
CA LEU K 115 -27.78 -49.39 14.90
C LEU K 115 -28.12 -48.49 13.73
N ALA K 116 -28.40 -47.21 14.03
CA ALA K 116 -28.80 -46.26 12.99
C ALA K 116 -27.61 -45.56 12.35
N ASP K 117 -26.57 -45.25 13.13
CA ASP K 117 -25.39 -44.62 12.55
C ASP K 117 -24.72 -45.52 11.54
N ALA K 118 -24.60 -46.81 11.85
CA ALA K 118 -24.07 -47.76 10.88
C ALA K 118 -25.03 -47.93 9.70
N ASP K 119 -26.32 -47.78 9.93
CA ASP K 119 -27.29 -47.86 8.85
C ASP K 119 -27.07 -46.73 7.85
N VAL K 120 -26.85 -45.51 8.34
CA VAL K 120 -26.80 -44.36 7.45
C VAL K 120 -25.42 -44.19 6.85
N HIS K 121 -24.37 -44.26 7.66
CA HIS K 121 -23.02 -43.99 7.21
C HIS K 121 -22.24 -45.24 6.85
N GLY K 122 -22.88 -46.40 6.87
CA GLY K 122 -22.21 -47.64 6.48
C GLY K 122 -21.26 -48.12 7.56
N PHE K 123 -20.65 -49.27 7.30
CA PHE K 123 -19.73 -49.87 8.25
C PHE K 123 -18.88 -50.91 7.53
N LEU K 124 -17.90 -51.44 8.26
CA LEU K 124 -17.05 -52.52 7.76
C LEU K 124 -16.50 -53.28 8.95
N ALA K 125 -16.96 -54.51 9.12
CA ALA K 125 -16.44 -55.41 10.15
C ALA K 125 -15.60 -56.49 9.47
N PRO K 126 -14.27 -56.44 9.60
CA PRO K 126 -13.42 -57.41 8.90
C PRO K 126 -13.23 -58.73 9.64
N LYS K 127 -13.64 -58.81 10.90
CA LYS K 127 -13.54 -60.09 11.62
C LYS K 127 -14.41 -61.15 10.96
N THR K 128 -15.62 -60.79 10.58
CA THR K 128 -16.46 -61.64 9.75
C THR K 128 -16.37 -61.26 8.28
N GLY K 129 -16.23 -59.97 7.99
CA GLY K 129 -16.14 -59.49 6.62
C GLY K 129 -17.34 -58.73 6.12
N ARG K 130 -18.27 -58.35 6.99
CA ARG K 130 -19.46 -57.65 6.55
C ARG K 130 -19.15 -56.20 6.23
N ARG K 131 -19.94 -55.62 5.32
CA ARG K 131 -19.69 -54.26 4.88
C ARG K 131 -21.00 -53.62 4.45
N ARG K 132 -21.00 -52.29 4.43
CA ARG K 132 -22.14 -51.53 3.92
C ARG K 132 -21.63 -50.15 3.55
N VAL K 133 -21.77 -49.78 2.27
CA VAL K 133 -21.27 -48.50 1.81
C VAL K 133 -22.11 -47.38 2.40
N SER K 134 -21.48 -46.23 2.59
CA SER K 134 -22.16 -45.09 3.21
C SER K 134 -23.23 -44.53 2.29
N LEU K 135 -24.38 -44.19 2.87
CA LEU K 135 -25.43 -43.51 2.12
C LEU K 135 -25.12 -42.03 1.92
N VAL K 136 -24.14 -41.49 2.65
CA VAL K 136 -23.75 -40.09 2.55
C VAL K 136 -22.35 -40.04 1.96
N LYS K 137 -22.20 -39.35 0.83
CA LYS K 137 -20.92 -39.19 0.17
C LYS K 137 -20.50 -37.73 0.28
N ALA K 138 -19.30 -37.48 0.81
CA ALA K 138 -18.80 -36.14 1.04
C ALA K 138 -17.62 -35.85 0.13
N SER K 139 -17.61 -34.67 -0.46
CA SER K 139 -16.54 -34.23 -1.34
C SER K 139 -15.66 -33.21 -0.63
N PHE K 140 -14.48 -33.00 -1.19
CA PHE K 140 -13.55 -32.02 -0.64
C PHE K 140 -14.12 -30.61 -0.78
N ILE K 141 -13.71 -29.73 0.13
CA ILE K 141 -14.09 -28.32 0.09
C ILE K 141 -12.87 -27.53 -0.36
N LEU K 142 -12.99 -26.87 -1.51
CA LEU K 142 -11.88 -26.20 -2.15
C LEU K 142 -12.23 -24.75 -2.45
N PRO K 143 -11.26 -23.84 -2.38
CA PRO K 143 -11.50 -22.48 -2.87
C PRO K 143 -11.83 -22.49 -4.35
N THR K 144 -12.77 -21.65 -4.75
CA THR K 144 -13.29 -21.67 -6.10
C THR K 144 -12.23 -21.21 -7.11
N GLU K 145 -12.33 -21.74 -8.33
CA GLU K 145 -11.30 -21.50 -9.33
C GLU K 145 -11.20 -20.04 -9.72
N ASP K 146 -12.34 -19.36 -9.89
CA ASP K 146 -12.31 -17.95 -10.25
C ASP K 146 -11.66 -17.12 -9.15
N PHE K 147 -11.93 -17.46 -7.88
CA PHE K 147 -11.31 -16.76 -6.76
C PHE K 147 -9.80 -16.90 -6.81
N ILE K 148 -9.29 -18.12 -7.01
CA ILE K 148 -7.85 -18.33 -7.11
C ILE K 148 -7.29 -17.54 -8.28
N LYS K 149 -8.02 -17.48 -9.39
CA LYS K 149 -7.54 -16.75 -10.56
C LYS K 149 -7.43 -15.26 -10.27
N GLU K 150 -8.41 -14.68 -9.57
CA GLU K 150 -8.41 -13.23 -9.37
C GLU K 150 -7.67 -12.80 -8.11
N VAL K 151 -7.15 -13.76 -7.32
CA VAL K 151 -6.24 -13.40 -6.23
C VAL K 151 -4.80 -13.28 -6.73
N GLU K 152 -4.45 -13.91 -7.85
CA GLU K 152 -3.14 -13.81 -8.47
C GLU K 152 -2.04 -14.27 -7.52
N GLY K 153 -2.08 -15.56 -7.19
CA GLY K 153 -1.12 -16.10 -6.23
C GLY K 153 -1.35 -15.46 -4.88
N GLU K 154 -0.28 -14.89 -4.31
CA GLU K 154 -0.38 -14.06 -3.10
C GLU K 154 -1.03 -14.86 -1.97
N ARG K 155 -0.28 -15.86 -1.51
CA ARG K 155 -0.72 -16.79 -0.47
C ARG K 155 -1.46 -16.06 0.65
N LEU K 156 -2.61 -16.61 1.03
CA LEU K 156 -3.54 -15.97 1.95
C LEU K 156 -3.67 -16.72 3.27
N ILE K 157 -2.61 -17.41 3.68
CA ILE K 157 -2.56 -18.13 4.95
C ILE K 157 -1.64 -17.37 5.89
N THR K 158 -2.13 -17.04 7.08
CA THR K 158 -1.37 -16.28 8.06
C THR K 158 -1.09 -17.17 9.27
N ALA K 159 0.16 -17.17 9.72
CA ALA K 159 0.58 -18.00 10.85
C ALA K 159 0.55 -17.13 12.11
N ILE K 160 -0.47 -17.33 12.93
CA ILE K 160 -0.64 -16.59 14.17
C ILE K 160 -0.05 -17.39 15.31
N LYS K 161 0.81 -16.76 16.09
CA LYS K 161 1.46 -17.39 17.24
C LYS K 161 0.76 -16.93 18.51
N HIS K 162 0.51 -17.86 19.41
CA HIS K 162 -0.07 -17.52 20.71
C HIS K 162 0.43 -18.50 21.75
N ASN K 163 0.66 -17.99 22.96
CA ASN K 163 1.46 -18.68 23.96
C ASN K 163 0.62 -19.60 24.85
N ARG K 164 1.32 -20.43 25.61
CA ARG K 164 0.75 -21.32 26.62
C ARG K 164 1.21 -20.78 27.96
N VAL K 165 0.41 -19.90 28.58
CA VAL K 165 0.79 -19.31 29.85
C VAL K 165 0.81 -20.39 30.92
N ASP K 166 1.99 -20.65 31.49
CA ASP K 166 2.20 -21.70 32.47
C ASP K 166 2.77 -21.07 33.73
N VAL K 167 1.89 -20.72 34.67
CA VAL K 167 2.27 -20.05 35.91
C VAL K 167 2.32 -21.10 37.03
N ASP K 168 3.46 -21.21 37.68
CA ASP K 168 3.61 -22.09 38.83
C ASP K 168 2.92 -21.45 40.05
N GLU K 169 2.77 -22.26 41.10
CA GLU K 169 2.10 -21.77 42.30
C GLU K 169 2.84 -20.61 42.96
N LYS K 170 4.12 -20.41 42.62
CA LYS K 170 4.90 -19.29 43.12
C LYS K 170 4.98 -18.15 42.11
N GLY K 171 4.21 -18.22 41.02
CA GLY K 171 4.23 -17.17 40.01
C GLY K 171 5.53 -17.06 39.26
N ALA K 172 6.10 -18.20 38.83
CA ALA K 172 7.36 -18.22 38.11
C ALA K 172 7.21 -19.04 36.83
N ILE K 173 7.96 -18.65 35.80
CA ILE K 173 8.02 -19.36 34.54
C ILE K 173 9.46 -19.70 34.24
N GLY K 174 9.74 -20.97 33.98
CA GLY K 174 11.09 -21.44 33.72
C GLY K 174 11.13 -22.30 32.48
N SER K 175 11.95 -23.34 32.53
CA SER K 175 12.13 -24.29 31.44
C SER K 175 11.78 -25.69 31.92
N SER K 176 12.05 -26.68 31.07
CA SER K 176 11.77 -28.07 31.41
C SER K 176 12.65 -28.60 32.53
N LYS K 177 13.70 -27.87 32.92
CA LYS K 177 14.56 -28.31 34.00
C LYS K 177 13.83 -28.33 35.34
N GLU K 178 12.79 -27.52 35.51
CA GLU K 178 12.02 -27.48 36.73
C GLU K 178 10.70 -28.23 36.64
N GLY K 179 10.38 -28.80 35.48
CA GLY K 179 9.16 -29.55 35.31
C GLY K 179 8.00 -28.79 34.71
N THR K 180 8.22 -27.57 34.22
CA THR K 180 7.17 -26.76 33.62
C THR K 180 7.22 -26.88 32.10
N ALA K 181 6.17 -26.37 31.46
CA ALA K 181 6.03 -26.41 30.00
C ALA K 181 5.76 -25.00 29.50
N GLN K 182 6.81 -24.34 29.01
CA GLN K 182 6.72 -22.99 28.48
C GLN K 182 7.18 -22.99 27.03
N MET K 183 6.23 -22.88 26.12
CA MET K 183 6.52 -22.78 24.69
C MET K 183 5.41 -21.99 24.02
N LEU K 184 5.68 -21.56 22.78
CA LEU K 184 4.78 -20.69 22.03
C LEU K 184 4.41 -21.41 20.72
N PHE K 185 3.28 -22.10 20.72
CA PHE K 185 2.84 -22.80 19.53
C PHE K 185 2.15 -21.85 18.56
N SER K 186 2.28 -22.15 17.27
CA SER K 186 1.72 -21.33 16.20
C SER K 186 0.69 -22.14 15.42
N ARG K 187 -0.34 -21.45 14.95
CA ARG K 187 -1.39 -22.08 14.14
C ARG K 187 -1.64 -21.24 12.91
N GLU K 188 -1.91 -21.91 11.79
CA GLU K 188 -2.15 -21.24 10.52
C GLU K 188 -3.65 -21.05 10.31
N TYR K 189 -4.04 -19.86 9.88
CA TYR K 189 -5.43 -19.51 9.63
C TYR K 189 -5.57 -19.03 8.19
N ALA K 190 -6.69 -19.38 7.57
CA ALA K 190 -6.91 -19.08 6.16
C ALA K 190 -8.29 -18.47 5.96
N THR K 191 -8.48 -17.88 4.78
CA THR K 191 -9.74 -17.30 4.36
C THR K 191 -9.99 -17.71 2.91
N GLY K 192 -11.01 -17.12 2.29
CA GLY K 192 -11.29 -17.30 0.89
C GLY K 192 -12.74 -17.65 0.65
N LEU K 193 -13.04 -18.02 -0.59
CA LEU K 193 -14.37 -18.43 -1.01
C LEU K 193 -14.30 -19.90 -1.41
N TYR K 194 -15.02 -20.75 -0.69
CA TYR K 194 -14.94 -22.19 -0.85
C TYR K 194 -16.19 -22.74 -1.55
N GLY K 195 -16.12 -24.02 -1.89
CA GLY K 195 -17.25 -24.70 -2.51
C GLY K 195 -17.35 -26.12 -2.02
N PHE K 196 -18.60 -26.61 -1.99
CA PHE K 196 -18.88 -27.95 -1.46
C PHE K 196 -19.83 -28.68 -2.40
N SER K 197 -19.79 -30.01 -2.33
CA SER K 197 -20.53 -30.87 -3.25
C SER K 197 -21.23 -31.98 -2.47
N ILE K 198 -21.98 -31.62 -1.43
CA ILE K 198 -22.64 -32.59 -0.58
C ILE K 198 -23.60 -33.43 -1.41
N VAL K 199 -23.51 -34.75 -1.26
CA VAL K 199 -24.44 -35.68 -1.91
C VAL K 199 -24.77 -36.78 -0.92
N LEU K 200 -26.05 -37.16 -0.85
CA LEU K 200 -26.49 -38.21 0.06
C LEU K 200 -27.72 -38.90 -0.51
N ASP K 201 -27.71 -40.23 -0.48
CA ASP K 201 -28.73 -41.06 -1.10
C ASP K 201 -29.48 -41.78 0.02
N LEU K 202 -30.57 -41.15 0.49
CA LEU K 202 -31.33 -41.67 1.63
C LEU K 202 -32.43 -42.64 1.21
N GLY K 203 -32.33 -43.24 0.03
CA GLY K 203 -33.33 -44.20 -0.40
C GLY K 203 -33.13 -45.61 0.10
N LEU K 204 -32.00 -45.89 0.74
CA LEU K 204 -31.69 -47.22 1.25
C LEU K 204 -31.69 -47.28 2.77
N VAL K 205 -32.34 -46.34 3.43
CA VAL K 205 -32.39 -46.35 4.89
C VAL K 205 -33.28 -47.51 5.33
N GLY K 206 -32.72 -48.42 6.11
CA GLY K 206 -33.44 -49.59 6.57
C GLY K 206 -33.47 -50.74 5.58
N ILE K 207 -32.91 -50.57 4.39
CA ILE K 207 -32.88 -51.61 3.37
C ILE K 207 -31.49 -52.25 3.41
N PRO K 208 -31.38 -53.55 3.71
CA PRO K 208 -30.07 -54.20 3.66
C PRO K 208 -29.49 -54.14 2.25
N GLN K 209 -28.17 -53.93 2.18
CA GLN K 209 -27.51 -53.83 0.88
C GLN K 209 -27.45 -55.17 0.17
N GLY K 210 -27.39 -56.27 0.92
CA GLY K 210 -27.33 -57.59 0.35
C GLY K 210 -28.65 -58.16 -0.13
N LEU K 211 -29.75 -57.45 0.09
CA LEU K 211 -31.06 -57.90 -0.37
C LEU K 211 -31.99 -56.70 -0.49
N PRO K 212 -31.88 -55.93 -1.59
CA PRO K 212 -32.69 -54.71 -1.69
C PRO K 212 -34.16 -54.97 -1.95
N VAL K 213 -34.51 -56.07 -2.62
CA VAL K 213 -35.88 -56.35 -2.99
C VAL K 213 -36.25 -57.75 -2.53
N LYS K 214 -37.56 -57.99 -2.42
CA LYS K 214 -38.09 -59.26 -1.95
C LYS K 214 -38.67 -60.13 -3.07
N PHE K 215 -39.35 -59.52 -4.04
CA PHE K 215 -39.93 -60.22 -5.18
C PHE K 215 -40.91 -61.31 -4.71
N GLU K 216 -41.97 -60.85 -4.04
CA GLU K 216 -42.99 -61.77 -3.53
C GLU K 216 -43.77 -62.41 -4.67
N GLU K 217 -44.23 -61.61 -5.63
CA GLU K 217 -44.89 -62.11 -6.84
C GLU K 217 -44.31 -61.41 -8.06
N ASN K 218 -42.98 -61.37 -8.15
CA ASN K 218 -42.27 -60.68 -9.22
C ASN K 218 -42.63 -59.19 -9.26
N GLN K 219 -42.60 -58.57 -8.09
CA GLN K 219 -42.87 -57.15 -7.94
C GLN K 219 -41.77 -56.50 -7.12
N PRO K 220 -41.37 -55.27 -7.48
CA PRO K 220 -40.28 -54.58 -6.76
C PRO K 220 -40.71 -53.97 -5.43
N ARG K 221 -40.90 -54.84 -4.43
CA ARG K 221 -41.24 -54.39 -3.09
C ARG K 221 -39.97 -54.21 -2.27
N PRO K 222 -39.74 -53.02 -1.72
CA PRO K 222 -38.52 -52.81 -0.93
C PRO K 222 -38.49 -53.70 0.31
N ASN K 223 -37.30 -54.16 0.67
CA ASN K 223 -37.12 -55.05 1.81
C ASN K 223 -36.78 -54.20 3.04
N ILE K 224 -37.82 -53.59 3.60
CA ILE K 224 -37.67 -52.78 4.81
C ILE K 224 -37.65 -53.71 6.01
N VAL K 225 -36.58 -53.62 6.81
CA VAL K 225 -36.45 -54.45 8.01
C VAL K 225 -36.83 -53.71 9.28
N ILE K 226 -37.13 -52.41 9.20
CA ILE K 226 -37.52 -51.63 10.37
C ILE K 226 -38.92 -51.08 10.15
N ASP K 227 -39.46 -50.41 11.16
CA ASP K 227 -40.78 -49.80 11.03
C ASP K 227 -40.73 -48.63 10.05
N PRO K 228 -41.80 -48.41 9.30
CA PRO K 228 -41.83 -47.22 8.40
C PRO K 228 -41.68 -45.91 9.14
N ASN K 229 -42.24 -45.81 10.35
CA ASN K 229 -42.09 -44.59 11.13
C ASN K 229 -40.64 -44.35 11.53
N GLU K 230 -39.93 -45.41 11.92
CA GLU K 230 -38.51 -45.27 12.24
C GLU K 230 -37.71 -44.90 11.00
N ARG K 231 -38.07 -45.46 9.84
CA ARG K 231 -37.40 -45.08 8.60
C ARG K 231 -37.59 -43.60 8.30
N LYS K 232 -38.83 -43.10 8.46
CA LYS K 232 -39.09 -41.69 8.23
C LYS K 232 -38.33 -40.82 9.20
N ALA K 233 -38.28 -41.23 10.48
CA ALA K 233 -37.54 -40.47 11.47
C ALA K 233 -36.05 -40.43 11.15
N ARG K 234 -35.49 -41.56 10.73
CA ARG K 234 -34.08 -41.60 10.36
C ARG K 234 -33.79 -40.70 9.17
N ILE K 235 -34.66 -40.73 8.16
CA ILE K 235 -34.47 -39.88 6.99
C ILE K 235 -34.56 -38.41 7.37
N GLU K 236 -35.55 -38.06 8.21
CA GLU K 236 -35.71 -36.68 8.62
C GLU K 236 -34.51 -36.19 9.43
N SER K 237 -33.98 -37.03 10.32
CA SER K 237 -32.80 -36.66 11.08
C SER K 237 -31.59 -36.49 10.17
N ALA K 238 -31.43 -37.39 9.19
CA ALA K 238 -30.32 -37.26 8.25
C ALA K 238 -30.43 -35.97 7.44
N LEU K 239 -31.65 -35.59 7.06
CA LEU K 239 -31.83 -34.35 6.33
C LEU K 239 -31.57 -33.13 7.21
N LYS K 240 -32.05 -33.16 8.45
CA LYS K 240 -31.87 -32.04 9.37
C LYS K 240 -30.45 -31.95 9.91
N ALA K 241 -29.61 -32.96 9.68
CA ALA K 241 -28.21 -32.87 10.07
C ALA K 241 -27.49 -31.74 9.35
N LEU K 242 -28.04 -31.24 8.24
CA LEU K 242 -27.47 -30.11 7.54
C LEU K 242 -27.63 -28.79 8.27
N ILE K 243 -28.43 -28.75 9.34
CA ILE K 243 -28.66 -27.49 10.05
C ILE K 243 -27.40 -26.95 10.70
N PRO K 244 -26.71 -27.68 11.60
CA PRO K 244 -25.50 -27.10 12.21
C PRO K 244 -24.32 -27.18 11.26
N MET K 245 -24.33 -28.19 10.40
CA MET K 245 -23.20 -28.45 9.51
C MET K 245 -22.97 -27.32 8.52
N LEU K 246 -24.06 -26.74 8.01
CA LEU K 246 -23.97 -25.61 7.09
C LEU K 246 -24.16 -24.27 7.80
N SER K 247 -23.93 -24.22 9.11
CA SER K 247 -24.00 -22.98 9.86
C SER K 247 -22.70 -22.66 10.60
N GLY K 248 -21.64 -23.44 10.36
CA GLY K 248 -20.36 -23.16 10.99
C GLY K 248 -19.87 -24.23 11.93
N TYR K 249 -20.55 -25.38 11.95
CA TYR K 249 -20.17 -26.51 12.81
C TYR K 249 -19.46 -27.61 12.04
N ILE K 250 -18.59 -27.24 11.09
CA ILE K 250 -17.75 -28.18 10.38
C ILE K 250 -16.31 -27.74 10.54
N GLY K 251 -15.46 -28.68 10.95
CA GLY K 251 -14.04 -28.43 11.06
C GLY K 251 -13.56 -28.47 12.50
N ALA K 252 -12.28 -28.17 12.66
CA ALA K 252 -11.58 -28.28 13.93
C ALA K 252 -11.35 -26.91 14.55
N ASN K 253 -10.87 -26.93 15.80
CA ASN K 253 -10.53 -25.72 16.54
C ASN K 253 -11.74 -24.79 16.68
N LEU K 254 -12.93 -25.39 16.76
CA LEU K 254 -14.14 -24.60 16.92
C LEU K 254 -14.18 -23.88 18.27
N ALA K 255 -13.43 -24.35 19.26
CA ALA K 255 -13.42 -23.69 20.56
C ALA K 255 -12.71 -22.34 20.50
N ARG K 256 -11.68 -22.21 19.67
CA ARG K 256 -10.89 -21.00 19.62
C ARG K 256 -10.94 -20.28 18.27
N SER K 257 -11.43 -20.92 17.21
CA SER K 257 -11.53 -20.27 15.90
C SER K 257 -12.98 -20.06 15.49
N PHE K 258 -13.77 -21.13 15.40
CA PHE K 258 -15.18 -21.07 15.01
C PHE K 258 -15.36 -20.23 13.76
N PRO K 259 -15.08 -20.77 12.58
CA PRO K 259 -14.86 -19.94 11.40
C PRO K 259 -16.00 -18.98 11.13
N VAL K 260 -15.65 -17.78 10.67
CA VAL K 260 -16.63 -16.78 10.27
C VAL K 260 -17.35 -17.32 9.03
N PHE K 261 -18.60 -17.75 9.21
CA PHE K 261 -19.29 -18.58 8.23
C PHE K 261 -20.44 -17.82 7.60
N LYS K 262 -20.59 -17.99 6.29
CA LYS K 262 -21.73 -17.45 5.56
C LYS K 262 -21.87 -18.20 4.25
N VAL K 263 -23.08 -18.63 3.93
CA VAL K 263 -23.34 -19.34 2.68
C VAL K 263 -23.58 -18.31 1.59
N GLU K 264 -22.66 -18.22 0.64
CA GLU K 264 -22.82 -17.27 -0.46
C GLU K 264 -23.99 -17.65 -1.34
N GLU K 265 -24.01 -18.90 -1.81
CA GLU K 265 -25.16 -19.39 -2.57
C GLU K 265 -25.14 -20.91 -2.60
N LEU K 266 -26.26 -21.49 -2.99
CA LEU K 266 -26.35 -22.94 -3.11
C LEU K 266 -27.51 -23.30 -4.03
N VAL K 267 -27.43 -24.51 -4.57
CA VAL K 267 -28.50 -25.10 -5.38
C VAL K 267 -28.63 -26.57 -4.99
N ALA K 268 -29.87 -27.03 -4.86
CA ALA K 268 -30.15 -28.40 -4.46
C ALA K 268 -31.24 -28.98 -5.35
N ILE K 269 -31.13 -30.29 -5.62
CA ILE K 269 -32.13 -31.03 -6.37
C ILE K 269 -32.51 -32.27 -5.58
N ALA K 270 -33.80 -32.55 -5.50
CA ALA K 270 -34.31 -33.69 -4.76
C ALA K 270 -35.27 -34.48 -5.63
N SER K 271 -35.27 -35.80 -5.46
CA SER K 271 -36.15 -36.68 -6.21
C SER K 271 -36.23 -38.02 -5.48
N GLU K 272 -36.81 -39.01 -6.15
CA GLU K 272 -36.91 -40.37 -5.63
C GLU K 272 -36.02 -41.35 -6.37
N GLY K 273 -36.04 -41.33 -7.70
CA GLY K 273 -35.20 -42.20 -8.49
C GLY K 273 -33.80 -41.66 -8.62
N PRO K 274 -32.92 -42.48 -9.18
CA PRO K 274 -31.55 -42.04 -9.44
C PRO K 274 -31.51 -40.76 -10.25
N ILE K 275 -30.62 -39.84 -9.84
CA ILE K 275 -30.42 -38.59 -10.57
C ILE K 275 -28.94 -38.30 -10.64
N PRO K 276 -28.51 -37.61 -11.70
CA PRO K 276 -27.10 -37.20 -11.78
C PRO K 276 -26.73 -36.23 -10.68
N ALA K 277 -25.49 -36.35 -10.22
CA ALA K 277 -24.99 -35.45 -9.18
C ALA K 277 -24.74 -34.06 -9.76
N LEU K 278 -25.00 -33.04 -8.96
CA LEU K 278 -24.75 -31.67 -9.38
C LEU K 278 -23.25 -31.43 -9.52
N VAL K 279 -22.91 -30.48 -10.40
CA VAL K 279 -21.50 -30.13 -10.57
C VAL K 279 -21.03 -29.33 -9.35
N HIS K 280 -19.77 -29.52 -9.00
CA HIS K 280 -19.20 -28.87 -7.82
C HIS K 280 -19.17 -27.36 -7.99
N GLY K 281 -19.30 -26.66 -6.87
CA GLY K 281 -19.19 -25.22 -6.84
C GLY K 281 -17.77 -24.69 -6.95
N PHE K 282 -16.80 -25.58 -7.09
CA PHE K 282 -15.42 -25.17 -7.26
C PHE K 282 -15.23 -24.37 -8.55
N TYR K 283 -15.90 -24.79 -9.63
CA TYR K 283 -15.71 -24.16 -10.92
C TYR K 283 -16.48 -22.85 -11.03
N GLU K 284 -15.99 -21.99 -11.92
CA GLU K 284 -16.64 -20.69 -12.12
C GLU K 284 -17.98 -20.85 -12.82
N ASP K 285 -18.03 -21.66 -13.88
CA ASP K 285 -19.26 -21.86 -14.65
C ASP K 285 -20.02 -23.09 -14.19
N TYR K 286 -20.32 -23.18 -12.89
CA TYR K 286 -21.06 -24.32 -12.37
C TYR K 286 -22.57 -24.08 -12.37
N ILE K 287 -23.00 -22.81 -12.30
CA ILE K 287 -24.43 -22.51 -12.36
C ILE K 287 -24.99 -22.90 -13.72
N GLU K 288 -24.27 -22.54 -14.80
CA GLU K 288 -24.74 -22.88 -16.14
C GLU K 288 -24.76 -24.39 -16.35
N ALA K 289 -23.74 -25.10 -15.86
CA ALA K 289 -23.71 -26.55 -15.99
C ALA K 289 -24.86 -27.18 -15.23
N ASN K 290 -25.15 -26.70 -14.02
CA ASN K 290 -26.28 -27.22 -13.26
C ASN K 290 -27.60 -26.93 -13.97
N ARG K 291 -27.72 -25.74 -14.56
CA ARG K 291 -28.92 -25.39 -15.31
C ARG K 291 -29.14 -26.35 -16.47
N SER K 292 -28.09 -26.61 -17.24
CA SER K 292 -28.20 -27.54 -18.36
C SER K 292 -28.54 -28.93 -17.89
N ILE K 293 -27.90 -29.39 -16.81
CA ILE K 293 -28.15 -30.74 -16.29
C ILE K 293 -29.60 -30.87 -15.86
N ILE K 294 -30.11 -29.90 -15.11
CA ILE K 294 -31.49 -29.96 -14.63
C ILE K 294 -32.47 -29.90 -15.79
N LYS K 295 -32.24 -28.99 -16.73
CA LYS K 295 -33.16 -28.81 -17.86
C LYS K 295 -33.23 -30.08 -18.71
N ASN K 296 -32.08 -30.71 -18.97
CA ASN K 296 -32.08 -31.91 -19.79
C ASN K 296 -32.43 -33.17 -19.01
N ALA K 297 -32.41 -33.11 -17.67
CA ALA K 297 -32.83 -34.26 -16.88
C ALA K 297 -34.34 -34.26 -16.67
N ARG K 298 -34.96 -33.09 -16.58
CA ARG K 298 -36.41 -33.02 -16.48
C ARG K 298 -37.07 -33.60 -17.72
N ALA K 299 -36.54 -33.26 -18.90
CA ALA K 299 -37.14 -33.71 -20.16
C ALA K 299 -36.96 -35.20 -20.40
N LEU K 300 -35.96 -35.82 -19.79
CA LEU K 300 -35.70 -37.24 -20.01
C LEU K 300 -36.70 -38.14 -19.30
N GLY K 301 -37.39 -37.63 -18.28
CA GLY K 301 -38.37 -38.42 -17.56
C GLY K 301 -38.10 -38.54 -16.08
N PHE K 302 -37.36 -37.58 -15.52
CA PHE K 302 -37.08 -37.54 -14.10
C PHE K 302 -37.92 -36.47 -13.43
N ASN K 303 -38.44 -36.79 -12.25
CA ASN K 303 -39.26 -35.87 -11.45
C ASN K 303 -38.34 -35.23 -10.40
N ILE K 304 -37.79 -34.08 -10.75
CA ILE K 304 -36.78 -33.40 -9.93
C ILE K 304 -37.37 -32.09 -9.41
N GLU K 305 -37.09 -31.80 -8.14
CA GLU K 305 -37.50 -30.53 -7.52
C GLU K 305 -36.26 -29.76 -7.12
N VAL K 306 -36.20 -28.49 -7.51
CA VAL K 306 -34.99 -27.68 -7.42
C VAL K 306 -35.22 -26.52 -6.46
N PHE K 307 -34.27 -26.32 -5.55
CA PHE K 307 -34.26 -25.19 -4.62
C PHE K 307 -32.98 -24.39 -4.81
N THR K 308 -33.09 -23.07 -4.74
CA THR K 308 -31.98 -22.17 -4.99
C THR K 308 -31.85 -21.15 -3.88
N TYR K 309 -30.63 -20.69 -3.65
CA TYR K 309 -30.34 -19.61 -2.71
C TYR K 309 -29.64 -18.50 -3.50
N ASN K 310 -30.40 -17.44 -3.82
CA ASN K 310 -29.99 -16.35 -4.70
C ASN K 310 -29.21 -16.84 -5.92
N VAL K 311 -29.66 -17.94 -6.51
CA VAL K 311 -29.14 -18.44 -7.78
C VAL K 311 -30.27 -18.37 -8.79
N ASP K 312 -30.00 -17.71 -9.92
CA ASP K 312 -31.07 -17.44 -10.88
C ASP K 312 -31.40 -18.66 -11.73
N LEU K 313 -30.38 -19.30 -12.32
CA LEU K 313 -30.58 -20.40 -13.26
C LEU K 313 -31.50 -20.01 -14.40
N GLY K 314 -31.36 -18.77 -14.87
CA GLY K 314 -32.18 -18.29 -15.96
C GLY K 314 -33.65 -18.24 -15.58
N GLU K 315 -34.49 -18.74 -16.48
CA GLU K 315 -35.94 -18.73 -16.29
C GLU K 315 -36.46 -20.08 -16.82
N ASP K 316 -37.77 -20.20 -16.95
CA ASP K 316 -38.47 -21.39 -17.46
C ASP K 316 -38.04 -22.67 -16.74
N ILE K 317 -37.53 -22.55 -15.52
CA ILE K 317 -37.20 -23.69 -14.68
C ILE K 317 -37.98 -23.54 -13.38
N GLU K 318 -38.77 -24.56 -13.05
CA GLU K 318 -39.64 -24.52 -11.88
C GLU K 318 -38.79 -24.75 -10.62
N ALA K 319 -38.11 -23.69 -10.20
CA ALA K 319 -37.24 -23.72 -9.03
C ALA K 319 -37.85 -22.88 -7.92
N THR K 320 -37.57 -23.27 -6.68
CA THR K 320 -38.08 -22.59 -5.50
C THR K 320 -36.94 -21.81 -4.84
N LYS K 321 -37.17 -20.51 -4.60
CA LYS K 321 -36.17 -19.66 -3.98
C LYS K 321 -36.34 -19.71 -2.46
N VAL K 322 -35.33 -20.22 -1.78
CA VAL K 322 -35.33 -20.32 -0.32
C VAL K 322 -34.49 -19.19 0.25
N SER K 323 -34.94 -18.62 1.37
CA SER K 323 -34.23 -17.52 1.99
C SER K 323 -33.04 -17.98 2.83
N SER K 324 -32.96 -19.26 3.16
CA SER K 324 -31.86 -19.79 3.95
C SER K 324 -31.86 -21.31 3.83
N VAL K 325 -30.78 -21.92 4.33
CA VAL K 325 -30.70 -23.38 4.34
C VAL K 325 -31.78 -23.97 5.23
N GLU K 326 -32.25 -23.20 6.21
CA GLU K 326 -33.32 -23.66 7.10
C GLU K 326 -34.58 -23.97 6.30
N GLU K 327 -34.97 -23.05 5.42
CA GLU K 327 -36.14 -23.27 4.58
C GLU K 327 -35.91 -24.41 3.59
N LEU K 328 -34.66 -24.56 3.13
CA LEU K 328 -34.36 -25.67 2.23
C LEU K 328 -34.60 -27.01 2.91
N VAL K 329 -34.12 -27.17 4.15
CA VAL K 329 -34.35 -28.44 4.83
C VAL K 329 -35.82 -28.58 5.21
N ALA K 330 -36.51 -27.47 5.48
CA ALA K 330 -37.94 -27.55 5.74
C ALA K 330 -38.68 -28.11 4.53
N ASN K 331 -38.36 -27.61 3.34
CA ASN K 331 -38.96 -28.13 2.12
C ASN K 331 -38.56 -29.58 1.88
N LEU K 332 -37.32 -29.93 2.19
CA LEU K 332 -36.86 -31.30 2.00
C LEU K 332 -37.60 -32.28 2.91
N VAL K 333 -37.84 -31.89 4.16
CA VAL K 333 -38.54 -32.79 5.07
C VAL K 333 -40.05 -32.75 4.85
N LYS K 334 -40.56 -31.72 4.17
CA LYS K 334 -41.98 -31.67 3.87
C LYS K 334 -42.41 -32.76 2.90
N MET K 335 -41.50 -33.27 2.07
CA MET K 335 -41.84 -34.25 1.05
C MET K 335 -41.56 -35.68 1.50
N VAL K 336 -41.12 -35.89 2.73
CA VAL K 336 -40.83 -37.23 3.21
C VAL K 336 -42.08 -37.85 3.84
N MET L 1 -29.83 -25.10 27.02
CA MET L 1 -29.48 -23.69 27.12
C MET L 1 -28.34 -23.36 26.17
N TYR L 2 -28.64 -23.31 24.87
CA TYR L 2 -27.65 -23.07 23.84
C TYR L 2 -27.79 -21.62 23.37
N VAL L 3 -27.00 -20.74 23.98
CA VAL L 3 -27.12 -19.30 23.75
C VAL L 3 -26.13 -18.87 22.70
N ARG L 4 -26.63 -18.23 21.64
CA ARG L 4 -25.79 -17.75 20.56
C ARG L 4 -25.96 -16.24 20.43
N ILE L 5 -24.83 -15.53 20.46
CA ILE L 5 -24.81 -14.06 20.48
C ILE L 5 -23.91 -13.58 19.35
N SER L 6 -24.36 -12.54 18.63
CA SER L 6 -23.58 -11.97 17.56
C SER L 6 -23.93 -10.50 17.39
N GLY L 7 -22.93 -9.67 17.11
CA GLY L 7 -23.19 -8.26 16.96
C GLY L 7 -21.92 -7.48 16.66
N ARG L 8 -22.08 -6.16 16.69
CA ARG L 8 -21.02 -5.21 16.38
C ARG L 8 -20.72 -4.35 17.59
N ILE L 9 -19.43 -4.12 17.82
CA ILE L 9 -18.93 -3.23 18.86
C ILE L 9 -18.01 -2.21 18.20
N ARG L 10 -17.71 -1.14 18.92
CA ARG L 10 -16.81 -0.09 18.44
C ARG L 10 -15.61 -0.02 19.37
N LEU L 11 -14.42 -0.34 18.84
CA LEU L 11 -13.20 -0.39 19.62
C LEU L 11 -12.29 0.75 19.20
N ASN L 12 -11.92 1.60 20.15
CA ASN L 12 -11.13 2.80 19.85
C ASN L 12 -9.91 2.84 20.76
N ALA L 13 -8.74 3.15 20.18
CA ALA L 13 -7.53 3.38 20.95
C ALA L 13 -7.19 2.16 21.81
N HIS L 14 -7.13 1.01 21.15
CA HIS L 14 -6.93 -0.27 21.83
C HIS L 14 -5.68 -0.95 21.30
N SER L 15 -5.06 -1.76 22.15
CA SER L 15 -3.91 -2.58 21.78
C SER L 15 -4.09 -3.99 22.32
N LEU L 16 -5.31 -4.50 22.26
CA LEU L 16 -5.60 -5.84 22.75
C LEU L 16 -4.94 -6.88 21.87
N ASN L 17 -4.36 -7.90 22.52
CA ASN L 17 -3.76 -9.05 21.84
C ASN L 17 -2.66 -8.60 20.88
N ALA L 18 -1.60 -8.05 21.46
CA ALA L 18 -0.43 -7.66 20.69
C ALA L 18 0.41 -8.90 20.35
N GLN L 19 1.49 -8.68 19.60
CA GLN L 19 2.38 -9.76 19.19
C GLN L 19 3.56 -9.95 20.13
N GLY L 20 3.61 -9.22 21.23
CA GLY L 20 4.63 -9.43 22.24
C GLY L 20 5.99 -8.88 21.87
N GLY L 21 6.31 -8.92 20.57
CA GLY L 21 7.55 -8.35 20.07
C GLY L 21 8.80 -9.04 20.54
N GLY L 22 8.66 -10.19 21.21
CA GLY L 22 9.82 -10.87 21.74
C GLY L 22 10.60 -10.09 22.75
N GLY L 23 9.98 -9.12 23.41
CA GLY L 23 10.65 -8.29 24.40
C GLY L 23 11.43 -7.13 23.86
N THR L 24 11.37 -6.86 22.55
CA THR L 24 12.12 -5.76 21.98
C THR L 24 11.35 -4.45 22.15
N ASN L 25 11.95 -3.36 21.65
CA ASN L 25 11.33 -2.04 21.79
C ASN L 25 10.01 -1.95 21.04
N TYR L 26 9.94 -2.52 19.84
CA TYR L 26 8.75 -2.43 18.99
C TYR L 26 7.90 -3.68 19.18
N ILE L 27 6.68 -3.49 19.69
CA ILE L 27 5.72 -4.57 19.85
C ILE L 27 4.43 -4.16 19.15
N GLU L 28 3.87 -5.07 18.36
CA GLU L 28 2.81 -4.74 17.42
C GLU L 28 1.57 -5.59 17.68
N ILE L 29 0.45 -5.14 17.10
CA ILE L 29 -0.83 -5.82 17.27
C ILE L 29 -0.91 -6.98 16.29
N THR L 30 -1.50 -8.10 16.75
CA THR L 30 -1.73 -9.23 15.86
C THR L 30 -2.63 -8.82 14.71
N LYS L 31 -2.27 -9.23 13.50
CA LYS L 31 -3.04 -8.93 12.30
C LYS L 31 -3.37 -10.22 11.58
N THR L 32 -4.47 -10.21 10.83
CA THR L 32 -4.88 -11.34 10.04
C THR L 32 -5.49 -10.84 8.74
N LYS L 33 -5.51 -11.71 7.74
CA LYS L 33 -6.05 -11.36 6.43
C LYS L 33 -7.51 -11.76 6.33
N VAL L 34 -8.30 -10.90 5.67
CA VAL L 34 -9.69 -11.18 5.38
C VAL L 34 -9.98 -10.81 3.93
N THR L 35 -11.01 -11.45 3.38
CA THR L 35 -11.38 -11.27 1.99
C THR L 35 -12.66 -10.44 1.89
N VAL L 36 -12.66 -9.49 0.95
CA VAL L 36 -13.82 -8.65 0.68
C VAL L 36 -14.07 -8.64 -0.82
N ARG L 37 -15.32 -8.34 -1.18
CA ARG L 37 -15.71 -8.39 -2.58
C ARG L 37 -15.38 -7.08 -3.31
N THR L 38 -15.79 -5.95 -2.74
CA THR L 38 -15.59 -4.61 -3.30
C THR L 38 -16.23 -4.44 -4.68
N GLU L 39 -17.06 -5.40 -5.11
CA GLU L 39 -17.81 -5.37 -6.36
C GLU L 39 -16.92 -5.26 -7.60
N ASN L 40 -15.61 -5.42 -7.46
CA ASN L 40 -14.71 -5.39 -8.60
C ASN L 40 -13.62 -6.45 -8.49
N GLY L 41 -13.94 -7.59 -7.87
CA GLY L 41 -12.97 -8.67 -7.72
C GLY L 41 -12.59 -8.85 -6.26
N TRP L 42 -12.60 -10.11 -5.83
CA TRP L 42 -12.26 -10.43 -4.44
C TRP L 42 -10.84 -10.00 -4.14
N THR L 43 -10.66 -9.31 -3.02
CA THR L 43 -9.34 -8.84 -2.59
C THR L 43 -9.13 -9.15 -1.12
N VAL L 44 -7.90 -9.49 -0.77
CA VAL L 44 -7.53 -9.75 0.62
C VAL L 44 -6.93 -8.48 1.22
N VAL L 45 -7.03 -8.36 2.53
CA VAL L 45 -6.50 -7.20 3.24
C VAL L 45 -6.12 -7.64 4.65
N GLU L 46 -5.00 -7.10 5.13
CA GLU L 46 -4.47 -7.44 6.45
C GLU L 46 -4.91 -6.38 7.45
N VAL L 47 -5.61 -6.82 8.49
CA VAL L 47 -6.20 -5.90 9.47
C VAL L 47 -5.97 -6.43 10.87
N PRO L 48 -5.95 -5.53 11.85
CA PRO L 48 -5.82 -5.96 13.25
C PRO L 48 -7.02 -6.78 13.68
N ALA L 49 -6.78 -7.72 14.59
CA ALA L 49 -7.83 -8.63 15.03
C ALA L 49 -7.51 -9.11 16.44
N ILE L 50 -8.55 -9.62 17.10
CA ILE L 50 -8.43 -10.22 18.43
C ILE L 50 -8.72 -11.71 18.27
N THR L 51 -7.74 -12.54 18.61
CA THR L 51 -7.90 -13.98 18.46
C THR L 51 -8.98 -14.50 19.40
N GLY L 52 -9.62 -15.59 18.97
CA GLY L 52 -10.63 -16.22 19.81
C GLY L 52 -10.07 -16.82 21.08
N ASN L 53 -8.77 -17.11 21.12
CA ASN L 53 -8.15 -17.65 22.32
C ASN L 53 -8.20 -16.65 23.47
N MET L 54 -7.87 -15.38 23.19
CA MET L 54 -7.92 -14.36 24.21
C MET L 54 -9.34 -14.15 24.72
N LEU L 55 -10.30 -14.13 23.82
CA LEU L 55 -11.70 -13.94 24.21
C LEU L 55 -12.20 -15.12 25.05
N LYS L 56 -11.82 -16.34 24.68
CA LYS L 56 -12.17 -17.50 25.49
C LYS L 56 -11.53 -17.43 26.87
N HIS L 57 -10.26 -17.00 26.93
CA HIS L 57 -9.60 -16.86 28.23
C HIS L 57 -10.31 -15.83 29.10
N TRP L 58 -10.77 -14.73 28.50
CA TRP L 58 -11.45 -13.71 29.28
C TRP L 58 -12.83 -14.18 29.72
N HIS L 59 -13.50 -15.00 28.91
CA HIS L 59 -14.74 -15.62 29.38
C HIS L 59 -14.46 -16.53 30.56
N PHE L 60 -13.36 -17.29 30.51
CA PHE L 60 -13.00 -18.12 31.65
C PHE L 60 -12.73 -17.28 32.89
N VAL L 61 -12.06 -16.14 32.71
CA VAL L 61 -11.79 -15.23 33.83
C VAL L 61 -13.10 -14.74 34.44
N GLY L 62 -14.03 -14.29 33.59
CA GLY L 62 -15.31 -13.83 34.10
C GLY L 62 -16.08 -14.94 34.80
N PHE L 63 -16.02 -16.15 34.25
CA PHE L 63 -16.74 -17.27 34.84
C PHE L 63 -16.22 -17.59 36.23
N VAL L 64 -14.89 -17.68 36.38
CA VAL L 64 -14.36 -17.98 37.71
C VAL L 64 -14.61 -16.80 38.66
N ASP L 65 -14.56 -15.57 38.16
CA ASP L 65 -14.83 -14.41 39.01
C ASP L 65 -16.24 -14.44 39.55
N TYR L 66 -17.22 -14.80 38.72
CA TYR L 66 -18.60 -14.84 39.17
C TYR L 66 -18.95 -16.14 39.89
N PHE L 67 -18.13 -17.18 39.74
CA PHE L 67 -18.37 -18.44 40.44
C PHE L 67 -17.68 -18.51 41.79
N LYS L 68 -16.72 -17.64 42.05
CA LYS L 68 -16.06 -17.62 43.36
C LYS L 68 -17.05 -17.28 44.47
N THR L 69 -17.93 -16.32 44.23
CA THR L 69 -18.89 -15.90 45.25
C THR L 69 -19.95 -16.96 45.52
N THR L 70 -20.16 -17.89 44.59
CA THR L 70 -21.15 -18.93 44.78
C THR L 70 -20.74 -19.84 45.94
N PRO L 71 -21.70 -20.31 46.75
CA PRO L 71 -21.36 -21.26 47.82
C PRO L 71 -20.73 -22.55 47.31
N TYR L 72 -20.92 -22.88 46.04
CA TYR L 72 -20.28 -24.02 45.42
C TYR L 72 -18.94 -23.66 44.79
N GLY L 73 -18.44 -22.44 45.04
CA GLY L 73 -17.23 -21.96 44.42
C GLY L 73 -15.95 -22.59 44.90
N VAL L 74 -16.03 -23.49 45.89
CA VAL L 74 -14.84 -24.21 46.33
C VAL L 74 -14.34 -25.13 45.23
N ASN L 75 -15.24 -25.71 44.44
CA ASN L 75 -14.89 -26.68 43.42
C ASN L 75 -14.25 -26.01 42.20
N LEU L 76 -13.10 -25.37 42.45
CA LEU L 76 -12.31 -24.75 41.39
C LEU L 76 -10.86 -25.19 41.52
N THR L 77 -10.19 -25.30 40.38
CA THR L 77 -8.77 -25.58 40.38
C THR L 77 -8.02 -24.42 41.03
N GLU L 78 -6.96 -24.74 41.77
CA GLU L 78 -6.21 -23.69 42.46
C GLU L 78 -5.61 -22.69 41.46
N ARG L 79 -5.09 -23.19 40.35
CA ARG L 79 -4.54 -22.29 39.34
C ARG L 79 -5.61 -21.45 38.67
N ALA L 80 -6.87 -21.88 38.70
CA ALA L 80 -7.94 -21.07 38.14
C ALA L 80 -8.18 -19.82 38.97
N LEU L 81 -7.84 -19.86 40.27
CA LEU L 81 -7.99 -18.68 41.11
C LEU L 81 -7.07 -17.55 40.65
N ARG L 82 -5.85 -17.88 40.23
CA ARG L 82 -4.93 -16.91 39.66
C ARG L 82 -5.09 -16.74 38.16
N TYR L 83 -6.23 -17.17 37.61
CA TYR L 83 -6.54 -17.02 36.19
C TYR L 83 -5.49 -17.67 35.30
N ASN L 84 -5.03 -18.85 35.70
CA ASN L 84 -4.08 -19.60 34.89
C ASN L 84 -4.83 -20.34 33.80
N GLY L 85 -4.55 -19.99 32.54
CA GLY L 85 -5.31 -20.55 31.44
C GLY L 85 -5.07 -22.03 31.25
N THR L 86 -3.83 -22.48 31.37
CA THR L 86 -3.50 -23.89 31.14
C THR L 86 -4.29 -24.76 32.11
N ARG L 87 -4.93 -25.79 31.57
CA ARG L 87 -5.78 -26.63 32.39
C ARG L 87 -4.99 -27.76 33.05
N PHE L 88 -4.40 -28.63 32.24
CA PHE L 88 -3.60 -29.75 32.75
C PHE L 88 -2.34 -29.88 31.93
N GLY L 89 -1.21 -30.04 32.62
CA GLY L 89 0.08 -30.05 31.95
C GLY L 89 0.32 -31.29 31.14
N GLN L 90 1.41 -31.25 30.36
CA GLN L 90 1.76 -32.38 29.51
C GLN L 90 2.06 -33.63 30.32
N GLY L 91 2.77 -33.48 31.43
CA GLY L 91 3.13 -34.62 32.25
C GLY L 91 2.50 -34.57 33.63
N GLU L 92 1.27 -34.04 33.70
CA GLU L 92 0.56 -33.89 34.97
C GLU L 92 -0.50 -34.97 35.10
N THR L 93 -0.55 -35.61 36.26
CA THR L 93 -1.54 -36.65 36.54
C THR L 93 -2.46 -36.31 37.70
N THR L 94 -2.23 -35.22 38.42
CA THR L 94 -3.09 -34.80 39.51
C THR L 94 -3.34 -33.30 39.41
N ALA L 95 -4.44 -32.87 40.01
CA ALA L 95 -4.80 -31.46 40.06
C ALA L 95 -5.09 -31.07 41.49
N THR L 96 -4.93 -29.77 41.79
CA THR L 96 -5.15 -29.26 43.13
C THR L 96 -6.38 -28.35 43.14
N LYS L 97 -7.31 -28.64 44.03
CA LYS L 97 -8.52 -27.83 44.15
C LYS L 97 -8.20 -26.51 44.84
N ALA L 98 -9.24 -25.70 45.03
CA ALA L 98 -9.06 -24.39 45.63
C ALA L 98 -8.64 -24.48 47.10
N ASN L 99 -9.10 -25.50 47.81
CA ASN L 99 -8.76 -25.66 49.22
C ASN L 99 -7.51 -26.50 49.44
N GLY L 100 -6.87 -26.97 48.38
CA GLY L 100 -5.67 -27.78 48.51
C GLY L 100 -5.87 -29.27 48.34
N ALA L 101 -7.10 -29.72 48.09
CA ALA L 101 -7.36 -31.13 47.89
C ALA L 101 -6.77 -31.59 46.56
N THR L 102 -6.56 -32.90 46.46
CA THR L 102 -5.95 -33.51 45.28
C THR L 102 -6.99 -34.32 44.52
N VAL L 103 -7.06 -34.09 43.22
CA VAL L 103 -8.00 -34.79 42.33
C VAL L 103 -7.21 -35.56 41.29
N GLN L 104 -7.49 -36.84 41.16
CA GLN L 104 -6.87 -37.65 40.12
C GLN L 104 -7.38 -37.25 38.75
N LEU L 105 -6.54 -37.43 37.74
CA LEU L 105 -6.85 -37.00 36.38
C LEU L 105 -7.29 -38.17 35.48
N ASN L 106 -8.02 -39.13 36.04
CA ASN L 106 -8.61 -40.20 35.26
C ASN L 106 -10.07 -40.33 35.66
N ASP L 107 -10.86 -40.94 34.77
CA ASP L 107 -12.31 -41.08 34.95
C ASP L 107 -12.96 -39.70 35.10
N GLU L 108 -12.95 -38.98 33.97
CA GLU L 108 -13.27 -37.55 33.91
C GLU L 108 -14.57 -37.16 34.59
N ALA L 109 -15.42 -38.13 34.93
CA ALA L 109 -16.62 -37.83 35.70
C ALA L 109 -16.27 -37.18 37.04
N THR L 110 -15.27 -37.74 37.74
CA THR L 110 -14.81 -37.12 38.98
C THR L 110 -14.20 -35.76 38.72
N ILE L 111 -13.46 -35.62 37.61
CA ILE L 111 -12.81 -34.35 37.30
C ILE L 111 -13.85 -33.25 37.13
N ILE L 112 -14.92 -33.54 36.39
CA ILE L 112 -15.95 -32.53 36.17
C ILE L 112 -16.84 -32.36 37.39
N LYS L 113 -16.93 -33.37 38.27
CA LYS L 113 -17.72 -33.21 39.48
C LYS L 113 -17.01 -32.33 40.50
N GLU L 114 -15.68 -32.44 40.59
CA GLU L 114 -14.92 -31.72 41.61
C GLU L 114 -14.23 -30.48 41.07
N LEU L 115 -14.17 -30.29 39.75
CA LEU L 115 -13.57 -29.12 39.14
C LEU L 115 -14.59 -28.47 38.23
N ALA L 116 -14.75 -27.15 38.33
CA ALA L 116 -15.76 -26.44 37.57
C ALA L 116 -15.21 -25.76 36.32
N ASP L 117 -13.99 -25.22 36.38
CA ASP L 117 -13.42 -24.60 35.19
C ASP L 117 -13.21 -25.61 34.08
N ALA L 118 -12.72 -26.81 34.41
CA ALA L 118 -12.57 -27.86 33.41
C ALA L 118 -13.92 -28.37 32.94
N ASP L 119 -14.95 -28.27 33.77
CA ASP L 119 -16.28 -28.69 33.36
C ASP L 119 -16.83 -27.81 32.24
N VAL L 120 -16.59 -26.50 32.32
CA VAL L 120 -17.18 -25.56 31.37
C VAL L 120 -16.27 -25.34 30.18
N HIS L 121 -14.98 -25.09 30.40
CA HIS L 121 -14.07 -24.77 29.31
C HIS L 121 -13.29 -25.97 28.80
N GLY L 122 -13.61 -27.17 29.27
CA GLY L 122 -12.94 -28.36 28.81
C GLY L 122 -11.56 -28.51 29.42
N PHE L 123 -10.91 -29.62 29.08
CA PHE L 123 -9.57 -29.90 29.57
C PHE L 123 -8.93 -30.94 28.66
N LEU L 124 -7.69 -31.30 28.99
CA LEU L 124 -6.96 -32.33 28.26
C LEU L 124 -5.80 -32.79 29.12
N ALA L 125 -5.74 -34.08 29.41
CA ALA L 125 -4.64 -34.66 30.18
C ALA L 125 -3.86 -35.62 29.30
N PRO L 126 -2.73 -35.21 28.73
CA PRO L 126 -2.01 -36.09 27.80
C PRO L 126 -1.53 -37.39 28.42
N LYS L 127 -1.18 -37.40 29.71
CA LYS L 127 -0.66 -38.61 30.33
C LYS L 127 -1.76 -39.66 30.47
N THR L 128 -2.83 -39.34 31.22
CA THR L 128 -3.90 -40.29 31.42
C THR L 128 -4.72 -40.50 30.15
N GLY L 129 -4.86 -39.47 29.34
CA GLY L 129 -5.60 -39.54 28.10
C GLY L 129 -7.00 -38.97 28.15
N ARG L 130 -7.41 -38.39 29.27
CA ARG L 130 -8.74 -37.82 29.38
C ARG L 130 -8.87 -36.57 28.52
N ARG L 131 -10.09 -36.29 28.09
CA ARG L 131 -10.36 -35.12 27.26
C ARG L 131 -11.80 -34.68 27.47
N ARG L 132 -12.07 -33.43 27.11
CA ARG L 132 -13.42 -32.89 27.19
C ARG L 132 -13.51 -31.67 26.29
N VAL L 133 -14.47 -31.69 25.37
CA VAL L 133 -14.64 -30.57 24.45
C VAL L 133 -15.19 -29.36 25.20
N SER L 134 -14.63 -28.20 24.91
CA SER L 134 -15.06 -26.97 25.59
C SER L 134 -16.50 -26.65 25.24
N LEU L 135 -17.27 -26.26 26.26
CA LEU L 135 -18.66 -25.87 26.06
C LEU L 135 -18.79 -24.42 25.60
N VAL L 136 -17.72 -23.64 25.66
CA VAL L 136 -17.73 -22.24 25.23
C VAL L 136 -16.84 -22.13 24.01
N LYS L 137 -17.42 -21.74 22.87
CA LYS L 137 -16.70 -21.60 21.62
C LYS L 137 -16.75 -20.15 21.19
N ALA L 138 -15.58 -19.54 21.02
CA ALA L 138 -15.46 -18.15 20.66
C ALA L 138 -14.78 -18.00 19.30
N SER L 139 -15.16 -16.96 18.58
CA SER L 139 -14.66 -16.70 17.24
C SER L 139 -13.76 -15.48 17.24
N PHE L 140 -13.08 -15.26 16.11
CA PHE L 140 -12.22 -14.11 15.95
C PHE L 140 -13.05 -12.82 15.98
N ILE L 141 -12.42 -11.75 16.44
CA ILE L 141 -13.03 -10.42 16.43
C ILE L 141 -12.37 -9.63 15.31
N LEU L 142 -13.14 -9.30 14.28
CA LEU L 142 -12.62 -8.71 13.07
C LEU L 142 -13.39 -7.43 12.73
N PRO L 143 -12.72 -6.44 12.15
CA PRO L 143 -13.45 -5.28 11.61
C PRO L 143 -14.39 -5.70 10.49
N THR L 144 -15.56 -5.07 10.45
CA THR L 144 -16.63 -5.50 9.56
C THR L 144 -16.35 -5.13 8.12
N GLU L 145 -16.99 -5.85 7.20
CA GLU L 145 -16.78 -5.62 5.78
C GLU L 145 -17.28 -4.24 5.35
N ASP L 146 -18.45 -3.84 5.86
CA ASP L 146 -19.00 -2.54 5.48
C ASP L 146 -18.09 -1.40 5.94
N PHE L 147 -17.53 -1.51 7.15
CA PHE L 147 -16.60 -0.50 7.63
C PHE L 147 -15.29 -0.56 6.86
N ILE L 148 -14.84 -1.76 6.48
CA ILE L 148 -13.53 -1.92 5.87
C ILE L 148 -13.53 -1.53 4.40
N LYS L 149 -14.70 -1.52 3.75
CA LYS L 149 -14.75 -1.18 2.34
C LYS L 149 -14.92 0.31 2.08
N GLU L 150 -15.09 1.13 3.12
CA GLU L 150 -15.26 2.56 2.94
C GLU L 150 -14.11 3.39 3.49
N VAL L 151 -13.16 2.78 4.20
CA VAL L 151 -11.99 3.53 4.64
C VAL L 151 -11.09 3.87 3.46
N GLU L 152 -10.91 2.93 2.54
CA GLU L 152 -10.11 3.12 1.33
C GLU L 152 -8.69 3.59 1.68
N GLY L 153 -7.97 2.70 2.36
CA GLY L 153 -6.69 3.04 2.94
C GLY L 153 -6.82 3.11 4.44
N GLU L 154 -6.25 4.14 5.06
CA GLU L 154 -6.49 4.46 6.47
C GLU L 154 -6.13 3.27 7.36
N ARG L 155 -4.83 3.02 7.44
CA ARG L 155 -4.30 1.82 8.10
C ARG L 155 -4.86 1.58 9.49
N LEU L 156 -5.46 2.58 10.13
CA LEU L 156 -6.13 2.52 11.42
C LEU L 156 -5.18 2.30 12.60
N ILE L 157 -3.88 2.25 12.37
CA ILE L 157 -2.91 1.93 13.41
C ILE L 157 -1.95 3.11 13.57
N THR L 158 -1.74 3.54 14.82
CA THR L 158 -0.99 4.74 15.12
C THR L 158 0.46 4.47 15.52
N ALA L 159 0.71 3.41 16.28
CA ALA L 159 2.05 3.06 16.77
C ALA L 159 2.63 4.20 17.63
N ILE L 160 1.97 4.45 18.76
CA ILE L 160 2.40 5.49 19.68
C ILE L 160 3.64 5.02 20.45
N LYS L 161 4.61 5.91 20.58
CA LYS L 161 5.84 5.63 21.30
C LYS L 161 5.79 6.24 22.69
N HIS L 162 6.15 5.46 23.71
CA HIS L 162 6.16 5.95 25.08
C HIS L 162 7.18 5.15 25.88
N ASN L 163 8.11 5.86 26.51
CA ASN L 163 9.27 5.24 27.14
C ASN L 163 9.14 5.21 28.66
N ARG L 164 10.07 4.51 29.28
CA ARG L 164 10.19 4.43 30.74
C ARG L 164 11.48 5.11 31.16
N VAL L 165 11.38 6.08 32.06
CA VAL L 165 12.52 6.84 32.53
C VAL L 165 12.92 6.32 33.91
N ASP L 166 14.22 6.06 34.08
CA ASP L 166 14.77 5.58 35.34
C ASP L 166 15.78 6.59 35.87
N VAL L 167 15.60 7.01 37.11
CA VAL L 167 16.47 7.98 37.76
C VAL L 167 16.97 7.39 39.07
N ASP L 168 18.27 7.53 39.32
CA ASP L 168 18.87 7.03 40.55
C ASP L 168 18.67 8.05 41.67
N GLU L 169 19.24 7.74 42.84
CA GLU L 169 19.15 8.63 43.99
C GLU L 169 19.88 9.95 43.78
N LYS L 170 20.76 10.03 42.78
CA LYS L 170 21.47 11.26 42.46
C LYS L 170 20.74 12.10 41.41
N GLY L 171 19.58 11.65 40.95
CA GLY L 171 18.86 12.36 39.90
C GLY L 171 19.55 12.33 38.55
N ALA L 172 20.13 11.19 38.18
CA ALA L 172 20.83 11.02 36.92
C ALA L 172 20.10 9.99 36.06
N ILE L 173 19.94 10.31 34.78
CA ILE L 173 19.26 9.39 33.86
C ILE L 173 20.06 8.11 33.70
N GLY L 174 21.37 8.22 33.54
CA GLY L 174 22.22 7.07 33.29
C GLY L 174 22.58 6.92 31.83
N SER L 175 23.38 5.89 31.56
CA SER L 175 23.86 5.62 30.21
C SER L 175 23.76 4.11 29.96
N SER L 176 24.32 3.68 28.83
CA SER L 176 24.23 2.27 28.46
C SER L 176 25.08 1.40 29.36
N LYS L 177 26.24 1.90 29.79
CA LYS L 177 27.12 1.10 30.65
C LYS L 177 26.50 0.83 32.01
N GLU L 178 25.71 1.77 32.53
CA GLU L 178 24.97 1.54 33.77
C GLU L 178 23.66 0.78 33.54
N GLY L 179 23.22 0.65 32.29
CA GLY L 179 22.01 -0.07 31.97
C GLY L 179 20.76 0.76 32.18
N THR L 180 20.36 0.94 33.44
CA THR L 180 19.22 1.76 33.85
C THR L 180 17.90 1.22 33.32
N ALA L 181 17.95 0.11 32.58
CA ALA L 181 16.76 -0.57 32.05
C ALA L 181 15.83 0.42 31.34
N GLN L 182 16.39 1.13 30.36
CA GLN L 182 15.65 2.13 29.60
C GLN L 182 15.41 1.64 28.18
N MET L 183 14.14 1.67 27.77
CA MET L 183 13.76 1.35 26.40
C MET L 183 12.68 2.34 25.96
N LEU L 184 12.62 2.59 24.65
CA LEU L 184 11.63 3.53 24.13
C LEU L 184 10.24 2.94 24.11
N PHE L 185 10.11 1.62 23.95
CA PHE L 185 8.86 0.89 24.16
C PHE L 185 7.75 1.44 23.25
N SER L 186 7.94 1.23 21.95
CA SER L 186 6.93 1.59 20.97
C SER L 186 5.82 0.54 20.94
N ARG L 187 4.57 0.99 20.99
CA ARG L 187 3.40 0.12 21.02
C ARG L 187 2.39 0.59 19.99
N GLU L 188 1.73 -0.36 19.34
CA GLU L 188 0.78 -0.05 18.28
C GLU L 188 -0.65 -0.07 18.82
N TYR L 189 -1.48 0.84 18.32
CA TYR L 189 -2.84 1.02 18.79
C TYR L 189 -3.78 1.05 17.59
N ALA L 190 -5.02 0.59 17.79
CA ALA L 190 -5.95 0.39 16.70
C ALA L 190 -7.31 1.00 17.00
N THR L 191 -8.11 1.14 15.96
CA THR L 191 -9.44 1.72 16.06
C THR L 191 -10.33 1.13 14.96
N GLY L 192 -11.63 1.21 15.18
CA GLY L 192 -12.59 0.80 14.18
C GLY L 192 -13.81 0.18 14.82
N LEU L 193 -14.59 -0.53 13.99
CA LEU L 193 -15.79 -1.23 14.41
C LEU L 193 -15.62 -2.71 14.10
N TYR L 194 -15.82 -3.55 15.11
CA TYR L 194 -15.55 -4.98 15.03
C TYR L 194 -16.83 -5.77 15.25
N GLY L 195 -16.76 -7.07 14.99
CA GLY L 195 -17.89 -7.95 15.18
C GLY L 195 -17.51 -9.20 15.94
N PHE L 196 -18.49 -9.78 16.63
CA PHE L 196 -18.28 -10.96 17.45
C PHE L 196 -19.49 -11.90 17.34
N SER L 197 -19.23 -13.21 17.34
CA SER L 197 -20.28 -14.21 17.21
C SER L 197 -20.06 -15.38 18.17
N ILE L 198 -19.84 -15.08 19.45
CA ILE L 198 -19.57 -16.15 20.42
C ILE L 198 -20.81 -17.01 20.61
N VAL L 199 -20.58 -18.28 20.98
CA VAL L 199 -21.66 -19.22 21.27
C VAL L 199 -21.36 -19.91 22.60
N LEU L 200 -22.42 -20.46 23.20
CA LEU L 200 -22.29 -21.14 24.48
C LEU L 200 -23.27 -22.31 24.49
N ASP L 201 -22.75 -23.53 24.42
CA ASP L 201 -23.58 -24.73 24.46
C ASP L 201 -23.60 -25.29 25.88
N LEU L 202 -24.26 -24.54 26.77
CA LEU L 202 -24.26 -24.83 28.19
C LEU L 202 -25.30 -25.86 28.60
N GLY L 203 -25.82 -26.65 27.67
CA GLY L 203 -26.78 -27.68 28.03
C GLY L 203 -26.17 -28.97 28.52
N LEU L 204 -24.85 -29.08 28.51
CA LEU L 204 -24.16 -30.29 28.93
C LEU L 204 -23.31 -30.07 30.18
N VAL L 205 -23.63 -29.04 30.96
CA VAL L 205 -22.85 -28.74 32.16
C VAL L 205 -23.10 -29.82 33.21
N GLY L 206 -22.01 -30.36 33.76
CA GLY L 206 -22.12 -31.38 34.77
C GLY L 206 -22.46 -32.76 34.28
N ILE L 207 -22.34 -33.01 32.97
CA ILE L 207 -22.65 -34.30 32.39
C ILE L 207 -21.41 -34.78 31.62
N PRO L 208 -20.87 -35.96 31.92
CA PRO L 208 -19.67 -36.42 31.22
C PRO L 208 -19.93 -36.68 29.75
N GLN L 209 -18.89 -36.44 28.94
CA GLN L 209 -19.01 -36.65 27.50
C GLN L 209 -18.96 -38.14 27.14
N GLY L 210 -18.32 -38.96 27.96
CA GLY L 210 -18.25 -40.38 27.67
C GLY L 210 -19.61 -41.06 27.76
N LEU L 211 -20.39 -40.72 28.78
CA LEU L 211 -21.73 -41.28 28.99
C LEU L 211 -22.72 -40.12 29.17
N PRO L 212 -23.05 -39.42 28.08
CA PRO L 212 -23.94 -38.26 28.20
C PRO L 212 -25.33 -38.61 28.69
N VAL L 213 -25.79 -39.84 28.48
CA VAL L 213 -27.16 -40.22 28.81
C VAL L 213 -27.14 -41.59 29.47
N LYS L 214 -28.14 -41.84 30.30
CA LYS L 214 -28.35 -43.14 30.93
C LYS L 214 -29.76 -43.63 30.61
N PHE L 215 -29.88 -44.92 30.36
CA PHE L 215 -31.14 -45.55 29.97
C PHE L 215 -31.60 -46.47 31.08
N GLU L 216 -32.69 -46.10 31.75
CA GLU L 216 -33.27 -46.95 32.78
C GLU L 216 -34.09 -48.09 32.16
N GLU L 217 -35.16 -47.74 31.45
CA GLU L 217 -35.93 -48.70 30.67
C GLU L 217 -36.31 -47.95 29.40
N ASN L 218 -35.48 -48.11 28.36
CA ASN L 218 -35.70 -47.52 27.04
C ASN L 218 -36.06 -46.03 27.12
N GLN L 219 -35.62 -45.36 28.19
CA GLN L 219 -35.96 -43.97 28.43
C GLN L 219 -34.70 -43.19 28.74
N PRO L 220 -34.34 -42.19 27.96
CA PRO L 220 -33.12 -41.42 28.23
C PRO L 220 -33.28 -40.53 29.45
N ARG L 221 -32.17 -40.33 30.17
CA ARG L 221 -32.11 -39.31 31.20
C ARG L 221 -30.69 -38.79 31.27
N PRO L 222 -30.49 -37.49 31.39
CA PRO L 222 -29.11 -36.96 31.46
C PRO L 222 -28.36 -37.52 32.66
N ASN L 223 -27.08 -37.81 32.46
CA ASN L 223 -26.23 -38.36 33.50
C ASN L 223 -25.54 -37.22 34.26
N ILE L 224 -26.35 -36.53 35.07
CA ILE L 224 -25.84 -35.42 35.87
C ILE L 224 -25.18 -35.99 37.12
N VAL L 225 -23.91 -35.68 37.32
CA VAL L 225 -23.19 -36.17 38.49
C VAL L 225 -23.18 -35.16 39.62
N ILE L 226 -23.24 -33.86 39.30
CA ILE L 226 -23.20 -32.80 40.31
C ILE L 226 -24.60 -32.51 40.83
N ASP L 227 -24.66 -31.77 41.93
CA ASP L 227 -25.94 -31.34 42.48
C ASP L 227 -26.67 -30.46 41.47
N PRO L 228 -27.98 -30.67 41.25
CA PRO L 228 -28.71 -29.77 40.34
C PRO L 228 -28.64 -28.31 40.72
N ASN L 229 -28.60 -28.00 42.03
CA ASN L 229 -28.38 -26.61 42.44
C ASN L 229 -27.00 -26.13 41.99
N GLU L 230 -25.99 -26.99 42.09
CA GLU L 230 -24.67 -26.65 41.59
C GLU L 230 -24.70 -26.44 40.08
N ARG L 231 -25.46 -27.26 39.36
CA ARG L 231 -25.59 -27.09 37.92
C ARG L 231 -26.22 -25.75 37.58
N LYS L 232 -27.28 -25.37 38.29
CA LYS L 232 -27.92 -24.09 38.05
C LYS L 232 -26.99 -22.94 38.35
N ALA L 233 -26.24 -23.03 39.45
CA ALA L 233 -25.28 -21.97 39.79
C ALA L 233 -24.18 -21.86 38.74
N ARG L 234 -23.69 -23.00 38.25
CA ARG L 234 -22.67 -22.99 37.21
C ARG L 234 -23.18 -22.35 35.93
N ILE L 235 -24.41 -22.70 35.53
CA ILE L 235 -24.98 -22.12 34.31
C ILE L 235 -25.19 -20.62 34.49
N GLU L 236 -25.69 -20.20 35.66
CA GLU L 236 -25.91 -18.78 35.90
C GLU L 236 -24.59 -18.01 35.87
N SER L 237 -23.53 -18.58 36.44
CA SER L 237 -22.23 -17.94 36.38
C SER L 237 -21.71 -17.85 34.94
N ALA L 238 -21.92 -18.92 34.16
CA ALA L 238 -21.48 -18.89 32.77
C ALA L 238 -22.20 -17.80 31.97
N LEU L 239 -23.51 -17.63 32.22
CA LEU L 239 -24.23 -16.54 31.56
C LEU L 239 -23.74 -15.18 32.04
N LYS L 240 -23.60 -15.00 33.35
CA LYS L 240 -23.22 -13.70 33.89
C LYS L 240 -21.78 -13.32 33.59
N ALA L 241 -20.95 -14.28 33.15
CA ALA L 241 -19.60 -13.96 32.74
C ALA L 241 -19.56 -13.06 31.50
N LEU L 242 -20.67 -12.90 30.80
CA LEU L 242 -20.72 -12.04 29.63
C LEU L 242 -20.74 -10.56 30.01
N ILE L 243 -21.20 -10.22 31.21
CA ILE L 243 -21.30 -8.83 31.65
C ILE L 243 -19.91 -8.19 31.70
N PRO L 244 -18.89 -8.80 32.35
CA PRO L 244 -17.56 -8.19 32.27
C PRO L 244 -16.79 -8.64 31.04
N MET L 245 -17.46 -8.66 29.90
CA MET L 245 -16.86 -8.86 28.59
C MET L 245 -17.24 -7.78 27.61
N LEU L 246 -18.52 -7.36 27.62
CA LEU L 246 -19.00 -6.32 26.73
C LEU L 246 -18.96 -4.94 27.38
N SER L 247 -18.42 -4.85 28.58
CA SER L 247 -18.14 -3.57 29.21
C SER L 247 -16.73 -3.08 28.93
N GLY L 248 -15.88 -3.91 28.32
CA GLY L 248 -14.55 -3.48 27.93
C GLY L 248 -13.42 -4.24 28.60
N TYR L 249 -13.68 -5.45 29.05
CA TYR L 249 -12.69 -6.26 29.76
C TYR L 249 -12.13 -7.39 28.91
N ILE L 250 -11.90 -7.14 27.61
CA ILE L 250 -11.31 -8.13 26.73
C ILE L 250 -9.92 -7.68 26.34
N GLY L 251 -9.06 -8.64 26.01
CA GLY L 251 -7.75 -8.34 25.49
C GLY L 251 -6.74 -7.99 26.57
N ALA L 252 -5.60 -7.50 26.10
CA ALA L 252 -4.44 -7.21 26.94
C ALA L 252 -4.24 -5.70 27.05
N ASN L 253 -3.21 -5.33 27.82
CA ASN L 253 -2.86 -3.93 28.06
C ASN L 253 -4.03 -3.17 28.67
N LEU L 254 -4.80 -3.84 29.53
CA LEU L 254 -5.95 -3.19 30.16
C LEU L 254 -5.53 -2.13 31.16
N ALA L 255 -4.33 -2.23 31.74
CA ALA L 255 -3.89 -1.27 32.73
C ALA L 255 -3.55 0.08 32.14
N ARG L 256 -3.20 0.14 30.85
CA ARG L 256 -2.82 1.37 30.21
C ARG L 256 -3.69 1.76 29.03
N SER L 257 -4.26 0.80 28.31
CA SER L 257 -5.15 1.10 27.19
C SER L 257 -6.61 1.11 27.60
N PHE L 258 -7.13 -0.03 28.09
CA PHE L 258 -8.53 -0.17 28.50
C PHE L 258 -9.47 0.41 27.46
N PRO L 259 -9.73 -0.31 26.37
CA PRO L 259 -10.24 0.31 25.15
C PRO L 259 -11.52 1.09 25.37
N VAL L 260 -11.69 2.13 24.56
CA VAL L 260 -12.89 2.95 24.57
C VAL L 260 -14.00 2.11 23.96
N PHE L 261 -14.82 1.49 24.81
CA PHE L 261 -15.70 0.40 24.43
C PHE L 261 -17.14 0.88 24.36
N LYS L 262 -17.86 0.41 23.33
CA LYS L 262 -19.29 0.65 23.20
C LYS L 262 -19.87 -0.40 22.27
N VAL L 263 -20.89 -1.11 22.73
CA VAL L 263 -21.55 -2.11 21.90
C VAL L 263 -22.47 -1.40 20.92
N GLU L 264 -22.18 -1.52 19.63
CA GLU L 264 -23.00 -0.86 18.62
C GLU L 264 -24.36 -1.51 18.50
N GLU L 265 -24.40 -2.85 18.42
CA GLU L 265 -25.66 -3.58 18.29
C GLU L 265 -25.39 -5.05 18.52
N LEU L 266 -26.45 -5.79 18.82
CA LEU L 266 -26.29 -7.23 19.04
C LEU L 266 -27.63 -7.94 18.90
N VAL L 267 -27.54 -9.26 18.72
CA VAL L 267 -28.70 -10.14 18.65
C VAL L 267 -28.33 -11.49 19.24
N ALA L 268 -29.24 -12.05 20.01
CA ALA L 268 -28.98 -13.31 20.71
C ALA L 268 -30.21 -14.21 20.63
N ILE L 269 -29.96 -15.52 20.64
CA ILE L 269 -31.00 -16.53 20.67
C ILE L 269 -30.66 -17.55 21.74
N ALA L 270 -31.65 -17.91 22.56
CA ALA L 270 -31.42 -18.79 23.70
C ALA L 270 -31.85 -20.22 23.44
N SER L 271 -33.13 -20.45 23.15
CA SER L 271 -33.66 -21.78 22.88
C SER L 271 -33.39 -22.77 24.01
N GLU L 272 -33.70 -24.04 23.79
CA GLU L 272 -33.44 -25.11 24.75
C GLU L 272 -32.70 -26.29 24.15
N GLY L 273 -32.99 -26.64 22.89
CA GLY L 273 -32.34 -27.76 22.25
C GLY L 273 -31.28 -27.31 21.27
N PRO L 274 -30.86 -28.21 20.38
CA PRO L 274 -29.80 -27.85 19.42
C PRO L 274 -30.33 -26.91 18.36
N ILE L 275 -29.60 -25.83 18.12
CA ILE L 275 -30.04 -24.80 17.17
C ILE L 275 -28.87 -24.39 16.30
N PRO L 276 -29.16 -23.92 15.08
CA PRO L 276 -28.08 -23.48 14.19
C PRO L 276 -27.34 -22.28 14.75
N ALA L 277 -26.05 -22.21 14.41
CA ALA L 277 -25.23 -21.10 14.86
C ALA L 277 -25.65 -19.79 14.20
N LEU L 278 -25.49 -18.70 14.93
CA LEU L 278 -25.86 -17.37 14.46
C LEU L 278 -24.72 -16.80 13.62
N VAL L 279 -25.08 -16.12 12.53
CA VAL L 279 -24.06 -15.63 11.60
C VAL L 279 -23.22 -14.54 12.25
N HIS L 280 -21.95 -14.48 11.86
CA HIS L 280 -21.01 -13.54 12.43
C HIS L 280 -21.37 -12.11 12.07
N GLY L 281 -20.94 -11.17 12.91
CA GLY L 281 -21.13 -9.76 12.66
C GLY L 281 -20.17 -9.14 11.68
N PHE L 282 -19.22 -9.92 11.16
CA PHE L 282 -18.29 -9.40 10.17
C PHE L 282 -19.00 -8.97 8.90
N TYR L 283 -20.00 -9.73 8.48
CA TYR L 283 -20.69 -9.45 7.22
C TYR L 283 -21.68 -8.32 7.37
N GLU L 284 -21.76 -7.47 6.34
CA GLU L 284 -22.60 -6.28 6.41
C GLU L 284 -24.08 -6.64 6.48
N ASP L 285 -24.50 -7.68 5.76
CA ASP L 285 -25.90 -8.08 5.70
C ASP L 285 -26.25 -9.18 6.72
N TYR L 286 -25.51 -9.27 7.82
CA TYR L 286 -25.76 -10.32 8.79
C TYR L 286 -27.12 -10.17 9.46
N ILE L 287 -27.64 -8.94 9.55
CA ILE L 287 -28.96 -8.73 10.14
C ILE L 287 -30.02 -9.39 9.28
N GLU L 288 -29.96 -9.21 7.97
CA GLU L 288 -30.93 -9.83 7.07
C GLU L 288 -30.83 -11.35 7.12
N ALA L 289 -29.61 -11.88 7.15
CA ALA L 289 -29.43 -13.33 7.24
C ALA L 289 -29.99 -13.89 8.53
N ASN L 290 -29.76 -13.22 9.67
CA ASN L 290 -30.34 -13.66 10.93
C ASN L 290 -31.85 -13.56 10.94
N ARG L 291 -32.41 -12.50 10.35
CA ARG L 291 -33.86 -12.37 10.25
C ARG L 291 -34.45 -13.51 9.43
N SER L 292 -33.79 -13.89 8.34
CA SER L 292 -34.27 -15.00 7.53
C SER L 292 -34.07 -16.35 8.20
N ILE L 293 -33.02 -16.50 9.02
CA ILE L 293 -32.75 -17.76 9.70
C ILE L 293 -33.67 -18.01 10.89
N ILE L 294 -33.92 -17.00 11.72
CA ILE L 294 -34.69 -17.19 12.95
C ILE L 294 -36.14 -17.59 12.66
N LYS L 295 -36.79 -16.90 11.71
CA LYS L 295 -38.17 -17.23 11.40
C LYS L 295 -38.30 -18.61 10.79
N ASN L 296 -37.36 -18.98 9.91
CA ASN L 296 -37.39 -20.31 9.32
C ASN L 296 -37.13 -21.39 10.35
N ALA L 297 -36.24 -21.11 11.32
CA ALA L 297 -36.00 -22.06 12.40
C ALA L 297 -37.24 -22.23 13.25
N ARG L 298 -37.94 -21.13 13.55
CA ARG L 298 -39.16 -21.22 14.34
C ARG L 298 -40.26 -21.98 13.59
N ALA L 299 -40.32 -21.81 12.26
CA ALA L 299 -41.30 -22.54 11.48
C ALA L 299 -41.00 -24.04 11.43
N LEU L 300 -39.77 -24.45 11.71
CA LEU L 300 -39.40 -25.86 11.69
C LEU L 300 -39.81 -26.60 12.95
N GLY L 301 -40.08 -25.89 14.04
CA GLY L 301 -40.47 -26.53 15.28
C GLY L 301 -39.47 -26.32 16.41
N PHE L 302 -38.73 -25.21 16.34
CA PHE L 302 -37.76 -24.87 17.38
C PHE L 302 -38.33 -23.80 18.29
N ASN L 303 -38.05 -23.92 19.59
CA ASN L 303 -38.53 -22.96 20.58
C ASN L 303 -37.44 -21.92 20.82
N ILE L 304 -37.37 -20.97 19.89
CA ILE L 304 -36.36 -19.91 19.93
C ILE L 304 -36.91 -18.73 20.72
N GLU L 305 -36.04 -18.09 21.50
CA GLU L 305 -36.36 -16.85 22.19
C GLU L 305 -35.26 -15.85 21.86
N VAL L 306 -35.60 -14.83 21.07
CA VAL L 306 -34.62 -13.93 20.48
C VAL L 306 -34.67 -12.58 21.18
N PHE L 307 -33.49 -12.08 21.55
CA PHE L 307 -33.32 -10.75 22.11
C PHE L 307 -32.50 -9.90 21.15
N THR L 308 -32.88 -8.63 21.02
CA THR L 308 -32.24 -7.74 20.06
C THR L 308 -31.89 -6.42 20.74
N TYR L 309 -30.79 -5.81 20.29
CA TYR L 309 -30.34 -4.52 20.78
C TYR L 309 -29.84 -3.72 19.60
N ASN L 310 -30.54 -2.62 19.29
CA ASN L 310 -30.26 -1.75 18.15
C ASN L 310 -30.42 -2.46 16.82
N VAL L 311 -31.16 -3.57 16.79
CA VAL L 311 -31.46 -4.31 15.55
C VAL L 311 -32.96 -4.52 15.49
N ASP L 312 -33.56 -4.16 14.36
CA ASP L 312 -35.03 -4.23 14.23
C ASP L 312 -35.50 -5.68 14.10
N LEU L 313 -34.82 -6.48 13.27
CA LEU L 313 -35.25 -7.84 12.97
C LEU L 313 -36.68 -7.88 12.44
N GLY L 314 -37.02 -6.89 11.61
CA GLY L 314 -38.36 -6.86 11.06
C GLY L 314 -39.41 -6.55 12.12
N GLU L 315 -40.65 -6.91 11.79
CA GLU L 315 -41.78 -6.69 12.68
C GLU L 315 -42.55 -7.97 12.91
N ASP L 316 -42.63 -8.83 11.89
CA ASP L 316 -43.38 -10.08 12.01
C ASP L 316 -42.76 -11.06 12.98
N ILE L 317 -41.51 -10.85 13.38
CA ILE L 317 -40.81 -11.73 14.31
C ILE L 317 -40.94 -11.17 15.71
N GLU L 318 -41.35 -12.01 16.66
CA GLU L 318 -41.46 -11.61 18.06
C GLU L 318 -40.07 -11.62 18.68
N ALA L 319 -39.61 -10.46 19.13
CA ALA L 319 -38.29 -10.31 19.72
C ALA L 319 -38.38 -9.46 20.98
N THR L 320 -37.45 -9.67 21.89
CA THR L 320 -37.38 -8.90 23.12
C THR L 320 -36.36 -7.79 22.95
N LYS L 321 -36.80 -6.55 23.12
CA LYS L 321 -35.96 -5.37 22.90
C LYS L 321 -35.24 -5.05 24.21
N VAL L 322 -33.97 -5.44 24.30
CA VAL L 322 -33.16 -5.16 25.47
C VAL L 322 -32.46 -3.82 25.28
N SER L 323 -32.08 -3.20 26.39
CA SER L 323 -31.44 -1.90 26.37
C SER L 323 -29.95 -1.95 26.68
N SER L 324 -29.45 -3.04 27.25
CA SER L 324 -28.03 -3.17 27.58
C SER L 324 -27.70 -4.65 27.71
N VAL L 325 -26.42 -4.97 27.88
CA VAL L 325 -26.01 -6.35 28.06
C VAL L 325 -26.53 -6.91 29.39
N GLU L 326 -26.60 -6.07 30.42
CA GLU L 326 -27.10 -6.54 31.71
C GLU L 326 -28.55 -6.98 31.62
N GLU L 327 -29.37 -6.25 30.87
CA GLU L 327 -30.76 -6.66 30.69
C GLU L 327 -30.86 -7.98 29.94
N LEU L 328 -30.01 -8.17 28.92
CA LEU L 328 -29.99 -9.44 28.20
C LEU L 328 -29.58 -10.59 29.11
N VAL L 329 -28.58 -10.36 29.96
CA VAL L 329 -28.17 -11.41 30.89
C VAL L 329 -29.26 -11.71 31.90
N ALA L 330 -29.97 -10.68 32.37
CA ALA L 330 -31.09 -10.90 33.28
C ALA L 330 -32.18 -11.73 32.61
N ASN L 331 -32.51 -11.41 31.36
CA ASN L 331 -33.51 -12.19 30.63
C ASN L 331 -33.05 -13.63 30.43
N LEU L 332 -31.75 -13.82 30.19
CA LEU L 332 -31.22 -15.16 29.99
C LEU L 332 -31.23 -15.98 31.28
N VAL L 333 -30.99 -15.34 32.43
CA VAL L 333 -31.04 -16.07 33.69
C VAL L 333 -32.44 -16.22 34.24
N LYS L 334 -33.42 -15.49 33.70
CA LYS L 334 -34.82 -15.74 34.07
C LYS L 334 -35.27 -17.12 33.63
N MET L 335 -34.80 -17.58 32.47
CA MET L 335 -35.16 -18.89 31.95
C MET L 335 -34.21 -19.98 32.41
N VAL L 336 -33.55 -19.79 33.55
CA VAL L 336 -32.59 -20.72 34.17
C VAL L 336 -31.75 -21.47 33.16
N MET M 1 -13.68 -2.05 46.86
CA MET M 1 -14.05 -0.73 46.37
C MET M 1 -13.79 -0.60 44.87
N TYR M 2 -14.53 -1.37 44.08
CA TYR M 2 -14.38 -1.40 42.63
C TYR M 2 -15.12 -0.20 42.06
N VAL M 3 -14.43 0.94 41.98
CA VAL M 3 -15.05 2.21 41.61
C VAL M 3 -14.70 2.56 40.17
N ARG M 4 -15.71 2.90 39.38
CA ARG M 4 -15.54 3.32 38.00
C ARG M 4 -16.01 4.76 37.86
N ILE M 5 -15.19 5.59 37.23
CA ILE M 5 -15.47 7.00 37.03
C ILE M 5 -15.30 7.33 35.56
N SER M 6 -16.29 8.03 34.98
CA SER M 6 -16.22 8.40 33.58
C SER M 6 -16.89 9.75 33.38
N GLY M 7 -16.28 10.60 32.57
CA GLY M 7 -16.84 11.93 32.36
C GLY M 7 -16.06 12.71 31.34
N ARG M 8 -16.35 14.01 31.30
CA ARG M 8 -15.77 14.94 30.35
C ARG M 8 -14.96 16.00 31.09
N ILE M 9 -13.93 16.52 30.42
CA ILE M 9 -13.12 17.62 30.90
C ILE M 9 -12.93 18.61 29.76
N ARG M 10 -12.56 19.83 30.12
CA ARG M 10 -12.33 20.91 29.15
C ARG M 10 -10.87 21.32 29.24
N LEU M 11 -10.08 20.95 28.23
CA LEU M 11 -8.64 21.18 28.25
C LEU M 11 -8.29 22.24 27.22
N ASN M 12 -7.69 23.34 27.66
CA ASN M 12 -7.31 24.43 26.76
C ASN M 12 -5.85 24.78 26.99
N ALA M 13 -5.15 25.11 25.89
CA ALA M 13 -3.78 25.63 25.96
C ALA M 13 -2.87 24.66 26.71
N HIS M 14 -2.96 23.39 26.35
CA HIS M 14 -2.20 22.32 27.00
C HIS M 14 -1.24 21.69 26.01
N SER M 15 -0.14 21.17 26.54
CA SER M 15 0.81 20.39 25.76
C SER M 15 1.16 19.12 26.51
N LEU M 16 0.16 18.50 27.14
CA LEU M 16 0.39 17.27 27.89
C LEU M 16 0.75 16.14 26.95
N ASN M 17 1.78 15.37 27.34
CA ASN M 17 2.19 14.18 26.62
C ASN M 17 2.57 14.51 25.17
N ALA M 18 3.63 15.30 25.05
CA ALA M 18 4.18 15.61 23.74
C ALA M 18 4.99 14.42 23.21
N GLN M 19 5.56 14.58 22.02
CA GLN M 19 6.35 13.52 21.40
C GLN M 19 7.84 13.66 21.68
N GLY M 20 8.24 14.63 22.49
CA GLY M 20 9.64 14.71 22.92
C GLY M 20 10.63 15.19 21.88
N GLY M 21 10.60 14.60 20.68
CA GLY M 21 11.45 15.01 19.59
C GLY M 21 12.89 14.56 19.68
N GLY M 22 13.29 13.91 20.77
CA GLY M 22 14.68 13.53 20.94
C GLY M 22 15.62 14.71 21.04
N GLY M 23 15.21 15.78 21.70
CA GLY M 23 16.05 16.96 21.84
C GLY M 23 16.08 17.88 20.65
N THR M 24 15.17 17.72 19.69
CA THR M 24 15.19 18.54 18.49
C THR M 24 14.45 19.86 18.74
N ASN M 25 14.49 20.74 17.74
CA ASN M 25 13.90 22.06 17.89
C ASN M 25 12.37 22.00 17.87
N TYR M 26 11.80 21.25 16.94
CA TYR M 26 10.35 21.13 16.80
C TYR M 26 9.86 19.85 17.46
N ILE M 27 9.04 20.00 18.50
CA ILE M 27 8.46 18.87 19.20
C ILE M 27 6.95 19.03 19.20
N GLU M 28 6.25 17.94 18.89
CA GLU M 28 4.80 17.96 18.73
C GLU M 28 4.14 17.10 19.79
N ILE M 29 2.81 17.21 19.87
CA ILE M 29 2.06 16.45 20.85
C ILE M 29 1.59 15.14 20.24
N THR M 30 1.35 14.15 21.11
CA THR M 30 0.93 12.83 20.66
C THR M 30 -0.46 12.90 20.03
N LYS M 31 -0.62 12.19 18.93
CA LYS M 31 -1.88 12.14 18.21
C LYS M 31 -2.25 10.68 17.92
N THR M 32 -3.55 10.42 17.90
CA THR M 32 -4.05 9.07 17.60
C THR M 32 -5.29 9.18 16.75
N LYS M 33 -5.60 8.11 16.04
CA LYS M 33 -6.72 8.10 15.11
C LYS M 33 -7.97 7.54 15.77
N VAL M 34 -9.10 8.20 15.51
CA VAL M 34 -10.40 7.77 16.01
C VAL M 34 -11.40 7.77 14.86
N THR M 35 -12.43 6.93 15.00
CA THR M 35 -13.43 6.72 13.97
C THR M 35 -14.74 7.39 14.39
N VAL M 36 -15.35 8.13 13.47
CA VAL M 36 -16.63 8.77 13.69
C VAL M 36 -17.54 8.47 12.50
N ARG M 37 -18.82 8.24 12.77
CA ARG M 37 -19.74 7.82 11.72
C ARG M 37 -20.11 8.97 10.80
N THR M 38 -20.38 10.15 11.36
CA THR M 38 -20.79 11.36 10.65
C THR M 38 -22.06 11.17 9.83
N GLU M 39 -22.79 10.07 10.05
CA GLU M 39 -24.07 9.78 9.41
C GLU M 39 -23.98 9.66 7.89
N ASN M 40 -22.78 9.69 7.31
CA ASN M 40 -22.62 9.55 5.87
C ASN M 40 -21.40 8.69 5.52
N GLY M 41 -21.08 7.72 6.37
CA GLY M 41 -19.92 6.87 6.15
C GLY M 41 -18.84 7.08 7.18
N TRP M 42 -18.34 5.97 7.75
CA TRP M 42 -17.33 6.06 8.79
C TRP M 42 -16.06 6.70 8.26
N THR M 43 -15.50 7.63 9.04
CA THR M 43 -14.27 8.30 8.68
C THR M 43 -13.33 8.34 9.88
N VAL M 44 -12.04 8.27 9.59
CA VAL M 44 -10.98 8.24 10.60
C VAL M 44 -10.26 9.58 10.59
N VAL M 45 -10.03 10.13 11.77
CA VAL M 45 -9.34 11.41 11.91
C VAL M 45 -8.32 11.29 13.04
N GLU M 46 -7.16 11.90 12.85
CA GLU M 46 -6.12 11.92 13.87
C GLU M 46 -6.26 13.18 14.72
N VAL M 47 -6.23 13.01 16.03
CA VAL M 47 -6.46 14.10 16.97
C VAL M 47 -5.50 13.98 18.15
N PRO M 48 -5.23 15.08 18.83
CA PRO M 48 -4.38 15.02 20.02
C PRO M 48 -5.00 14.13 21.09
N ALA M 49 -4.13 13.45 21.84
CA ALA M 49 -4.58 12.51 22.85
C ALA M 49 -3.58 12.47 23.99
N ILE M 50 -4.06 12.00 25.14
CA ILE M 50 -3.22 11.77 26.31
C ILE M 50 -3.23 10.27 26.57
N THR M 51 -2.05 9.66 26.53
CA THR M 51 -1.97 8.22 26.71
C THR M 51 -2.39 7.84 28.12
N GLY M 52 -2.98 6.65 28.26
CA GLY M 52 -3.32 6.14 29.57
C GLY M 52 -2.11 5.85 30.44
N ASN M 53 -0.93 5.71 29.84
CA ASN M 53 0.28 5.51 30.62
C ASN M 53 0.59 6.73 31.47
N MET M 54 0.49 7.92 30.88
CA MET M 54 0.71 9.15 31.64
C MET M 54 -0.33 9.32 32.74
N LEU M 55 -1.59 9.01 32.43
CA LEU M 55 -2.65 9.11 33.43
C LEU M 55 -2.39 8.17 34.59
N LYS M 56 -1.97 6.94 34.29
CA LYS M 56 -1.64 5.98 35.34
C LYS M 56 -0.45 6.46 36.17
N HIS M 57 0.58 7.02 35.51
CA HIS M 57 1.73 7.52 36.25
C HIS M 57 1.34 8.66 37.17
N TRP M 58 0.45 9.55 36.72
CA TRP M 58 0.06 10.66 37.58
C TRP M 58 -0.86 10.22 38.70
N HIS M 59 -1.68 9.18 38.49
CA HIS M 59 -2.39 8.58 39.61
C HIS M 59 -1.42 7.99 40.62
N PHE M 60 -0.35 7.35 40.11
CA PHE M 60 0.69 6.84 41.01
C PHE M 60 1.35 7.96 41.79
N VAL M 61 1.61 9.08 41.14
CA VAL M 61 2.21 10.24 41.80
C VAL M 61 1.30 10.73 42.92
N GLY M 62 0.01 10.88 42.62
CA GLY M 62 -0.92 11.32 43.64
C GLY M 62 -1.04 10.34 44.80
N PHE M 63 -1.05 9.04 44.49
CA PHE M 63 -1.14 8.03 45.53
C PHE M 63 0.08 8.07 46.44
N VAL M 64 1.27 8.19 45.86
CA VAL M 64 2.48 8.31 46.68
C VAL M 64 2.44 9.57 47.53
N ASP M 65 2.02 10.69 46.93
CA ASP M 65 1.99 11.95 47.64
C ASP M 65 1.04 11.92 48.83
N TYR M 66 -0.11 11.27 48.67
CA TYR M 66 -1.07 11.19 49.76
C TYR M 66 -0.75 10.07 50.76
N PHE M 67 -0.01 9.04 50.33
CA PHE M 67 0.37 7.97 51.23
C PHE M 67 1.62 8.30 52.04
N LYS M 68 2.39 9.31 51.63
CA LYS M 68 3.56 9.70 52.39
C LYS M 68 3.18 10.18 53.79
N THR M 69 2.14 11.02 53.87
CA THR M 69 1.73 11.59 55.15
C THR M 69 1.04 10.57 56.05
N THR M 70 0.61 9.45 55.49
CA THR M 70 0.01 8.39 56.29
C THR M 70 1.06 7.82 57.24
N PRO M 71 0.70 7.51 58.50
CA PRO M 71 1.68 6.95 59.43
C PRO M 71 2.30 5.65 58.95
N TYR M 72 1.69 4.97 57.99
CA TYR M 72 2.26 3.78 57.36
C TYR M 72 3.03 4.11 56.09
N GLY M 73 3.47 5.35 55.93
CA GLY M 73 4.14 5.78 54.72
C GLY M 73 5.56 5.31 54.56
N VAL M 74 6.14 4.67 55.58
CA VAL M 74 7.47 4.11 55.45
C VAL M 74 7.49 2.96 54.45
N ASN M 75 6.36 2.27 54.30
CA ASN M 75 6.26 1.11 53.40
C ASN M 75 6.14 1.56 51.95
N LEU M 76 7.19 2.23 51.48
CA LEU M 76 7.26 2.71 50.11
C LEU M 76 8.64 2.43 49.54
N THR M 77 8.70 2.29 48.21
CA THR M 77 9.98 2.12 47.55
C THR M 77 10.77 3.43 47.60
N GLU M 78 12.10 3.30 47.68
CA GLU M 78 12.94 4.50 47.71
C GLU M 78 12.76 5.33 46.45
N ARG M 79 12.69 4.68 45.29
CA ARG M 79 12.50 5.39 44.04
C ARG M 79 11.10 6.00 43.91
N ALA M 80 10.13 5.51 44.69
CA ALA M 80 8.80 6.09 44.65
C ALA M 80 8.74 7.47 45.27
N LEU M 81 9.67 7.79 46.18
CA LEU M 81 9.68 9.11 46.80
C LEU M 81 9.98 10.20 45.79
N ARG M 82 10.78 9.90 44.77
CA ARG M 82 11.05 10.84 43.68
C ARG M 82 10.16 10.59 42.47
N TYR M 83 9.05 9.89 42.66
CA TYR M 83 8.06 9.64 41.59
C TYR M 83 8.70 8.96 40.39
N ASN M 84 9.56 7.99 40.65
CA ASN M 84 10.15 7.19 39.58
C ASN M 84 9.15 6.14 39.14
N GLY M 85 8.70 6.24 37.89
CA GLY M 85 7.66 5.34 37.40
C GLY M 85 8.09 3.89 37.32
N THR M 86 9.37 3.65 37.01
CA THR M 86 9.84 2.27 36.89
C THR M 86 9.67 1.54 38.21
N ARG M 87 9.34 0.25 38.13
CA ARG M 87 9.09 -0.54 39.33
C ARG M 87 10.28 -1.43 39.67
N PHE M 88 10.67 -2.32 38.76
CA PHE M 88 11.79 -3.21 38.99
C PHE M 88 12.53 -3.43 37.68
N GLY M 89 13.84 -3.22 37.72
CA GLY M 89 14.64 -3.26 36.51
C GLY M 89 14.80 -4.66 35.94
N GLN M 90 15.41 -4.71 34.76
CA GLN M 90 15.57 -5.97 34.05
C GLN M 90 16.55 -6.92 34.71
N GLY M 91 17.41 -6.41 35.60
CA GLY M 91 18.44 -7.26 36.17
C GLY M 91 18.71 -7.05 37.64
N GLU M 92 17.72 -6.58 38.40
CA GLU M 92 17.87 -6.35 39.83
C GLU M 92 17.08 -7.38 40.62
N THR M 93 17.68 -7.88 41.70
CA THR M 93 17.08 -8.91 42.53
C THR M 93 16.52 -8.37 43.84
N THR M 94 17.00 -7.22 44.31
CA THR M 94 16.52 -6.61 45.54
C THR M 94 15.99 -5.21 45.25
N ALA M 95 15.28 -4.66 46.22
CA ALA M 95 14.77 -3.29 46.12
C ALA M 95 15.00 -2.60 47.46
N THR M 96 15.05 -1.27 47.41
CA THR M 96 15.31 -0.46 48.58
C THR M 96 14.03 0.22 49.05
N LYS M 97 13.70 0.04 50.33
CA LYS M 97 12.53 0.69 50.89
C LYS M 97 12.80 2.17 51.12
N ALA M 98 11.80 2.88 51.63
CA ALA M 98 11.94 4.32 51.86
C ALA M 98 12.99 4.60 52.91
N ASN M 99 13.05 3.79 53.97
CA ASN M 99 14.00 4.02 55.05
C ASN M 99 15.39 3.46 54.78
N GLY M 100 15.58 2.81 53.64
CA GLY M 100 16.87 2.24 53.29
C GLY M 100 17.00 0.75 53.50
N ALA M 101 15.93 0.07 53.87
CA ALA M 101 15.97 -1.37 54.05
C ALA M 101 16.06 -2.06 52.70
N THR M 102 16.15 -3.39 52.73
CA THR M 102 16.25 -4.21 51.53
C THR M 102 15.13 -5.23 51.51
N VAL M 103 14.42 -5.30 50.39
CA VAL M 103 13.32 -6.23 50.19
C VAL M 103 13.68 -7.14 49.01
N GLN M 104 13.65 -8.44 49.25
CA GLN M 104 13.92 -9.40 48.18
C GLN M 104 12.77 -9.43 47.20
N LEU M 105 13.06 -9.81 45.96
CA LEU M 105 12.07 -9.82 44.89
C LEU M 105 11.54 -11.21 44.60
N ASN M 106 11.39 -12.03 45.64
CA ASN M 106 10.76 -13.34 45.52
C ASN M 106 9.67 -13.46 46.58
N ASP M 107 8.69 -14.31 46.31
CA ASP M 107 7.54 -14.50 47.18
C ASP M 107 6.79 -13.17 47.36
N GLU M 108 6.19 -12.73 46.25
CA GLU M 108 5.55 -11.41 46.15
C GLU M 108 4.56 -11.12 47.27
N ALA M 109 4.16 -12.15 48.01
CA ALA M 109 3.35 -11.94 49.20
C ALA M 109 4.06 -11.07 50.23
N THR M 110 5.39 -11.01 50.19
CA THR M 110 6.14 -10.06 51.01
C THR M 110 6.46 -8.76 50.28
N ILE M 111 6.52 -8.79 48.95
CA ILE M 111 6.71 -7.56 48.18
C ILE M 111 5.53 -6.63 48.40
N ILE M 112 4.30 -7.16 48.32
CA ILE M 112 3.13 -6.34 48.60
C ILE M 112 3.02 -6.02 50.09
N LYS M 113 3.68 -6.80 50.95
CA LYS M 113 3.65 -6.52 52.38
C LYS M 113 4.54 -5.34 52.75
N GLU M 114 5.68 -5.21 52.08
CA GLU M 114 6.63 -4.15 52.37
C GLU M 114 6.51 -2.96 51.43
N LEU M 115 6.23 -3.19 50.15
CA LEU M 115 6.14 -2.14 49.14
C LEU M 115 4.68 -1.93 48.77
N ALA M 116 4.20 -0.70 48.96
CA ALA M 116 2.79 -0.40 48.71
C ALA M 116 2.52 0.09 47.30
N ASP M 117 3.46 0.83 46.71
CA ASP M 117 3.28 1.27 45.33
C ASP M 117 3.21 0.08 44.38
N ALA M 118 4.05 -0.94 44.60
CA ALA M 118 3.96 -2.16 43.81
C ALA M 118 2.66 -2.91 44.10
N ASP M 119 2.17 -2.82 45.34
CA ASP M 119 0.90 -3.46 45.69
C ASP M 119 -0.25 -2.86 44.89
N VAL M 120 -0.29 -1.52 44.80
CA VAL M 120 -1.44 -0.88 44.19
C VAL M 120 -1.31 -0.82 42.66
N HIS M 121 -0.12 -0.56 42.13
CA HIS M 121 0.06 -0.36 40.70
C HIS M 121 0.73 -1.54 40.02
N GLY M 122 0.92 -2.66 40.71
CA GLY M 122 1.53 -3.84 40.10
C GLY M 122 3.03 -3.67 39.92
N PHE M 123 3.65 -4.74 39.46
CA PHE M 123 5.09 -4.75 39.24
C PHE M 123 5.45 -5.92 38.33
N LEU M 124 6.75 -6.05 38.06
CA LEU M 124 7.28 -7.16 37.29
C LEU M 124 8.77 -7.28 37.56
N ALA M 125 9.20 -8.49 37.91
CA ALA M 125 10.62 -8.77 38.12
C ALA M 125 11.09 -9.75 37.05
N PRO M 126 11.76 -9.29 35.99
CA PRO M 126 12.15 -10.21 34.92
C PRO M 126 13.09 -11.31 35.37
N LYS M 127 13.94 -11.06 36.36
CA LYS M 127 14.91 -12.06 36.79
C LYS M 127 14.25 -13.14 37.65
N THR M 128 13.60 -12.73 38.74
CA THR M 128 12.96 -13.71 39.62
C THR M 128 11.66 -14.24 39.04
N GLY M 129 11.09 -13.57 38.04
CA GLY M 129 9.89 -14.04 37.39
C GLY M 129 8.59 -13.62 38.04
N ARG M 130 8.64 -12.86 39.14
CA ARG M 130 7.41 -12.45 39.81
C ARG M 130 6.67 -11.40 38.99
N ARG M 131 5.36 -11.32 39.20
CA ARG M 131 4.52 -10.37 38.50
C ARG M 131 3.28 -10.09 39.32
N ARG M 132 2.62 -8.97 39.01
CA ARG M 132 1.38 -8.61 39.67
C ARG M 132 0.62 -7.64 38.78
N VAL M 133 -0.68 -7.86 38.62
CA VAL M 133 -1.52 -7.04 37.76
C VAL M 133 -1.89 -5.76 38.50
N SER M 134 -1.86 -4.64 37.79
CA SER M 134 -2.16 -3.35 38.40
C SER M 134 -3.63 -3.27 38.80
N LEU M 135 -3.88 -2.73 39.99
CA LEU M 135 -5.24 -2.51 40.46
C LEU M 135 -5.85 -1.24 39.89
N VAL M 136 -5.06 -0.40 39.23
CA VAL M 136 -5.52 0.85 38.64
C VAL M 136 -5.35 0.75 37.14
N LYS M 137 -6.47 0.87 36.41
CA LYS M 137 -6.46 0.80 34.96
C LYS M 137 -7.00 2.10 34.40
N ALA M 138 -6.23 2.73 33.52
CA ALA M 138 -6.60 4.00 32.92
C ALA M 138 -6.80 3.83 31.42
N SER M 139 -7.55 4.76 30.84
CA SER M 139 -7.85 4.76 29.42
C SER M 139 -7.34 6.03 28.78
N PHE M 140 -7.31 6.03 27.44
CA PHE M 140 -6.87 7.19 26.70
C PHE M 140 -7.83 8.35 26.91
N ILE M 141 -7.29 9.56 26.87
CA ILE M 141 -8.06 10.78 26.99
C ILE M 141 -8.22 11.35 25.58
N LEU M 142 -9.45 11.31 25.07
CA LEU M 142 -9.74 11.63 23.69
C LEU M 142 -10.80 12.72 23.59
N PRO M 143 -10.70 13.60 22.58
CA PRO M 143 -11.80 14.54 22.33
C PRO M 143 -13.07 13.78 21.95
N THR M 144 -14.19 14.26 22.46
CA THR M 144 -15.44 13.52 22.35
C THR M 144 -15.98 13.57 20.92
N GLU M 145 -16.79 12.55 20.59
CA GLU M 145 -17.31 12.43 19.24
C GLU M 145 -18.21 13.61 18.88
N ASP M 146 -19.09 14.02 19.80
CA ASP M 146 -20.02 15.10 19.51
C ASP M 146 -19.29 16.44 19.29
N PHE M 147 -18.13 16.62 19.91
CA PHE M 147 -17.35 17.84 19.72
C PHE M 147 -16.46 17.75 18.49
N ILE M 148 -15.79 16.61 18.30
CA ILE M 148 -14.90 16.43 17.15
C ILE M 148 -15.68 16.41 15.83
N LYS M 149 -16.97 16.07 15.88
CA LYS M 149 -17.75 15.96 14.66
C LYS M 149 -18.37 17.28 14.23
N GLU M 150 -18.69 18.17 15.16
CA GLU M 150 -19.29 19.46 14.83
C GLU M 150 -18.26 20.57 14.67
N VAL M 151 -16.97 20.25 14.79
CA VAL M 151 -15.95 21.28 14.62
C VAL M 151 -15.55 21.43 13.14
N GLU M 152 -15.66 20.36 12.36
CA GLU M 152 -15.50 20.41 10.91
C GLU M 152 -14.15 21.01 10.50
N GLY M 153 -13.09 20.30 10.86
CA GLY M 153 -11.74 20.77 10.61
C GLY M 153 -11.11 21.32 11.88
N GLU M 154 -10.50 22.49 11.79
CA GLU M 154 -9.98 23.21 12.95
C GLU M 154 -8.98 22.35 13.72
N ARG M 155 -7.83 22.12 13.06
CA ARG M 155 -6.86 21.12 13.49
C ARG M 155 -6.57 21.12 14.99
N LEU M 156 -6.77 22.26 15.67
CA LEU M 156 -6.69 22.46 17.12
C LEU M 156 -5.26 22.63 17.64
N ILE M 157 -4.24 22.57 16.79
CA ILE M 157 -2.87 22.77 17.21
C ILE M 157 -2.41 24.15 16.76
N THR M 158 -1.76 24.88 17.67
CA THR M 158 -1.32 26.24 17.42
C THR M 158 0.18 26.35 17.14
N ALA M 159 1.00 25.52 17.78
CA ALA M 159 2.45 25.45 17.54
C ALA M 159 3.13 26.80 17.81
N ILE M 160 3.08 27.19 19.08
CA ILE M 160 3.81 28.38 19.53
C ILE M 160 5.31 28.10 19.50
N LYS M 161 6.08 29.14 19.16
CA LYS M 161 7.54 29.06 19.12
C LYS M 161 8.11 29.88 20.27
N HIS M 162 8.90 29.24 21.13
CA HIS M 162 9.45 29.87 22.31
C HIS M 162 10.84 30.43 22.02
N ASN M 163 11.58 30.79 23.06
CA ASN M 163 12.90 31.38 22.90
C ASN M 163 13.71 31.16 24.16
N ARG M 164 14.99 30.83 23.99
CA ARG M 164 15.96 30.82 25.09
C ARG M 164 17.05 31.82 24.73
N VAL M 165 17.10 32.92 25.47
CA VAL M 165 18.10 33.96 25.25
C VAL M 165 19.28 33.70 26.18
N ASP M 166 20.48 33.70 25.63
CA ASP M 166 21.71 33.49 26.39
C ASP M 166 22.63 34.68 26.16
N VAL M 167 22.96 35.39 27.23
CA VAL M 167 23.83 36.56 27.18
C VAL M 167 24.98 36.35 28.15
N ASP M 168 26.19 36.61 27.69
CA ASP M 168 27.37 36.51 28.54
C ASP M 168 27.53 37.77 29.38
N GLU M 169 28.59 37.81 30.18
CA GLU M 169 28.85 38.97 31.01
C GLU M 169 29.19 40.21 30.18
N LYS M 170 29.53 40.03 28.91
CA LYS M 170 29.74 41.14 28.00
C LYS M 170 28.48 41.52 27.23
N GLY M 171 27.36 40.86 27.51
CA GLY M 171 26.11 41.16 26.83
C GLY M 171 26.08 40.83 25.35
N ALA M 172 26.61 39.67 24.98
CA ALA M 172 26.63 39.22 23.59
C ALA M 172 25.94 37.86 23.49
N ILE M 173 25.08 37.72 22.47
CA ILE M 173 24.40 36.44 22.26
C ILE M 173 25.39 35.35 21.88
N GLY M 174 26.28 35.65 20.95
CA GLY M 174 27.22 34.66 20.44
C GLY M 174 26.76 34.06 19.13
N SER M 175 27.53 33.06 18.68
CA SER M 175 27.26 32.39 17.42
C SER M 175 27.36 30.88 17.65
N SER M 176 27.28 30.12 16.56
CA SER M 176 27.30 28.66 16.66
C SER M 176 28.67 28.12 17.05
N LYS M 177 29.73 28.89 16.79
CA LYS M 177 31.06 28.42 17.14
C LYS M 177 31.26 28.30 18.65
N GLU M 178 30.64 29.18 19.42
CA GLU M 178 30.69 29.11 20.88
C GLU M 178 29.50 28.35 21.47
N GLY M 179 28.54 27.93 20.64
CA GLY M 179 27.41 27.17 21.11
C GLY M 179 26.33 28.01 21.74
N THR M 180 26.59 28.49 22.96
CA THR M 180 25.70 29.36 23.73
C THR M 180 24.37 28.69 24.08
N ALA M 181 24.20 27.44 23.66
CA ALA M 181 23.02 26.63 23.98
C ALA M 181 21.72 27.37 23.67
N GLN M 182 21.52 27.68 22.39
CA GLN M 182 20.32 28.36 21.93
C GLN M 182 19.53 27.45 21.01
N MET M 183 18.25 27.27 21.32
CA MET M 183 17.32 26.56 20.44
C MET M 183 15.95 27.21 20.58
N LEU M 184 15.22 27.27 19.46
CA LEU M 184 13.94 27.97 19.46
C LEU M 184 12.84 27.23 20.21
N PHE M 185 12.90 25.90 20.26
CA PHE M 185 12.00 25.10 21.09
C PHE M 185 10.53 25.38 20.73
N SER M 186 10.19 24.97 19.51
CA SER M 186 8.80 25.08 19.05
C SER M 186 7.96 23.98 19.67
N ARG M 187 6.84 24.37 20.29
CA ARG M 187 5.99 23.44 21.03
C ARG M 187 4.56 23.55 20.52
N GLU M 188 3.87 22.41 20.47
CA GLU M 188 2.50 22.33 19.99
C GLU M 188 1.53 22.36 21.17
N TYR M 189 0.46 23.13 21.04
CA TYR M 189 -0.53 23.28 22.09
C TYR M 189 -1.92 23.00 21.52
N ALA M 190 -2.80 22.41 22.34
CA ALA M 190 -4.08 21.95 21.87
C ALA M 190 -5.21 22.46 22.77
N THR M 191 -6.43 22.26 22.30
CA THR M 191 -7.63 22.70 23.00
C THR M 191 -8.81 21.82 22.61
N GLY M 192 -9.83 21.82 23.46
CA GLY M 192 -11.05 21.11 23.18
C GLY M 192 -11.64 20.51 24.44
N LEU M 193 -12.58 19.59 24.23
CA LEU M 193 -13.26 18.88 25.29
C LEU M 193 -12.98 17.39 25.14
N TYR M 194 -12.51 16.78 26.23
CA TYR M 194 -12.02 15.41 26.23
C TYR M 194 -12.85 14.55 27.17
N GLY M 195 -12.62 13.24 27.13
CA GLY M 195 -13.31 12.31 27.99
C GLY M 195 -12.35 11.34 28.64
N PHE M 196 -12.72 10.90 29.85
CA PHE M 196 -11.90 9.98 30.62
C PHE M 196 -12.77 8.90 31.26
N SER M 197 -12.21 7.70 31.39
CA SER M 197 -12.94 6.56 31.93
C SER M 197 -12.04 5.72 32.84
N ILE M 198 -11.32 6.37 33.76
CA ILE M 198 -10.44 5.64 34.68
C ILE M 198 -11.26 4.73 35.59
N VAL M 199 -10.70 3.55 35.90
CA VAL M 199 -11.33 2.60 36.79
C VAL M 199 -10.33 2.23 37.88
N LEU M 200 -10.85 1.73 39.01
CA LEU M 200 -10.03 1.37 40.16
C LEU M 200 -10.62 0.13 40.80
N ASP M 201 -9.91 -1.00 40.68
CA ASP M 201 -10.35 -2.26 41.30
C ASP M 201 -9.62 -2.47 42.63
N LEU M 202 -9.90 -1.58 43.57
CA LEU M 202 -9.16 -1.54 44.84
C LEU M 202 -9.56 -2.65 45.80
N GLY M 203 -10.37 -3.62 45.38
CA GLY M 203 -10.81 -4.66 46.30
C GLY M 203 -9.76 -5.70 46.62
N LEU M 204 -8.71 -5.80 45.82
CA LEU M 204 -7.72 -6.86 45.96
C LEU M 204 -6.44 -6.36 46.65
N VAL M 205 -6.46 -5.13 47.19
CA VAL M 205 -5.27 -4.58 47.81
C VAL M 205 -4.89 -5.40 49.04
N GLY M 206 -3.59 -5.59 49.25
CA GLY M 206 -3.11 -6.32 50.39
C GLY M 206 -3.28 -7.82 50.31
N ILE M 207 -3.71 -8.34 49.16
CA ILE M 207 -3.96 -9.76 48.97
C ILE M 207 -3.08 -10.24 47.84
N PRO M 208 -2.22 -11.25 48.04
CA PRO M 208 -1.37 -11.73 46.95
C PRO M 208 -2.20 -12.33 45.83
N GLN M 209 -1.71 -12.14 44.60
CA GLN M 209 -2.41 -12.65 43.43
C GLN M 209 -2.33 -14.18 43.35
N GLY M 210 -1.18 -14.74 43.75
CA GLY M 210 -1.00 -16.18 43.62
C GLY M 210 -1.97 -16.98 44.47
N LEU M 211 -2.17 -16.56 45.72
CA LEU M 211 -3.09 -17.21 46.64
C LEU M 211 -4.02 -16.15 47.17
N PRO M 212 -5.14 -15.91 46.47
CA PRO M 212 -6.03 -14.80 46.87
C PRO M 212 -7.02 -15.15 47.96
N VAL M 213 -7.36 -16.43 48.13
CA VAL M 213 -8.37 -16.85 49.09
C VAL M 213 -7.83 -18.01 49.90
N LYS M 214 -8.20 -18.06 51.18
CA LYS M 214 -7.80 -19.12 52.09
C LYS M 214 -9.05 -19.80 52.63
N PHE M 215 -9.03 -21.13 52.68
CA PHE M 215 -10.17 -21.92 53.09
C PHE M 215 -9.89 -22.53 54.46
N GLU M 216 -10.72 -22.18 55.44
CA GLU M 216 -10.55 -22.72 56.78
C GLU M 216 -11.18 -24.10 56.91
N GLU M 217 -12.50 -24.19 56.73
CA GLU M 217 -13.16 -25.48 56.45
C GLU M 217 -14.16 -25.23 55.32
N ASN M 218 -13.66 -25.29 54.09
CA ASN M 218 -14.47 -25.10 52.88
C ASN M 218 -15.22 -23.76 52.89
N GLN M 219 -14.70 -22.77 53.61
CA GLN M 219 -15.30 -21.44 53.66
C GLN M 219 -14.26 -20.42 53.22
N PRO M 220 -14.52 -19.63 52.18
CA PRO M 220 -13.53 -18.66 51.72
C PRO M 220 -13.28 -17.56 52.73
N ARG M 221 -12.03 -17.07 52.75
CA ARG M 221 -11.64 -15.92 53.53
C ARG M 221 -10.61 -15.15 52.71
N PRO M 222 -10.67 -13.82 52.71
CA PRO M 222 -9.62 -13.04 52.03
C PRO M 222 -8.26 -13.30 52.65
N ASN M 223 -7.24 -13.33 51.79
CA ASN M 223 -5.87 -13.59 52.22
C ASN M 223 -5.15 -12.25 52.35
N ILE M 224 -5.41 -11.57 53.45
CA ILE M 224 -4.81 -10.27 53.71
C ILE M 224 -3.54 -10.46 54.53
N VAL M 225 -2.41 -10.01 53.98
CA VAL M 225 -1.14 -10.16 54.67
C VAL M 225 -0.79 -8.91 55.50
N ILE M 226 -1.32 -7.75 55.11
CA ILE M 226 -1.06 -6.50 55.82
C ILE M 226 -2.08 -6.30 56.93
N ASP M 227 -1.82 -5.36 57.82
CA ASP M 227 -2.76 -5.03 58.87
C ASP M 227 -4.04 -4.45 58.28
N PRO M 228 -5.19 -4.67 58.93
CA PRO M 228 -6.43 -4.05 58.42
C PRO M 228 -6.36 -2.54 58.31
N ASN M 229 -5.71 -1.88 59.28
CA ASN M 229 -5.54 -0.43 59.18
C ASN M 229 -4.60 -0.05 58.05
N GLU M 230 -3.59 -0.89 57.78
CA GLU M 230 -2.75 -0.72 56.60
C GLU M 230 -3.61 -0.70 55.34
N ARG M 231 -4.52 -1.66 55.23
CA ARG M 231 -5.39 -1.77 54.05
C ARG M 231 -6.31 -0.56 53.94
N LYS M 232 -6.89 -0.13 55.07
CA LYS M 232 -7.79 1.02 55.05
C LYS M 232 -7.04 2.29 54.64
N ALA M 233 -5.84 2.50 55.18
CA ALA M 233 -5.06 3.68 54.81
C ALA M 233 -4.68 3.64 53.34
N ARG M 234 -4.32 2.46 52.83
CA ARG M 234 -3.98 2.35 51.41
C ARG M 234 -5.17 2.66 50.53
N ILE M 235 -6.36 2.15 50.90
CA ILE M 235 -7.57 2.46 50.14
C ILE M 235 -7.84 3.96 50.15
N GLU M 236 -7.73 4.58 51.33
CA GLU M 236 -8.00 6.02 51.42
C GLU M 236 -7.02 6.82 50.58
N SER M 237 -5.74 6.45 50.60
CA SER M 237 -4.75 7.15 49.79
C SER M 237 -5.03 6.98 48.30
N ALA M 238 -5.36 5.76 47.88
CA ALA M 238 -5.65 5.52 46.47
C ALA M 238 -6.87 6.32 46.01
N LEU M 239 -7.91 6.40 46.86
CA LEU M 239 -9.09 7.16 46.50
C LEU M 239 -8.81 8.65 46.46
N LYS M 240 -8.06 9.16 47.44
CA LYS M 240 -7.75 10.58 47.50
C LYS M 240 -6.74 11.01 46.43
N ALA M 241 -6.05 10.06 45.82
CA ALA M 241 -5.11 10.39 44.75
C ALA M 241 -5.81 11.06 43.56
N LEU M 242 -7.13 10.92 43.44
CA LEU M 242 -7.84 11.53 42.32
C LEU M 242 -8.08 13.01 42.51
N ILE M 243 -7.91 13.53 43.74
CA ILE M 243 -8.06 14.97 43.95
C ILE M 243 -7.01 15.76 43.16
N PRO M 244 -5.71 15.44 43.21
CA PRO M 244 -4.77 16.13 42.32
C PRO M 244 -4.65 15.44 40.97
N MET M 245 -5.76 15.06 40.39
CA MET M 245 -5.82 14.56 39.01
C MET M 245 -6.86 15.31 38.19
N LEU M 246 -8.00 15.65 38.78
CA LEU M 246 -9.04 16.42 38.12
C LEU M 246 -8.93 17.91 38.41
N SER M 247 -7.90 18.33 39.15
CA SER M 247 -7.61 19.74 39.35
C SER M 247 -6.65 20.30 38.32
N GLY M 248 -6.04 19.46 37.49
CA GLY M 248 -5.16 19.92 36.44
C GLY M 248 -3.74 19.42 36.56
N TYR M 249 -3.54 18.34 37.31
CA TYR M 249 -2.21 17.76 37.52
C TYR M 249 -2.00 16.49 36.70
N ILE M 250 -2.51 16.46 35.48
CA ILE M 250 -2.28 15.34 34.58
C ILE M 250 -1.42 15.81 33.42
N GLY M 251 -0.61 14.90 32.89
CA GLY M 251 0.22 15.22 31.75
C GLY M 251 1.52 15.91 32.13
N ALA M 252 2.23 16.35 31.09
CA ALA M 252 3.55 16.93 31.21
C ALA M 252 3.50 18.43 30.92
N ASN M 253 4.69 19.04 30.94
CA ASN M 253 4.83 20.49 30.71
C ASN M 253 4.00 21.30 31.68
N LEU M 254 3.91 20.83 32.92
CA LEU M 254 3.11 21.51 33.93
C LEU M 254 3.75 22.81 34.40
N ALA M 255 5.07 22.94 34.26
CA ALA M 255 5.76 24.13 34.73
C ALA M 255 5.52 25.35 33.84
N ARG M 256 5.18 25.12 32.57
CA ARG M 256 4.96 26.22 31.64
C ARG M 256 3.54 26.26 31.07
N SER M 257 2.87 25.13 30.92
CA SER M 257 1.51 25.10 30.39
C SER M 257 0.46 25.12 31.49
N PHE M 258 0.45 24.09 32.34
CA PHE M 258 -0.55 23.93 33.41
C PHE M 258 -1.95 24.20 32.89
N PRO M 259 -2.55 23.23 32.20
CA PRO M 259 -3.69 23.52 31.32
C PRO M 259 -4.84 24.20 32.04
N VAL M 260 -5.60 24.97 31.26
CA VAL M 260 -6.82 25.61 31.75
C VAL M 260 -7.86 24.50 31.91
N PHE M 261 -8.03 24.03 33.14
CA PHE M 261 -8.73 22.79 33.43
C PHE M 261 -10.11 23.06 34.02
N LYS M 262 -11.09 22.29 33.58
CA LYS M 262 -12.42 22.30 34.19
C LYS M 262 -13.11 20.99 33.85
N VAL M 263 -13.84 20.44 34.81
CA VAL M 263 -14.54 19.17 34.64
C VAL M 263 -15.99 19.50 34.30
N GLU M 264 -16.40 19.18 33.06
CA GLU M 264 -17.75 19.52 32.62
C GLU M 264 -18.79 18.67 33.32
N GLU M 265 -18.58 17.35 33.35
CA GLU M 265 -19.55 16.44 33.95
C GLU M 265 -18.84 15.12 34.23
N LEU M 266 -19.42 14.34 35.14
CA LEU M 266 -18.87 13.03 35.45
C LEU M 266 -19.92 12.16 36.13
N VAL M 267 -19.66 10.86 36.13
CA VAL M 267 -20.51 9.88 36.79
C VAL M 267 -19.63 8.76 37.31
N ALA M 268 -19.92 8.30 38.52
CA ALA M 268 -19.12 7.29 39.20
C ALA M 268 -20.02 6.26 39.86
N ILE M 269 -19.54 5.03 39.89
CA ILE M 269 -20.21 3.93 40.60
C ILE M 269 -19.18 3.25 41.50
N ALA M 270 -19.56 3.02 42.76
CA ALA M 270 -18.63 2.50 43.75
C ALA M 270 -18.80 1.00 43.99
N SER M 271 -19.97 0.58 44.44
CA SER M 271 -20.27 -0.82 44.71
C SER M 271 -19.28 -1.47 45.68
N GLU M 272 -19.39 -2.77 45.85
CA GLU M 272 -18.47 -3.54 46.70
C GLU M 272 -17.88 -4.75 45.98
N GLY M 273 -18.65 -5.42 45.14
CA GLY M 273 -18.17 -6.57 44.42
C GLY M 273 -17.82 -6.23 42.98
N PRO M 274 -17.54 -7.26 42.17
CA PRO M 274 -17.24 -7.00 40.76
C PRO M 274 -18.46 -6.43 40.03
N ILE M 275 -18.20 -5.43 39.20
CA ILE M 275 -19.27 -4.74 38.47
C ILE M 275 -18.78 -4.44 37.06
N PRO M 276 -19.71 -4.30 36.11
CA PRO M 276 -19.30 -3.98 34.73
C PRO M 276 -18.66 -2.60 34.65
N ALA M 277 -17.70 -2.48 33.73
CA ALA M 277 -17.01 -1.22 33.54
C ALA M 277 -17.95 -0.16 32.99
N LEU M 278 -17.71 1.09 33.36
CA LEU M 278 -18.53 2.20 32.92
C LEU M 278 -18.08 2.65 31.53
N VAL M 279 -19.05 3.05 30.70
CA VAL M 279 -18.73 3.41 29.32
C VAL M 279 -17.92 4.70 29.29
N HIS M 280 -17.04 4.81 28.31
CA HIS M 280 -16.17 5.97 28.16
C HIS M 280 -16.97 7.22 27.83
N GLY M 281 -16.42 8.37 28.20
CA GLY M 281 -17.03 9.64 27.87
C GLY M 281 -16.79 10.14 26.47
N PHE M 282 -16.06 9.36 25.66
CA PHE M 282 -15.77 9.77 24.29
C PHE M 282 -17.02 9.81 23.43
N TYR M 283 -18.00 8.96 23.71
CA TYR M 283 -19.22 8.88 22.92
C TYR M 283 -20.23 9.90 23.37
N GLU M 284 -21.00 10.44 22.41
CA GLU M 284 -21.96 11.49 22.72
C GLU M 284 -23.09 10.97 23.61
N ASP M 285 -23.58 9.76 23.33
CA ASP M 285 -24.73 9.20 24.02
C ASP M 285 -24.34 8.30 25.18
N TYR M 286 -23.19 8.56 25.81
CA TYR M 286 -22.74 7.71 26.91
C TYR M 286 -23.58 7.85 28.16
N ILE M 287 -24.27 8.99 28.32
CA ILE M 287 -25.11 9.18 29.51
C ILE M 287 -26.28 8.19 29.49
N GLU M 288 -26.94 8.05 28.33
CA GLU M 288 -28.06 7.10 28.24
C GLU M 288 -27.59 5.67 28.42
N ALA M 289 -26.43 5.32 27.84
CA ALA M 289 -25.90 3.97 28.01
C ALA M 289 -25.59 3.70 29.47
N ASN M 290 -24.99 4.65 30.17
CA ASN M 290 -24.70 4.48 31.59
C ASN M 290 -25.99 4.38 32.40
N ARG M 291 -27.00 5.16 32.05
CA ARG M 291 -28.29 5.07 32.74
C ARG M 291 -28.88 3.68 32.60
N SER M 292 -28.89 3.14 31.38
CA SER M 292 -29.41 1.80 31.16
C SER M 292 -28.58 0.76 31.92
N ILE M 293 -27.26 0.89 31.88
CA ILE M 293 -26.39 -0.08 32.54
C ILE M 293 -26.64 -0.10 34.04
N ILE M 294 -26.75 1.08 34.66
CA ILE M 294 -26.97 1.15 36.09
C ILE M 294 -28.35 0.61 36.44
N LYS M 295 -29.38 1.02 35.70
CA LYS M 295 -30.74 0.60 36.00
C LYS M 295 -30.95 -0.89 35.79
N ASN M 296 -30.15 -1.52 34.93
CA ASN M 296 -30.24 -2.97 34.76
C ASN M 296 -29.37 -3.74 35.73
N ALA M 297 -28.18 -3.23 36.07
CA ALA M 297 -27.32 -3.91 37.03
C ALA M 297 -27.93 -3.88 38.43
N ARG M 298 -28.57 -2.78 38.80
CA ARG M 298 -29.23 -2.72 40.10
C ARG M 298 -30.36 -3.73 40.19
N ALA M 299 -31.14 -3.87 39.11
CA ALA M 299 -32.21 -4.86 39.09
C ALA M 299 -31.68 -6.28 38.99
N LEU M 300 -30.44 -6.46 38.51
CA LEU M 300 -29.85 -7.79 38.41
C LEU M 300 -29.35 -8.32 39.75
N GLY M 301 -29.25 -7.47 40.77
CA GLY M 301 -28.84 -7.95 42.08
C GLY M 301 -27.49 -7.45 42.54
N PHE M 302 -27.13 -6.22 42.18
CA PHE M 302 -25.89 -5.60 42.59
C PHE M 302 -26.18 -4.40 43.50
N ASN M 303 -25.28 -4.16 44.44
CA ASN M 303 -25.40 -3.03 45.36
C ASN M 303 -24.55 -1.88 44.81
N ILE M 304 -25.16 -1.06 43.96
CA ILE M 304 -24.48 0.02 43.28
C ILE M 304 -24.81 1.34 43.96
N GLU M 305 -23.79 2.11 44.30
CA GLU M 305 -23.94 3.48 44.74
C GLU M 305 -23.41 4.38 43.65
N VAL M 306 -24.26 5.26 43.13
CA VAL M 306 -23.95 6.08 41.97
C VAL M 306 -23.90 7.54 42.37
N PHE M 307 -22.85 8.24 41.94
CA PHE M 307 -22.69 9.67 42.15
C PHE M 307 -22.62 10.34 40.79
N THR M 308 -23.26 11.49 40.67
CA THR M 308 -23.36 12.19 39.40
C THR M 308 -23.02 13.67 39.59
N TYR M 309 -22.42 14.26 38.56
CA TYR M 309 -22.06 15.67 38.57
C TYR M 309 -22.34 16.22 37.19
N ASN M 310 -23.30 17.15 37.10
CA ASN M 310 -23.76 17.75 35.86
C ASN M 310 -24.33 16.71 34.89
N VAL M 311 -24.85 15.62 35.43
CA VAL M 311 -25.52 14.58 34.65
C VAL M 311 -26.83 14.24 35.33
N ASP M 312 -27.91 14.14 34.54
CA ASP M 312 -29.23 13.93 35.11
C ASP M 312 -29.45 12.47 35.50
N LEU M 313 -29.21 11.55 34.57
CA LEU M 313 -29.43 10.11 34.80
C LEU M 313 -30.88 9.81 35.15
N GLY M 314 -31.81 10.60 34.62
CA GLY M 314 -33.21 10.35 34.87
C GLY M 314 -33.63 10.68 36.29
N GLU M 315 -34.87 10.31 36.61
CA GLU M 315 -35.45 10.55 37.92
C GLU M 315 -35.71 9.28 38.72
N ASP M 316 -35.95 8.15 38.05
CA ASP M 316 -36.21 6.90 38.73
C ASP M 316 -34.96 6.28 39.35
N ILE M 317 -33.77 6.73 38.95
CA ILE M 317 -32.52 6.21 39.51
C ILE M 317 -32.10 7.11 40.66
N GLU M 318 -31.91 6.52 41.84
CA GLU M 318 -31.49 7.27 43.01
C GLU M 318 -29.99 7.51 42.91
N ALA M 319 -29.59 8.78 42.84
CA ALA M 319 -28.20 9.17 42.68
C ALA M 319 -27.88 10.32 43.61
N THR M 320 -26.60 10.44 43.95
CA THR M 320 -26.11 11.50 44.81
C THR M 320 -25.54 12.62 43.94
N LYS M 321 -26.02 13.84 44.18
CA LYS M 321 -25.57 15.00 43.42
C LYS M 321 -24.34 15.58 44.09
N VAL M 322 -23.19 15.43 43.45
CA VAL M 322 -21.93 15.99 43.95
C VAL M 322 -21.64 17.29 43.22
N SER M 323 -21.06 18.25 43.94
CA SER M 323 -20.79 19.56 43.40
C SER M 323 -19.33 19.79 43.04
N SER M 324 -18.45 18.85 43.36
CA SER M 324 -17.02 18.98 43.07
C SER M 324 -16.41 17.59 43.04
N VAL M 325 -15.08 17.53 43.06
CA VAL M 325 -14.38 16.25 43.04
C VAL M 325 -14.14 15.72 44.44
N GLU M 326 -13.73 16.59 45.37
CA GLU M 326 -13.53 16.13 46.75
C GLU M 326 -14.83 15.77 47.44
N GLU M 327 -15.96 16.31 47.00
CA GLU M 327 -17.23 15.81 47.55
C GLU M 327 -17.45 14.36 47.18
N LEU M 328 -17.18 14.00 45.92
CA LEU M 328 -17.24 12.60 45.52
C LEU M 328 -16.22 11.76 46.26
N VAL M 329 -15.01 12.29 46.45
CA VAL M 329 -13.97 11.55 47.17
C VAL M 329 -14.39 11.31 48.62
N ALA M 330 -14.97 12.32 49.26
CA ALA M 330 -15.45 12.17 50.63
C ALA M 330 -16.57 11.16 50.71
N ASN M 331 -17.48 11.18 49.74
CA ASN M 331 -18.55 10.18 49.71
C ASN M 331 -17.99 8.78 49.55
N LEU M 332 -16.97 8.62 48.71
CA LEU M 332 -16.32 7.32 48.55
C LEU M 332 -15.64 6.88 49.84
N VAL M 333 -14.99 7.82 50.54
CA VAL M 333 -14.32 7.48 51.79
C VAL M 333 -15.33 7.12 52.88
N LYS M 334 -16.52 7.73 52.84
CA LYS M 334 -17.54 7.44 53.85
C LYS M 334 -17.89 5.95 53.89
N MET M 335 -17.84 5.27 52.75
CA MET M 335 -18.08 3.84 52.70
C MET M 335 -16.78 3.04 52.74
N VAL M 336 -15.66 3.68 53.09
CA VAL M 336 -14.32 3.09 53.18
C VAL M 336 -14.05 2.00 52.15
N MET N 1 4.05 25.67 51.99
CA MET N 1 3.31 26.83 51.51
C MET N 1 2.85 26.63 50.07
N TYR N 2 1.84 25.78 49.88
CA TYR N 2 1.31 25.49 48.55
C TYR N 2 0.22 26.52 48.25
N VAL N 3 0.62 27.65 47.66
CA VAL N 3 -0.28 28.77 47.49
C VAL N 3 -0.76 28.83 46.04
N ARG N 4 -2.06 28.98 45.86
CA ARG N 4 -2.69 29.01 44.54
C ARG N 4 -3.53 30.27 44.43
N ILE N 5 -3.26 31.10 43.42
CA ILE N 5 -3.99 32.33 43.20
C ILE N 5 -4.57 32.28 41.78
N SER N 6 -5.80 32.78 41.64
CA SER N 6 -6.46 32.77 40.34
C SER N 6 -7.47 33.90 40.27
N GLY N 7 -7.57 34.55 39.12
CA GLY N 7 -8.49 35.65 39.00
C GLY N 7 -8.44 36.30 37.62
N ARG N 8 -9.10 37.45 37.54
CA ARG N 8 -9.27 38.21 36.31
C ARG N 8 -8.56 39.56 36.42
N ILE N 9 -7.85 39.92 35.36
CA ILE N 9 -7.14 41.19 35.24
C ILE N 9 -7.52 41.82 33.91
N ARG N 10 -7.63 43.15 33.90
CA ARG N 10 -7.97 43.89 32.68
C ARG N 10 -6.70 44.43 32.06
N LEU N 11 -6.40 44.00 30.84
CA LEU N 11 -5.18 44.42 30.13
C LEU N 11 -5.58 45.30 28.95
N ASN N 12 -4.98 46.47 28.86
CA ASN N 12 -5.37 47.44 27.84
C ASN N 12 -4.13 48.02 27.18
N ALA N 13 -4.14 48.07 25.85
CA ALA N 13 -3.05 48.64 25.06
C ALA N 13 -1.71 47.98 25.40
N HIS N 14 -1.63 46.70 25.11
CA HIS N 14 -0.46 45.90 25.43
C HIS N 14 0.02 45.15 24.19
N SER N 15 1.31 44.82 24.18
CA SER N 15 1.91 44.01 23.13
C SER N 15 2.83 42.97 23.75
N LEU N 16 2.40 42.38 24.87
CA LEU N 16 3.22 41.41 25.57
C LEU N 16 3.34 40.12 24.75
N ASN N 17 4.55 39.55 24.74
CA ASN N 17 4.83 38.25 24.13
C ASN N 17 4.44 38.24 22.65
N ALA N 18 5.18 39.03 21.89
CA ALA N 18 5.02 39.05 20.44
C ALA N 18 5.65 37.81 19.83
N GLN N 19 5.63 37.74 18.50
CA GLN N 19 6.20 36.60 17.77
C GLN N 19 7.55 36.92 17.13
N GLY N 20 8.04 38.15 17.24
CA GLY N 20 9.35 38.49 16.73
C GLY N 20 9.41 38.68 15.23
N GLY N 21 8.57 37.94 14.50
CA GLY N 21 8.47 38.08 13.06
C GLY N 21 9.73 37.75 12.30
N GLY N 22 10.68 37.11 12.96
CA GLY N 22 11.95 36.82 12.31
C GLY N 22 12.84 38.02 12.11
N GLY N 23 12.56 39.14 12.75
CA GLY N 23 13.34 40.35 12.60
C GLY N 23 12.92 41.26 11.47
N THR N 24 11.78 41.00 10.83
CA THR N 24 11.32 41.83 9.73
C THR N 24 10.56 43.04 10.27
N ASN N 25 10.06 43.88 9.35
CA ASN N 25 9.43 45.12 9.75
C ASN N 25 8.08 44.91 10.43
N TYR N 26 7.34 43.87 10.04
CA TYR N 26 6.05 43.57 10.64
C TYR N 26 6.21 42.45 11.67
N ILE N 27 5.81 42.72 12.91
CA ILE N 27 5.85 41.73 13.98
C ILE N 27 4.48 41.72 14.66
N GLU N 28 4.01 40.52 14.99
CA GLU N 28 2.68 40.32 15.52
C GLU N 28 2.74 39.58 16.85
N ILE N 29 1.69 39.75 17.65
CA ILE N 29 1.64 39.13 18.97
C ILE N 29 1.23 37.66 18.84
N THR N 30 1.56 36.89 19.87
CA THR N 30 1.23 35.47 19.88
C THR N 30 -0.27 35.28 19.99
N LYS N 31 -0.79 34.28 19.27
CA LYS N 31 -2.20 33.95 19.28
C LYS N 31 -2.38 32.46 19.49
N THR N 32 -3.47 32.09 20.14
CA THR N 32 -3.78 30.68 20.40
C THR N 32 -5.28 30.46 20.24
N LYS N 33 -5.66 29.21 20.03
CA LYS N 33 -7.04 28.82 19.79
C LYS N 33 -7.66 28.28 21.06
N VAL N 34 -8.87 28.75 21.38
CA VAL N 34 -9.62 28.28 22.54
C VAL N 34 -11.03 27.93 22.09
N THR N 35 -11.65 27.01 22.83
CA THR N 35 -12.98 26.50 22.49
C THR N 35 -14.02 27.11 23.41
N VAL N 36 -15.13 27.56 22.82
CA VAL N 36 -16.24 28.14 23.57
C VAL N 36 -17.53 27.50 23.09
N ARG N 37 -18.45 27.25 24.03
CA ARG N 37 -19.69 26.56 23.70
C ARG N 37 -20.62 27.42 22.87
N THR N 38 -20.81 28.68 23.28
CA THR N 38 -21.70 29.65 22.63
C THR N 38 -23.14 29.15 22.53
N GLU N 39 -23.50 28.12 23.30
CA GLU N 39 -24.85 27.58 23.40
C GLU N 39 -25.42 27.10 22.06
N ASN N 40 -24.60 27.03 21.01
CA ASN N 40 -25.07 26.57 19.71
C ASN N 40 -24.05 25.67 19.03
N GLY N 41 -23.27 24.93 19.82
CA GLY N 41 -22.23 24.09 19.28
C GLY N 41 -20.85 24.66 19.55
N TRP N 42 -19.93 23.81 20.00
CA TRP N 42 -18.59 24.26 20.35
C TRP N 42 -17.88 24.83 19.13
N THR N 43 -17.28 26.00 19.30
CA THR N 43 -16.55 26.67 18.23
C THR N 43 -15.20 27.13 18.75
N VAL N 44 -14.21 27.12 17.86
CA VAL N 44 -12.84 27.52 18.19
C VAL N 44 -12.61 28.94 17.71
N VAL N 45 -11.88 29.71 18.52
CA VAL N 45 -11.57 31.10 18.20
C VAL N 45 -10.09 31.34 18.49
N GLU N 46 -9.43 32.07 17.61
CA GLU N 46 -8.02 32.41 17.74
C GLU N 46 -7.90 33.81 18.32
N VAL N 47 -7.26 33.92 19.47
CA VAL N 47 -7.18 35.18 20.21
C VAL N 47 -5.77 35.36 20.77
N PRO N 48 -5.37 36.61 21.02
CA PRO N 48 -4.06 36.86 21.61
C PRO N 48 -3.95 36.27 23.01
N ALA N 49 -2.74 35.88 23.38
CA ALA N 49 -2.49 35.25 24.65
C ALA N 49 -1.06 35.50 25.08
N ILE N 50 -0.80 35.28 26.36
CA ILE N 50 0.54 35.38 26.94
C ILE N 50 0.92 34.00 27.43
N THR N 51 2.04 33.47 26.93
CA THR N 51 2.46 32.13 27.28
C THR N 51 2.84 32.05 28.75
N GLY N 52 2.73 30.84 29.31
CA GLY N 52 3.15 30.63 30.68
C GLY N 52 4.64 30.76 30.90
N ASN N 53 5.43 30.54 29.85
CA ASN N 53 6.87 30.67 29.97
C ASN N 53 7.28 32.11 30.27
N MET N 54 6.63 33.07 29.62
CA MET N 54 6.93 34.48 29.88
C MET N 54 6.58 34.87 31.30
N LEU N 55 5.41 34.43 31.79
CA LEU N 55 5.02 34.73 33.16
C LEU N 55 5.97 34.08 34.15
N LYS N 56 6.40 32.85 33.87
CA LYS N 56 7.35 32.17 34.74
C LYS N 56 8.68 32.93 34.77
N HIS N 57 9.15 33.40 33.62
CA HIS N 57 10.39 34.17 33.60
C HIS N 57 10.25 35.46 34.38
N TRP N 58 9.10 36.13 34.28
CA TRP N 58 8.95 37.38 34.99
C TRP N 58 8.80 37.16 36.50
N HIS N 59 8.18 36.04 36.90
CA HIS N 59 8.20 35.68 38.31
C HIS N 59 9.62 35.41 38.79
N PHE N 60 10.44 34.76 37.94
CA PHE N 60 11.84 34.55 38.28
C PHE N 60 12.57 35.88 38.46
N VAL N 61 12.30 36.83 37.57
CA VAL N 61 12.91 38.15 37.66
C VAL N 61 12.53 38.83 38.97
N GLY N 62 11.23 38.80 39.30
CA GLY N 62 10.80 39.37 40.57
C GLY N 62 11.42 38.69 41.76
N PHE N 63 11.55 37.37 41.71
CA PHE N 63 12.13 36.62 42.81
C PHE N 63 13.58 36.98 43.03
N VAL N 64 14.37 37.04 41.96
CA VAL N 64 15.78 37.41 42.13
C VAL N 64 15.91 38.87 42.56
N ASP N 65 15.02 39.73 42.07
CA ASP N 65 15.06 41.13 42.46
C ASP N 65 14.80 41.31 43.95
N TYR N 66 13.84 40.57 44.49
CA TYR N 66 13.55 40.65 45.93
C TYR N 66 14.50 39.81 46.77
N PHE N 67 15.24 38.88 46.16
CA PHE N 67 16.20 38.07 46.91
C PHE N 67 17.59 38.67 46.94
N LYS N 68 17.90 39.60 46.04
CA LYS N 68 19.21 40.23 46.05
C LYS N 68 19.45 41.00 47.35
N THR N 69 18.43 41.71 47.83
CA THR N 69 18.58 42.50 49.06
C THR N 69 18.65 41.64 50.31
N THR N 70 18.21 40.39 50.22
CA THR N 70 18.29 39.50 51.37
C THR N 70 19.74 39.21 51.70
N PRO N 71 20.11 39.17 52.99
CA PRO N 71 21.50 38.87 53.36
C PRO N 71 22.00 37.54 52.84
N TYR N 72 21.10 36.58 52.59
CA TYR N 72 21.45 35.33 51.95
C TYR N 72 21.41 35.42 50.43
N GLY N 73 21.40 36.63 49.88
CA GLY N 73 21.30 36.84 48.45
C GLY N 73 22.56 36.60 47.66
N VAL N 74 23.68 36.31 48.34
CA VAL N 74 24.90 35.96 47.63
C VAL N 74 24.75 34.62 46.95
N ASN N 75 23.93 33.73 47.50
CA ASN N 75 23.73 32.38 46.95
C ASN N 75 22.84 32.43 45.71
N LEU N 76 23.36 33.08 44.67
CA LEU N 76 22.66 33.20 43.40
C LEU N 76 23.65 32.99 42.27
N THR N 77 23.14 32.52 41.13
CA THR N 77 23.98 32.34 39.96
C THR N 77 24.37 33.71 39.40
N GLU N 78 25.57 33.78 38.84
CA GLU N 78 26.05 35.03 38.26
C GLU N 78 25.14 35.49 37.13
N ARG N 79 24.72 34.57 36.27
CA ARG N 79 23.84 34.92 35.16
C ARG N 79 22.45 35.33 35.62
N ALA N 80 22.05 34.93 36.84
CA ALA N 80 20.76 35.34 37.37
C ALA N 80 20.73 36.82 37.73
N LEU N 81 21.89 37.42 38.01
CA LEU N 81 21.94 38.85 38.32
C LEU N 81 21.53 39.69 37.12
N ARG N 82 21.90 39.27 35.91
CA ARG N 82 21.52 39.95 34.68
C ARG N 82 20.24 39.39 34.08
N TYR N 83 19.46 38.64 34.85
CA TYR N 83 18.16 38.11 34.43
C TYR N 83 18.30 37.19 33.22
N ASN N 84 19.31 36.33 33.23
CA ASN N 84 19.46 35.33 32.18
C ASN N 84 18.57 34.14 32.50
N GLY N 85 17.60 33.88 31.61
CA GLY N 85 16.64 32.83 31.89
C GLY N 85 17.24 31.44 31.90
N THR N 86 18.15 31.16 30.96
CA THR N 86 18.75 29.84 30.87
C THR N 86 19.47 29.49 32.16
N ARG N 87 19.29 28.24 32.61
CA ARG N 87 19.90 27.80 33.86
C ARG N 87 21.25 27.15 33.62
N PHE N 88 21.27 26.05 32.86
CA PHE N 88 22.50 25.36 32.54
C PHE N 88 22.50 25.03 31.05
N GLY N 89 23.63 25.27 30.39
CA GLY N 89 23.73 25.08 28.96
C GLY N 89 23.78 23.63 28.57
N GLN N 90 23.84 23.41 27.25
CA GLN N 90 23.86 22.05 26.72
C GLN N 90 25.15 21.33 27.09
N GLY N 91 26.28 22.03 27.07
CA GLY N 91 27.56 21.38 27.28
C GLY N 91 28.45 22.01 28.33
N GLU N 92 27.87 22.51 29.42
CA GLU N 92 28.64 23.07 30.51
C GLU N 92 28.41 22.26 31.78
N THR N 93 29.49 22.05 32.54
CA THR N 93 29.45 21.26 33.75
C THR N 93 29.69 22.07 35.01
N THR N 94 29.88 23.38 34.91
CA THR N 94 30.10 24.24 36.05
C THR N 94 29.24 25.50 35.93
N ALA N 95 28.95 26.10 37.07
CA ALA N 95 28.20 27.35 37.13
C ALA N 95 28.99 28.36 37.97
N THR N 96 28.70 29.64 37.74
CA THR N 96 29.38 30.72 38.44
C THR N 96 28.42 31.40 39.40
N LYS N 97 28.82 31.51 40.65
CA LYS N 97 28.00 32.18 41.65
C LYS N 97 28.11 33.69 41.50
N ALA N 98 27.41 34.41 42.39
CA ALA N 98 27.42 35.86 42.33
C ALA N 98 28.81 36.43 42.60
N ASN N 99 29.53 35.85 43.55
CA ASN N 99 30.85 36.32 43.93
C ASN N 99 31.97 35.71 43.10
N GLY N 100 31.63 35.06 41.98
CA GLY N 100 32.62 34.48 41.10
C GLY N 100 33.04 33.06 41.43
N ALA N 101 32.51 32.49 42.50
CA ALA N 101 32.85 31.12 42.86
C ALA N 101 32.27 30.15 41.83
N THR N 102 32.89 28.97 41.74
CA THR N 102 32.50 27.95 40.78
C THR N 102 31.83 26.80 41.51
N VAL N 103 30.67 26.36 41.00
CA VAL N 103 29.89 25.29 41.58
C VAL N 103 29.79 24.17 40.56
N GLN N 104 30.07 22.95 41.00
CA GLN N 104 29.92 21.79 40.12
C GLN N 104 28.45 21.49 39.87
N LEU N 105 28.18 20.79 38.78
CA LEU N 105 26.82 20.49 38.34
C LEU N 105 26.44 19.05 38.61
N ASN N 106 26.90 18.51 39.74
CA ASN N 106 26.53 17.17 40.18
C ASN N 106 26.16 17.22 41.66
N ASP N 107 25.45 16.19 42.11
CA ASP N 107 24.98 16.11 43.50
C ASP N 107 24.08 17.31 43.83
N GLU N 108 22.91 17.31 43.20
CA GLU N 108 21.98 18.44 43.18
C GLU N 108 21.70 19.01 44.57
N ALA N 109 22.03 18.26 45.62
CA ALA N 109 21.91 18.80 46.98
C ALA N 109 22.75 20.06 47.13
N THR N 110 24.03 19.99 46.75
CA THR N 110 24.87 21.18 46.83
C THR N 110 24.46 22.24 45.82
N ILE N 111 23.90 21.83 44.68
CA ILE N 111 23.46 22.78 43.67
C ILE N 111 22.35 23.66 44.22
N ILE N 112 21.34 23.03 44.85
CA ILE N 112 20.27 23.81 45.46
C ILE N 112 20.73 24.48 46.75
N LYS N 113 21.80 23.96 47.38
CA LYS N 113 22.32 24.60 48.58
C LYS N 113 22.98 25.94 48.26
N GLU N 114 23.76 25.99 47.18
CA GLU N 114 24.53 27.19 46.86
C GLU N 114 23.88 28.07 45.78
N LEU N 115 22.88 27.56 45.08
CA LEU N 115 22.17 28.32 44.06
C LEU N 115 20.70 28.39 44.42
N ALA N 116 20.14 29.60 44.45
CA ALA N 116 18.75 29.79 44.85
C ALA N 116 17.80 29.78 43.66
N ASP N 117 18.21 30.36 42.54
CA ASP N 117 17.34 30.38 41.36
C ASP N 117 17.06 28.97 40.85
N ALA N 118 18.09 28.12 40.81
CA ALA N 118 17.89 26.74 40.36
C ALA N 118 17.07 25.95 41.37
N ASP N 119 17.16 26.29 42.65
CA ASP N 119 16.38 25.58 43.66
C ASP N 119 14.88 25.83 43.48
N VAL N 120 14.51 27.07 43.18
CA VAL N 120 13.10 27.43 43.11
C VAL N 120 12.50 27.18 41.73
N HIS N 121 13.22 27.53 40.66
CA HIS N 121 12.69 27.40 39.31
C HIS N 121 13.22 26.16 38.58
N GLY N 122 13.95 25.29 39.27
CA GLY N 122 14.43 24.07 38.66
C GLY N 122 15.59 24.27 37.71
N PHE N 123 16.15 23.18 37.20
CA PHE N 123 17.29 23.25 36.30
C PHE N 123 17.39 21.93 35.55
N LEU N 124 18.28 21.90 34.57
CA LEU N 124 18.56 20.67 33.82
C LEU N 124 19.94 20.80 33.20
N ALA N 125 20.85 19.91 33.59
CA ALA N 125 22.19 19.86 33.04
C ALA N 125 22.32 18.60 32.18
N PRO N 126 22.23 18.70 30.85
CA PRO N 126 22.29 17.49 30.02
C PRO N 126 23.61 16.73 30.14
N LYS N 127 24.72 17.43 30.33
CA LYS N 127 26.01 16.75 30.39
C LYS N 127 26.11 15.85 31.62
N THR N 128 25.80 16.38 32.79
CA THR N 128 25.88 15.59 34.02
C THR N 128 24.63 14.78 34.29
N GLY N 129 23.54 15.03 33.57
CA GLY N 129 22.32 14.27 33.75
C GLY N 129 21.46 14.70 34.93
N ARG N 130 21.84 15.74 35.65
CA ARG N 130 21.06 16.20 36.80
C ARG N 130 19.83 16.96 36.32
N ARG N 131 18.79 16.94 37.17
CA ARG N 131 17.55 17.62 36.85
C ARG N 131 16.79 17.89 38.13
N ARG N 132 15.88 18.86 38.06
CA ARG N 132 15.04 19.21 39.20
C ARG N 132 13.78 19.87 38.68
N VAL N 133 12.64 19.49 39.25
CA VAL N 133 11.34 20.01 38.81
C VAL N 133 11.13 21.39 39.43
N SER N 134 10.64 22.32 38.61
CA SER N 134 10.40 23.68 39.08
C SER N 134 9.27 23.71 40.11
N LEU N 135 9.46 24.52 41.16
CA LEU N 135 8.43 24.71 42.16
C LEU N 135 7.36 25.71 41.75
N VAL N 136 7.57 26.42 40.64
CA VAL N 136 6.64 27.43 40.15
C VAL N 136 6.08 26.96 38.82
N LYS N 137 4.75 26.92 38.72
CA LYS N 137 4.06 26.50 37.50
C LYS N 137 3.10 27.60 37.09
N ALA N 138 3.20 28.02 35.82
CA ALA N 138 2.41 29.10 35.28
C ALA N 138 1.46 28.59 34.20
N SER N 139 0.45 29.40 33.90
CA SER N 139 -0.55 29.06 32.92
C SER N 139 -0.71 30.20 31.91
N PHE N 140 -1.25 29.87 30.75
CA PHE N 140 -1.51 30.88 29.73
C PHE N 140 -2.48 31.92 30.26
N ILE N 141 -2.26 33.16 29.84
CA ILE N 141 -3.13 34.28 30.20
C ILE N 141 -4.07 34.49 29.03
N LEU N 142 -5.29 33.97 29.14
CA LEU N 142 -6.26 33.95 28.06
C LEU N 142 -7.42 34.89 28.35
N PRO N 143 -7.95 35.56 27.33
CA PRO N 143 -9.20 36.31 27.53
C PRO N 143 -10.34 35.39 27.93
N THR N 144 -11.17 35.87 28.84
CA THR N 144 -12.17 35.03 29.49
C THR N 144 -13.28 34.65 28.52
N GLU N 145 -13.95 33.53 28.83
CA GLU N 145 -15.03 33.05 27.97
C GLU N 145 -16.19 34.04 27.93
N ASP N 146 -16.58 34.58 29.10
CA ASP N 146 -17.70 35.51 29.14
C ASP N 146 -17.39 36.79 28.38
N PHE N 147 -16.12 37.19 28.32
CA PHE N 147 -15.74 38.37 27.54
C PHE N 147 -15.54 38.03 26.07
N ILE N 148 -14.98 36.85 25.78
CA ILE N 148 -14.73 36.46 24.40
C ILE N 148 -16.01 36.15 23.66
N LYS N 149 -17.08 35.82 24.39
CA LYS N 149 -18.32 35.40 23.75
C LYS N 149 -19.23 36.56 23.39
N GLU N 150 -19.28 37.61 24.22
CA GLU N 150 -20.22 38.70 24.00
C GLU N 150 -19.72 39.74 22.99
N VAL N 151 -18.43 39.75 22.68
CA VAL N 151 -17.93 40.71 21.70
C VAL N 151 -18.40 40.33 20.29
N GLU N 152 -18.35 39.03 19.96
CA GLU N 152 -18.83 38.53 18.67
C GLU N 152 -18.13 39.21 17.50
N GLY N 153 -16.82 39.01 17.43
CA GLY N 153 -15.99 39.70 16.47
C GLY N 153 -15.00 40.61 17.17
N GLU N 154 -14.79 41.81 16.64
CA GLU N 154 -13.99 42.84 17.32
C GLU N 154 -12.58 42.31 17.62
N ARG N 155 -11.82 42.15 16.53
CA ARG N 155 -10.56 41.42 16.51
C ARG N 155 -9.65 41.65 17.71
N LEU N 156 -9.73 42.84 18.31
CA LEU N 156 -8.98 43.33 19.47
C LEU N 156 -7.54 43.71 19.12
N ILE N 157 -7.08 43.49 17.90
CA ILE N 157 -5.73 43.88 17.48
C ILE N 157 -5.85 45.09 16.57
N THR N 158 -5.04 46.13 16.86
CA THR N 158 -5.09 47.38 16.12
C THR N 158 -3.93 47.57 15.14
N ALA N 159 -2.79 46.91 15.37
CA ALA N 159 -1.65 46.95 14.45
C ALA N 159 -1.17 48.38 14.19
N ILE N 160 -0.67 49.00 15.26
CA ILE N 160 -0.15 50.36 15.15
C ILE N 160 1.23 50.34 14.50
N LYS N 161 1.41 51.15 13.46
CA LYS N 161 2.67 51.24 12.74
C LYS N 161 3.39 52.51 13.16
N HIS N 162 4.62 52.36 13.66
CA HIS N 162 5.41 53.48 14.13
C HIS N 162 6.86 53.28 13.72
N ASN N 163 7.40 54.25 12.99
CA ASN N 163 8.69 54.12 12.34
C ASN N 163 9.75 54.94 13.05
N ARG N 164 11.01 54.55 12.83
CA ARG N 164 12.17 55.27 13.33
C ARG N 164 12.74 56.16 12.24
N VAL N 165 13.19 57.35 12.65
CA VAL N 165 13.78 58.32 11.73
C VAL N 165 15.28 58.40 12.00
N ASP N 166 16.07 58.29 10.94
CA ASP N 166 17.53 58.38 11.04
C ASP N 166 18.03 59.40 10.04
N VAL N 167 18.88 60.32 10.50
CA VAL N 167 19.46 61.36 9.66
C VAL N 167 20.96 61.40 9.91
N ASP N 168 21.70 61.82 8.88
CA ASP N 168 23.13 61.99 9.00
C ASP N 168 23.45 63.38 9.54
N GLU N 169 24.73 63.73 9.57
CA GLU N 169 25.14 65.04 10.06
C GLU N 169 24.72 66.17 9.14
N LYS N 170 24.32 65.85 7.91
CA LYS N 170 23.76 66.84 6.98
C LYS N 170 22.25 66.90 7.00
N GLY N 171 21.60 66.13 7.88
CA GLY N 171 20.15 66.09 7.92
C GLY N 171 19.50 65.50 6.69
N ALA N 172 20.03 64.38 6.19
CA ALA N 172 19.49 63.71 5.01
C ALA N 172 18.98 62.33 5.41
N ILE N 173 17.77 62.00 4.95
CA ILE N 173 17.18 60.70 5.27
C ILE N 173 17.99 59.58 4.65
N GLY N 174 18.39 59.74 3.38
CA GLY N 174 19.16 58.73 2.68
C GLY N 174 18.29 57.79 1.88
N SER N 175 18.97 56.84 1.23
CA SER N 175 18.29 55.87 0.39
C SER N 175 18.74 54.44 0.71
N SER N 176 18.32 53.48 -0.11
CA SER N 176 18.66 52.08 0.14
C SER N 176 20.14 51.82 -0.08
N LYS N 177 20.79 52.55 -1.01
CA LYS N 177 22.20 52.32 -1.27
C LYS N 177 23.07 52.70 -0.08
N GLU N 178 22.64 53.69 0.70
CA GLU N 178 23.36 54.07 1.90
C GLU N 178 22.85 53.37 3.16
N GLY N 179 21.74 52.66 3.07
CA GLY N 179 21.20 51.94 4.21
C GLY N 179 20.44 52.82 5.17
N THR N 180 21.18 53.61 5.95
CA THR N 180 20.65 54.60 6.89
C THR N 180 19.83 53.97 8.01
N ALA N 181 19.70 52.64 8.01
CA ALA N 181 19.04 51.88 9.06
C ALA N 181 17.65 52.43 9.37
N GLN N 182 16.78 52.37 8.37
CA GLN N 182 15.40 52.81 8.50
C GLN N 182 14.48 51.61 8.55
N MET N 183 13.57 51.59 9.53
CA MET N 183 12.65 50.48 9.72
C MET N 183 11.27 51.03 10.05
N LEU N 184 10.25 50.57 9.34
CA LEU N 184 8.90 51.02 9.62
C LEU N 184 8.36 50.44 10.92
N PHE N 185 8.68 49.19 11.22
CA PHE N 185 8.46 48.58 12.54
C PHE N 185 6.98 48.66 12.96
N SER N 186 6.15 47.93 12.21
CA SER N 186 4.75 47.80 12.55
C SER N 186 4.58 46.81 13.71
N ARG N 187 3.77 47.20 14.70
CA ARG N 187 3.57 46.42 15.90
C ARG N 187 2.09 46.27 16.19
N GLU N 188 1.69 45.11 16.69
CA GLU N 188 0.29 44.82 17.01
C GLU N 188 0.05 44.94 18.51
N TYR N 189 -1.08 45.54 18.87
CA TYR N 189 -1.47 45.76 20.24
C TYR N 189 -2.86 45.19 20.49
N ALA N 190 -3.09 44.67 21.69
CA ALA N 190 -4.33 44.00 22.04
C ALA N 190 -4.92 44.59 23.31
N THR N 191 -6.12 44.14 23.66
CA THR N 191 -6.83 44.59 24.85
C THR N 191 -7.87 43.55 25.22
N GLY N 192 -8.38 43.65 26.44
CA GLY N 192 -9.45 42.79 26.89
C GLY N 192 -9.32 42.47 28.36
N LEU N 193 -10.03 41.41 28.76
CA LEU N 193 -10.06 40.92 30.12
C LEU N 193 -9.54 39.49 30.13
N TYR N 194 -8.52 39.23 30.94
CA TYR N 194 -7.77 37.98 30.93
C TYR N 194 -7.85 37.31 32.29
N GLY N 195 -7.44 36.05 32.34
CA GLY N 195 -7.44 35.29 33.57
C GLY N 195 -6.12 34.58 33.81
N PHE N 196 -5.77 34.46 35.09
CA PHE N 196 -4.52 33.84 35.50
C PHE N 196 -4.76 32.88 36.65
N SER N 197 -4.05 31.75 36.65
CA SER N 197 -4.24 30.71 37.67
C SER N 197 -2.90 30.11 38.08
N ILE N 198 -1.90 30.96 38.35
CA ILE N 198 -0.57 30.45 38.68
C ILE N 198 -0.59 29.75 40.03
N VAL N 199 0.34 28.81 40.22
CA VAL N 199 0.44 28.04 41.45
C VAL N 199 1.90 28.08 41.92
N LEU N 200 2.09 27.89 43.22
CA LEU N 200 3.42 27.88 43.83
C LEU N 200 3.46 26.78 44.87
N ASP N 201 4.17 25.70 44.55
CA ASP N 201 4.36 24.58 45.49
C ASP N 201 5.69 24.72 46.23
N LEU N 202 5.74 25.76 47.07
CA LEU N 202 6.98 26.16 47.73
C LEU N 202 7.31 25.34 48.97
N GLY N 203 6.65 24.20 49.18
CA GLY N 203 6.92 23.41 50.36
C GLY N 203 8.19 22.58 50.28
N LEU N 204 8.77 22.43 49.09
CA LEU N 204 9.96 21.61 48.88
C LEU N 204 11.20 22.46 48.63
N VAL N 205 11.19 23.71 49.09
CA VAL N 205 12.32 24.60 48.89
C VAL N 205 13.47 24.19 49.81
N GLY N 206 14.68 24.15 49.25
CA GLY N 206 15.83 23.76 50.05
C GLY N 206 15.93 22.28 50.35
N ILE N 207 15.11 21.46 49.70
CA ILE N 207 15.13 20.02 49.91
C ILE N 207 15.40 19.34 48.57
N PRO N 208 16.40 18.47 48.48
CA PRO N 208 16.69 17.80 47.20
C PRO N 208 15.53 16.92 46.76
N GLN N 209 15.34 16.83 45.44
CA GLN N 209 14.28 16.00 44.89
C GLN N 209 14.62 14.53 44.99
N GLY N 210 15.91 14.18 44.98
CA GLY N 210 16.29 12.78 45.04
C GLY N 210 15.94 12.13 46.37
N LEU N 211 16.19 12.83 47.47
CA LEU N 211 15.92 12.33 48.82
C LEU N 211 15.09 13.36 49.56
N PRO N 212 13.78 13.44 49.27
CA PRO N 212 12.94 14.46 49.91
C PRO N 212 12.85 14.32 51.42
N VAL N 213 12.89 13.09 51.94
CA VAL N 213 12.65 12.85 53.36
C VAL N 213 13.70 11.87 53.88
N LYS N 214 14.13 12.07 55.13
CA LYS N 214 15.07 11.19 55.79
C LYS N 214 14.38 10.56 56.99
N PHE N 215 14.75 9.31 57.28
CA PHE N 215 14.16 8.53 58.37
C PHE N 215 15.22 8.30 59.43
N GLU N 216 14.96 8.80 60.65
CA GLU N 216 15.88 8.54 61.76
C GLU N 216 15.61 7.18 62.39
N GLU N 217 14.41 6.98 62.96
CA GLU N 217 13.96 5.68 63.44
C GLU N 217 12.51 5.52 63.00
N ASN N 218 12.32 5.06 61.76
CA ASN N 218 11.01 4.87 61.14
C ASN N 218 10.13 6.12 61.26
N GLN N 219 10.75 7.30 61.37
CA GLN N 219 10.04 8.56 61.48
C GLN N 219 10.52 9.51 60.39
N PRO N 220 9.62 10.20 59.69
CA PRO N 220 10.02 11.06 58.59
C PRO N 220 10.38 12.47 59.04
N ARG N 221 11.41 13.03 58.41
CA ARG N 221 11.76 14.42 58.62
C ARG N 221 12.26 15.00 57.30
N PRO N 222 11.87 16.24 56.99
CA PRO N 222 12.32 16.85 55.73
C PRO N 222 13.83 16.96 55.68
N ASN N 223 14.39 16.70 54.49
CA ASN N 223 15.84 16.73 54.28
C ASN N 223 16.26 18.13 53.84
N ILE N 224 16.19 19.06 54.79
CA ILE N 224 16.56 20.45 54.53
C ILE N 224 18.09 20.57 54.61
N VAL N 225 18.71 20.99 53.52
CA VAL N 225 20.16 21.11 53.48
C VAL N 225 20.61 22.53 53.79
N ILE N 226 19.83 23.54 53.43
CA ILE N 226 20.18 24.94 53.68
C ILE N 226 19.79 25.33 55.09
N ASP N 227 20.28 26.49 55.53
CA ASP N 227 19.91 27.03 56.83
C ASP N 227 18.41 27.31 56.85
N PRO N 228 17.68 26.92 57.90
CA PRO N 228 16.24 27.22 57.95
C PRO N 228 15.92 28.69 57.83
N ASN N 229 16.77 29.58 58.35
CA ASN N 229 16.57 31.01 58.13
C ASN N 229 16.67 31.36 56.65
N GLU N 230 17.62 30.74 55.95
CA GLU N 230 17.71 30.92 54.50
C GLU N 230 16.47 30.40 53.80
N ARG N 231 15.93 29.28 54.27
CA ARG N 231 14.69 28.75 53.70
C ARG N 231 13.54 29.73 53.88
N LYS N 232 13.42 30.33 55.08
CA LYS N 232 12.36 31.30 55.32
C LYS N 232 12.56 32.54 54.43
N ALA N 233 13.80 33.00 54.28
CA ALA N 233 14.06 34.15 53.42
C ALA N 233 13.70 33.85 51.97
N ARG N 234 14.03 32.64 51.50
CA ARG N 234 13.67 32.25 50.14
C ARG N 234 12.15 32.19 49.96
N ILE N 235 11.45 31.65 50.96
CA ILE N 235 10.00 31.58 50.90
C ILE N 235 9.41 32.99 50.81
N GLU N 236 9.90 33.90 51.66
CA GLU N 236 9.39 35.26 51.67
C GLU N 236 9.67 35.96 50.34
N SER N 237 10.87 35.76 49.78
CA SER N 237 11.19 36.36 48.49
C SER N 237 10.28 35.83 47.39
N ALA N 238 10.04 34.52 47.39
CA ALA N 238 9.16 33.94 46.37
C ALA N 238 7.74 34.48 46.49
N LEU N 239 7.24 34.62 47.72
CA LEU N 239 5.91 35.18 47.92
C LEU N 239 5.85 36.64 47.49
N LYS N 240 6.88 37.42 47.84
CA LYS N 240 6.89 38.83 47.49
C LYS N 240 7.14 39.06 46.00
N ALA N 241 7.61 38.05 45.28
CA ALA N 241 7.80 38.18 43.85
C ALA N 241 6.50 38.45 43.11
N LEU N 242 5.35 38.16 43.73
CA LEU N 242 4.07 38.45 43.10
C LEU N 242 3.73 39.92 43.06
N ILE N 243 4.34 40.73 43.94
CA ILE N 243 4.05 42.17 43.95
C ILE N 243 4.47 42.83 42.64
N PRO N 244 5.73 42.72 42.17
CA PRO N 244 6.07 43.31 40.87
C PRO N 244 5.79 42.36 39.73
N MET N 245 4.66 41.68 39.77
CA MET N 245 4.20 40.85 38.66
C MET N 245 2.74 41.13 38.31
N LEU N 246 1.91 41.40 39.30
CA LEU N 246 0.51 41.78 39.07
C LEU N 246 0.33 43.29 39.04
N SER N 247 1.40 44.06 39.14
CA SER N 247 1.34 45.51 39.01
C SER N 247 1.59 45.98 37.59
N GLY N 248 1.91 45.08 36.66
CA GLY N 248 2.13 45.46 35.28
C GLY N 248 3.54 45.23 34.80
N TYR N 249 4.21 44.22 35.34
CA TYR N 249 5.59 43.90 34.99
C TYR N 249 5.70 42.51 34.38
N ILE N 250 4.79 42.20 33.46
CA ILE N 250 4.80 40.93 32.74
C ILE N 250 4.95 41.21 31.26
N GLY N 251 5.26 40.16 30.50
CA GLY N 251 5.35 40.30 29.07
C GLY N 251 6.59 41.05 28.61
N ALA N 252 6.52 41.56 27.39
CA ALA N 252 7.61 42.26 26.74
C ALA N 252 7.15 43.66 26.35
N ASN N 253 8.06 44.38 25.68
CA ASN N 253 7.80 45.74 25.22
C ASN N 253 7.42 46.66 26.37
N LEU N 254 8.05 46.44 27.53
CA LEU N 254 7.74 47.24 28.71
C LEU N 254 8.13 48.70 28.52
N ALA N 255 9.24 48.97 27.83
CA ALA N 255 9.73 50.33 27.68
C ALA N 255 8.84 51.19 26.78
N ARG N 256 7.95 50.59 26.00
CA ARG N 256 7.12 51.37 25.10
C ARG N 256 5.64 51.11 25.31
N SER N 257 5.27 49.89 25.71
CA SER N 257 3.87 49.57 25.94
C SER N 257 3.48 49.75 27.40
N PHE N 258 4.11 49.00 28.32
CA PHE N 258 3.81 49.03 29.74
C PHE N 258 2.31 48.95 29.97
N PRO N 259 1.73 47.77 29.87
CA PRO N 259 0.27 47.66 29.69
C PRO N 259 -0.52 48.37 30.78
N VAL N 260 -1.68 48.89 30.39
CA VAL N 260 -2.59 49.56 31.30
C VAL N 260 -3.22 48.48 32.17
N PHE N 261 -2.71 48.35 33.39
CA PHE N 261 -2.95 47.17 34.22
C PHE N 261 -3.87 47.48 35.39
N LYS N 262 -4.81 46.58 35.65
CA LYS N 262 -5.62 46.64 36.84
C LYS N 262 -6.22 45.25 37.07
N VAL N 263 -6.03 44.73 38.29
CA VAL N 263 -6.54 43.42 38.65
C VAL N 263 -8.01 43.56 39.04
N GLU N 264 -8.89 42.97 38.24
CA GLU N 264 -10.32 43.08 38.50
C GLU N 264 -10.73 42.27 39.72
N GLU N 265 -10.28 41.03 39.82
CA GLU N 265 -10.65 40.20 40.96
C GLU N 265 -9.66 39.06 41.09
N LEU N 266 -9.60 38.48 42.29
CA LEU N 266 -8.70 37.35 42.52
C LEU N 266 -9.14 36.59 43.76
N VAL N 267 -8.71 35.33 43.84
CA VAL N 267 -8.95 34.47 44.99
C VAL N 267 -7.72 33.60 45.20
N ALA N 268 -7.33 33.43 46.46
CA ALA N 268 -6.09 32.75 46.81
C ALA N 268 -6.34 31.76 47.94
N ILE N 269 -5.65 30.62 47.87
CA ILE N 269 -5.67 29.62 48.93
C ILE N 269 -4.23 29.31 49.31
N ALA N 270 -3.93 29.31 50.60
CA ALA N 270 -2.56 29.15 51.09
C ALA N 270 -2.27 27.74 51.59
N SER N 271 -3.00 27.29 52.61
CA SER N 271 -2.84 25.96 53.19
C SER N 271 -1.42 25.67 53.64
N GLU N 272 -1.17 24.43 54.04
CA GLU N 272 0.17 23.97 54.40
C GLU N 272 0.57 22.68 53.70
N GLY N 273 -0.37 21.77 53.48
CA GLY N 273 -0.08 20.51 52.83
C GLY N 273 -0.54 20.48 51.39
N PRO N 274 -0.42 19.32 50.75
CA PRO N 274 -0.87 19.19 49.36
C PRO N 274 -2.36 19.51 49.23
N ILE N 275 -2.69 20.34 48.24
CA ILE N 275 -4.07 20.77 48.03
C ILE N 275 -4.37 20.80 46.55
N PRO N 276 -5.64 20.62 46.19
CA PRO N 276 -6.02 20.68 44.77
C PRO N 276 -5.79 22.05 44.17
N ALA N 277 -5.49 22.06 42.88
CA ALA N 277 -5.28 23.32 42.17
C ALA N 277 -6.59 24.09 42.06
N LEU N 278 -6.46 25.42 42.00
CA LEU N 278 -7.62 26.30 41.91
C LEU N 278 -8.05 26.45 40.45
N VAL N 279 -9.35 26.67 40.26
CA VAL N 279 -9.91 26.73 38.91
C VAL N 279 -9.42 27.99 38.20
N HIS N 280 -9.04 27.84 36.94
CA HIS N 280 -8.57 28.96 36.14
C HIS N 280 -9.67 29.99 35.95
N GLY N 281 -9.27 31.26 35.85
CA GLY N 281 -10.21 32.34 35.66
C GLY N 281 -10.72 32.51 34.26
N PHE N 282 -10.25 31.69 33.31
CA PHE N 282 -10.72 31.79 31.94
C PHE N 282 -12.21 31.47 31.84
N TYR N 283 -12.67 30.48 32.60
CA TYR N 283 -14.06 30.05 32.54
C TYR N 283 -14.97 31.06 33.23
N GLU N 284 -16.17 31.23 32.68
CA GLU N 284 -17.10 32.24 33.18
C GLU N 284 -17.69 31.89 34.53
N ASP N 285 -17.69 30.61 34.91
CA ASP N 285 -18.27 30.17 36.18
C ASP N 285 -17.21 29.60 37.11
N TYR N 286 -16.04 30.22 37.15
CA TYR N 286 -14.99 29.76 38.05
C TYR N 286 -15.22 30.20 39.49
N ILE N 287 -16.04 31.22 39.72
CA ILE N 287 -16.34 31.64 41.08
C ILE N 287 -17.15 30.57 41.80
N GLU N 288 -18.18 30.04 41.14
CA GLU N 288 -18.98 28.96 41.74
C GLU N 288 -18.12 27.71 41.91
N ALA N 289 -17.27 27.41 40.93
CA ALA N 289 -16.40 26.26 41.04
C ALA N 289 -15.46 26.38 42.23
N ASN N 290 -14.93 27.59 42.47
CA ASN N 290 -14.08 27.79 43.64
C ASN N 290 -14.87 27.69 44.93
N ARG N 291 -16.06 28.31 44.96
CA ARG N 291 -16.91 28.22 46.15
C ARG N 291 -17.20 26.77 46.51
N SER N 292 -17.31 25.91 45.50
CA SER N 292 -17.52 24.48 45.75
C SER N 292 -16.23 23.70 45.93
N ILE N 293 -15.09 24.24 45.53
CA ILE N 293 -13.86 23.47 45.57
C ILE N 293 -13.12 23.68 46.89
N ILE N 294 -13.27 24.85 47.51
CA ILE N 294 -12.70 25.05 48.85
C ILE N 294 -13.62 24.48 49.93
N LYS N 295 -14.94 24.59 49.79
CA LYS N 295 -15.84 24.13 50.85
C LYS N 295 -15.69 22.63 51.09
N ASN N 296 -15.73 21.83 50.02
CA ASN N 296 -15.58 20.40 50.16
C ASN N 296 -14.17 20.02 50.62
N ALA N 297 -13.16 20.77 50.19
CA ALA N 297 -11.80 20.50 50.64
C ALA N 297 -11.65 20.72 52.14
N ARG N 298 -12.24 21.79 52.67
CA ARG N 298 -12.22 22.01 54.11
C ARG N 298 -13.05 20.96 54.83
N ALA N 299 -14.17 20.53 54.24
CA ALA N 299 -14.95 19.47 54.85
C ALA N 299 -14.18 18.15 54.91
N LEU N 300 -13.32 17.90 53.93
CA LEU N 300 -12.54 16.67 53.92
C LEU N 300 -11.45 16.65 54.99
N GLY N 301 -11.06 17.81 55.51
CA GLY N 301 -10.05 17.85 56.55
C GLY N 301 -8.77 18.55 56.16
N PHE N 302 -8.88 19.55 55.29
CA PHE N 302 -7.74 20.34 54.86
C PHE N 302 -7.73 21.68 55.58
N ASN N 303 -6.54 22.07 56.06
CA ASN N 303 -6.38 23.35 56.74
C ASN N 303 -6.20 24.45 55.69
N ILE N 304 -7.33 24.94 55.21
CA ILE N 304 -7.38 25.93 54.14
C ILE N 304 -7.75 27.28 54.72
N GLU N 305 -6.99 28.31 54.35
CA GLU N 305 -7.37 29.70 54.63
C GLU N 305 -7.35 30.46 53.32
N VAL N 306 -8.44 31.16 53.02
CA VAL N 306 -8.68 31.75 51.71
C VAL N 306 -8.67 33.27 51.83
N PHE N 307 -8.17 33.92 50.79
CA PHE N 307 -8.19 35.37 50.67
C PHE N 307 -8.91 35.74 49.37
N THR N 308 -9.55 36.89 49.36
CA THR N 308 -10.50 37.22 48.31
C THR N 308 -10.45 38.71 48.01
N TYR N 309 -10.36 39.05 46.71
CA TYR N 309 -10.43 40.43 46.25
C TYR N 309 -11.51 40.51 45.19
N ASN N 310 -12.54 41.32 45.47
CA ASN N 310 -13.65 41.57 44.54
C ASN N 310 -14.39 40.28 44.14
N VAL N 311 -14.54 39.38 45.11
CA VAL N 311 -15.30 38.15 44.93
C VAL N 311 -16.18 37.95 46.16
N ASP N 312 -17.37 37.38 45.94
CA ASP N 312 -18.30 37.16 47.05
C ASP N 312 -17.98 35.87 47.81
N LEU N 313 -18.00 34.73 47.10
CA LEU N 313 -17.76 33.42 47.70
C LEU N 313 -18.74 33.13 48.84
N GLY N 314 -19.99 33.55 48.68
CA GLY N 314 -21.00 33.27 49.68
C GLY N 314 -20.74 33.97 51.00
N GLU N 315 -21.37 33.43 52.04
CA GLU N 315 -21.22 33.97 53.39
C GLU N 315 -20.85 32.87 54.36
N ASP N 316 -21.30 31.64 54.08
CA ASP N 316 -21.01 30.52 54.97
C ASP N 316 -19.53 30.16 54.98
N ILE N 317 -18.78 30.53 53.96
CA ILE N 317 -17.35 30.26 53.90
C ILE N 317 -16.61 31.48 54.45
N GLU N 318 -15.84 31.26 55.52
CA GLU N 318 -15.04 32.33 56.10
C GLU N 318 -13.90 32.69 55.17
N ALA N 319 -13.64 33.99 55.03
CA ALA N 319 -12.62 34.47 54.11
C ALA N 319 -12.09 35.81 54.59
N THR N 320 -10.90 36.16 54.12
CA THR N 320 -10.29 37.46 54.40
C THR N 320 -10.41 38.31 53.14
N LYS N 321 -11.17 39.40 53.23
CA LYS N 321 -11.40 40.29 52.09
C LYS N 321 -10.23 41.25 51.99
N VAL N 322 -9.28 40.95 51.10
CA VAL N 322 -8.14 41.82 50.90
C VAL N 322 -8.54 43.03 50.05
N SER N 323 -7.69 44.06 50.09
CA SER N 323 -7.96 45.30 49.37
C SER N 323 -7.00 45.53 48.21
N SER N 324 -5.90 44.77 48.12
CA SER N 324 -4.93 44.94 47.04
C SER N 324 -4.18 43.63 46.87
N VAL N 325 -3.11 43.66 46.09
CA VAL N 325 -2.33 42.46 45.82
C VAL N 325 -1.21 42.28 46.82
N GLU N 326 -0.50 43.36 47.18
CA GLU N 326 0.58 43.24 48.13
C GLU N 326 0.08 43.06 49.57
N GLU N 327 -1.19 43.40 49.84
CA GLU N 327 -1.76 43.03 51.13
C GLU N 327 -1.99 41.54 51.21
N LEU N 328 -2.35 40.92 50.08
CA LEU N 328 -2.33 39.46 50.00
C LEU N 328 -0.95 38.91 50.32
N VAL N 329 0.10 39.55 49.80
CA VAL N 329 1.45 39.09 50.07
C VAL N 329 1.80 39.27 51.55
N ALA N 330 1.35 40.37 52.16
CA ALA N 330 1.59 40.56 53.59
C ALA N 330 0.89 39.49 54.41
N ASN N 331 -0.36 39.16 54.06
CA ASN N 331 -1.08 38.10 54.77
C ASN N 331 -0.39 36.75 54.57
N LEU N 332 0.14 36.51 53.37
CA LEU N 332 0.81 35.23 53.10
C LEU N 332 2.15 35.13 53.83
N VAL N 333 2.87 36.23 53.97
CA VAL N 333 4.12 36.20 54.73
C VAL N 333 3.90 36.32 56.23
N LYS N 334 2.68 36.62 56.66
CA LYS N 334 2.36 36.54 58.09
C LYS N 334 2.50 35.12 58.60
N MET N 335 2.09 34.14 57.81
CA MET N 335 2.22 32.73 58.16
C MET N 335 3.54 32.13 57.73
N VAL N 336 4.44 32.94 57.16
CA VAL N 336 5.76 32.53 56.66
C VAL N 336 5.75 31.16 56.01
N MET O 1 57.44 -79.53 -63.38
CA MET O 1 56.29 -79.93 -62.59
C MET O 1 55.68 -78.73 -61.86
N ASP O 2 54.67 -78.13 -62.48
CA ASP O 2 53.98 -76.98 -61.90
C ASP O 2 52.70 -77.47 -61.23
N ILE O 3 52.70 -77.44 -59.90
CA ILE O 3 51.58 -77.96 -59.13
C ILE O 3 50.59 -76.85 -58.82
N LEU O 4 49.32 -77.12 -59.09
CA LEU O 4 48.23 -76.17 -58.88
C LEU O 4 47.85 -76.19 -57.40
N LEU O 5 47.69 -75.00 -56.81
CA LEU O 5 47.32 -74.88 -55.40
C LEU O 5 46.22 -73.83 -55.31
N VAL O 6 45.02 -74.24 -54.90
CA VAL O 6 43.88 -73.34 -54.84
C VAL O 6 43.22 -73.45 -53.47
N CYS O 7 42.65 -72.35 -53.00
CA CYS O 7 41.96 -72.29 -51.72
C CYS O 7 40.49 -71.99 -51.94
N LEU O 8 39.63 -72.81 -51.35
CA LEU O 8 38.19 -72.69 -51.50
C LEU O 8 37.56 -72.30 -50.17
N ARG O 9 36.77 -71.23 -50.19
CA ARG O 9 36.00 -70.78 -49.02
C ARG O 9 34.53 -71.02 -49.29
N PHE O 10 33.94 -71.96 -48.56
CA PHE O 10 32.54 -72.33 -48.75
C PHE O 10 31.87 -72.50 -47.40
N PRO O 11 30.57 -72.21 -47.32
CA PRO O 11 29.84 -72.48 -46.06
C PRO O 11 29.69 -73.96 -45.79
N PHE O 12 29.15 -74.71 -46.76
CA PHE O 12 28.90 -76.13 -46.58
C PHE O 12 29.17 -76.85 -47.90
N PHE O 13 29.25 -78.17 -47.81
CA PHE O 13 29.28 -79.03 -48.99
C PHE O 13 28.70 -80.39 -48.61
N SER O 14 28.04 -81.02 -49.58
CA SER O 14 27.25 -82.22 -49.30
C SER O 14 27.53 -83.32 -50.32
N VAL O 15 28.81 -83.59 -50.56
CA VAL O 15 29.19 -84.79 -51.33
C VAL O 15 29.18 -85.97 -50.37
N ALA O 16 28.44 -87.02 -50.73
CA ALA O 16 28.11 -88.07 -49.79
C ALA O 16 28.62 -89.43 -50.27
N LYS O 17 28.34 -90.45 -49.45
CA LYS O 17 28.71 -91.83 -49.75
C LYS O 17 27.48 -92.62 -50.19
N ARG O 18 27.74 -93.85 -50.64
CA ARG O 18 26.67 -94.71 -51.15
C ARG O 18 25.85 -95.26 -49.98
N SER O 19 24.65 -94.74 -49.79
CA SER O 19 23.76 -95.23 -48.75
C SER O 19 22.33 -94.86 -49.09
N TYR O 20 21.39 -95.71 -48.69
CA TYR O 20 19.98 -95.45 -48.88
C TYR O 20 19.48 -94.43 -47.85
N GLN O 21 18.44 -93.69 -48.24
CA GLN O 21 17.88 -92.64 -47.40
C GLN O 21 18.97 -91.64 -47.03
N VAL O 22 19.63 -91.89 -45.90
CA VAL O 22 20.75 -91.04 -45.47
C VAL O 22 21.80 -90.99 -46.58
N ARG O 23 22.33 -89.80 -46.82
CA ARG O 23 23.46 -89.59 -47.71
C ARG O 23 24.58 -89.03 -46.85
N THR O 24 25.35 -89.93 -46.24
CA THR O 24 26.42 -89.53 -45.33
C THR O 24 27.49 -88.75 -46.07
N SER O 25 27.61 -87.47 -45.75
CA SER O 25 28.56 -86.61 -46.44
C SER O 25 29.99 -87.07 -46.17
N PHE O 26 30.82 -87.01 -47.21
CA PHE O 26 32.23 -87.32 -47.05
C PHE O 26 32.88 -86.33 -46.09
N LEU O 27 33.81 -86.85 -45.27
CA LEU O 27 34.55 -85.98 -44.37
C LEU O 27 35.41 -84.99 -45.16
N LEU O 28 36.05 -85.46 -46.22
CA LEU O 28 36.81 -84.61 -47.12
C LEU O 28 36.38 -84.90 -48.56
N PRO O 29 36.47 -83.90 -49.44
CA PRO O 29 35.99 -84.10 -50.82
C PRO O 29 36.73 -85.22 -51.52
N PRO O 30 36.01 -86.06 -52.26
CA PRO O 30 36.66 -87.15 -52.99
C PRO O 30 37.44 -86.63 -54.17
N PRO O 31 38.47 -87.35 -54.62
CA PRO O 31 39.26 -86.87 -55.77
C PRO O 31 38.47 -86.78 -57.06
N SER O 32 37.47 -87.64 -57.25
CA SER O 32 36.67 -87.60 -58.48
C SER O 32 35.91 -86.28 -58.59
N ALA O 33 35.30 -85.83 -57.51
CA ALA O 33 34.61 -84.54 -57.52
C ALA O 33 35.59 -83.41 -57.77
N LEU O 34 36.77 -83.48 -57.15
CA LEU O 34 37.77 -82.42 -57.32
C LEU O 34 38.24 -82.34 -58.77
N LYS O 35 38.44 -83.48 -59.42
CA LYS O 35 38.92 -83.46 -60.80
C LYS O 35 37.81 -83.06 -61.77
N GLY O 36 36.56 -83.49 -61.50
CA GLY O 36 35.45 -83.00 -62.30
C GLY O 36 35.23 -81.50 -62.16
N ALA O 37 35.58 -80.95 -61.00
CA ALA O 37 35.39 -79.53 -60.75
C ALA O 37 36.14 -78.68 -61.77
N LEU O 38 37.39 -79.04 -62.07
CA LEU O 38 38.11 -78.30 -63.09
C LEU O 38 37.94 -78.90 -64.49
N ALA O 39 37.47 -80.15 -64.61
CA ALA O 39 37.07 -80.61 -65.92
C ALA O 39 35.92 -79.77 -66.47
N LYS O 40 35.04 -79.30 -65.58
CA LYS O 40 34.02 -78.34 -66.00
C LYS O 40 34.67 -77.05 -66.52
N GLY O 41 35.72 -76.58 -65.84
CA GLY O 41 36.43 -75.41 -66.33
C GLY O 41 37.05 -75.64 -67.70
N LEU O 42 37.62 -76.82 -67.92
CA LEU O 42 38.12 -77.17 -69.25
C LEU O 42 37.02 -77.10 -70.30
N ILE O 43 35.88 -77.76 -70.04
CA ILE O 43 34.87 -77.85 -71.10
C ILE O 43 34.24 -76.49 -71.38
N LEU O 44 34.06 -75.66 -70.34
CA LEU O 44 33.49 -74.33 -70.59
C LEU O 44 34.49 -73.37 -71.23
N LEU O 45 35.73 -73.37 -70.74
CA LEU O 45 36.67 -72.32 -71.13
C LEU O 45 37.05 -72.41 -72.59
N LYS O 46 37.46 -73.60 -73.05
CA LYS O 46 37.90 -73.82 -74.42
C LYS O 46 37.12 -75.00 -74.99
N PRO O 47 35.87 -74.77 -75.41
CA PRO O 47 35.05 -75.87 -75.90
C PRO O 47 35.28 -76.18 -77.38
N GLU O 48 36.39 -75.66 -77.94
CA GLU O 48 36.66 -75.87 -79.35
C GLU O 48 36.87 -77.35 -79.67
N LYS O 49 37.62 -78.05 -78.82
CA LYS O 49 37.87 -79.47 -79.01
C LYS O 49 37.41 -80.35 -77.87
N TYR O 50 37.12 -79.79 -76.70
CA TYR O 50 36.73 -80.56 -75.53
C TYR O 50 35.22 -80.60 -75.32
N ALA O 51 34.44 -80.03 -76.24
CA ALA O 51 32.99 -80.08 -76.19
C ALA O 51 32.49 -80.98 -77.30
N SER O 52 31.59 -81.90 -76.94
CA SER O 52 31.04 -82.87 -77.88
C SER O 52 29.52 -82.78 -77.87
N SER O 53 28.88 -83.69 -78.60
CA SER O 53 27.42 -83.68 -78.69
C SER O 53 26.78 -83.97 -77.34
N SER O 54 27.34 -84.91 -76.59
CA SER O 54 26.80 -85.30 -75.29
C SER O 54 27.59 -84.64 -74.18
N LEU O 55 26.88 -84.15 -73.16
CA LEU O 55 27.54 -83.61 -71.98
C LEU O 55 28.37 -84.69 -71.29
N ASP O 56 27.84 -85.91 -71.18
CA ASP O 56 28.59 -87.00 -70.60
C ASP O 56 29.85 -87.30 -71.40
N GLU O 57 29.74 -87.33 -72.73
CA GLU O 57 30.91 -87.62 -73.56
C GLU O 57 31.97 -86.54 -73.43
N ALA O 58 31.57 -85.27 -73.45
CA ALA O 58 32.52 -84.17 -73.31
C ALA O 58 33.17 -84.19 -71.94
N ALA O 59 32.39 -84.45 -70.88
CA ALA O 59 32.95 -84.53 -69.54
C ALA O 59 33.94 -85.68 -69.43
N LEU O 60 33.62 -86.83 -70.04
CA LEU O 60 34.52 -87.97 -70.00
C LEU O 60 35.81 -87.68 -70.76
N LYS O 61 35.70 -87.00 -71.91
CA LYS O 61 36.90 -86.61 -72.65
C LYS O 61 37.77 -85.66 -71.84
N ALA O 62 37.15 -84.69 -71.17
CA ALA O 62 37.91 -83.77 -70.33
C ALA O 62 38.58 -84.52 -69.18
N ILE O 63 37.87 -85.46 -68.57
CA ILE O 63 38.44 -86.24 -67.48
C ILE O 63 39.62 -87.06 -67.96
N LYS O 64 39.49 -87.70 -69.12
CA LYS O 64 40.59 -88.49 -69.66
C LYS O 64 41.80 -87.62 -69.95
N GLU O 65 41.58 -86.47 -70.58
CA GLU O 65 42.70 -85.58 -70.90
C GLU O 65 43.36 -85.05 -69.64
N ILE O 66 42.57 -84.68 -68.63
CA ILE O 66 43.15 -84.11 -67.42
C ILE O 66 43.87 -85.18 -66.61
N GLU O 67 43.40 -86.43 -66.66
CA GLU O 67 44.09 -87.51 -65.95
C GLU O 67 45.29 -88.02 -66.70
N SER O 68 45.37 -87.77 -68.02
CA SER O 68 46.56 -88.16 -68.77
C SER O 68 47.77 -87.34 -68.36
N LYS O 69 47.55 -86.12 -67.86
CA LYS O 69 48.61 -85.21 -67.48
C LYS O 69 48.83 -85.13 -65.96
N LEU O 70 48.20 -86.02 -65.20
CA LEU O 70 48.50 -86.16 -63.78
C LEU O 70 49.53 -87.26 -63.58
N VAL O 71 50.34 -87.12 -62.52
CA VAL O 71 51.37 -88.12 -62.25
C VAL O 71 50.73 -89.45 -61.87
N ASP O 72 49.57 -89.41 -61.21
CA ASP O 72 48.88 -90.62 -60.78
C ASP O 72 47.39 -90.34 -60.71
N ILE O 73 46.60 -91.42 -60.72
CA ILE O 73 45.16 -91.28 -60.57
C ILE O 73 44.83 -90.73 -59.19
N LYS O 74 45.64 -91.06 -58.19
CA LYS O 74 45.48 -90.57 -56.82
C LYS O 74 46.43 -89.40 -56.59
N ALA O 75 46.05 -88.26 -57.15
CA ALA O 75 46.90 -87.06 -57.15
C ALA O 75 46.34 -85.93 -56.31
N VAL O 76 45.08 -85.57 -56.51
CA VAL O 76 44.50 -84.40 -55.86
C VAL O 76 44.12 -84.74 -54.42
N SER O 77 44.34 -83.78 -53.53
CA SER O 77 44.03 -83.93 -52.11
C SER O 77 43.72 -82.57 -51.52
N VAL O 78 43.00 -82.58 -50.40
CA VAL O 78 42.59 -81.36 -49.71
C VAL O 78 43.35 -81.25 -48.40
N ALA O 79 43.30 -80.07 -47.79
CA ALA O 79 44.02 -79.78 -46.55
C ALA O 79 43.07 -79.14 -45.54
N PRO O 80 42.59 -79.90 -44.56
CA PRO O 80 41.75 -79.30 -43.52
C PRO O 80 42.47 -78.30 -42.63
N LEU O 81 42.74 -77.11 -43.14
CA LEU O 81 43.37 -76.09 -42.31
C LEU O 81 42.39 -75.44 -41.34
N SER O 82 41.10 -75.44 -41.66
CA SER O 82 40.06 -75.06 -40.73
C SER O 82 39.39 -76.30 -40.15
N PRO O 83 38.82 -76.21 -38.96
CA PRO O 83 38.15 -77.39 -38.38
C PRO O 83 36.89 -77.74 -39.14
N LEU O 84 36.53 -79.02 -39.08
CA LEU O 84 35.36 -79.55 -39.80
C LEU O 84 34.34 -80.09 -38.82
N ILE O 85 33.06 -79.92 -39.18
CA ILE O 85 31.94 -80.45 -38.41
C ILE O 85 30.88 -80.95 -39.38
N ARG O 86 29.94 -81.73 -38.86
CA ARG O 86 28.88 -82.34 -39.68
C ARG O 86 27.52 -82.01 -39.06
N ASN O 87 26.61 -81.47 -39.88
CA ASN O 87 25.23 -81.25 -39.48
C ASN O 87 24.30 -82.01 -40.42
N ALA O 88 23.04 -82.15 -40.02
CA ALA O 88 22.06 -82.87 -40.81
C ALA O 88 20.82 -82.01 -41.00
N PHE O 89 20.19 -82.15 -42.17
CA PHE O 89 18.98 -81.42 -42.50
C PHE O 89 17.94 -82.38 -43.04
N LEU O 90 16.71 -82.24 -42.56
CA LEU O 90 15.56 -82.98 -43.08
C LEU O 90 14.88 -82.10 -44.10
N LEU O 91 15.08 -82.39 -45.39
CA LEU O 91 14.53 -81.62 -46.49
C LEU O 91 13.46 -82.44 -47.20
N LYS O 92 12.67 -81.76 -48.01
CA LYS O 92 11.67 -82.43 -48.83
C LYS O 92 12.29 -82.93 -50.13
N ARG O 93 13.39 -83.66 -50.03
CA ARG O 93 14.04 -84.25 -51.21
C ARG O 93 13.20 -85.46 -51.63
N LEU O 94 12.21 -85.20 -52.47
CA LEU O 94 11.29 -86.26 -52.89
C LEU O 94 12.04 -87.35 -53.64
N ARG O 95 11.67 -88.60 -53.35
CA ARG O 95 12.25 -89.77 -53.98
C ARG O 95 11.26 -90.30 -55.01
N ASN O 96 11.61 -90.16 -56.30
CA ASN O 96 10.75 -90.63 -57.37
C ASN O 96 11.53 -91.36 -58.47
N LEU O 97 12.78 -91.71 -58.20
CA LEU O 97 13.56 -92.50 -59.15
C LEU O 97 13.37 -93.99 -58.95
N GLU O 98 13.04 -94.43 -57.74
CA GLU O 98 12.76 -95.83 -57.49
C GLU O 98 11.43 -96.22 -58.13
N SER O 99 11.28 -97.52 -58.38
CA SER O 99 10.09 -98.02 -59.06
C SER O 99 8.83 -97.66 -58.28
N GLY O 100 7.83 -97.14 -58.98
CA GLY O 100 6.60 -96.70 -58.35
C GLY O 100 6.67 -95.25 -57.91
N SER O 101 5.68 -94.89 -57.09
CA SER O 101 5.52 -93.58 -56.46
C SER O 101 5.26 -92.45 -57.45
N ASN O 102 4.98 -92.76 -58.72
CA ASN O 102 4.70 -91.79 -59.78
C ASN O 102 5.59 -90.55 -59.70
N ALA O 103 5.01 -89.36 -59.86
CA ALA O 103 5.75 -88.11 -59.83
C ALA O 103 5.29 -87.15 -58.76
N GLU O 104 4.21 -87.47 -58.03
CA GLU O 104 3.66 -86.59 -57.01
C GLU O 104 3.93 -87.09 -55.59
N LYS O 105 4.93 -87.94 -55.42
CA LYS O 105 5.29 -88.47 -54.10
C LYS O 105 6.48 -87.69 -53.56
N SER O 106 6.29 -87.10 -52.38
CA SER O 106 7.35 -86.36 -51.70
C SER O 106 7.40 -86.80 -50.25
N ASP O 107 8.59 -87.11 -49.76
CA ASP O 107 8.76 -87.62 -48.40
C ASP O 107 10.01 -87.00 -47.78
N ALA O 108 10.06 -87.06 -46.45
CA ALA O 108 11.20 -86.50 -45.72
C ALA O 108 12.48 -87.24 -46.08
N MET O 109 13.53 -86.48 -46.36
CA MET O 109 14.81 -87.02 -46.78
C MET O 109 15.91 -86.29 -46.03
N ARG O 110 16.80 -87.04 -45.37
CA ARG O 110 17.80 -86.43 -44.51
C ARG O 110 19.14 -86.41 -45.22
N ARG O 111 19.74 -85.22 -45.33
CA ARG O 111 20.98 -85.00 -46.04
C ARG O 111 21.99 -84.39 -45.08
N GLU O 112 23.23 -84.83 -45.16
CA GLU O 112 24.28 -84.40 -44.26
C GLU O 112 25.19 -83.39 -44.94
N TYR O 113 25.43 -82.28 -44.27
CA TYR O 113 26.27 -81.20 -44.78
C TYR O 113 27.48 -81.01 -43.88
N THR O 114 28.66 -80.92 -44.48
CA THR O 114 29.89 -80.69 -43.75
C THR O 114 30.25 -79.21 -43.77
N PHE O 115 30.56 -78.68 -42.59
CA PHE O 115 30.87 -77.27 -42.41
C PHE O 115 32.35 -77.11 -42.08
N THR O 116 33.03 -76.27 -42.86
CA THR O 116 34.39 -75.85 -42.59
C THR O 116 34.63 -74.55 -43.34
N ARG O 117 35.40 -73.65 -42.70
CA ARG O 117 35.50 -72.29 -43.23
C ARG O 117 36.23 -72.26 -44.57
N GLU O 118 37.39 -72.90 -44.65
CA GLU O 118 38.17 -72.87 -45.87
C GLU O 118 38.99 -74.16 -45.98
N LEU O 119 39.32 -74.52 -47.22
CA LEU O 119 40.16 -75.67 -47.50
C LEU O 119 41.19 -75.30 -48.56
N LEU O 120 42.30 -76.01 -48.56
CA LEU O 120 43.36 -75.82 -49.55
C LEU O 120 43.55 -77.13 -50.30
N VAL O 121 43.19 -77.13 -51.58
CA VAL O 121 43.26 -78.33 -52.42
C VAL O 121 44.31 -78.10 -53.51
N ALA O 122 45.14 -79.11 -53.73
CA ALA O 122 46.25 -79.04 -54.67
C ALA O 122 46.09 -80.12 -55.73
N TYR O 123 46.14 -79.71 -57.00
CA TYR O 123 46.19 -80.63 -58.12
C TYR O 123 47.64 -80.79 -58.57
N ILE O 124 48.03 -82.02 -58.90
CA ILE O 124 49.40 -82.31 -59.29
C ILE O 124 49.44 -82.39 -60.81
N PHE O 125 50.16 -81.45 -61.43
CA PHE O 125 50.30 -81.39 -62.88
C PHE O 125 51.77 -81.58 -63.24
N LYS O 126 52.02 -82.34 -64.30
CA LYS O 126 53.37 -82.76 -64.67
C LYS O 126 53.73 -82.14 -66.02
N ASN O 127 54.61 -81.12 -65.99
CA ASN O 127 55.22 -80.55 -67.19
C ASN O 127 54.18 -80.14 -68.22
N LEU O 128 53.15 -79.43 -67.76
CA LEU O 128 52.11 -78.91 -68.64
C LEU O 128 52.64 -77.76 -69.48
N THR O 129 52.16 -77.69 -70.73
CA THR O 129 52.62 -76.66 -71.65
C THR O 129 52.12 -75.28 -71.23
N GLN O 130 52.96 -74.26 -71.45
CA GLN O 130 52.66 -72.91 -70.98
C GLN O 130 51.40 -72.35 -71.64
N GLU O 131 51.24 -72.57 -72.95
CA GLU O 131 50.08 -72.03 -73.65
C GLU O 131 48.79 -72.59 -73.08
N GLU O 132 48.76 -73.90 -72.80
CA GLU O 132 47.63 -74.45 -72.06
C GLU O 132 47.74 -74.18 -70.56
N LYS O 133 48.93 -73.84 -70.06
CA LYS O 133 49.05 -73.54 -68.64
C LYS O 133 48.34 -72.25 -68.26
N ASN O 134 48.30 -71.27 -69.16
CA ASN O 134 47.53 -70.06 -68.88
C ASN O 134 46.04 -70.37 -68.78
N LEU O 135 45.53 -71.16 -69.72
CA LEU O 135 44.13 -71.58 -69.65
C LEU O 135 43.87 -72.40 -68.39
N TYR O 136 44.85 -73.18 -67.96
CA TYR O 136 44.67 -73.99 -66.76
C TYR O 136 44.73 -73.16 -65.49
N LEU O 137 45.52 -72.08 -65.50
CA LEU O 137 45.47 -71.09 -64.43
C LEU O 137 44.09 -70.47 -64.35
N LYS O 138 43.50 -70.13 -65.50
CA LYS O 138 42.15 -69.59 -65.49
C LYS O 138 41.14 -70.63 -65.00
N ALA O 139 41.32 -71.89 -65.40
CA ALA O 139 40.41 -72.96 -64.98
C ALA O 139 40.57 -73.31 -63.51
N ALA O 140 41.71 -72.98 -62.89
CA ALA O 140 41.85 -73.20 -61.45
C ALA O 140 40.82 -72.39 -60.69
N MET O 141 40.58 -71.16 -61.11
CA MET O 141 39.52 -70.34 -60.56
C MET O 141 38.17 -70.85 -61.10
N LEU O 142 37.08 -70.18 -60.72
CA LEU O 142 35.73 -70.52 -61.15
C LEU O 142 35.38 -71.99 -60.90
N ILE O 143 35.83 -72.51 -59.75
CA ILE O 143 35.34 -73.79 -59.27
C ILE O 143 34.07 -73.52 -58.48
N ASP O 144 32.93 -73.49 -59.17
CA ASP O 144 31.72 -72.92 -58.60
C ASP O 144 31.16 -73.79 -57.49
N VAL O 145 31.02 -75.09 -57.74
CA VAL O 145 30.30 -75.98 -56.84
C VAL O 145 31.05 -77.30 -56.73
N ILE O 146 30.87 -77.96 -55.59
CA ILE O 146 31.48 -79.26 -55.32
C ILE O 146 30.37 -80.21 -54.90
N GLY O 147 29.99 -81.12 -55.80
CA GLY O 147 28.95 -82.08 -55.50
C GLY O 147 27.54 -81.53 -55.62
N ASP O 148 26.81 -81.51 -54.51
CA ASP O 148 25.45 -81.00 -54.52
C ASP O 148 25.44 -79.52 -54.87
N THR O 149 24.41 -79.10 -55.62
CA THR O 149 24.38 -77.75 -56.17
C THR O 149 24.42 -76.70 -55.06
N GLU O 150 23.77 -76.96 -53.93
CA GLU O 150 23.73 -75.97 -52.85
C GLU O 150 25.06 -75.87 -52.11
N SER O 151 26.12 -76.51 -52.58
CA SER O 151 27.44 -76.42 -51.97
C SER O 151 28.28 -75.36 -52.68
N LEU O 152 27.84 -74.12 -52.56
CA LEU O 152 28.54 -73.01 -53.20
C LEU O 152 29.93 -72.84 -52.61
N ALA O 153 30.94 -72.95 -53.47
CA ALA O 153 32.35 -72.83 -53.07
C ALA O 153 33.01 -71.75 -53.92
N THR O 154 33.52 -70.71 -53.28
CA THR O 154 34.15 -69.62 -53.98
C THR O 154 35.66 -69.69 -53.80
N PRO O 155 36.44 -69.89 -54.87
CA PRO O 155 37.90 -69.96 -54.73
C PRO O 155 38.49 -68.58 -54.51
N VAL O 156 38.99 -68.34 -53.30
CA VAL O 156 39.53 -67.02 -52.97
C VAL O 156 40.84 -66.78 -53.70
N TRP O 157 41.67 -67.82 -53.86
CA TRP O 157 42.96 -67.66 -54.51
C TRP O 157 43.35 -68.97 -55.18
N ALA O 158 44.21 -68.86 -56.19
CA ALA O 158 44.75 -70.00 -56.90
C ALA O 158 46.10 -69.61 -57.50
N SER O 159 47.05 -70.53 -57.49
CA SER O 159 48.39 -70.21 -57.97
C SER O 159 49.13 -71.49 -58.35
N PHE O 160 50.33 -71.30 -58.91
CA PHE O 160 51.24 -72.37 -59.30
C PHE O 160 52.56 -72.12 -58.60
N VAL O 161 52.77 -72.75 -57.44
CA VAL O 161 53.99 -72.59 -56.66
C VAL O 161 54.64 -73.95 -56.47
N LYS O 162 55.93 -74.04 -56.82
CA LYS O 162 56.65 -75.31 -56.76
C LYS O 162 56.97 -75.69 -55.32
N PRO O 163 56.96 -76.99 -55.01
CA PRO O 163 57.24 -77.42 -53.62
C PRO O 163 58.67 -77.14 -53.19
N GLU O 164 59.62 -77.06 -54.12
CA GLU O 164 61.04 -76.79 -53.86
C GLU O 164 61.61 -77.63 -52.71
N ASP O 165 61.06 -78.83 -52.51
CA ASP O 165 61.70 -79.91 -51.76
C ASP O 165 62.03 -79.51 -50.32
N LYS O 166 60.97 -79.30 -49.55
CA LYS O 166 61.09 -79.10 -48.11
C LYS O 166 60.63 -80.34 -47.35
N LYS O 167 60.87 -80.33 -46.04
CA LYS O 167 60.48 -81.42 -45.16
C LYS O 167 59.50 -80.88 -44.12
N ALA O 168 58.27 -81.38 -44.15
CA ALA O 168 57.22 -80.90 -43.25
C ALA O 168 56.29 -82.05 -42.91
N PRO O 169 55.62 -81.99 -41.77
CA PRO O 169 54.58 -82.99 -41.47
C PRO O 169 53.40 -82.86 -42.41
N LEU O 170 52.75 -83.99 -42.65
CA LEU O 170 51.68 -84.06 -43.65
C LEU O 170 50.48 -83.24 -43.22
N ALA O 171 49.99 -82.39 -44.12
CA ALA O 171 48.76 -81.63 -43.91
C ALA O 171 47.71 -81.92 -44.97
N PHE O 172 48.11 -81.91 -46.25
CA PHE O 172 47.20 -82.33 -47.31
C PHE O 172 46.94 -83.83 -47.22
N SER O 173 45.79 -84.25 -47.73
CA SER O 173 45.44 -85.67 -47.69
C SER O 173 46.42 -86.48 -48.55
N ALA O 174 46.39 -87.79 -48.33
CA ALA O 174 47.29 -88.70 -49.02
C ALA O 174 46.65 -90.07 -49.07
N PRO O 175 46.95 -90.88 -50.08
CA PRO O 175 46.39 -92.24 -50.13
C PRO O 175 46.97 -93.11 -49.03
N TYR O 176 46.24 -94.17 -48.69
CA TYR O 176 46.62 -95.03 -47.58
C TYR O 176 47.67 -96.03 -48.07
N THR O 177 48.74 -95.51 -48.68
CA THR O 177 49.88 -96.31 -49.09
C THR O 177 51.18 -95.82 -48.45
N GLU O 178 51.46 -94.52 -48.53
CA GLU O 178 52.64 -93.96 -47.89
C GLU O 178 52.44 -93.80 -46.39
N ILE O 179 51.20 -93.60 -45.94
CA ILE O 179 50.93 -93.43 -44.51
C ILE O 179 51.27 -94.70 -43.75
N TYR O 180 50.95 -95.86 -44.32
CA TYR O 180 51.27 -97.12 -43.67
C TYR O 180 52.77 -97.32 -43.54
N SER O 181 53.54 -96.82 -44.51
CA SER O 181 54.99 -96.96 -44.47
C SER O 181 55.66 -95.95 -43.54
N LEU O 182 54.91 -95.00 -42.98
CA LEU O 182 55.45 -93.96 -42.12
C LEU O 182 56.55 -93.16 -42.83
N ARG O 194 43.94 -92.52 -33.79
CA ARG O 194 44.28 -91.42 -34.69
C ARG O 194 44.42 -91.92 -36.13
N MET O 195 43.68 -92.98 -36.45
CA MET O 195 43.69 -93.59 -37.77
C MET O 195 42.32 -93.44 -38.41
N TYR O 196 42.29 -92.95 -39.65
CA TYR O 196 41.03 -92.73 -40.37
C TYR O 196 41.23 -93.18 -41.81
N ILE O 197 40.40 -94.15 -42.24
CA ILE O 197 40.53 -94.79 -43.53
C ILE O 197 39.19 -94.70 -44.26
N GLU O 198 39.24 -94.34 -45.54
CA GLU O 198 38.01 -94.20 -46.31
C GLU O 198 38.23 -94.67 -47.75
N LYS O 199 37.12 -94.79 -48.47
CA LYS O 199 37.10 -95.06 -49.91
C LYS O 199 36.36 -93.93 -50.61
N MET O 200 36.99 -93.33 -51.62
CA MET O 200 36.48 -92.09 -52.18
C MET O 200 36.32 -92.13 -53.70
N ARG O 201 36.43 -93.31 -54.33
CA ARG O 201 36.13 -93.50 -55.75
C ARG O 201 36.93 -92.51 -56.63
N VAL O 202 38.23 -92.79 -56.71
CA VAL O 202 39.22 -91.93 -57.38
C VAL O 202 38.73 -91.34 -58.68
N SER O 203 37.91 -92.08 -59.44
CA SER O 203 37.48 -91.60 -60.74
C SER O 203 35.96 -91.47 -60.78
N PRO O 204 35.44 -90.46 -61.48
CA PRO O 204 33.98 -90.34 -61.60
C PRO O 204 33.39 -91.52 -62.36
N GLU O 205 32.29 -92.05 -61.82
CA GLU O 205 31.62 -93.18 -62.44
C GLU O 205 30.65 -92.70 -63.51
N TYR O 206 30.77 -93.26 -64.71
CA TYR O 206 29.89 -92.95 -65.81
C TYR O 206 29.42 -94.24 -66.47
N SER O 207 28.21 -94.20 -67.03
CA SER O 207 27.64 -95.36 -67.69
C SER O 207 27.71 -95.23 -69.21
N GLN O 213 39.16 -98.10 -59.78
CA GLN O 213 37.90 -97.37 -59.62
C GLN O 213 37.72 -96.93 -58.17
N GLU O 214 37.85 -97.88 -57.25
CA GLU O 214 37.73 -97.61 -55.82
C GLU O 214 39.07 -97.92 -55.15
N GLU O 215 39.58 -96.96 -54.39
CA GLU O 215 40.85 -97.09 -53.69
C GLU O 215 40.68 -96.70 -52.23
N ILE O 216 41.75 -96.89 -51.46
CA ILE O 216 41.75 -96.68 -50.02
C ILE O 216 42.64 -95.47 -49.72
N PHE O 217 42.10 -94.52 -48.95
CA PHE O 217 42.79 -93.27 -48.65
C PHE O 217 42.80 -93.02 -47.15
N TYR O 218 43.90 -92.40 -46.71
CA TYR O 218 44.04 -91.92 -45.35
C TYR O 218 43.31 -90.58 -45.17
N LEU O 219 42.95 -90.28 -43.93
CA LEU O 219 42.19 -89.07 -43.63
C LEU O 219 42.82 -88.38 -42.42
N PRO O 220 43.39 -87.18 -42.59
CA PRO O 220 44.17 -86.55 -41.52
C PRO O 220 43.35 -85.61 -40.66
N ILE O 221 42.26 -86.12 -40.10
CA ILE O 221 41.41 -85.38 -39.15
C ILE O 221 41.09 -86.31 -37.99
N GLU O 222 41.35 -85.83 -36.77
CA GLU O 222 41.12 -86.63 -35.57
C GLU O 222 40.09 -85.97 -34.66
N GLU O 223 39.61 -86.74 -33.69
CA GLU O 223 38.58 -86.27 -32.78
C GLU O 223 39.19 -85.41 -31.68
N ARG O 224 38.45 -84.38 -31.27
CA ARG O 224 38.78 -83.64 -30.05
C ARG O 224 37.52 -83.50 -29.19
N ARG O 225 37.59 -83.98 -27.95
CA ARG O 225 36.49 -83.85 -27.00
C ARG O 225 36.52 -82.47 -26.33
N TYR O 226 36.17 -81.45 -27.12
CA TYR O 226 36.18 -80.08 -26.63
C TYR O 226 34.78 -79.57 -26.29
N LYS O 227 33.77 -79.99 -27.06
CA LYS O 227 32.41 -79.54 -26.81
C LYS O 227 31.44 -80.70 -26.93
N ARG O 228 30.13 -80.42 -26.98
CA ARG O 228 29.16 -81.50 -27.16
C ARG O 228 29.36 -82.21 -28.50
N ILE O 229 29.58 -81.45 -29.57
CA ILE O 229 29.91 -82.06 -30.86
C ILE O 229 31.40 -82.33 -30.90
N VAL O 230 31.79 -83.45 -31.50
CA VAL O 230 33.14 -83.97 -31.32
C VAL O 230 34.13 -83.29 -32.29
N TYR O 231 33.64 -82.81 -33.43
CA TYR O 231 34.39 -82.11 -34.49
C TYR O 231 35.75 -82.73 -34.82
N TYR O 232 36.54 -82.05 -35.65
CA TYR O 232 37.69 -82.67 -36.30
C TYR O 232 38.93 -81.82 -36.06
N ALA O 233 40.09 -82.43 -36.30
CA ALA O 233 41.36 -81.84 -35.87
C ALA O 233 42.46 -82.27 -36.84
N ARG O 234 43.72 -82.20 -36.39
CA ARG O 234 44.88 -82.47 -37.20
C ARG O 234 45.60 -83.69 -36.63
N ILE O 235 46.32 -84.42 -37.49
CA ILE O 235 47.00 -85.62 -37.03
C ILE O 235 48.51 -85.48 -37.20
N TYR O 236 48.94 -84.66 -38.17
CA TYR O 236 50.33 -84.42 -38.54
C TYR O 236 51.13 -85.72 -38.61
N PRO O 237 50.93 -86.54 -39.64
CA PRO O 237 51.71 -87.78 -39.79
C PRO O 237 53.19 -87.50 -39.94
N PRO O 238 54.05 -88.54 -39.91
CA PRO O 238 55.51 -88.30 -39.91
C PRO O 238 56.04 -87.60 -41.15
N GLU O 239 57.35 -87.33 -41.15
CA GLU O 239 57.97 -86.47 -42.14
C GLU O 239 57.85 -87.05 -43.54
N VAL O 240 57.69 -86.16 -44.52
CA VAL O 240 57.63 -86.50 -45.93
C VAL O 240 58.75 -85.74 -46.64
N GLU O 241 59.40 -86.40 -47.61
CA GLU O 241 60.56 -85.80 -48.26
C GLU O 241 60.20 -84.53 -49.02
N LYS O 242 58.94 -84.38 -49.42
CA LYS O 242 58.49 -83.23 -50.20
C LYS O 242 57.48 -82.42 -49.38
N ALA O 243 57.52 -81.11 -49.55
CA ALA O 243 56.62 -80.21 -48.82
C ALA O 243 56.36 -78.97 -49.65
N LEU O 244 55.24 -78.31 -49.34
CA LEU O 244 54.80 -77.11 -50.05
C LEU O 244 54.47 -76.02 -49.06
N THR O 245 54.76 -74.77 -49.43
CA THR O 245 54.64 -73.64 -48.51
C THR O 245 53.52 -72.70 -48.96
N VAL O 246 52.82 -72.14 -47.97
CA VAL O 246 51.83 -71.10 -48.18
C VAL O 246 52.09 -69.99 -47.17
N ASP O 247 52.24 -68.75 -47.67
CA ASP O 247 52.53 -67.56 -46.89
C ASP O 247 53.54 -67.79 -45.75
N GLY O 248 54.60 -68.55 -46.03
CA GLY O 248 55.67 -68.75 -45.08
C GLY O 248 55.53 -69.95 -44.17
N GLU O 249 54.39 -70.64 -44.19
CA GLU O 249 54.17 -71.83 -43.39
C GLU O 249 54.23 -73.05 -44.29
N VAL O 250 55.00 -74.05 -43.88
CA VAL O 250 55.25 -75.24 -44.69
C VAL O 250 54.30 -76.35 -44.27
N LEU O 251 53.87 -77.15 -45.24
CA LEU O 251 52.95 -78.25 -45.03
C LEU O 251 53.43 -79.45 -45.86
N GLY O 252 53.01 -80.64 -45.43
CA GLY O 252 53.48 -81.87 -46.04
C GLY O 252 52.59 -82.34 -47.18
N ILE O 253 53.21 -82.63 -48.32
CA ILE O 253 52.52 -83.19 -49.48
C ILE O 253 53.37 -84.33 -50.03
N TRP O 254 52.71 -85.38 -50.50
CA TRP O 254 53.38 -86.57 -51.00
C TRP O 254 53.03 -86.81 -52.46
N ILE O 255 54.04 -87.19 -53.25
CA ILE O 255 53.84 -87.55 -54.65
C ILE O 255 54.67 -88.80 -54.96
N PRO O 256 54.07 -89.81 -55.60
CA PRO O 256 54.78 -91.04 -55.97
C PRO O 256 55.93 -90.78 -56.95
N MET P 1 16.44 55.55 43.01
CA MET P 1 15.26 56.37 42.79
C MET P 1 14.33 55.72 41.77
N TYR P 2 13.36 54.97 42.25
CA TYR P 2 12.38 54.28 41.41
C TYR P 2 11.07 55.07 41.48
N VAL P 3 10.96 56.08 40.63
CA VAL P 3 9.86 57.03 40.73
C VAL P 3 8.75 56.61 39.76
N ARG P 4 7.50 56.75 40.20
CA ARG P 4 6.34 56.39 39.38
C ARG P 4 5.31 57.49 39.50
N ILE P 5 4.84 57.99 38.35
CA ILE P 5 3.87 59.07 38.28
C ILE P 5 2.68 58.59 37.47
N SER P 6 1.47 58.94 37.92
CA SER P 6 0.26 58.58 37.18
C SER P 6 -0.83 59.59 37.48
N GLY P 7 -1.56 59.99 36.46
CA GLY P 7 -2.62 60.97 36.67
C GLY P 7 -3.37 61.27 35.40
N ARG P 8 -4.21 62.31 35.49
CA ARG P 8 -5.08 62.74 34.42
C ARG P 8 -4.69 64.13 33.94
N ILE P 9 -4.73 64.32 32.61
CA ILE P 9 -4.47 65.59 31.95
C ILE P 9 -5.58 65.83 30.95
N ARG P 10 -5.63 67.05 30.41
CA ARG P 10 -6.61 67.43 29.39
C ARG P 10 -5.89 67.84 28.12
N LEU P 11 -6.35 67.33 26.98
CA LEU P 11 -5.73 67.60 25.69
C LEU P 11 -6.82 68.10 24.74
N ASN P 12 -6.90 69.41 24.56
CA ASN P 12 -7.90 70.03 23.70
C ASN P 12 -7.24 70.55 22.43
N ALA P 13 -7.83 70.22 21.28
CA ALA P 13 -7.36 70.68 19.97
C ALA P 13 -5.91 70.25 19.74
N HIS P 14 -5.71 68.94 19.68
CA HIS P 14 -4.39 68.37 19.50
C HIS P 14 -4.39 67.40 18.32
N SER P 15 -3.24 67.28 17.66
CA SER P 15 -3.03 66.32 16.59
C SER P 15 -1.73 65.56 16.84
N LEU P 16 -1.46 65.27 18.11
CA LEU P 16 -0.23 64.58 18.47
C LEU P 16 -0.27 63.14 17.96
N ASN P 17 0.85 62.69 17.38
CA ASN P 17 1.04 61.32 16.94
C ASN P 17 -0.03 60.92 15.91
N ALA P 18 0.06 61.56 14.75
CA ALA P 18 -0.82 61.26 13.63
C ALA P 18 -0.36 59.94 12.99
N GLN P 19 -0.93 59.61 11.82
CA GLN P 19 -0.60 58.38 11.12
C GLN P 19 0.25 58.60 9.88
N GLY P 20 0.76 59.80 9.67
CA GLY P 20 1.64 60.07 8.54
C GLY P 20 0.99 60.24 7.18
N GLY P 21 0.21 59.26 6.75
CA GLY P 21 -0.52 59.35 5.50
C GLY P 21 0.31 59.20 4.24
N GLY P 22 1.61 59.05 4.36
CA GLY P 22 2.46 58.91 3.18
C GLY P 22 2.52 60.14 2.31
N GLY P 23 2.09 61.30 2.82
CA GLY P 23 2.12 62.52 2.05
C GLY P 23 0.86 62.82 1.26
N THR P 24 -0.24 62.11 1.52
CA THR P 24 -1.47 62.36 0.80
C THR P 24 -2.20 63.56 1.41
N ASN P 25 -3.38 63.87 0.86
CA ASN P 25 -4.10 65.07 1.27
C ASN P 25 -4.74 64.90 2.65
N TYR P 26 -5.11 63.68 3.02
CA TYR P 26 -5.79 63.40 4.28
C TYR P 26 -4.87 62.59 5.18
N ILE P 27 -4.50 63.16 6.33
CA ILE P 27 -3.69 62.48 7.33
C ILE P 27 -4.48 62.44 8.64
N GLU P 28 -4.59 61.25 9.22
CA GLU P 28 -5.42 61.02 10.39
C GLU P 28 -4.54 60.79 11.62
N ILE P 29 -5.20 60.80 12.77
CA ILE P 29 -4.55 60.62 14.06
C ILE P 29 -4.54 59.14 14.41
N THR P 30 -3.55 58.71 15.18
CA THR P 30 -3.46 57.31 15.58
C THR P 30 -4.63 56.94 16.48
N LYS P 31 -5.15 55.74 16.29
CA LYS P 31 -6.31 55.26 17.04
C LYS P 31 -6.04 53.85 17.54
N THR P 32 -6.55 53.56 18.72
CA THR P 32 -6.49 52.22 19.30
C THR P 32 -7.82 51.92 19.98
N LYS P 33 -8.09 50.62 20.15
CA LYS P 33 -9.36 50.18 20.71
C LYS P 33 -9.17 49.74 22.15
N VAL P 34 -10.09 50.18 23.01
CA VAL P 34 -10.06 49.86 24.44
C VAL P 34 -11.40 49.25 24.82
N THR P 35 -11.39 48.50 25.93
CA THR P 35 -12.56 47.81 26.42
C THR P 35 -13.11 48.53 27.64
N VAL P 36 -14.42 48.78 27.65
CA VAL P 36 -15.10 49.44 28.76
C VAL P 36 -16.28 48.59 29.19
N ARG P 37 -16.52 48.55 30.50
CA ARG P 37 -17.54 47.65 31.05
C ARG P 37 -18.94 48.09 30.64
N THR P 38 -19.24 49.38 30.81
CA THR P 38 -20.56 49.98 30.54
C THR P 38 -21.68 49.34 31.34
N GLU P 39 -21.35 48.53 32.35
CA GLU P 39 -22.29 47.90 33.27
C GLU P 39 -23.31 46.99 32.58
N ASN P 40 -23.12 46.70 31.28
CA ASN P 40 -24.00 45.78 30.58
C ASN P 40 -23.21 44.88 29.64
N GLY P 41 -21.98 44.54 30.01
CA GLY P 41 -21.12 43.74 29.15
C GLY P 41 -20.02 44.55 28.51
N TRP P 42 -18.80 44.03 28.52
CA TRP P 42 -17.66 44.77 27.99
C TRP P 42 -17.85 45.04 26.50
N THR P 43 -17.52 46.27 26.08
CA THR P 43 -17.59 46.66 24.69
C THR P 43 -16.29 47.32 24.28
N VAL P 44 -15.95 47.19 23.00
CA VAL P 44 -14.68 47.66 22.45
C VAL P 44 -14.95 48.92 21.64
N VAL P 45 -14.24 50.00 21.96
CA VAL P 45 -14.41 51.28 21.29
C VAL P 45 -13.06 51.79 20.82
N GLU P 46 -13.03 52.33 19.60
CA GLU P 46 -11.80 52.84 19.00
C GLU P 46 -11.72 54.34 19.22
N VAL P 47 -10.62 54.79 19.82
CA VAL P 47 -10.43 56.20 20.18
C VAL P 47 -9.00 56.61 19.89
N PRO P 48 -8.76 57.90 19.69
CA PRO P 48 -7.40 58.38 19.47
C PRO P 48 -6.52 58.14 20.69
N ALA P 49 -5.23 57.93 20.45
CA ALA P 49 -4.29 57.65 21.50
C ALA P 49 -2.91 58.13 21.10
N ILE P 50 -2.04 58.33 22.10
CA ILE P 50 -0.66 58.72 21.89
C ILE P 50 0.21 57.58 22.36
N THR P 51 1.04 57.05 21.46
CA THR P 51 1.83 55.87 21.76
C THR P 51 2.87 56.17 22.83
N GLY P 52 3.32 55.10 23.51
CA GLY P 52 4.37 55.25 24.48
C GLY P 52 5.72 55.52 23.88
N ASN P 53 5.92 55.16 22.61
CA ASN P 53 7.18 55.47 21.93
C ASN P 53 7.38 56.98 21.82
N MET P 54 6.32 57.71 21.46
CA MET P 54 6.43 59.16 21.36
C MET P 54 6.70 59.81 22.71
N LEU P 55 6.04 59.33 23.76
CA LEU P 55 6.28 59.85 25.10
C LEU P 55 7.70 59.59 25.55
N LYS P 56 8.21 58.38 25.28
CA LYS P 56 9.59 58.06 25.63
C LYS P 56 10.57 58.93 24.86
N HIS P 57 10.31 59.16 23.58
CA HIS P 57 11.19 60.02 22.78
C HIS P 57 11.19 61.45 23.31
N TRP P 58 10.02 61.96 23.71
CA TRP P 58 9.99 63.33 24.21
C TRP P 58 10.63 63.44 25.58
N HIS P 59 10.52 62.40 26.41
CA HIS P 59 11.29 62.38 27.65
C HIS P 59 12.79 62.38 27.37
N PHE P 60 13.21 61.64 26.34
CA PHE P 60 14.62 61.63 25.95
C PHE P 60 15.07 63.02 25.50
N VAL P 61 14.22 63.71 24.74
CA VAL P 61 14.55 65.06 24.29
C VAL P 61 14.69 65.99 25.48
N GLY P 62 13.76 65.91 26.44
CA GLY P 62 13.86 66.74 27.63
C GLY P 62 15.11 66.44 28.45
N PHE P 63 15.44 65.15 28.58
CA PHE P 63 16.65 64.77 29.30
C PHE P 63 17.89 65.33 28.64
N VAL P 64 17.97 65.24 27.32
CA VAL P 64 19.12 65.79 26.60
C VAL P 64 19.18 67.31 26.80
N ASP P 65 18.03 67.98 26.70
CA ASP P 65 18.00 69.43 26.85
C ASP P 65 18.49 69.85 28.23
N TYR P 66 18.07 69.14 29.29
CA TYR P 66 18.51 69.50 30.63
C TYR P 66 19.89 68.97 30.98
N PHE P 67 20.43 68.03 30.20
CA PHE P 67 21.78 67.54 30.44
C PHE P 67 22.84 68.29 29.65
N LYS P 68 22.46 69.03 28.62
CA LYS P 68 23.43 69.84 27.89
C LYS P 68 24.06 70.90 28.79
N THR P 69 23.24 71.58 29.60
CA THR P 69 23.74 72.63 30.48
C THR P 69 24.61 72.09 31.60
N THR P 70 24.45 70.82 31.95
CA THR P 70 25.27 70.23 33.00
C THR P 70 26.73 70.21 32.58
N PRO P 71 27.66 70.52 33.49
CA PRO P 71 29.09 70.49 33.12
C PRO P 71 29.55 69.14 32.63
N TYR P 72 28.91 68.05 33.03
CA TYR P 72 29.17 66.72 32.50
C TYR P 72 28.38 66.44 31.22
N GLY P 73 27.91 67.48 30.55
CA GLY P 73 27.07 67.33 29.36
C GLY P 73 27.80 67.02 28.08
N VAL P 74 29.13 66.99 28.10
CA VAL P 74 29.88 66.60 26.91
C VAL P 74 29.64 65.12 26.60
N ASN P 75 29.37 64.32 27.62
CA ASN P 75 29.21 62.87 27.45
C ASN P 75 27.89 62.53 26.79
N LEU P 76 27.73 62.90 25.52
CA LEU P 76 26.51 62.63 24.78
C LEU P 76 26.85 62.24 23.34
N THR P 77 25.97 61.46 22.73
CA THR P 77 26.15 61.07 21.35
C THR P 77 25.95 62.29 20.44
N GLU P 78 26.66 62.30 19.31
CA GLU P 78 26.55 63.42 18.38
C GLU P 78 25.14 63.54 17.83
N ARG P 79 24.48 62.41 17.58
CA ARG P 79 23.09 62.45 17.10
C ARG P 79 22.12 62.84 18.20
N ALA P 80 22.50 62.67 19.47
CA ALA P 80 21.62 63.09 20.56
C ALA P 80 21.50 64.60 20.62
N LEU P 81 22.51 65.33 20.12
CA LEU P 81 22.45 66.78 20.12
C LEU P 81 21.35 67.29 19.20
N ARG P 82 21.06 66.57 18.12
CA ARG P 82 19.99 66.91 17.20
C ARG P 82 18.73 66.09 17.46
N TYR P 83 18.62 65.49 18.64
CA TYR P 83 17.43 64.74 19.06
C TYR P 83 17.12 63.59 18.12
N ASN P 84 18.15 62.89 17.65
CA ASN P 84 17.96 61.71 16.83
C ASN P 84 17.70 60.51 17.74
N GLY P 85 16.50 59.94 17.65
CA GLY P 85 16.13 58.86 18.55
C GLY P 85 16.87 57.56 18.29
N THR P 86 17.31 57.35 17.05
CA THR P 86 18.08 56.14 16.74
C THR P 86 19.35 56.11 17.57
N ARG P 87 19.70 54.93 18.08
CA ARG P 87 20.81 54.81 19.01
C ARG P 87 22.02 54.12 18.37
N PHE P 88 21.81 52.92 17.81
CA PHE P 88 22.87 52.25 17.08
C PHE P 88 22.25 51.52 15.91
N GLY P 89 22.70 51.85 14.70
CA GLY P 89 22.11 51.31 13.50
C GLY P 89 22.47 49.85 13.29
N GLN P 90 21.92 49.29 12.22
CA GLN P 90 22.08 47.87 11.95
C GLN P 90 23.54 47.53 11.65
N GLY P 91 24.23 48.38 10.89
CA GLY P 91 25.56 48.05 10.43
C GLY P 91 26.71 48.84 11.03
N GLU P 92 26.41 49.84 11.86
CA GLU P 92 27.47 50.66 12.44
C GLU P 92 28.01 49.98 13.70
N THR P 93 29.33 49.87 13.79
CA THR P 93 29.98 49.21 14.91
C THR P 93 30.68 50.19 15.85
N THR P 94 30.46 51.49 15.69
CA THR P 94 31.06 52.48 16.56
C THR P 94 30.21 53.73 16.56
N ALA P 95 30.45 54.59 17.55
CA ALA P 95 29.66 55.80 17.74
C ALA P 95 30.58 57.01 17.81
N THR P 96 29.99 58.18 17.56
CA THR P 96 30.70 59.45 17.61
C THR P 96 30.17 60.28 18.78
N LYS P 97 31.07 60.78 19.61
CA LYS P 97 30.70 61.59 20.75
C LYS P 97 30.40 63.02 20.29
N ALA P 98 29.94 63.84 21.23
CA ALA P 98 29.64 65.24 20.92
C ALA P 98 30.90 66.00 20.50
N ASN P 99 32.02 65.73 21.18
CA ASN P 99 33.28 66.40 20.86
C ASN P 99 33.95 65.83 19.61
N GLY P 100 33.41 64.76 19.03
CA GLY P 100 33.97 64.16 17.85
C GLY P 100 34.81 62.92 18.09
N ALA P 101 34.86 62.41 19.32
CA ALA P 101 35.63 61.22 19.61
C ALA P 101 34.94 59.99 19.03
N THR P 102 35.65 58.86 19.06
CA THR P 102 35.14 57.59 18.55
C THR P 102 35.05 56.60 19.70
N VAL P 103 33.87 56.00 19.86
CA VAL P 103 33.61 55.05 20.95
C VAL P 103 33.28 53.70 20.33
N GLN P 104 33.95 52.66 20.81
CA GLN P 104 33.67 51.31 20.35
C GLN P 104 32.34 50.81 20.90
N LEU P 105 31.84 49.72 20.32
CA LEU P 105 30.55 49.15 20.67
C LEU P 105 30.68 47.78 21.29
N ASN P 106 31.66 47.61 22.18
CA ASN P 106 31.81 46.39 22.95
C ASN P 106 32.14 46.77 24.39
N ASP P 107 31.82 45.87 25.32
CA ASP P 107 32.06 46.09 26.74
C ASP P 107 31.32 47.34 27.22
N GLU P 108 29.99 47.22 27.24
CA GLU P 108 29.07 48.33 27.49
C GLU P 108 29.41 49.14 28.74
N ALA P 109 30.29 48.62 29.60
CA ALA P 109 30.75 49.38 30.75
C ALA P 109 31.42 50.69 30.35
N THR P 110 31.95 50.77 29.13
CA THR P 110 32.46 52.03 28.60
C THR P 110 31.45 52.76 27.73
N ILE P 111 30.51 52.05 27.11
CA ILE P 111 29.47 52.70 26.33
C ILE P 111 28.60 53.57 27.23
N ILE P 112 28.19 53.02 28.39
CA ILE P 112 27.42 53.81 29.33
C ILE P 112 28.31 54.83 30.05
N LYS P 113 29.62 54.62 30.04
CA LYS P 113 30.52 55.57 30.68
C LYS P 113 30.68 56.83 29.83
N GLU P 114 30.78 56.66 28.51
CA GLU P 114 31.02 57.80 27.62
C GLU P 114 29.75 58.42 27.08
N LEU P 115 28.67 57.64 26.95
CA LEU P 115 27.42 58.12 26.37
C LEU P 115 26.33 58.08 27.42
N ALA P 116 25.69 59.22 27.66
CA ALA P 116 24.69 59.29 28.73
C ALA P 116 23.29 58.91 28.25
N ASP P 117 22.95 59.25 27.00
CA ASP P 117 21.62 58.94 26.50
C ASP P 117 21.38 57.44 26.43
N ALA P 118 22.38 56.69 25.94
CA ALA P 118 22.26 55.24 25.90
C ALA P 118 22.31 54.63 27.29
N ASP P 119 22.94 55.31 28.26
CA ASP P 119 22.93 54.83 29.64
C ASP P 119 21.52 54.86 30.22
N VAL P 120 20.77 55.93 29.93
CA VAL P 120 19.46 56.11 30.55
C VAL P 120 18.37 55.39 29.77
N HIS P 121 18.32 55.58 28.45
CA HIS P 121 17.25 55.03 27.63
C HIS P 121 17.63 53.75 26.90
N GLY P 122 18.78 53.16 27.23
CA GLY P 122 19.16 51.90 26.64
C GLY P 122 19.62 52.00 25.20
N PHE P 123 20.10 50.89 24.65
CA PHE P 123 20.62 50.86 23.28
C PHE P 123 20.60 49.42 22.80
N LEU P 124 21.01 49.24 21.54
CA LEU P 124 21.14 47.90 20.96
C LEU P 124 22.02 48.00 19.72
N ALA P 125 23.09 47.21 19.67
CA ALA P 125 23.97 47.15 18.51
C ALA P 125 23.82 45.78 17.87
N PRO P 126 23.10 45.66 16.75
CA PRO P 126 22.88 44.33 16.14
C PRO P 126 24.15 43.63 15.72
N LYS P 127 25.18 44.37 15.29
CA LYS P 127 26.40 43.72 14.82
C LYS P 127 27.19 43.13 15.98
N THR P 128 27.59 43.96 16.94
CA THR P 128 28.36 43.48 18.08
C THR P 128 27.50 42.72 19.09
N GLY P 129 26.18 42.86 19.02
CA GLY P 129 25.29 42.14 19.91
C GLY P 129 25.06 42.77 21.26
N ARG P 130 25.69 43.90 21.55
CA ARG P 130 25.53 44.53 22.86
C ARG P 130 24.12 45.09 23.01
N ARG P 131 23.56 44.97 24.21
CA ARG P 131 22.20 45.43 24.48
C ARG P 131 22.15 46.07 25.86
N ARG P 132 21.12 46.89 26.05
CA ARG P 132 20.84 47.47 27.36
C ARG P 132 19.37 47.85 27.41
N VAL P 133 18.72 47.54 28.52
CA VAL P 133 17.30 47.81 28.70
C VAL P 133 17.11 49.24 29.16
N SER P 134 16.09 49.91 28.62
CA SER P 134 15.82 51.29 28.98
C SER P 134 15.41 51.40 30.45
N LEU P 135 15.87 52.46 31.10
CA LEU P 135 15.49 52.74 32.48
C LEU P 135 14.20 53.52 32.59
N VAL P 136 13.67 54.03 31.48
CA VAL P 136 12.44 54.81 31.46
C VAL P 136 11.42 54.04 30.64
N LYS P 137 10.28 53.71 31.26
CA LYS P 137 9.22 52.96 30.61
C LYS P 137 7.95 53.80 30.62
N ALA P 138 7.35 53.97 29.44
CA ALA P 138 6.16 54.79 29.28
C ALA P 138 5.03 53.96 28.70
N SER P 139 3.80 54.38 28.98
CA SER P 139 2.60 53.70 28.53
C SER P 139 1.78 54.61 27.64
N PHE P 140 0.78 54.01 26.98
CA PHE P 140 -0.08 54.75 26.08
C PHE P 140 -0.87 55.80 26.84
N ILE P 141 -1.09 56.94 26.19
CA ILE P 141 -1.88 58.03 26.73
C ILE P 141 -3.29 57.88 26.17
N LEU P 142 -4.19 57.29 26.97
CA LEU P 142 -5.53 56.92 26.54
C LEU P 142 -6.57 57.80 27.21
N PRO P 143 -7.68 58.09 26.54
CA PRO P 143 -8.79 58.77 27.21
C PRO P 143 -9.35 57.92 28.34
N THR P 144 -9.74 58.58 29.43
CA THR P 144 -10.11 57.87 30.64
C THR P 144 -11.43 57.12 30.46
N GLU P 145 -11.61 56.08 31.27
CA GLU P 145 -12.78 55.21 31.13
C GLU P 145 -14.07 55.96 31.39
N ASP P 146 -14.11 56.76 32.46
CA ASP P 146 -15.33 57.51 32.77
C ASP P 146 -15.66 58.52 31.68
N PHE P 147 -14.67 59.23 31.15
CA PHE P 147 -14.92 60.19 30.09
C PHE P 147 -15.32 59.50 28.80
N ILE P 148 -14.63 58.41 28.43
CA ILE P 148 -14.94 57.70 27.20
C ILE P 148 -16.31 57.04 27.28
N LYS P 149 -16.79 56.76 28.48
CA LYS P 149 -18.09 56.12 28.66
C LYS P 149 -19.23 57.12 28.79
N GLU P 150 -18.96 58.30 29.35
CA GLU P 150 -20.02 59.27 29.57
C GLU P 150 -20.46 59.96 28.27
N VAL P 151 -19.56 60.09 27.30
CA VAL P 151 -19.89 60.84 26.08
C VAL P 151 -20.95 60.11 25.26
N GLU P 152 -20.86 58.78 25.18
CA GLU P 152 -21.80 57.96 24.41
C GLU P 152 -21.86 58.42 22.95
N GLY P 153 -20.72 58.29 22.27
CA GLY P 153 -20.57 58.83 20.93
C GLY P 153 -19.55 59.94 20.92
N GLU P 154 -19.83 61.04 20.22
CA GLU P 154 -19.01 62.24 20.27
C GLU P 154 -17.56 61.91 19.87
N ARG P 155 -17.40 61.62 18.58
CA ARG P 155 -16.16 61.04 18.05
C ARG P 155 -14.88 61.75 18.49
N LEU P 156 -15.00 63.00 18.97
CA LEU P 156 -13.87 63.77 19.52
C LEU P 156 -12.90 64.23 18.45
N ILE P 157 -13.11 63.81 17.21
CA ILE P 157 -12.21 64.14 16.11
C ILE P 157 -12.93 65.09 15.16
N THR P 158 -12.25 66.16 14.76
CA THR P 158 -12.83 67.22 13.95
C THR P 158 -12.36 67.19 12.50
N ALA P 159 -11.08 66.92 12.26
CA ALA P 159 -10.51 66.84 10.92
C ALA P 159 -10.68 68.17 10.16
N ILE P 160 -10.05 69.21 10.70
CA ILE P 160 -10.08 70.51 10.06
C ILE P 160 -9.24 70.48 8.79
N LYS P 161 -9.82 70.96 7.70
CA LYS P 161 -9.16 70.96 6.39
C LYS P 161 -8.64 72.36 6.10
N HIS P 162 -7.34 72.47 5.81
CA HIS P 162 -6.70 73.74 5.53
C HIS P 162 -5.59 73.52 4.52
N ASN P 163 -5.61 74.28 3.43
CA ASN P 163 -4.70 74.07 2.32
C ASN P 163 -3.70 75.22 2.22
N ARG P 164 -2.47 74.87 1.83
CA ARG P 164 -1.42 75.84 1.63
C ARG P 164 -1.62 76.58 0.31
N VAL P 165 -1.52 77.90 0.34
CA VAL P 165 -1.61 78.72 -0.86
C VAL P 165 -0.22 78.85 -1.46
N ASP P 166 -0.12 78.66 -2.77
CA ASP P 166 1.15 78.73 -3.49
C ASP P 166 1.02 79.67 -4.67
N VAL P 167 2.10 80.40 -4.95
CA VAL P 167 2.13 81.37 -6.04
C VAL P 167 3.43 81.19 -6.82
N ASP P 168 3.38 81.50 -8.11
CA ASP P 168 4.59 81.59 -8.92
C ASP P 168 5.09 83.03 -8.89
N GLU P 169 6.04 83.36 -9.76
CA GLU P 169 6.54 84.73 -9.82
C GLU P 169 5.49 85.70 -10.37
N LYS P 170 4.43 85.19 -10.98
CA LYS P 170 3.30 86.02 -11.41
C LYS P 170 2.10 85.90 -10.47
N GLY P 171 2.24 85.18 -9.35
CA GLY P 171 1.16 85.04 -8.40
C GLY P 171 -0.05 84.30 -8.94
N ALA P 172 0.18 83.17 -9.59
CA ALA P 172 -0.88 82.37 -10.20
C ALA P 172 -1.06 81.06 -9.44
N ILE P 173 -2.32 80.62 -9.31
CA ILE P 173 -2.59 79.32 -8.72
C ILE P 173 -1.99 78.21 -9.57
N GLY P 174 -2.17 78.29 -10.88
CA GLY P 174 -1.73 77.25 -11.77
C GLY P 174 -2.79 76.18 -11.95
N SER P 175 -2.39 75.10 -12.63
CA SER P 175 -3.28 73.99 -12.91
C SER P 175 -2.52 72.70 -12.65
N SER P 176 -3.16 71.57 -12.99
CA SER P 176 -2.53 70.27 -12.75
C SER P 176 -1.32 70.04 -13.65
N LYS P 177 -1.34 70.61 -14.86
CA LYS P 177 -0.21 70.42 -15.77
C LYS P 177 1.05 71.11 -15.25
N GLU P 178 0.91 72.26 -14.60
CA GLU P 178 2.05 72.97 -14.04
C GLU P 178 2.40 72.50 -12.63
N GLY P 179 1.50 71.79 -11.96
CA GLY P 179 1.77 71.29 -10.63
C GLY P 179 1.58 72.33 -9.55
N THR P 180 2.53 73.26 -9.45
CA THR P 180 2.51 74.39 -8.52
C THR P 180 2.50 73.93 -7.06
N ALA P 181 2.59 72.63 -6.81
CA ALA P 181 2.70 72.05 -5.48
C ALA P 181 1.60 72.58 -4.55
N GLN P 182 0.36 72.33 -4.95
CA GLN P 182 -0.80 72.71 -4.15
C GLN P 182 -1.38 71.45 -3.50
N MET P 183 -1.53 71.48 -2.18
CA MET P 183 -2.00 70.34 -1.41
C MET P 183 -3.20 70.74 -0.57
N LEU P 184 -4.19 69.86 -0.48
CA LEU P 184 -5.35 70.12 0.36
C LEU P 184 -4.96 70.05 1.84
N PHE P 185 -4.21 69.03 2.23
CA PHE P 185 -3.57 68.93 3.55
C PHE P 185 -4.60 69.01 4.67
N SER P 186 -5.44 67.98 4.73
CA SER P 186 -6.43 67.84 5.79
C SER P 186 -5.83 67.08 6.97
N ARG P 187 -5.94 67.66 8.17
CA ARG P 187 -5.36 67.10 9.38
C ARG P 187 -6.44 66.90 10.42
N GLU P 188 -6.38 65.78 11.14
CA GLU P 188 -7.38 65.43 12.14
C GLU P 188 -6.96 65.96 13.51
N TYR P 189 -7.91 66.56 14.22
CA TYR P 189 -7.68 67.12 15.55
C TYR P 189 -8.60 66.45 16.56
N ALA P 190 -8.04 66.07 17.70
CA ALA P 190 -8.78 65.37 18.75
C ALA P 190 -8.77 66.19 20.03
N THR P 191 -9.48 65.69 21.04
CA THR P 191 -9.58 66.36 22.34
C THR P 191 -10.13 65.37 23.35
N GLY P 192 -9.95 65.70 24.63
CA GLY P 192 -10.55 64.92 25.69
C GLY P 192 -9.71 64.95 26.95
N LEU P 193 -10.03 64.01 27.83
CA LEU P 193 -9.35 63.82 29.10
C LEU P 193 -8.58 62.51 29.05
N TYR P 194 -7.27 62.58 29.27
CA TYR P 194 -6.37 61.44 29.09
C TYR P 194 -5.67 61.12 30.39
N GLY P 195 -5.02 59.96 30.43
CA GLY P 195 -4.26 59.54 31.59
C GLY P 195 -2.88 59.06 31.20
N PHE P 196 -1.95 59.17 32.15
CA PHE P 196 -0.56 58.81 31.93
C PHE P 196 0.00 58.12 33.16
N SER P 197 0.86 57.13 32.94
CA SER P 197 1.45 56.33 34.03
C SER P 197 2.93 56.03 33.75
N ILE P 198 3.70 57.05 33.38
CA ILE P 198 5.12 56.83 33.11
C ILE P 198 5.85 56.47 34.41
N VAL P 199 6.86 55.61 34.29
CA VAL P 199 7.68 55.18 35.41
C VAL P 199 9.15 55.32 35.03
N LEU P 200 10.00 55.46 36.04
CA LEU P 200 11.44 55.63 35.84
C LEU P 200 12.18 54.83 36.90
N ASP P 201 12.92 53.80 36.46
CA ASP P 201 13.76 53.01 37.36
C ASP P 201 15.19 53.50 37.20
N LEU P 202 15.51 54.57 37.94
CA LEU P 202 16.76 55.28 37.79
C LEU P 202 17.83 54.85 38.78
N GLY P 203 17.62 53.75 39.50
CA GLY P 203 18.61 53.28 40.44
C GLY P 203 19.74 52.47 39.84
N LEU P 204 19.70 52.22 38.52
CA LEU P 204 20.72 51.44 37.83
C LEU P 204 21.50 52.29 36.84
N VAL P 205 21.39 53.63 36.94
CA VAL P 205 22.10 54.51 36.02
C VAL P 205 23.60 54.47 36.33
N GLY P 206 24.41 54.39 35.28
CA GLY P 206 25.84 54.30 35.46
C GLY P 206 26.32 52.96 35.99
N ILE P 207 25.53 51.91 35.82
CA ILE P 207 25.88 50.57 36.29
C ILE P 207 25.68 49.60 35.13
N PRO P 208 26.70 48.84 34.72
CA PRO P 208 26.51 47.89 33.61
C PRO P 208 25.51 46.81 33.98
N GLN P 209 24.77 46.34 32.97
CA GLN P 209 23.76 45.32 33.19
C GLN P 209 24.36 43.94 33.41
N GLY P 210 25.54 43.68 32.83
CA GLY P 210 26.12 42.35 32.97
C GLY P 210 26.51 42.01 34.39
N LEU P 211 27.13 42.95 35.09
CA LEU P 211 27.56 42.77 36.49
C LEU P 211 27.05 43.95 37.31
N PRO P 212 25.79 43.88 37.76
CA PRO P 212 25.25 44.99 38.55
C PRO P 212 25.99 45.28 39.84
N VAL P 213 26.51 44.24 40.51
CA VAL P 213 27.14 44.39 41.82
C VAL P 213 28.51 43.74 41.80
N LYS P 214 29.34 44.14 42.77
CA LYS P 214 30.66 43.60 42.97
C LYS P 214 30.83 43.20 44.43
N PHE P 215 31.52 42.07 44.65
CA PHE P 215 31.74 41.51 45.97
C PHE P 215 33.22 41.64 46.30
N GLU P 216 33.53 42.34 47.40
CA GLU P 216 34.92 42.44 47.83
C GLU P 216 35.30 41.27 48.73
N GLU P 217 34.59 41.11 49.85
CA GLU P 217 34.65 39.87 50.64
C GLU P 217 33.22 39.54 51.09
N ASN P 218 32.50 38.80 50.24
CA ASN P 218 31.12 38.41 50.50
C ASN P 218 30.21 39.60 50.82
N GLN P 219 30.57 40.79 50.34
CA GLN P 219 29.81 42.01 50.63
C GLN P 219 29.48 42.70 49.32
N PRO P 220 28.21 42.89 49.01
CA PRO P 220 27.84 43.53 47.72
C PRO P 220 27.99 45.04 47.78
N ARG P 221 28.36 45.60 46.62
CA ARG P 221 28.37 47.05 46.44
C ARG P 221 28.10 47.33 44.97
N PRO P 222 27.36 48.40 44.65
CA PRO P 222 27.04 48.67 43.25
C PRO P 222 28.30 48.93 42.43
N ASN P 223 28.26 48.51 41.16
CA ASN P 223 29.38 48.69 40.25
C ASN P 223 29.20 50.00 39.47
N ILE P 224 29.33 51.11 40.20
CA ILE P 224 29.22 52.44 39.60
C ILE P 224 30.54 52.74 38.88
N VAL P 225 30.48 52.76 37.55
CA VAL P 225 31.68 52.99 36.75
C VAL P 225 31.97 54.48 36.64
N ILE P 226 30.93 55.31 36.51
CA ILE P 226 31.08 56.74 36.32
C ILE P 226 31.29 57.42 37.67
N ASP P 227 31.73 58.67 37.64
CA ASP P 227 31.92 59.43 38.86
C ASP P 227 30.59 59.66 39.56
N PRO P 228 30.56 59.66 40.90
CA PRO P 228 29.28 59.89 41.60
C PRO P 228 28.62 61.21 41.27
N ASN P 229 29.40 62.26 41.03
CA ASN P 229 28.82 63.54 40.65
C ASN P 229 28.13 63.45 39.30
N GLU P 230 28.72 62.71 38.35
CA GLU P 230 28.08 62.50 37.07
C GLU P 230 26.78 61.72 37.23
N ARG P 231 26.78 60.71 38.09
CA ARG P 231 25.55 59.97 38.37
C ARG P 231 24.48 60.88 38.93
N LYS P 232 24.84 61.73 39.89
CA LYS P 232 23.85 62.64 40.47
C LYS P 232 23.31 63.60 39.43
N ALA P 233 24.19 64.16 38.59
CA ALA P 233 23.73 65.08 37.56
C ALA P 233 22.82 64.39 36.56
N ARG P 234 23.14 63.16 36.18
CA ARG P 234 22.28 62.41 35.27
C ARG P 234 20.92 62.15 35.90
N ILE P 235 20.88 61.81 37.19
CA ILE P 235 19.61 61.56 37.86
C ILE P 235 18.78 62.85 37.91
N GLU P 236 19.43 63.98 38.23
CA GLU P 236 18.70 65.24 38.27
C GLU P 236 18.16 65.61 36.89
N SER P 237 18.94 65.36 35.84
CA SER P 237 18.48 65.63 34.50
C SER P 237 17.28 64.76 34.14
N ALA P 238 17.32 63.48 34.51
CA ALA P 238 16.19 62.60 34.24
C ALA P 238 14.95 63.05 34.99
N LEU P 239 15.10 63.47 36.25
CA LEU P 239 13.97 63.97 37.02
C LEU P 239 13.40 65.25 36.42
N LYS P 240 14.26 66.18 36.02
CA LYS P 240 13.81 67.45 35.49
C LYS P 240 13.31 67.36 34.06
N ALA P 241 13.58 66.26 33.35
CA ALA P 241 13.03 66.09 32.01
C ALA P 241 11.52 66.04 32.01
N LEU P 242 10.89 65.79 33.15
CA LEU P 242 9.43 65.77 33.21
C LEU P 242 8.83 67.16 33.12
N ILE P 243 9.60 68.21 33.42
CA ILE P 243 9.06 69.56 33.34
C ILE P 243 8.67 69.94 31.92
N PRO P 244 9.53 69.81 30.88
CA PRO P 244 9.05 70.06 29.53
C PRO P 244 8.43 68.82 28.90
N MET P 245 7.62 68.11 29.67
CA MET P 245 6.84 66.98 29.19
C MET P 245 5.39 67.05 29.63
N LEU P 246 5.13 67.54 30.83
CA LEU P 246 3.79 67.77 31.33
C LEU P 246 3.35 69.22 31.18
N SER P 247 4.11 70.01 30.41
CA SER P 247 3.75 71.38 30.11
C SER P 247 3.15 71.55 28.72
N GLY P 248 3.16 70.50 27.90
CA GLY P 248 2.58 70.58 26.57
C GLY P 248 3.58 70.35 25.46
N TYR P 249 4.67 69.65 25.77
CA TYR P 249 5.74 69.37 24.83
C TYR P 249 5.80 67.89 24.46
N ILE P 250 4.64 67.28 24.28
CA ILE P 250 4.53 65.88 23.89
C ILE P 250 3.79 65.80 22.57
N GLY P 251 4.25 64.90 21.70
CA GLY P 251 3.55 64.64 20.46
C GLY P 251 4.12 65.39 19.27
N ALA P 252 3.27 65.53 18.26
CA ALA P 252 3.64 66.05 16.96
C ALA P 252 2.91 67.36 16.67
N ASN P 253 3.29 67.98 15.55
CA ASN P 253 2.65 69.22 15.07
C ASN P 253 2.68 70.32 16.13
N LEU P 254 3.80 70.41 16.86
CA LEU P 254 3.89 71.41 17.91
C LEU P 254 3.91 72.83 17.35
N ALA P 255 4.37 73.00 16.11
CA ALA P 255 4.47 74.33 15.52
C ALA P 255 3.10 74.94 15.27
N ARG P 256 2.13 74.12 14.83
CA ARG P 256 0.82 74.62 14.46
C ARG P 256 -0.29 74.21 15.40
N SER P 257 -0.17 73.06 16.07
CA SER P 257 -1.20 72.60 17.01
C SER P 257 -0.88 73.04 18.44
N PHE P 258 0.24 72.58 18.99
CA PHE P 258 0.70 72.90 20.34
C PHE P 258 -0.45 72.74 21.33
N PRO P 259 -0.76 71.50 21.73
CA PRO P 259 -2.06 71.22 22.34
C PRO P 259 -2.34 72.08 23.56
N VAL P 260 -3.63 72.41 23.73
CA VAL P 260 -4.09 73.19 24.87
C VAL P 260 -4.01 72.28 26.09
N PHE P 261 -2.97 72.45 26.89
CA PHE P 261 -2.58 71.47 27.88
C PHE P 261 -2.91 71.94 29.30
N LYS P 262 -3.25 70.97 30.15
CA LYS P 262 -3.47 71.21 31.57
C LYS P 262 -3.45 69.87 32.29
N VAL P 263 -2.70 69.81 33.39
CA VAL P 263 -2.60 68.60 34.19
C VAL P 263 -3.71 68.63 35.23
N GLU P 264 -4.72 67.77 35.06
CA GLU P 264 -5.86 67.79 35.97
C GLU P 264 -5.46 67.31 37.36
N GLU P 265 -4.77 66.18 37.43
CA GLU P 265 -4.37 65.64 38.73
C GLU P 265 -3.26 64.62 38.53
N LEU P 266 -2.53 64.34 39.61
CA LEU P 266 -1.49 63.32 39.53
C LEU P 266 -1.13 62.82 40.92
N VAL P 267 -0.52 61.63 40.94
CA VAL P 267 0.06 61.04 42.15
C VAL P 267 1.40 60.43 41.78
N ALA P 268 2.39 60.62 42.64
CA ALA P 268 3.74 60.13 42.41
C ALA P 268 4.28 59.48 43.67
N ILE P 269 5.01 58.39 43.48
CA ILE P 269 5.70 57.70 44.57
C ILE P 269 7.16 57.52 44.17
N ALA P 270 8.07 57.90 45.06
CA ALA P 270 9.50 57.94 44.74
C ALA P 270 10.25 56.74 45.30
N SER P 271 10.23 56.55 46.62
CA SER P 271 10.91 55.45 47.28
C SER P 271 12.40 55.39 46.96
N GLU P 272 13.07 54.30 47.35
CA GLU P 272 14.49 54.12 47.06
C GLU P 272 14.74 52.76 46.41
N GLY P 273 13.99 51.74 46.84
CA GLY P 273 14.16 50.41 46.32
C GLY P 273 13.00 49.99 45.44
N PRO P 274 13.00 48.73 45.00
CA PRO P 274 11.91 48.25 44.14
C PRO P 274 10.53 48.38 44.79
N ILE P 275 9.57 48.84 44.00
CA ILE P 275 8.20 49.08 44.47
C ILE P 275 7.23 48.67 43.38
N PRO P 276 6.00 48.32 43.76
CA PRO P 276 4.99 47.97 42.77
C PRO P 276 4.66 49.14 41.86
N ALA P 277 4.35 48.83 40.61
CA ALA P 277 4.02 49.86 39.63
C ALA P 277 2.70 50.53 39.98
N LEU P 278 2.65 51.84 39.80
CA LEU P 278 1.43 52.59 40.07
C LEU P 278 0.46 52.45 38.91
N VAL P 279 -0.83 52.33 39.24
CA VAL P 279 -1.84 52.01 38.23
C VAL P 279 -2.06 53.21 37.31
N HIS P 280 -2.51 52.93 36.10
CA HIS P 280 -2.73 53.94 35.08
C HIS P 280 -3.95 54.80 35.43
N GLY P 281 -3.97 56.01 34.86
CA GLY P 281 -5.09 56.92 35.03
C GLY P 281 -6.26 56.65 34.12
N PHE P 282 -6.17 55.65 33.25
CA PHE P 282 -7.28 55.33 32.35
C PHE P 282 -8.50 54.88 33.13
N TYR P 283 -8.30 54.07 34.17
CA TYR P 283 -9.41 53.56 34.94
C TYR P 283 -10.01 54.64 35.83
N GLU P 284 -11.33 54.57 36.01
CA GLU P 284 -12.02 55.60 36.77
C GLU P 284 -11.71 55.49 38.27
N ASP P 285 -11.55 54.27 38.77
CA ASP P 285 -11.34 54.03 40.19
C ASP P 285 -9.87 53.88 40.55
N TYR P 286 -8.99 54.58 39.85
CA TYR P 286 -7.56 54.46 40.11
C TYR P 286 -7.14 55.16 41.40
N ILE P 287 -7.93 56.13 41.87
CA ILE P 287 -7.59 56.81 43.12
C ILE P 287 -7.66 55.84 44.29
N GLU P 288 -8.76 55.08 44.37
CA GLU P 288 -8.90 54.11 45.46
C GLU P 288 -7.84 53.02 45.39
N ALA P 289 -7.56 52.53 44.18
CA ALA P 289 -6.54 51.50 44.01
C ALA P 289 -5.17 52.03 44.44
N ASN P 290 -4.83 53.26 44.05
CA ASN P 290 -3.56 53.85 44.45
C ASN P 290 -3.48 54.03 45.96
N ARG P 291 -4.59 54.48 46.56
CA ARG P 291 -4.62 54.64 48.02
C ARG P 291 -4.35 53.31 48.72
N SER P 292 -5.03 52.25 48.27
CA SER P 292 -4.83 50.94 48.87
C SER P 292 -3.41 50.45 48.66
N ILE P 293 -2.85 50.63 47.45
CA ILE P 293 -1.49 50.18 47.19
C ILE P 293 -0.49 50.89 48.10
N ILE P 294 -0.63 52.22 48.23
CA ILE P 294 0.29 52.97 49.08
C ILE P 294 0.15 52.53 50.53
N LYS P 295 -1.10 52.40 51.01
CA LYS P 295 -1.31 52.06 52.42
C LYS P 295 -0.75 50.68 52.75
N ASN P 296 -0.95 49.70 51.87
CA ASN P 296 -0.44 48.36 52.14
C ASN P 296 1.06 48.24 51.91
N ALA P 297 1.61 48.97 50.94
CA ALA P 297 3.05 48.93 50.71
C ALA P 297 3.81 49.54 51.87
N ARG P 298 3.29 50.63 52.43
CA ARG P 298 3.93 51.20 53.62
C ARG P 298 3.85 50.25 54.81
N ALA P 299 2.78 49.44 54.87
CA ALA P 299 2.68 48.44 55.93
C ALA P 299 3.66 47.29 55.72
N LEU P 300 3.92 46.92 54.46
CA LEU P 300 4.88 45.85 54.19
C LEU P 300 6.30 46.22 54.59
N GLY P 301 6.62 47.51 54.60
CA GLY P 301 7.95 47.93 55.00
C GLY P 301 8.73 48.64 53.91
N PHE P 302 8.03 49.33 53.01
CA PHE P 302 8.66 50.12 51.95
C PHE P 302 8.66 51.59 52.35
N ASN P 303 9.84 52.21 52.31
CA ASN P 303 9.98 53.63 52.61
C ASN P 303 9.58 54.40 51.35
N ILE P 304 8.30 54.72 51.25
CA ILE P 304 7.72 55.34 50.07
C ILE P 304 7.32 56.76 50.41
N GLU P 305 7.78 57.72 49.61
CA GLU P 305 7.38 59.11 49.74
C GLU P 305 6.34 59.42 48.66
N VAL P 306 5.19 59.93 49.08
CA VAL P 306 4.03 60.10 48.21
C VAL P 306 3.75 61.58 48.04
N PHE P 307 3.65 62.02 46.79
CA PHE P 307 3.26 63.38 46.46
C PHE P 307 1.95 63.34 45.68
N THR P 308 1.00 64.19 46.06
CA THR P 308 -0.31 64.21 45.43
C THR P 308 -0.61 65.62 44.91
N TYR P 309 -1.34 65.69 43.81
CA TYR P 309 -1.73 66.94 43.19
C TYR P 309 -3.18 66.81 42.73
N ASN P 310 -4.06 67.61 43.34
CA ASN P 310 -5.49 67.60 43.04
C ASN P 310 -6.14 66.26 43.34
N VAL P 311 -5.59 65.53 44.32
CA VAL P 311 -6.16 64.26 44.77
C VAL P 311 -6.16 64.26 46.30
N ASP P 312 -7.30 63.88 46.89
CA ASP P 312 -7.40 63.82 48.34
C ASP P 312 -6.50 62.73 48.91
N LEU P 313 -6.61 61.51 48.36
CA LEU P 313 -5.80 60.36 48.78
C LEU P 313 -5.91 60.11 50.28
N GLY P 314 -7.12 60.23 50.81
CA GLY P 314 -7.35 59.95 52.21
C GLY P 314 -6.78 61.02 53.12
N GLU P 315 -6.77 60.69 54.41
CA GLU P 315 -6.27 61.61 55.43
C GLU P 315 -5.24 60.95 56.33
N ASP P 316 -5.32 59.63 56.46
CA ASP P 316 -4.41 58.89 57.33
C ASP P 316 -3.09 58.53 56.66
N ILE P 317 -2.92 58.86 55.39
CA ILE P 317 -1.69 58.56 54.66
C ILE P 317 -0.86 59.84 54.57
N GLU P 318 0.39 59.77 55.01
CA GLU P 318 1.28 60.92 54.98
C GLU P 318 1.67 61.20 53.54
N ALA P 319 1.04 62.20 52.93
CA ALA P 319 1.30 62.58 51.54
C ALA P 319 1.55 64.07 51.47
N THR P 320 2.49 64.47 50.63
CA THR P 320 2.81 65.88 50.41
C THR P 320 1.93 66.43 49.30
N LYS P 321 1.17 67.48 49.61
CA LYS P 321 0.25 68.09 48.65
C LYS P 321 1.05 69.06 47.79
N VAL P 322 1.46 68.61 46.60
CA VAL P 322 2.18 69.47 45.68
C VAL P 322 1.18 70.30 44.87
N SER P 323 1.61 71.48 44.43
CA SER P 323 0.73 72.44 43.79
C SER P 323 0.94 72.56 42.28
N SER P 324 2.03 72.05 41.74
CA SER P 324 2.27 72.08 40.31
C SER P 324 3.26 70.97 39.96
N VAL P 325 3.83 71.04 38.77
CA VAL P 325 4.69 69.96 38.27
C VAL P 325 6.15 70.19 38.65
N GLU P 326 6.67 71.40 38.43
CA GLU P 326 8.10 71.61 38.61
C GLU P 326 8.48 71.65 40.09
N GLU P 327 7.56 72.04 40.98
CA GLU P 327 7.83 71.91 42.40
C GLU P 327 7.71 70.47 42.88
N LEU P 328 6.90 69.64 42.21
CA LEU P 328 7.00 68.21 42.43
C LEU P 328 8.39 67.70 42.07
N VAL P 329 8.95 68.23 40.98
CA VAL P 329 10.32 67.89 40.61
C VAL P 329 11.30 68.40 41.67
N ALA P 330 11.02 69.57 42.24
CA ALA P 330 11.88 70.09 43.30
C ALA P 330 11.85 69.16 44.52
N ASN P 331 10.68 68.70 44.90
CA ASN P 331 10.56 67.74 46.00
C ASN P 331 11.30 66.45 45.68
N LEU P 332 11.19 65.98 44.43
CA LEU P 332 11.86 64.76 44.02
C LEU P 332 13.38 64.91 44.03
N VAL P 333 13.90 66.08 43.65
CA VAL P 333 15.34 66.30 43.62
C VAL P 333 15.90 66.70 44.97
N LYS P 334 15.06 67.09 45.94
CA LYS P 334 15.56 67.35 47.28
C LYS P 334 16.09 66.08 47.93
N MET P 335 15.58 64.92 47.53
CA MET P 335 16.00 63.64 48.09
C MET P 335 17.01 62.91 47.20
N VAL P 336 17.52 63.59 46.17
CA VAL P 336 18.51 63.06 45.22
C VAL P 336 18.30 61.59 44.88
N MET R 1 16.39 83.74 24.35
CA MET R 1 15.09 84.38 24.53
C MET R 1 13.95 83.40 24.29
N TYR R 2 13.62 82.63 25.33
CA TYR R 2 12.55 81.63 25.25
C TYR R 2 11.27 82.27 25.80
N VAL R 3 10.56 82.99 24.95
CA VAL R 3 9.41 83.77 25.36
C VAL R 3 8.17 82.89 25.35
N ARG R 4 7.36 83.01 26.41
CA ARG R 4 6.07 82.33 26.49
C ARG R 4 5.02 83.36 26.85
N ILE R 5 4.03 83.52 25.98
CA ILE R 5 2.96 84.51 26.16
C ILE R 5 1.62 83.80 26.09
N SER R 6 0.74 84.10 27.05
CA SER R 6 -0.60 83.52 27.05
C SER R 6 -1.56 84.51 27.68
N GLY R 7 -2.77 84.58 27.13
CA GLY R 7 -3.73 85.53 27.66
C GLY R 7 -5.07 85.45 26.98
N ARG R 8 -5.93 86.40 27.33
CA ARG R 8 -7.31 86.48 26.86
C ARG R 8 -7.51 87.76 26.07
N ILE R 9 -8.23 87.63 24.94
CA ILE R 9 -8.61 88.73 24.08
C ILE R 9 -10.10 88.61 23.77
N ARG R 10 -10.67 89.71 23.28
CA ARG R 10 -12.09 89.75 22.91
C ARG R 10 -12.19 89.94 21.40
N LEU R 11 -12.39 88.84 20.68
CA LEU R 11 -12.54 88.87 19.23
C LEU R 11 -14.03 88.99 18.90
N ASN R 12 -14.44 90.19 18.51
CA ASN R 12 -15.84 90.49 18.25
C ASN R 12 -16.03 90.79 16.77
N ALA R 13 -17.08 90.18 16.18
CA ALA R 13 -17.45 90.40 14.78
C ALA R 13 -16.29 90.06 13.85
N HIS R 14 -15.94 88.76 13.83
CA HIS R 14 -14.84 88.28 13.03
C HIS R 14 -15.31 87.14 12.12
N SER R 15 -14.57 86.94 11.04
CA SER R 15 -14.77 85.82 10.13
C SER R 15 -13.43 85.21 9.77
N LEU R 16 -12.52 85.14 10.73
CA LEU R 16 -11.18 84.65 10.48
C LEU R 16 -11.19 83.14 10.24
N ASN R 17 -10.43 82.71 9.23
CA ASN R 17 -10.18 81.30 8.96
C ASN R 17 -11.48 80.53 8.73
N ALA R 18 -12.14 80.87 7.63
CA ALA R 18 -13.33 80.15 7.20
C ALA R 18 -12.94 78.76 6.69
N GLN R 19 -13.92 78.01 6.20
CA GLN R 19 -13.69 76.67 5.67
C GLN R 19 -13.66 76.64 4.15
N GLY R 20 -13.63 77.79 3.50
CA GLY R 20 -13.55 77.83 2.03
C GLY R 20 -14.84 77.66 1.28
N GLY R 21 -15.58 76.58 1.55
CA GLY R 21 -16.86 76.35 0.94
C GLY R 21 -16.83 75.93 -0.52
N GLY R 22 -15.65 75.77 -1.11
CA GLY R 22 -15.56 75.37 -2.50
C GLY R 22 -16.00 76.41 -3.49
N GLY R 23 -16.04 77.68 -3.09
CA GLY R 23 -16.44 78.75 -3.99
C GLY R 23 -17.93 78.91 -4.20
N THR R 24 -18.75 78.20 -3.44
CA THR R 24 -20.20 78.29 -3.61
C THR R 24 -20.71 79.53 -2.88
N ASN R 25 -22.04 79.70 -2.85
CA ASN R 25 -22.64 80.87 -2.24
C ASN R 25 -22.51 80.89 -0.73
N TYR R 26 -22.28 79.73 -0.11
CA TYR R 26 -22.25 79.62 1.35
C TYR R 26 -20.85 79.27 1.80
N ILE R 27 -20.29 80.08 2.71
CA ILE R 27 -19.00 79.83 3.32
C ILE R 27 -19.13 79.98 4.83
N GLU R 28 -18.52 79.06 5.58
CA GLU R 28 -18.69 78.99 7.01
C GLU R 28 -17.32 79.05 7.70
N ILE R 29 -17.35 79.39 8.99
CA ILE R 29 -16.14 79.50 9.79
C ILE R 29 -15.73 78.11 10.27
N THR R 30 -14.42 77.90 10.42
CA THR R 30 -13.92 76.63 10.94
C THR R 30 -14.41 76.42 12.37
N LYS R 31 -14.84 75.20 12.66
CA LYS R 31 -15.34 74.83 13.97
C LYS R 31 -14.61 73.59 14.46
N THR R 32 -14.40 73.52 15.77
CA THR R 32 -13.67 72.42 16.39
C THR R 32 -14.39 71.99 17.66
N LYS R 33 -14.14 70.75 18.05
CA LYS R 33 -14.74 70.19 19.26
C LYS R 33 -13.86 70.48 20.47
N VAL R 34 -14.45 71.04 21.51
CA VAL R 34 -13.74 71.29 22.76
C VAL R 34 -14.54 70.68 23.91
N THR R 35 -13.82 70.23 24.93
CA THR R 35 -14.42 69.54 26.07
C THR R 35 -14.45 70.48 27.27
N VAL R 36 -15.61 70.56 27.93
CA VAL R 36 -15.79 71.37 29.12
C VAL R 36 -16.42 70.52 30.21
N ARG R 37 -16.03 70.77 31.46
CA ARG R 37 -16.46 69.92 32.56
C ARG R 37 -17.94 70.11 32.87
N THR R 38 -18.38 71.36 32.96
CA THR R 38 -19.76 71.75 33.31
C THR R 38 -20.19 71.21 34.68
N GLU R 39 -19.25 70.73 35.49
CA GLU R 39 -19.51 70.31 36.87
C GLU R 39 -20.47 69.12 36.96
N ASN R 40 -20.88 68.56 35.82
CA ASN R 40 -21.77 67.41 35.84
C ASN R 40 -21.38 66.39 34.77
N GLY R 41 -20.08 66.28 34.48
CA GLY R 41 -19.63 65.37 33.46
C GLY R 41 -19.14 66.07 32.21
N TRP R 42 -17.95 65.70 31.74
CA TRP R 42 -17.36 66.36 30.58
C TRP R 42 -18.25 66.22 29.36
N THR R 43 -18.41 67.32 28.63
CA THR R 43 -19.20 67.34 27.40
C THR R 43 -18.41 68.07 26.31
N VAL R 44 -18.61 67.62 25.08
CA VAL R 44 -17.93 68.20 23.92
C VAL R 44 -18.90 69.11 23.19
N VAL R 45 -18.38 70.22 22.67
CA VAL R 45 -19.18 71.21 21.96
C VAL R 45 -18.42 71.71 20.75
N GLU R 46 -19.14 71.96 19.67
CA GLU R 46 -18.60 72.56 18.46
C GLU R 46 -18.54 74.07 18.62
N VAL R 47 -17.36 74.65 18.44
CA VAL R 47 -17.18 76.09 18.62
C VAL R 47 -16.30 76.63 17.51
N PRO R 48 -16.54 77.89 17.13
CA PRO R 48 -15.64 78.54 16.16
C PRO R 48 -14.24 78.70 16.74
N ALA R 49 -13.26 78.63 15.85
CA ALA R 49 -11.86 78.70 16.26
C ALA R 49 -11.01 79.17 15.11
N ILE R 50 -9.80 79.60 15.44
CA ILE R 50 -8.78 79.99 14.46
C ILE R 50 -7.60 79.06 14.63
N THR R 51 -7.23 78.39 13.55
CA THR R 51 -6.15 77.41 13.61
C THR R 51 -4.83 78.09 13.95
N GLY R 52 -3.93 77.34 14.58
CA GLY R 52 -2.60 77.85 14.86
C GLY R 52 -1.78 78.08 13.62
N ASN R 53 -2.12 77.43 12.51
CA ASN R 53 -1.42 77.68 11.25
C ASN R 53 -1.63 79.12 10.80
N MET R 54 -2.85 79.64 10.94
CA MET R 54 -3.11 81.03 10.56
C MET R 54 -2.31 82.00 11.43
N LEU R 55 -2.26 81.74 12.73
CA LEU R 55 -1.48 82.60 13.63
C LEU R 55 0.00 82.53 13.30
N LYS R 56 0.51 81.34 12.99
CA LYS R 56 1.92 81.20 12.64
C LYS R 56 2.23 81.94 11.34
N HIS R 57 1.35 81.84 10.35
CA HIS R 57 1.57 82.58 9.10
C HIS R 57 1.53 84.08 9.33
N TRP R 58 0.63 84.54 10.20
CA TRP R 58 0.58 85.98 10.48
C TRP R 58 1.81 86.44 11.25
N HIS R 59 2.35 85.57 12.12
CA HIS R 59 3.63 85.90 12.76
C HIS R 59 4.75 86.00 11.73
N PHE R 60 4.74 85.08 10.74
CA PHE R 60 5.73 85.15 9.67
C PHE R 60 5.59 86.44 8.88
N VAL R 61 4.35 86.85 8.61
CA VAL R 61 4.11 88.10 7.88
C VAL R 61 4.63 89.29 8.67
N GLY R 62 4.31 89.34 9.96
CA GLY R 62 4.83 90.42 10.79
C GLY R 62 6.35 90.42 10.86
N PHE R 63 6.95 89.22 10.91
CA PHE R 63 8.40 89.11 10.98
C PHE R 63 9.06 89.66 9.72
N VAL R 64 8.55 89.28 8.55
CA VAL R 64 9.15 89.80 7.32
C VAL R 64 8.89 91.29 7.19
N ASP R 65 7.72 91.75 7.64
CA ASP R 65 7.41 93.19 7.58
C ASP R 65 8.38 94.00 8.43
N TYR R 66 8.66 93.53 9.65
CA TYR R 66 9.57 94.25 10.54
C TYR R 66 11.04 93.94 10.28
N PHE R 67 11.34 92.94 9.45
CA PHE R 67 12.72 92.63 9.10
C PHE R 67 13.16 93.28 7.80
N LYS R 68 12.23 93.61 6.90
CA LYS R 68 12.60 94.31 5.69
C LYS R 68 13.16 95.70 5.99
N THR R 69 12.73 96.31 7.09
CA THR R 69 13.23 97.64 7.45
C THR R 69 14.70 97.59 7.85
N THR R 70 15.13 96.53 8.51
CA THR R 70 16.50 96.45 9.00
C THR R 70 17.48 96.41 7.83
N PRO R 71 18.69 96.95 7.99
CA PRO R 71 19.67 96.87 6.91
C PRO R 71 20.07 95.45 6.54
N TYR R 72 19.88 94.50 7.45
CA TYR R 72 20.16 93.09 7.18
C TYR R 72 18.96 92.38 6.56
N GLY R 73 17.96 93.13 6.10
CA GLY R 73 16.74 92.55 5.55
C GLY R 73 16.84 92.04 4.13
N VAL R 74 18.00 92.18 3.50
CA VAL R 74 18.17 91.62 2.16
C VAL R 74 18.10 90.10 2.20
N ASN R 75 18.58 89.49 3.27
CA ASN R 75 18.64 88.03 3.38
C ASN R 75 17.24 87.49 3.62
N LEU R 76 16.46 87.42 2.54
CA LEU R 76 15.10 86.92 2.58
C LEU R 76 14.77 86.24 1.27
N THR R 77 13.84 85.28 1.34
CA THR R 77 13.36 84.63 0.13
C THR R 77 12.45 85.58 -0.64
N GLU R 78 12.49 85.48 -1.97
CA GLU R 78 11.65 86.33 -2.81
C GLU R 78 10.18 86.09 -2.54
N ARG R 79 9.81 84.85 -2.20
CA ARG R 79 8.42 84.55 -1.90
C ARG R 79 7.98 85.18 -0.58
N ALA R 80 8.91 85.34 0.36
CA ALA R 80 8.58 86.02 1.61
C ALA R 80 8.25 87.49 1.41
N LEU R 81 8.75 88.09 0.32
CA LEU R 81 8.43 89.49 0.05
C LEU R 81 6.95 89.68 -0.23
N ARG R 82 6.34 88.74 -0.95
CA ARG R 82 4.92 88.78 -1.26
C ARG R 82 4.08 88.01 -0.24
N TYR R 83 4.66 87.70 0.93
CA TYR R 83 3.97 87.02 2.02
C TYR R 83 3.56 85.60 1.65
N ASN R 84 4.18 85.02 0.63
CA ASN R 84 3.89 83.63 0.28
C ASN R 84 4.36 82.71 1.39
N GLY R 85 3.50 81.76 1.78
CA GLY R 85 3.78 80.97 2.96
C GLY R 85 4.68 79.77 2.72
N THR R 86 4.64 79.19 1.53
CA THR R 86 5.39 77.97 1.27
C THR R 86 6.89 78.25 1.31
N ARG R 87 7.66 77.23 1.68
CA ARG R 87 9.10 77.32 1.74
C ARG R 87 9.79 76.62 0.58
N PHE R 88 9.48 75.34 0.35
CA PHE R 88 10.07 74.60 -0.74
C PHE R 88 9.04 73.62 -1.28
N GLY R 89 8.98 73.53 -2.61
CA GLY R 89 7.99 72.69 -3.25
C GLY R 89 8.36 71.21 -3.16
N GLN R 90 7.55 70.40 -3.85
CA GLN R 90 7.76 68.96 -3.83
C GLN R 90 9.10 68.57 -4.44
N GLY R 91 9.53 69.27 -5.49
CA GLY R 91 10.77 68.92 -6.16
C GLY R 91 11.64 70.11 -6.52
N GLU R 92 11.51 71.21 -5.78
CA GLU R 92 12.33 72.38 -6.04
C GLU R 92 13.80 72.09 -5.72
N THR R 93 14.69 72.46 -6.62
CA THR R 93 16.12 72.18 -6.50
C THR R 93 16.90 73.33 -5.88
N THR R 94 16.69 74.56 -6.34
CA THR R 94 17.35 75.74 -5.80
C THR R 94 16.32 76.72 -5.29
N ALA R 95 16.79 77.79 -4.65
CA ALA R 95 15.92 78.84 -4.15
C ALA R 95 16.45 80.19 -4.59
N THR R 96 15.53 81.12 -4.80
CA THR R 96 15.85 82.45 -5.28
C THR R 96 15.80 83.44 -4.12
N LYS R 97 16.90 84.16 -3.91
CA LYS R 97 16.97 85.15 -2.85
C LYS R 97 16.17 86.40 -3.24
N ALA R 98 16.08 87.35 -2.30
CA ALA R 98 15.33 88.57 -2.56
C ALA R 98 15.95 89.37 -3.70
N ASN R 99 17.28 89.45 -3.74
CA ASN R 99 17.97 90.22 -4.76
C ASN R 99 18.17 89.47 -6.06
N GLY R 100 17.71 88.22 -6.14
CA GLY R 100 17.86 87.42 -7.34
C GLY R 100 18.98 86.40 -7.29
N ALA R 101 19.68 86.29 -6.17
CA ALA R 101 20.73 85.29 -6.04
C ALA R 101 20.12 83.90 -5.93
N THR R 102 20.95 82.89 -6.23
CA THR R 102 20.54 81.50 -6.18
C THR R 102 21.26 80.80 -5.04
N VAL R 103 20.50 80.12 -4.18
CA VAL R 103 21.03 79.39 -3.05
C VAL R 103 20.62 77.92 -3.17
N GLN R 104 21.52 77.03 -2.75
CA GLN R 104 21.28 75.61 -2.84
C GLN R 104 20.54 75.11 -1.60
N LEU R 105 20.03 73.89 -1.69
CA LEU R 105 19.28 73.24 -0.61
C LEU R 105 20.05 72.07 -0.01
N ASN R 106 21.36 72.24 0.17
CA ASN R 106 22.18 71.32 0.91
C ASN R 106 23.04 72.11 1.88
N ASP R 107 23.46 71.47 2.97
CA ASP R 107 24.24 72.11 4.02
C ASP R 107 23.48 73.31 4.60
N GLU R 108 22.39 72.98 5.30
CA GLU R 108 21.43 73.95 5.81
C GLU R 108 22.06 75.09 6.59
N ALA R 109 23.34 74.94 6.97
CA ALA R 109 24.06 76.05 7.56
C ALA R 109 24.14 77.25 6.61
N THR R 110 24.09 76.99 5.31
CA THR R 110 24.04 78.07 4.34
C THR R 110 22.62 78.57 4.12
N ILE R 111 21.64 77.67 4.17
CA ILE R 111 20.25 78.05 3.98
C ILE R 111 19.80 79.01 5.08
N ILE R 112 20.12 78.67 6.33
CA ILE R 112 19.79 79.56 7.43
C ILE R 112 20.64 80.83 7.40
N LYS R 113 21.81 80.77 6.76
CA LYS R 113 22.65 81.96 6.69
C LYS R 113 22.11 82.98 5.69
N GLU R 114 21.61 82.51 4.55
CA GLU R 114 21.17 83.39 3.48
C GLU R 114 19.68 83.71 3.53
N LEU R 115 18.88 82.94 4.26
CA LEU R 115 17.44 83.14 4.32
C LEU R 115 17.04 83.31 5.78
N ALA R 116 16.38 84.41 6.11
CA ALA R 116 15.96 84.68 7.47
C ALA R 116 14.57 84.15 7.79
N ASP R 117 13.69 84.08 6.79
CA ASP R 117 12.36 83.49 7.02
C ASP R 117 12.46 82.00 7.32
N ALA R 118 13.29 81.27 6.57
CA ALA R 118 13.45 79.85 6.83
C ALA R 118 14.24 79.60 8.10
N ASP R 119 15.14 80.52 8.47
CA ASP R 119 15.89 80.38 9.72
C ASP R 119 14.96 80.45 10.92
N VAL R 120 13.97 81.33 10.88
CA VAL R 120 13.08 81.54 12.02
C VAL R 120 11.88 80.59 12.02
N HIS R 121 11.25 80.36 10.87
CA HIS R 121 10.02 79.59 10.80
C HIS R 121 10.22 78.19 10.22
N GLY R 122 11.46 77.78 9.99
CA GLY R 122 11.72 76.43 9.53
C GLY R 122 11.41 76.24 8.05
N PHE R 123 11.81 75.08 7.54
CA PHE R 123 11.58 74.73 6.16
C PHE R 123 11.58 73.21 6.02
N LEU R 124 11.41 72.74 4.79
CA LEU R 124 11.51 71.31 4.48
C LEU R 124 11.77 71.17 3.00
N ALA R 125 12.83 70.43 2.64
CA ALA R 125 13.17 70.18 1.25
C ALA R 125 12.98 68.70 0.95
N PRO R 126 11.85 68.29 0.36
CA PRO R 126 11.63 66.86 0.11
C PRO R 126 12.67 66.23 -0.81
N LYS R 127 13.17 66.97 -1.79
CA LYS R 127 14.11 66.38 -2.75
C LYS R 127 15.48 66.12 -2.11
N THR R 128 16.00 67.11 -1.39
CA THR R 128 17.32 66.98 -0.77
C THR R 128 17.27 66.44 0.65
N GLY R 129 16.09 66.33 1.25
CA GLY R 129 15.96 65.80 2.58
C GLY R 129 16.22 66.77 3.71
N ARG R 130 16.60 68.01 3.40
CA ARG R 130 16.89 68.99 4.44
C ARG R 130 15.63 69.36 5.19
N ARG R 131 15.78 69.64 6.47
CA ARG R 131 14.65 69.98 7.33
C ARG R 131 15.13 70.89 8.45
N ARG R 132 14.18 71.59 9.06
CA ARG R 132 14.46 72.47 10.18
C ARG R 132 13.16 72.74 10.92
N VAL R 133 13.21 72.61 12.24
CA VAL R 133 12.04 72.80 13.10
C VAL R 133 11.85 74.28 13.35
N SER R 134 10.61 74.75 13.19
CA SER R 134 10.31 76.16 13.38
C SER R 134 10.52 76.58 14.83
N LEU R 135 11.12 77.76 15.01
CA LEU R 135 11.35 78.29 16.35
C LEU R 135 10.09 78.86 16.99
N VAL R 136 9.06 79.17 16.19
CA VAL R 136 7.82 79.74 16.67
C VAL R 136 6.73 78.68 16.61
N LYS R 137 6.06 78.46 17.74
CA LYS R 137 5.01 77.46 17.84
C LYS R 137 3.73 78.14 18.32
N ALA R 138 2.65 77.98 17.55
CA ALA R 138 1.39 78.66 17.82
C ALA R 138 0.30 77.62 18.08
N SER R 139 -0.50 77.87 19.11
CA SER R 139 -1.60 77.00 19.47
C SER R 139 -2.91 77.53 18.90
N PHE R 140 -3.95 76.71 19.02
CA PHE R 140 -5.26 77.09 18.53
C PHE R 140 -5.81 78.27 19.33
N ILE R 141 -6.67 79.05 18.70
CA ILE R 141 -7.42 80.11 19.36
C ILE R 141 -8.82 79.60 19.63
N LEU R 142 -9.19 79.49 20.90
CA LEU R 142 -10.45 78.90 21.29
C LEU R 142 -11.18 79.82 22.26
N PRO R 143 -12.51 79.81 22.25
CA PRO R 143 -13.25 80.54 23.28
C PRO R 143 -12.94 79.99 24.66
N THR R 144 -12.78 80.89 25.63
CA THR R 144 -12.31 80.51 26.94
C THR R 144 -13.39 79.75 27.72
N GLU R 145 -12.92 78.96 28.70
CA GLU R 145 -13.81 78.05 29.42
C GLU R 145 -14.87 78.79 30.23
N ASP R 146 -14.47 79.86 30.92
CA ASP R 146 -15.42 80.58 31.76
C ASP R 146 -16.42 81.39 30.94
N PHE R 147 -16.22 81.55 29.64
CA PHE R 147 -17.17 82.20 28.76
C PHE R 147 -18.05 81.21 28.02
N ILE R 148 -17.49 80.08 27.60
CA ILE R 148 -18.26 79.04 26.92
C ILE R 148 -19.26 78.39 27.86
N LYS R 149 -18.97 78.35 29.16
CA LYS R 149 -19.82 77.65 30.12
C LYS R 149 -21.00 78.49 30.60
N GLU R 150 -21.00 79.79 30.31
CA GLU R 150 -22.07 80.67 30.77
C GLU R 150 -23.03 81.09 29.67
N VAL R 151 -22.67 80.88 28.40
CA VAL R 151 -23.59 81.25 27.32
C VAL R 151 -24.78 80.30 27.29
N GLU R 152 -24.55 79.01 27.53
CA GLU R 152 -25.61 77.99 27.54
C GLU R 152 -26.35 77.98 26.20
N GLY R 153 -25.61 77.63 25.15
CA GLY R 153 -26.09 77.74 23.80
C GLY R 153 -25.38 78.87 23.06
N GLU R 154 -26.14 79.76 22.42
CA GLU R 154 -25.60 80.98 21.84
C GLU R 154 -24.48 80.66 20.83
N ARG R 155 -24.92 80.09 19.70
CA ARG R 155 -24.03 79.58 18.66
C ARG R 155 -22.89 80.54 18.30
N LEU R 156 -23.06 81.85 18.54
CA LEU R 156 -22.06 82.88 18.30
C LEU R 156 -21.86 83.16 16.81
N ILE R 157 -22.52 82.41 15.95
CA ILE R 157 -22.39 82.56 14.50
C ILE R 157 -23.66 83.23 13.98
N THR R 158 -23.47 84.27 13.17
CA THR R 158 -24.58 85.09 12.68
C THR R 158 -24.97 84.77 11.24
N ALA R 159 -24.00 84.42 10.39
CA ALA R 159 -24.24 84.09 8.98
C ALA R 159 -24.94 85.25 8.26
N ILE R 160 -24.25 86.38 8.19
CA ILE R 160 -24.78 87.55 7.51
C ILE R 160 -24.78 87.30 6.01
N LYS R 161 -25.90 87.61 5.36
CA LYS R 161 -26.09 87.37 3.93
C LYS R 161 -25.97 88.70 3.19
N HIS R 162 -24.86 88.89 2.48
CA HIS R 162 -24.64 90.06 1.63
C HIS R 162 -24.22 89.59 0.26
N ASN R 163 -24.89 90.07 -0.78
CA ASN R 163 -24.68 89.62 -2.14
C ASN R 163 -24.20 90.76 -3.03
N ARG R 164 -23.35 90.41 -4.00
CA ARG R 164 -22.81 91.39 -4.94
C ARG R 164 -23.87 91.77 -5.96
N VAL R 165 -24.00 93.06 -6.21
CA VAL R 165 -24.90 93.59 -7.24
C VAL R 165 -24.09 93.85 -8.50
N ASP R 166 -24.61 93.39 -9.64
CA ASP R 166 -23.94 93.53 -10.92
C ASP R 166 -24.93 94.04 -11.96
N VAL R 167 -24.52 95.04 -12.73
CA VAL R 167 -25.34 95.61 -13.79
C VAL R 167 -24.47 95.79 -15.02
N ASP R 168 -25.04 95.51 -16.20
CA ASP R 168 -24.31 95.68 -17.45
C ASP R 168 -24.33 97.15 -17.86
N GLU R 169 -23.89 97.43 -19.09
CA GLU R 169 -23.85 98.82 -19.55
C GLU R 169 -25.24 99.41 -19.75
N LYS R 170 -26.27 98.57 -19.84
CA LYS R 170 -27.65 99.04 -19.90
C LYS R 170 -28.33 99.07 -18.54
N GLY R 171 -27.62 98.70 -17.48
CA GLY R 171 -28.22 98.66 -16.16
C GLY R 171 -29.29 97.60 -16.00
N ALA R 172 -29.06 96.41 -16.53
CA ALA R 172 -30.00 95.31 -16.45
C ALA R 172 -29.43 94.21 -15.58
N ILE R 173 -30.25 93.71 -14.64
CA ILE R 173 -29.79 92.65 -13.74
C ILE R 173 -29.49 91.38 -14.51
N GLY R 174 -30.36 91.00 -15.44
CA GLY R 174 -30.18 89.78 -16.20
C GLY R 174 -30.77 88.57 -15.50
N SER R 175 -30.45 87.41 -16.06
CA SER R 175 -30.94 86.13 -15.53
C SER R 175 -29.78 85.15 -15.51
N SER R 176 -30.10 83.88 -15.26
CA SER R 176 -29.06 82.85 -15.16
C SER R 176 -28.38 82.59 -16.50
N LYS R 177 -29.12 82.69 -17.60
CA LYS R 177 -28.52 82.44 -18.91
C LYS R 177 -27.46 83.48 -19.25
N GLU R 178 -27.65 84.72 -18.81
CA GLU R 178 -26.65 85.76 -19.04
C GLU R 178 -25.51 85.71 -18.04
N GLY R 179 -25.66 85.00 -16.92
CA GLY R 179 -24.59 84.84 -15.96
C GLY R 179 -24.43 86.02 -15.04
N THR R 180 -23.85 87.12 -15.56
CA THR R 180 -23.65 88.37 -14.84
C THR R 180 -22.74 88.21 -13.63
N ALA R 181 -22.19 87.00 -13.42
CA ALA R 181 -21.29 86.70 -12.31
C ALA R 181 -21.88 87.12 -10.97
N GLN R 182 -23.15 86.77 -10.77
CA GLN R 182 -23.88 87.14 -9.56
C GLN R 182 -23.89 85.94 -8.60
N MET R 183 -23.16 86.08 -7.49
CA MET R 183 -23.12 85.06 -6.45
C MET R 183 -23.75 85.61 -5.18
N LEU R 184 -24.40 84.73 -4.43
CA LEU R 184 -25.02 85.14 -3.17
C LEU R 184 -23.98 85.53 -2.14
N PHE R 185 -22.92 84.72 -2.00
CA PHE R 185 -21.77 85.03 -1.15
C PHE R 185 -22.20 85.30 0.29
N SER R 186 -22.73 84.24 0.92
CA SER R 186 -23.14 84.29 2.31
C SER R 186 -22.01 83.81 3.20
N ARG R 187 -21.65 84.63 4.20
CA ARG R 187 -20.51 84.37 5.06
C ARG R 187 -20.94 84.41 6.52
N GLU R 188 -20.33 83.54 7.32
CA GLU R 188 -20.60 83.47 8.75
C GLU R 188 -19.67 84.39 9.52
N TYR R 189 -20.21 85.06 10.54
CA TYR R 189 -19.46 85.96 11.39
C TYR R 189 -19.61 85.51 12.84
N ALA R 190 -18.49 85.46 13.56
CA ALA R 190 -18.46 84.97 14.93
C ALA R 190 -18.09 86.09 15.89
N THR R 191 -18.03 85.74 17.18
CA THR R 191 -17.68 86.67 18.25
C THR R 191 -17.36 85.85 19.50
N GLY R 192 -16.94 86.54 20.55
CA GLY R 192 -16.71 85.90 21.84
C GLY R 192 -15.40 86.31 22.46
N LEU R 193 -15.03 85.59 23.52
CA LEU R 193 -13.81 85.83 24.28
C LEU R 193 -12.89 84.63 24.10
N TYR R 194 -11.68 84.87 23.60
CA TYR R 194 -10.77 83.80 23.22
C TYR R 194 -9.45 83.94 23.99
N GLY R 195 -8.60 82.94 23.83
CA GLY R 195 -7.30 82.94 24.49
C GLY R 195 -6.21 82.40 23.60
N PHE R 196 -4.97 82.77 23.92
CA PHE R 196 -3.82 82.34 23.14
C PHE R 196 -2.70 81.89 24.06
N SER R 197 -1.85 81.02 23.54
CA SER R 197 -0.65 80.53 24.22
C SER R 197 0.54 80.49 23.27
N ILE R 198 0.76 81.58 22.55
CA ILE R 198 1.88 81.65 21.60
C ILE R 198 3.20 81.57 22.34
N VAL R 199 4.14 80.77 21.81
CA VAL R 199 5.46 80.61 22.37
C VAL R 199 6.49 80.86 21.28
N LEU R 200 7.70 81.23 21.70
CA LEU R 200 8.78 81.60 20.78
C LEU R 200 10.11 81.11 21.35
N ASP R 201 10.71 80.12 20.71
CA ASP R 201 12.03 79.63 21.09
C ASP R 201 13.09 80.21 20.15
N LEU R 202 13.40 81.47 20.38
CA LEU R 202 14.33 82.21 19.53
C LEU R 202 15.78 82.08 19.95
N GLY R 203 16.07 81.27 20.98
CA GLY R 203 17.44 81.11 21.43
C GLY R 203 18.33 80.36 20.47
N LEU R 204 17.74 79.63 19.52
CA LEU R 204 18.49 78.79 18.60
C LEU R 204 18.57 79.39 17.20
N VAL R 205 18.18 80.66 17.03
CA VAL R 205 18.24 81.27 15.71
C VAL R 205 19.68 81.44 15.27
N GLY R 206 19.90 81.34 13.96
CA GLY R 206 21.25 81.46 13.43
C GLY R 206 22.17 80.31 13.77
N ILE R 207 21.62 79.17 14.17
CA ILE R 207 22.42 78.00 14.54
C ILE R 207 21.84 76.78 13.85
N PRO R 208 22.64 76.01 13.10
CA PRO R 208 22.10 74.84 12.41
C PRO R 208 21.64 73.77 13.39
N GLN R 209 20.60 73.03 12.97
CA GLN R 209 20.07 71.97 13.82
C GLN R 209 21.02 70.79 13.93
N GLY R 210 21.78 70.51 12.87
CA GLY R 210 22.65 69.33 12.89
C GLY R 210 23.78 69.42 13.89
N LEU R 211 24.41 70.59 13.98
CA LEU R 211 25.55 70.81 14.87
C LEU R 211 25.25 72.05 15.72
N PRO R 212 24.37 71.92 16.72
CA PRO R 212 24.04 73.10 17.55
C PRO R 212 25.24 73.67 18.30
N VAL R 213 26.19 72.85 18.72
CA VAL R 213 27.28 73.28 19.57
C VAL R 213 28.59 72.73 19.00
N LYS R 214 29.68 73.43 19.31
CA LYS R 214 31.02 73.04 18.89
C LYS R 214 31.93 73.01 20.11
N PHE R 215 32.90 72.08 20.09
CA PHE R 215 33.83 71.86 21.19
C PHE R 215 35.24 72.15 20.70
N GLU R 216 35.80 73.28 21.14
CA GLU R 216 37.19 73.59 20.80
C GLU R 216 38.15 72.75 21.63
N GLU R 217 38.12 72.93 22.96
CA GLU R 217 38.87 72.06 23.88
C GLU R 217 37.93 71.74 25.04
N ASN R 218 37.12 70.69 24.85
CA ASN R 218 36.19 70.20 25.87
C ASN R 218 35.32 71.32 26.46
N GLN R 219 35.03 72.34 25.65
CA GLN R 219 34.19 73.44 26.09
C GLN R 219 33.12 73.74 25.03
N PRO R 220 31.89 73.98 25.46
CA PRO R 220 30.81 74.21 24.49
C PRO R 220 30.76 75.66 24.01
N ARG R 221 30.49 75.82 22.72
CA ARG R 221 30.30 77.15 22.16
C ARG R 221 29.22 77.04 21.09
N PRO R 222 28.23 77.94 21.09
CA PRO R 222 27.17 77.87 20.07
C PRO R 222 27.73 78.01 18.67
N ASN R 223 27.17 77.25 17.74
CA ASN R 223 27.60 77.27 16.34
C ASN R 223 26.86 78.37 15.59
N ILE R 224 27.26 79.61 15.90
CA ILE R 224 26.68 80.78 15.25
C ILE R 224 27.36 80.96 13.90
N VAL R 225 26.61 80.86 12.82
CA VAL R 225 27.17 80.96 11.48
C VAL R 225 27.12 82.40 10.96
N ILE R 226 26.02 83.10 11.20
CA ILE R 226 25.85 84.49 10.74
C ILE R 226 26.54 85.43 11.72
N ASP R 227 26.66 86.70 11.34
CA ASP R 227 27.28 87.68 12.22
C ASP R 227 26.42 87.87 13.47
N PRO R 228 27.03 88.19 14.61
CA PRO R 228 26.24 88.42 15.83
C PRO R 228 25.22 89.55 15.68
N ASN R 229 25.57 90.60 14.94
CA ASN R 229 24.61 91.68 14.70
C ASN R 229 23.41 91.19 13.91
N GLU R 230 23.65 90.30 12.95
CA GLU R 230 22.55 89.69 12.21
C GLU R 230 21.63 88.91 13.14
N ARG R 231 22.22 88.14 14.06
CA ARG R 231 21.42 87.40 15.03
C ARG R 231 20.59 88.35 15.89
N LYS R 232 21.21 89.43 16.37
CA LYS R 232 20.47 90.39 17.19
C LYS R 232 19.30 90.97 16.42
N ALA R 233 19.57 91.49 15.22
CA ALA R 233 18.52 92.12 14.43
C ALA R 233 17.39 91.14 14.12
N ARG R 234 17.73 89.88 13.83
CA ARG R 234 16.71 88.86 13.67
C ARG R 234 15.90 88.68 14.95
N ILE R 235 16.56 88.76 16.10
CA ILE R 235 15.85 88.60 17.37
C ILE R 235 14.83 89.71 17.57
N GLU R 236 15.25 90.97 17.38
CA GLU R 236 14.26 92.04 17.56
C GLU R 236 13.19 92.01 16.48
N SER R 237 13.51 91.58 15.26
CA SER R 237 12.47 91.45 14.24
C SER R 237 11.43 90.41 14.64
N ALA R 238 11.89 89.26 15.14
CA ALA R 238 10.95 88.24 15.59
C ALA R 238 10.11 88.72 16.78
N LEU R 239 10.74 89.44 17.71
CA LEU R 239 9.99 89.96 18.86
C LEU R 239 8.96 90.99 18.44
N LYS R 240 9.33 91.89 17.52
CA LYS R 240 8.42 92.92 17.05
C LYS R 240 7.39 92.40 16.06
N ALA R 241 7.55 91.17 15.58
CA ALA R 241 6.50 90.55 14.76
C ALA R 241 5.19 90.41 15.53
N LEU R 242 5.23 90.48 16.86
CA LEU R 242 4.01 90.42 17.66
C LEU R 242 3.24 91.74 17.66
N ILE R 243 3.81 92.82 17.12
CA ILE R 243 3.06 94.08 17.03
C ILE R 243 1.84 93.95 16.13
N PRO R 244 1.94 93.41 14.89
CA PRO R 244 0.71 93.14 14.14
C PRO R 244 0.11 91.78 14.48
N MET R 245 0.06 91.47 15.77
CA MET R 245 -0.61 90.26 16.27
C MET R 245 -1.77 90.60 17.19
N LEU R 246 -1.52 91.41 18.22
CA LEU R 246 -2.52 91.79 19.19
C LEU R 246 -3.20 93.11 18.83
N SER R 247 -3.04 93.57 17.59
CA SER R 247 -3.69 94.77 17.11
C SER R 247 -4.91 94.51 16.24
N GLY R 248 -5.13 93.26 15.84
CA GLY R 248 -6.28 92.92 15.02
C GLY R 248 -5.91 92.51 13.61
N TYR R 249 -4.68 92.05 13.43
CA TYR R 249 -4.16 91.65 12.12
C TYR R 249 -3.96 90.14 12.04
N ILE R 250 -4.85 89.37 12.65
CA ILE R 250 -4.82 87.92 12.57
C ILE R 250 -5.98 87.46 11.69
N GLY R 251 -5.91 86.20 11.28
CA GLY R 251 -6.96 85.62 10.47
C GLY R 251 -6.98 86.17 9.05
N ALA R 252 -8.09 85.91 8.38
CA ALA R 252 -8.30 86.34 7.00
C ALA R 252 -9.49 87.29 6.94
N ASN R 253 -9.83 87.70 5.72
CA ASN R 253 -10.93 88.63 5.45
C ASN R 253 -10.74 89.93 6.24
N LEU R 254 -9.56 90.53 6.07
CA LEU R 254 -9.27 91.78 6.77
C LEU R 254 -9.97 92.98 6.13
N ALA R 255 -10.16 92.94 4.81
CA ALA R 255 -10.74 94.09 4.11
C ALA R 255 -12.17 94.37 4.56
N ARG R 256 -12.97 93.33 4.73
CA ARG R 256 -14.38 93.49 5.07
C ARG R 256 -14.66 93.33 6.56
N SER R 257 -14.02 92.36 7.22
CA SER R 257 -14.32 92.11 8.63
C SER R 257 -13.50 92.99 9.55
N PHE R 258 -12.16 92.85 9.50
CA PHE R 258 -11.24 93.59 10.37
C PHE R 258 -11.74 93.56 11.81
N PRO R 259 -11.56 92.46 12.53
CA PRO R 259 -12.37 92.23 13.72
C PRO R 259 -12.08 93.21 14.85
N VAL R 260 -13.12 93.45 15.66
CA VAL R 260 -13.05 94.36 16.79
C VAL R 260 -12.14 93.75 17.85
N PHE R 261 -10.95 94.30 18.00
CA PHE R 261 -9.89 93.67 18.78
C PHE R 261 -9.60 94.45 20.06
N LYS R 262 -9.38 93.70 21.14
CA LYS R 262 -8.90 94.27 22.39
C LYS R 262 -8.23 93.17 23.18
N VAL R 263 -7.09 93.50 23.78
CA VAL R 263 -6.35 92.56 24.62
C VAL R 263 -6.88 92.68 26.03
N GLU R 264 -7.65 91.68 26.47
CA GLU R 264 -8.22 91.73 27.81
C GLU R 264 -7.15 91.59 28.88
N GLU R 265 -6.27 90.59 28.74
CA GLU R 265 -5.21 90.40 29.72
C GLU R 265 -4.17 89.45 29.14
N LEU R 266 -2.97 89.50 29.71
CA LEU R 266 -1.92 88.60 29.24
C LEU R 266 -0.84 88.44 30.31
N VAL R 267 -0.09 87.34 30.19
CA VAL R 267 1.08 87.08 31.02
C VAL R 267 2.17 86.50 30.14
N ALA R 268 3.40 86.97 30.34
CA ALA R 268 4.53 86.53 29.54
C ALA R 268 5.74 86.29 30.45
N ILE R 269 6.55 85.32 30.05
CA ILE R 269 7.81 85.00 30.72
C ILE R 269 8.91 84.94 29.67
N ALA R 270 10.04 85.57 29.96
CA ALA R 270 11.13 85.70 29.00
C ALA R 270 12.24 84.67 29.21
N SER R 271 12.88 84.70 30.38
CA SER R 271 13.96 83.79 30.73
C SER R 271 15.11 83.84 29.73
N GLU R 272 16.06 82.94 29.88
CA GLU R 272 17.17 82.81 28.93
C GLU R 272 17.36 81.38 28.44
N GLY R 273 17.15 80.39 29.29
CA GLY R 273 17.29 79.01 28.91
C GLY R 273 15.95 78.33 28.70
N PRO R 274 15.92 77.00 28.79
CA PRO R 274 14.66 76.27 28.61
C PRO R 274 13.76 76.43 29.83
N ILE R 275 12.50 76.77 29.57
CA ILE R 275 11.50 76.94 30.62
C ILE R 275 10.23 76.21 30.22
N PRO R 276 9.40 75.77 31.18
CA PRO R 276 8.17 75.07 30.81
C PRO R 276 7.21 75.97 30.05
N ALA R 277 6.46 75.35 29.14
CA ALA R 277 5.48 76.08 28.36
C ALA R 277 4.37 76.63 29.26
N LEU R 278 4.00 77.88 29.03
CA LEU R 278 2.94 78.50 29.82
C LEU R 278 1.60 77.87 29.51
N VAL R 279 0.71 77.86 30.51
CA VAL R 279 -0.60 77.25 30.34
C VAL R 279 -1.46 78.13 29.43
N HIS R 280 -2.33 77.49 28.66
CA HIS R 280 -3.19 78.20 27.73
C HIS R 280 -4.22 79.03 28.49
N GLY R 281 -4.66 80.11 27.84
CA GLY R 281 -5.69 80.96 28.40
C GLY R 281 -7.11 80.45 28.21
N PHE R 282 -7.27 79.28 27.58
CA PHE R 282 -8.59 78.72 27.37
C PHE R 282 -9.26 78.36 28.69
N TYR R 283 -8.50 77.81 29.63
CA TYR R 283 -9.06 77.39 30.90
C TYR R 283 -9.41 78.60 31.77
N GLU R 284 -10.37 78.39 32.68
CA GLU R 284 -10.89 79.49 33.47
C GLU R 284 -9.94 79.90 34.59
N ASP R 285 -9.24 78.93 35.19
CA ASP R 285 -8.36 79.19 36.32
C ASP R 285 -6.89 79.14 35.92
N TYR R 286 -6.58 79.63 34.73
CA TYR R 286 -5.20 79.62 34.24
C TYR R 286 -4.31 80.61 34.99
N ILE R 287 -4.89 81.59 35.68
CA ILE R 287 -4.08 82.56 36.41
C ILE R 287 -3.42 81.90 37.61
N GLU R 288 -4.17 81.09 38.36
CA GLU R 288 -3.59 80.38 39.49
C GLU R 288 -2.52 79.39 39.02
N ALA R 289 -2.79 78.69 37.92
CA ALA R 289 -1.80 77.78 37.36
C ALA R 289 -0.55 78.51 36.93
N ASN R 290 -0.70 79.69 36.33
CA ASN R 290 0.47 80.49 35.94
C ASN R 290 1.25 80.93 37.16
N ARG R 291 0.57 81.38 38.21
CA ARG R 291 1.27 81.77 39.43
C ARG R 291 2.06 80.60 40.02
N SER R 292 1.43 79.42 40.08
CA SER R 292 2.09 78.25 40.62
C SER R 292 3.23 77.75 39.74
N ILE R 293 3.14 77.91 38.43
CA ILE R 293 4.22 77.46 37.55
C ILE R 293 5.35 78.49 37.48
N ILE R 294 5.07 79.75 37.82
CA ILE R 294 6.12 80.77 37.84
C ILE R 294 6.90 80.75 39.15
N LYS R 295 6.19 80.75 40.29
CA LYS R 295 6.90 80.83 41.57
C LYS R 295 7.79 79.62 41.81
N ASN R 296 7.31 78.42 41.52
CA ASN R 296 8.10 77.22 41.74
C ASN R 296 9.25 77.09 40.73
N ALA R 297 9.03 77.53 39.50
CA ALA R 297 10.12 77.54 38.52
C ALA R 297 11.22 78.50 38.95
N ARG R 298 10.85 79.67 39.47
CA ARG R 298 11.86 80.59 39.98
C ARG R 298 12.56 80.02 41.20
N ALA R 299 11.82 79.32 42.07
CA ALA R 299 12.44 78.68 43.23
C ALA R 299 13.42 77.59 42.81
N LEU R 300 13.14 76.89 41.71
CA LEU R 300 14.01 75.82 41.25
C LEU R 300 15.36 76.32 40.75
N GLY R 301 15.47 77.61 40.44
CA GLY R 301 16.73 78.15 39.97
C GLY R 301 16.69 78.68 38.55
N PHE R 302 15.53 79.17 38.13
CA PHE R 302 15.36 79.73 36.80
C PHE R 302 15.26 81.25 36.89
N ASN R 303 16.06 81.94 36.09
CA ASN R 303 16.06 83.40 36.05
C ASN R 303 14.99 83.87 35.07
N ILE R 304 13.74 83.74 35.50
CA ILE R 304 12.59 84.05 34.67
C ILE R 304 12.13 85.48 34.96
N GLU R 305 11.97 86.27 33.91
CA GLU R 305 11.44 87.63 34.01
C GLU R 305 9.98 87.60 33.57
N VAL R 306 9.09 88.09 34.44
CA VAL R 306 7.65 87.95 34.26
C VAL R 306 7.05 89.33 34.00
N PHE R 307 6.25 89.43 32.94
CA PHE R 307 5.50 90.63 32.61
C PHE R 307 4.02 90.31 32.64
N THR R 308 3.23 91.17 33.27
CA THR R 308 1.81 90.94 33.44
C THR R 308 1.01 92.15 32.98
N TYR R 309 -0.12 91.90 32.32
CA TYR R 309 -1.00 92.95 31.85
C TYR R 309 -2.42 92.58 32.24
N ASN R 310 -3.03 93.41 33.10
CA ASN R 310 -4.39 93.21 33.61
C ASN R 310 -4.52 91.89 34.39
N VAL R 311 -3.43 91.40 34.96
CA VAL R 311 -3.43 90.23 35.82
C VAL R 311 -2.67 90.56 37.08
N ASP R 312 -3.29 90.32 38.24
CA ASP R 312 -2.65 90.62 39.51
C ASP R 312 -1.44 89.73 39.75
N LEU R 313 -1.62 88.41 39.59
CA LEU R 313 -0.55 87.43 39.77
C LEU R 313 0.07 87.54 41.16
N GLY R 314 -0.78 87.76 42.17
CA GLY R 314 -0.30 87.84 43.53
C GLY R 314 0.49 89.11 43.80
N GLU R 315 1.23 89.09 44.91
CA GLU R 315 2.03 90.24 45.33
C GLU R 315 3.47 89.83 45.60
N ASP R 316 3.69 88.58 46.01
CA ASP R 316 5.03 88.11 46.34
C ASP R 316 5.89 87.85 45.11
N ILE R 317 5.31 87.90 43.91
CA ILE R 317 6.04 87.63 42.67
C ILE R 317 6.48 88.96 42.07
N GLU R 318 7.78 89.06 41.77
CA GLU R 318 8.32 90.25 41.14
C GLU R 318 7.96 90.23 39.66
N ALA R 319 6.81 90.81 39.33
CA ALA R 319 6.31 90.85 37.96
C ALA R 319 6.14 92.29 37.52
N THR R 320 6.63 92.61 36.33
CA THR R 320 6.52 93.96 35.79
C THR R 320 5.11 94.18 35.26
N LYS R 321 4.42 95.19 35.79
CA LYS R 321 3.07 95.53 35.38
C LYS R 321 3.15 96.35 34.10
N VAL R 322 3.10 95.66 32.96
CA VAL R 322 3.15 96.34 31.67
C VAL R 322 1.78 96.94 31.36
N SER R 323 1.80 97.96 30.50
CA SER R 323 0.60 98.74 30.20
C SER R 323 0.00 98.48 28.83
N SER R 324 0.75 97.90 27.90
CA SER R 324 0.26 97.67 26.54
C SER R 324 1.07 96.54 25.92
N VAL R 325 0.97 96.40 24.61
CA VAL R 325 1.63 95.33 23.89
C VAL R 325 3.00 95.74 23.39
N GLU R 326 3.12 96.94 22.80
CA GLU R 326 4.39 97.33 22.19
C GLU R 326 5.45 97.61 23.25
N GLU R 327 5.06 98.17 24.40
CA GLU R 327 6.02 98.36 25.47
C GLU R 327 6.42 97.03 26.12
N LEU R 328 5.55 96.02 26.05
CA LEU R 328 5.98 94.67 26.40
C LEU R 328 7.08 94.19 25.47
N VAL R 329 6.94 94.47 24.17
CA VAL R 329 8.00 94.14 23.22
C VAL R 329 9.26 94.94 23.52
N ALA R 330 9.11 96.19 23.95
CA ALA R 330 10.27 96.99 24.34
C ALA R 330 10.99 96.36 25.54
N ASN R 331 10.22 95.88 26.51
CA ASN R 331 10.82 95.19 27.65
C ASN R 331 11.55 93.92 27.21
N LEU R 332 10.94 93.17 26.28
CA LEU R 332 11.59 91.96 25.77
C LEU R 332 12.88 92.27 25.02
N VAL R 333 12.89 93.33 24.21
CA VAL R 333 14.09 93.69 23.46
C VAL R 333 15.12 94.42 24.32
N LYS R 334 14.73 94.87 25.52
CA LYS R 334 15.71 95.46 26.43
C LYS R 334 16.76 94.44 26.84
N MET R 335 16.35 93.20 27.10
CA MET R 335 17.26 92.13 27.48
C MET R 335 17.83 91.39 26.28
N VAL R 336 17.49 91.83 25.06
CA VAL R 336 17.96 91.25 23.79
C VAL R 336 18.06 89.74 23.82
N MET S 1 2.09 105.99 4.26
CA MET S 1 1.07 106.85 4.84
C MET S 1 -0.03 105.97 5.46
N TYR S 2 0.37 105.18 6.45
CA TYR S 2 -0.53 104.20 7.07
C TYR S 2 -1.46 104.87 8.06
N VAL S 3 -2.65 105.26 7.61
CA VAL S 3 -3.58 106.06 8.40
C VAL S 3 -4.53 105.14 9.15
N ARG S 4 -4.75 105.44 10.42
CA ARG S 4 -5.73 104.74 11.24
C ARG S 4 -6.66 105.74 11.89
N ILE S 5 -7.96 105.61 11.62
CA ILE S 5 -9.00 106.46 12.20
C ILE S 5 -9.95 105.59 13.00
N SER S 6 -10.39 106.10 14.15
CA SER S 6 -11.37 105.40 14.95
C SER S 6 -12.10 106.40 15.84
N GLY S 7 -13.40 106.22 16.00
CA GLY S 7 -14.15 107.16 16.81
C GLY S 7 -15.60 106.76 16.92
N ARG S 8 -16.35 107.61 17.63
CA ARG S 8 -17.78 107.42 17.87
C ARG S 8 -18.61 108.42 17.09
N ILE S 9 -19.60 107.89 16.37
CA ILE S 9 -20.61 108.63 15.63
C ILE S 9 -21.96 108.42 16.30
N ARG S 10 -22.86 109.39 16.13
CA ARG S 10 -24.23 109.27 16.61
C ARG S 10 -25.16 109.17 15.40
N LEU S 11 -25.75 107.99 15.20
CA LEU S 11 -26.60 107.72 14.05
C LEU S 11 -28.04 107.60 14.53
N ASN S 12 -28.87 108.58 14.20
CA ASN S 12 -30.25 108.63 14.64
C ASN S 12 -31.19 108.49 13.46
N ALA S 13 -32.20 107.62 13.61
CA ALA S 13 -33.24 107.40 12.62
C ALA S 13 -32.65 106.99 11.26
N HIS S 14 -31.99 105.83 11.26
CA HIS S 14 -31.36 105.29 10.07
C HIS S 14 -31.98 103.95 9.71
N SER S 15 -32.30 103.78 8.42
CA SER S 15 -32.71 102.51 7.86
C SER S 15 -31.57 101.87 7.08
N LEU S 16 -30.35 102.03 7.58
CA LEU S 16 -29.16 101.64 6.84
C LEU S 16 -29.03 100.13 6.74
N ASN S 17 -28.40 99.68 5.66
CA ASN S 17 -28.06 98.26 5.46
C ASN S 17 -29.30 97.37 5.49
N ALA S 18 -30.16 97.58 4.49
CA ALA S 18 -31.33 96.73 4.33
C ALA S 18 -30.91 95.32 3.89
N GLN S 19 -31.64 94.33 4.38
CA GLN S 19 -31.36 92.94 4.03
C GLN S 19 -31.96 92.53 2.68
N GLY S 20 -32.72 93.40 2.05
CA GLY S 20 -33.39 93.07 0.80
C GLY S 20 -34.77 92.47 0.97
N GLY S 21 -34.86 91.38 1.73
CA GLY S 21 -36.13 90.75 2.02
C GLY S 21 -36.68 89.86 0.93
N GLY S 22 -35.96 89.69 -0.18
CA GLY S 22 -36.46 88.89 -1.27
C GLY S 22 -37.54 89.53 -2.11
N GLY S 23 -37.68 90.86 -2.03
CA GLY S 23 -38.69 91.56 -2.79
C GLY S 23 -40.06 91.63 -2.17
N THR S 24 -40.22 91.14 -0.94
CA THR S 24 -41.51 91.20 -0.27
C THR S 24 -41.74 92.58 0.34
N ASN S 25 -42.93 92.77 0.92
CA ASN S 25 -43.28 94.07 1.48
C ASN S 25 -42.39 94.43 2.66
N TYR S 26 -42.09 93.48 3.52
CA TYR S 26 -41.36 93.74 4.75
C TYR S 26 -39.86 93.64 4.52
N ILE S 27 -39.13 94.69 4.90
CA ILE S 27 -37.68 94.72 4.84
C ILE S 27 -37.15 95.10 6.22
N GLU S 28 -36.06 94.46 6.63
CA GLU S 28 -35.50 94.68 7.96
C GLU S 28 -33.99 94.86 7.86
N ILE S 29 -33.46 95.68 8.77
CA ILE S 29 -32.02 95.87 8.88
C ILE S 29 -31.38 94.58 9.40
N THR S 30 -30.14 94.33 8.97
CA THR S 30 -29.42 93.16 9.43
C THR S 30 -29.13 93.23 10.92
N LYS S 31 -29.07 92.06 11.55
CA LYS S 31 -28.74 91.91 12.96
C LYS S 31 -27.49 91.06 13.12
N THR S 32 -26.62 91.46 14.04
CA THR S 32 -25.45 90.67 14.41
C THR S 32 -25.35 90.64 15.93
N LYS S 33 -24.77 89.56 16.45
CA LYS S 33 -24.66 89.36 17.89
C LYS S 33 -23.26 89.73 18.36
N VAL S 34 -23.19 90.48 19.45
CA VAL S 34 -21.92 90.91 20.03
C VAL S 34 -21.93 90.63 21.52
N THR S 35 -20.74 90.47 22.08
CA THR S 35 -20.59 90.12 23.49
C THR S 35 -20.35 91.36 24.33
N VAL S 36 -20.96 91.38 25.51
CA VAL S 36 -20.79 92.46 26.48
C VAL S 36 -20.69 91.86 27.88
N ARG S 37 -19.75 92.37 28.68
CA ARG S 37 -19.53 91.81 30.00
C ARG S 37 -20.67 92.14 30.96
N THR S 38 -21.07 93.42 31.01
CA THR S 38 -22.11 93.93 31.91
C THR S 38 -21.83 93.59 33.39
N GLU S 39 -20.57 93.22 33.70
CA GLU S 39 -20.07 92.97 35.05
C GLU S 39 -20.67 91.70 35.66
N ASN S 40 -21.65 91.08 35.02
CA ASN S 40 -22.32 89.90 35.56
C ASN S 40 -22.22 88.73 34.59
N GLY S 41 -21.06 88.57 33.96
CA GLY S 41 -20.87 87.48 33.02
C GLY S 41 -21.10 87.90 31.58
N TRP S 42 -20.21 87.50 30.69
CA TRP S 42 -20.33 87.87 29.29
C TRP S 42 -21.63 87.32 28.70
N THR S 43 -22.37 88.17 27.99
CA THR S 43 -23.61 87.78 27.34
C THR S 43 -23.63 88.35 25.93
N VAL S 44 -24.30 87.62 25.03
CA VAL S 44 -24.41 88.00 23.63
C VAL S 44 -25.75 88.67 23.39
N VAL S 45 -25.72 89.81 22.70
CA VAL S 45 -26.92 90.58 22.39
C VAL S 45 -26.96 90.83 20.89
N GLU S 46 -28.16 90.73 20.31
CA GLU S 46 -28.36 90.93 18.88
C GLU S 46 -28.72 92.39 18.64
N VAL S 47 -27.88 93.09 17.89
CA VAL S 47 -28.04 94.52 17.62
C VAL S 47 -27.88 94.75 16.13
N PRO S 48 -28.47 95.82 15.61
CA PRO S 48 -28.25 96.15 14.19
C PRO S 48 -26.90 96.83 13.99
N ALA S 49 -26.31 96.57 12.83
CA ALA S 49 -24.98 97.08 12.53
C ALA S 49 -24.84 97.18 11.01
N ILE S 50 -23.70 97.69 10.57
CA ILE S 50 -23.38 97.85 9.16
C ILE S 50 -22.17 96.98 8.87
N THR S 51 -22.30 96.09 7.88
CA THR S 51 -21.19 95.24 7.51
C THR S 51 -20.09 96.06 6.84
N GLY S 52 -18.86 95.54 6.91
CA GLY S 52 -17.73 96.26 6.35
C GLY S 52 -17.76 96.38 4.85
N ASN S 53 -18.54 95.53 4.17
CA ASN S 53 -18.63 95.61 2.72
C ASN S 53 -19.24 96.93 2.27
N MET S 54 -20.30 97.39 2.96
CA MET S 54 -20.92 98.66 2.61
C MET S 54 -19.93 99.81 2.79
N LEU S 55 -19.19 99.81 3.90
CA LEU S 55 -18.23 100.87 4.16
C LEU S 55 -17.10 100.85 3.13
N LYS S 56 -16.62 99.66 2.76
CA LYS S 56 -15.58 99.59 1.75
C LYS S 56 -16.07 100.05 0.38
N HIS S 57 -17.30 99.68 0.02
CA HIS S 57 -17.86 100.13 -1.25
C HIS S 57 -18.02 101.65 -1.27
N TRP S 58 -18.47 102.24 -0.16
CA TRP S 58 -18.62 103.68 -0.13
C TRP S 58 -17.28 104.39 -0.09
N HIS S 59 -16.25 103.75 0.49
CA HIS S 59 -14.91 104.29 0.37
C HIS S 59 -14.44 104.28 -1.08
N PHE S 60 -14.75 103.20 -1.81
CA PHE S 60 -14.46 103.17 -3.24
C PHE S 60 -15.19 104.27 -3.97
N VAL S 61 -16.46 104.50 -3.63
CA VAL S 61 -17.25 105.55 -4.26
C VAL S 61 -16.62 106.92 -4.01
N GLY S 62 -16.24 107.20 -2.76
CA GLY S 62 -15.60 108.45 -2.45
C GLY S 62 -14.26 108.62 -3.14
N PHE S 63 -13.47 107.54 -3.20
CA PHE S 63 -12.17 107.60 -3.85
C PHE S 63 -12.32 107.91 -5.33
N VAL S 64 -13.24 107.23 -6.02
CA VAL S 64 -13.41 107.50 -7.44
C VAL S 64 -14.01 108.89 -7.66
N ASP S 65 -14.89 109.34 -6.77
CA ASP S 65 -15.49 110.66 -6.92
C ASP S 65 -14.46 111.77 -6.76
N TYR S 66 -13.54 111.62 -5.80
CA TYR S 66 -12.51 112.62 -5.59
C TYR S 66 -11.28 112.40 -6.45
N PHE S 67 -11.21 111.28 -7.18
CA PHE S 67 -10.13 111.04 -8.12
C PHE S 67 -10.53 111.37 -9.55
N LYS S 68 -11.83 111.52 -9.83
CA LYS S 68 -12.25 111.97 -11.15
C LYS S 68 -11.87 113.43 -11.38
N THR S 69 -11.85 114.25 -10.31
CA THR S 69 -11.55 115.67 -10.47
C THR S 69 -10.12 115.89 -10.96
N THR S 70 -9.16 115.13 -10.44
CA THR S 70 -7.78 115.31 -10.83
C THR S 70 -7.58 114.91 -12.29
N PRO S 71 -6.63 115.54 -12.99
CA PRO S 71 -6.41 115.19 -14.40
C PRO S 71 -5.99 113.75 -14.61
N TYR S 72 -5.45 113.08 -13.60
CA TYR S 72 -5.05 111.68 -13.71
C TYR S 72 -6.21 110.72 -13.56
N GLY S 73 -7.45 111.22 -13.61
CA GLY S 73 -8.63 110.39 -13.43
C GLY S 73 -9.07 109.62 -14.66
N VAL S 74 -8.36 109.73 -15.77
CA VAL S 74 -8.71 108.98 -16.97
C VAL S 74 -8.48 107.49 -16.75
N ASN S 75 -7.43 107.13 -16.01
CA ASN S 75 -7.04 105.74 -15.81
C ASN S 75 -7.95 105.04 -14.81
N LEU S 76 -9.24 104.98 -15.15
CA LEU S 76 -10.25 104.33 -14.35
C LEU S 76 -10.98 103.29 -15.17
N THR S 77 -11.33 102.17 -14.54
CA THR S 77 -12.10 101.13 -15.20
C THR S 77 -13.49 101.66 -15.54
N GLU S 78 -14.03 101.21 -16.68
CA GLU S 78 -15.32 101.70 -17.14
C GLU S 78 -16.43 101.39 -16.14
N ARG S 79 -16.42 100.19 -15.57
CA ARG S 79 -17.42 99.83 -14.58
C ARG S 79 -17.29 100.62 -13.29
N ALA S 80 -16.11 101.16 -13.00
CA ALA S 80 -15.93 101.97 -11.80
C ALA S 80 -16.65 103.31 -11.90
N LEU S 81 -17.01 103.74 -13.11
CA LEU S 81 -17.69 105.03 -13.27
C LEU S 81 -19.10 104.99 -12.70
N ARG S 82 -19.80 103.86 -12.85
CA ARG S 82 -21.17 103.73 -12.38
C ARG S 82 -21.25 103.28 -10.92
N TYR S 83 -20.18 103.49 -10.15
CA TYR S 83 -20.13 103.09 -8.74
C TYR S 83 -20.42 101.60 -8.58
N ASN S 84 -19.90 100.79 -9.49
CA ASN S 84 -20.08 99.35 -9.42
C ASN S 84 -19.01 98.73 -8.53
N GLY S 85 -19.45 97.97 -7.53
CA GLY S 85 -18.49 97.38 -6.60
C GLY S 85 -17.60 96.35 -7.23
N THR S 86 -18.15 95.53 -8.13
CA THR S 86 -17.37 94.47 -8.75
C THR S 86 -16.29 95.04 -9.65
N ARG S 87 -15.18 94.31 -9.73
CA ARG S 87 -14.06 94.66 -10.60
C ARG S 87 -13.88 93.67 -11.74
N PHE S 88 -13.83 92.38 -11.42
CA PHE S 88 -13.73 91.34 -12.43
C PHE S 88 -14.65 90.19 -12.04
N GLY S 89 -15.33 89.63 -13.04
CA GLY S 89 -16.31 88.59 -12.81
C GLY S 89 -15.68 87.20 -12.78
N GLN S 90 -16.51 86.22 -13.11
CA GLN S 90 -16.10 84.82 -12.99
C GLN S 90 -15.04 84.45 -14.02
N GLY S 91 -15.24 84.83 -15.29
CA GLY S 91 -14.36 84.37 -16.33
C GLY S 91 -13.98 85.38 -17.39
N GLU S 92 -14.03 86.67 -17.06
CA GLU S 92 -13.62 87.69 -18.01
C GLU S 92 -12.10 87.71 -18.13
N THR S 93 -11.61 87.88 -19.36
CA THR S 93 -10.19 87.87 -19.66
C THR S 93 -9.60 89.26 -19.85
N THR S 94 -10.40 90.21 -20.32
CA THR S 94 -9.95 91.58 -20.56
C THR S 94 -10.81 92.56 -19.80
N ALA S 95 -10.33 93.80 -19.73
CA ALA S 95 -11.04 94.87 -19.02
C ALA S 95 -11.07 96.12 -19.90
N THR S 96 -12.05 96.98 -19.63
CA THR S 96 -12.26 98.20 -20.38
C THR S 96 -12.08 99.40 -19.47
N LYS S 97 -11.26 100.36 -19.90
CA LYS S 97 -11.04 101.59 -19.14
C LYS S 97 -12.20 102.56 -19.36
N ALA S 98 -12.11 103.72 -18.71
CA ALA S 98 -13.15 104.74 -18.85
C ALA S 98 -13.24 105.24 -20.28
N ASN S 99 -12.10 105.48 -20.91
CA ASN S 99 -12.11 105.92 -22.30
C ASN S 99 -12.60 104.83 -23.24
N GLY S 100 -12.43 103.57 -22.86
CA GLY S 100 -12.81 102.45 -23.69
C GLY S 100 -11.66 101.59 -24.19
N ALA S 101 -10.46 101.76 -23.63
CA ALA S 101 -9.32 100.96 -24.06
C ALA S 101 -9.45 99.53 -23.57
N THR S 102 -8.59 98.66 -24.10
CA THR S 102 -8.58 97.25 -23.76
C THR S 102 -7.33 96.94 -22.95
N VAL S 103 -7.51 96.32 -21.79
CA VAL S 103 -6.41 95.98 -20.89
C VAL S 103 -6.44 94.49 -20.63
N GLN S 104 -5.29 93.82 -20.78
CA GLN S 104 -5.18 92.41 -20.48
C GLN S 104 -5.06 92.19 -18.98
N LEU S 105 -5.18 90.92 -18.58
CA LEU S 105 -5.12 90.51 -17.18
C LEU S 105 -3.90 89.64 -16.89
N ASN S 106 -2.76 90.04 -17.44
CA ASN S 106 -1.48 89.42 -17.11
C ASN S 106 -0.48 90.52 -16.78
N ASP S 107 0.57 90.14 -16.05
CA ASP S 107 1.61 91.09 -15.63
C ASP S 107 1.02 92.23 -14.81
N GLU S 108 0.55 91.86 -13.61
CA GLU S 108 -0.15 92.78 -12.72
C GLU S 108 0.56 94.13 -12.58
N ALA S 109 1.88 94.16 -12.77
CA ALA S 109 2.61 95.42 -12.71
C ALA S 109 2.08 96.42 -13.72
N THR S 110 1.51 95.96 -14.83
CA THR S 110 0.86 96.84 -15.79
C THR S 110 -0.63 96.99 -15.53
N ILE S 111 -1.28 95.96 -14.98
CA ILE S 111 -2.71 96.06 -14.68
C ILE S 111 -2.95 97.15 -13.65
N ILE S 112 -2.15 97.18 -12.59
CA ILE S 112 -2.30 98.24 -11.60
C ILE S 112 -1.90 99.59 -12.19
N LYS S 113 -0.97 99.59 -13.16
CA LYS S 113 -0.57 100.83 -13.81
C LYS S 113 -1.72 101.45 -14.59
N GLU S 114 -2.48 100.61 -15.31
CA GLU S 114 -3.55 101.12 -16.16
C GLU S 114 -4.93 101.10 -15.48
N LEU S 115 -5.04 100.54 -14.28
CA LEU S 115 -6.31 100.49 -13.55
C LEU S 115 -6.11 101.09 -12.18
N ALA S 116 -7.02 101.99 -11.79
CA ALA S 116 -6.92 102.68 -10.51
C ALA S 116 -7.67 101.95 -9.40
N ASP S 117 -8.92 101.57 -9.66
CA ASP S 117 -9.70 100.86 -8.65
C ASP S 117 -9.07 99.51 -8.32
N ALA S 118 -8.58 98.80 -9.34
CA ALA S 118 -7.89 97.54 -9.10
C ALA S 118 -6.62 97.74 -8.30
N ASP S 119 -5.87 98.80 -8.58
CA ASP S 119 -4.65 99.08 -7.84
C ASP S 119 -4.95 99.40 -6.38
N VAL S 120 -5.99 100.18 -6.12
CA VAL S 120 -6.24 100.70 -4.77
C VAL S 120 -7.02 99.71 -3.93
N HIS S 121 -8.20 99.30 -4.38
CA HIS S 121 -9.06 98.44 -3.58
C HIS S 121 -8.86 96.96 -3.85
N GLY S 122 -7.93 96.60 -4.73
CA GLY S 122 -7.67 95.20 -5.03
C GLY S 122 -8.63 94.65 -6.06
N PHE S 123 -8.37 93.41 -6.46
CA PHE S 123 -9.15 92.75 -7.49
C PHE S 123 -8.89 91.25 -7.41
N LEU S 124 -9.47 90.49 -8.33
CA LEU S 124 -9.21 89.06 -8.45
C LEU S 124 -9.64 88.61 -9.84
N ALA S 125 -8.79 87.84 -10.51
CA ALA S 125 -9.08 87.28 -11.82
C ALA S 125 -9.14 85.77 -11.68
N PRO S 126 -10.32 85.19 -11.50
CA PRO S 126 -10.41 83.73 -11.33
C PRO S 126 -9.88 82.94 -12.51
N LYS S 127 -9.97 83.48 -13.72
CA LYS S 127 -9.50 82.75 -14.89
C LYS S 127 -7.97 82.76 -14.96
N THR S 128 -7.38 83.95 -15.05
CA THR S 128 -5.93 84.03 -15.20
C THR S 128 -5.19 83.78 -13.88
N GLY S 129 -5.74 84.27 -12.77
CA GLY S 129 -5.11 84.11 -11.48
C GLY S 129 -4.54 85.38 -10.87
N ARG S 130 -4.78 86.55 -11.48
CA ARG S 130 -4.28 87.80 -10.92
C ARG S 130 -5.09 88.18 -9.67
N ARG S 131 -4.41 88.76 -8.70
CA ARG S 131 -5.04 89.20 -7.47
C ARG S 131 -4.24 90.33 -6.85
N ARG S 132 -4.87 91.06 -5.94
CA ARG S 132 -4.19 92.10 -5.18
C ARG S 132 -4.97 92.36 -3.91
N VAL S 133 -4.27 92.42 -2.78
CA VAL S 133 -4.92 92.64 -1.49
C VAL S 133 -5.37 94.09 -1.41
N SER S 134 -6.56 94.29 -0.83
CA SER S 134 -7.11 95.63 -0.71
C SER S 134 -6.27 96.47 0.25
N LEU S 135 -5.91 97.67 -0.19
CA LEU S 135 -5.15 98.59 0.65
C LEU S 135 -6.01 99.26 1.71
N VAL S 136 -7.33 99.16 1.62
CA VAL S 136 -8.24 99.76 2.58
C VAL S 136 -9.04 98.63 3.22
N LYS S 137 -8.98 98.54 4.55
CA LYS S 137 -9.68 97.51 5.31
C LYS S 137 -10.63 98.19 6.28
N ALA S 138 -11.90 97.80 6.25
CA ALA S 138 -12.95 98.43 7.03
C ALA S 138 -13.49 97.47 8.08
N SER S 139 -13.76 97.99 9.27
CA SER S 139 -14.35 97.22 10.34
C SER S 139 -15.85 97.45 10.38
N PHE S 140 -16.53 96.70 11.25
CA PHE S 140 -17.98 96.82 11.37
C PHE S 140 -18.35 98.11 12.10
N ILE S 141 -19.56 98.57 11.84
CA ILE S 141 -20.11 99.76 12.50
C ILE S 141 -21.10 99.23 13.54
N LEU S 142 -20.61 99.02 14.76
CA LEU S 142 -21.39 98.42 15.83
C LEU S 142 -21.73 99.45 16.90
N PRO S 143 -22.88 99.30 17.57
CA PRO S 143 -23.19 100.19 18.68
C PRO S 143 -22.15 100.07 19.79
N THR S 144 -21.89 101.19 20.46
CA THR S 144 -20.91 101.22 21.53
C THR S 144 -21.46 100.53 22.78
N GLU S 145 -20.57 100.29 23.73
CA GLU S 145 -20.93 99.51 24.92
C GLU S 145 -21.85 100.29 25.85
N ASP S 146 -21.59 101.60 26.04
CA ASP S 146 -22.35 102.35 27.03
C ASP S 146 -23.83 102.41 26.70
N PHE S 147 -24.15 102.68 25.43
CA PHE S 147 -25.56 102.80 25.04
C PHE S 147 -26.31 101.49 25.25
N ILE S 148 -25.73 100.39 24.75
CA ILE S 148 -26.42 99.11 24.85
C ILE S 148 -26.49 98.62 26.28
N LYS S 149 -25.49 98.92 27.11
CA LYS S 149 -25.50 98.48 28.49
C LYS S 149 -26.32 99.39 29.39
N GLU S 150 -26.67 100.59 28.93
CA GLU S 150 -27.48 101.50 29.71
C GLU S 150 -28.95 101.48 29.32
N VAL S 151 -29.27 101.14 28.08
CA VAL S 151 -30.67 101.12 27.66
C VAL S 151 -31.44 100.01 28.39
N GLU S 152 -30.80 98.85 28.58
CA GLU S 152 -31.43 97.69 29.20
C GLU S 152 -32.72 97.32 28.46
N GLY S 153 -32.56 97.06 27.16
CA GLY S 153 -33.69 96.86 26.27
C GLY S 153 -33.62 97.80 25.10
N GLU S 154 -34.71 98.52 24.83
CA GLU S 154 -34.75 99.56 23.81
C GLU S 154 -34.36 98.99 22.43
N ARG S 155 -35.24 98.13 21.92
CA ARG S 155 -35.00 97.43 20.66
C ARG S 155 -34.77 98.38 19.49
N LEU S 156 -34.97 99.68 19.66
CA LEU S 156 -34.74 100.68 18.61
C LEU S 156 -35.64 100.47 17.41
N ILE S 157 -35.44 99.36 16.70
CA ILE S 157 -36.26 99.04 15.53
C ILE S 157 -37.68 98.72 15.94
N ALA S 190 -33.07 102.44 12.63
CA ALA S 190 -32.55 102.32 14.00
C ALA S 190 -31.87 103.61 14.43
N THR S 191 -31.18 103.57 15.57
CA THR S 191 -30.48 104.72 16.11
C THR S 191 -29.46 104.23 17.13
N GLY S 192 -28.68 105.17 17.67
CA GLY S 192 -27.74 104.88 18.71
C GLY S 192 -26.39 105.54 18.47
N LEU S 193 -25.40 105.07 19.21
CA LEU S 193 -24.03 105.56 19.13
C LEU S 193 -23.15 104.39 18.67
N TYR S 194 -22.44 104.60 17.56
CA TYR S 194 -21.66 103.55 16.93
C TYR S 194 -20.19 103.96 16.85
N GLY S 195 -19.35 103.01 16.47
CA GLY S 195 -17.92 103.25 16.37
C GLY S 195 -17.38 102.77 15.04
N PHE S 196 -16.34 103.46 14.57
CA PHE S 196 -15.69 103.15 13.31
C PHE S 196 -14.18 103.11 13.48
N SER S 197 -13.55 102.12 12.86
CA SER S 197 -12.10 101.93 12.96
C SER S 197 -11.52 101.51 11.61
N ILE S 198 -11.94 102.17 10.52
CA ILE S 198 -11.40 101.85 9.21
C ILE S 198 -9.93 102.29 9.13
N VAL S 199 -9.14 101.57 8.33
CA VAL S 199 -7.72 101.81 8.20
C VAL S 199 -7.38 101.97 6.72
N LEU S 200 -6.22 102.59 6.46
CA LEU S 200 -5.74 102.81 5.10
C LEU S 200 -4.24 102.55 5.07
N ASP S 201 -3.84 101.43 4.45
CA ASP S 201 -2.42 101.11 4.26
C ASP S 201 -2.02 101.47 2.84
N LEU S 202 -1.82 102.78 2.63
CA LEU S 202 -1.61 103.31 1.28
C LEU S 202 -0.15 103.38 0.88
N GLY S 203 0.78 102.92 1.72
CA GLY S 203 2.19 102.99 1.36
C GLY S 203 2.60 102.03 0.26
N LEU S 204 1.76 101.06 -0.07
CA LEU S 204 2.04 100.08 -1.12
C LEU S 204 1.41 100.45 -2.46
N VAL S 205 0.68 101.57 -2.51
CA VAL S 205 -0.04 101.92 -3.74
C VAL S 205 0.95 102.20 -4.86
N GLY S 206 0.56 101.88 -6.09
CA GLY S 206 1.43 102.05 -7.23
C GLY S 206 2.54 101.05 -7.33
N ILE S 207 2.54 100.02 -6.50
CA ILE S 207 3.62 99.03 -6.44
C ILE S 207 3.04 97.64 -6.58
N PRO S 208 3.53 96.81 -7.51
CA PRO S 208 3.00 95.46 -7.64
C PRO S 208 3.29 94.62 -6.41
N GLN S 209 2.38 93.69 -6.12
CA GLN S 209 2.53 92.82 -4.97
C GLN S 209 3.62 91.77 -5.19
N GLY S 210 3.82 91.34 -6.43
CA GLY S 210 4.79 90.28 -6.69
C GLY S 210 6.21 90.69 -6.38
N LEU S 211 6.61 91.88 -6.79
CA LEU S 211 7.97 92.40 -6.57
C LEU S 211 7.86 93.79 -5.96
N PRO S 212 7.57 93.87 -4.66
CA PRO S 212 7.40 95.20 -4.04
C PRO S 212 8.65 96.07 -4.11
N VAL S 213 9.84 95.49 -4.00
CA VAL S 213 11.07 96.24 -3.89
C VAL S 213 12.08 95.69 -4.90
N LYS S 214 12.79 96.60 -5.56
CA LYS S 214 13.87 96.25 -6.47
C LYS S 214 15.21 96.60 -5.82
N PHE S 215 16.24 95.85 -6.19
CA PHE S 215 17.59 96.02 -5.65
C PHE S 215 18.54 96.30 -6.80
N GLU S 216 19.10 97.52 -6.83
CA GLU S 216 20.05 97.87 -7.87
C GLU S 216 21.45 97.36 -7.53
N GLU S 217 22.02 97.87 -6.43
CA GLU S 217 23.32 97.38 -5.93
C GLU S 217 23.21 97.31 -4.40
N ASN S 218 22.75 96.16 -3.90
CA ASN S 218 22.67 95.88 -2.47
C ASN S 218 21.90 96.96 -1.71
N GLN S 219 20.97 97.62 -2.38
CA GLN S 219 20.15 98.66 -1.77
C GLN S 219 18.72 98.51 -2.23
N PRO S 220 17.75 98.85 -1.37
CA PRO S 220 16.35 98.72 -1.74
C PRO S 220 15.78 100.00 -2.35
N ARG S 221 14.80 99.80 -3.24
CA ARG S 221 14.04 100.92 -3.77
C ARG S 221 12.65 100.41 -4.12
N PRO S 222 11.59 101.10 -3.70
CA PRO S 222 10.24 100.63 -4.01
C PRO S 222 10.01 100.55 -5.51
N ASN S 223 9.31 99.50 -5.93
CA ASN S 223 9.05 99.26 -7.35
C ASN S 223 7.80 100.06 -7.74
N ILE S 224 8.00 101.35 -7.96
CA ILE S 224 6.92 102.25 -8.34
C ILE S 224 6.88 102.29 -9.87
N VAL S 225 5.97 101.51 -10.45
CA VAL S 225 5.88 101.42 -11.90
C VAL S 225 5.29 102.68 -12.49
N ILE S 226 4.32 103.29 -11.81
CA ILE S 226 3.66 104.49 -12.32
C ILE S 226 4.51 105.72 -11.99
N ASP S 227 4.17 106.85 -12.60
CA ASP S 227 4.89 108.09 -12.36
C ASP S 227 4.69 108.56 -10.92
N PRO S 228 5.72 109.12 -10.29
CA PRO S 228 5.57 109.58 -8.90
C PRO S 228 4.46 110.60 -8.69
N ASN S 229 4.24 111.49 -9.65
CA ASN S 229 3.14 112.45 -9.52
C ASN S 229 1.79 111.74 -9.52
N GLU S 230 1.67 110.66 -10.29
CA GLU S 230 0.45 109.86 -10.24
C GLU S 230 0.25 109.26 -8.85
N ARG S 231 1.33 108.77 -8.23
CA ARG S 231 1.23 108.23 -6.88
C ARG S 231 0.82 109.32 -5.89
N LYS S 232 1.38 110.52 -6.02
CA LYS S 232 1.01 111.60 -5.12
C LYS S 232 -0.45 111.98 -5.28
N ALA S 233 -0.94 112.06 -6.52
CA ALA S 233 -2.35 112.35 -6.74
C ALA S 233 -3.23 111.24 -6.19
N ARG S 234 -2.79 109.99 -6.34
CA ARG S 234 -3.51 108.85 -5.77
C ARG S 234 -3.64 108.99 -4.26
N ILE S 235 -2.53 109.33 -3.60
CA ILE S 235 -2.54 109.49 -2.14
C ILE S 235 -3.46 110.64 -1.74
N GLU S 236 -3.37 111.76 -2.44
CA GLU S 236 -4.21 112.91 -2.11
C GLU S 236 -5.69 112.56 -2.24
N SER S 237 -6.06 111.88 -3.33
CA SER S 237 -7.44 111.48 -3.54
C SER S 237 -7.90 110.50 -2.47
N ALA S 238 -7.05 109.53 -2.12
CA ALA S 238 -7.42 108.56 -1.10
C ALA S 238 -7.65 109.23 0.25
N LEU S 239 -6.80 110.21 0.60
CA LEU S 239 -7.00 110.92 1.86
C LEU S 239 -8.25 111.79 1.84
N LYS S 240 -8.52 112.49 0.74
CA LYS S 240 -9.73 113.32 0.73
C LYS S 240 -11.00 112.49 0.55
N ALA S 241 -10.87 111.19 0.22
CA ALA S 241 -12.04 110.33 0.14
C ALA S 241 -12.73 110.14 1.48
N LEU S 242 -12.09 110.54 2.59
CA LEU S 242 -12.71 110.46 3.90
C LEU S 242 -13.73 111.57 4.15
N ILE S 243 -13.79 112.58 3.27
CA ILE S 243 -14.77 113.66 3.46
C ILE S 243 -16.21 113.15 3.43
N PRO S 244 -16.64 112.33 2.43
CA PRO S 244 -18.01 111.82 2.48
C PRO S 244 -18.15 110.59 3.36
N MET S 245 -17.53 110.62 4.53
CA MET S 245 -17.71 109.57 5.55
C MET S 245 -18.29 110.17 6.82
N LEU S 246 -17.66 111.22 7.35
CA LEU S 246 -18.09 111.89 8.56
C LEU S 246 -19.12 112.98 8.28
N SER S 247 -19.74 112.94 7.11
CA SER S 247 -20.82 113.85 6.75
C SER S 247 -22.16 113.16 6.59
N GLY S 248 -22.20 111.83 6.53
CA GLY S 248 -23.45 111.10 6.40
C GLY S 248 -23.70 110.56 5.02
N TYR S 249 -22.69 109.95 4.41
CA TYR S 249 -22.79 109.42 3.05
C TYR S 249 -22.32 107.97 2.99
N ILE S 250 -22.82 107.16 3.93
CA ILE S 250 -22.46 105.75 3.99
C ILE S 250 -23.73 104.90 3.95
N GLY S 251 -23.59 103.70 3.39
CA GLY S 251 -24.70 102.77 3.32
C GLY S 251 -25.69 103.12 2.23
N ALA S 252 -26.81 102.40 2.25
CA ALA S 252 -27.87 102.53 1.25
C ALA S 252 -29.07 103.25 1.84
N ASN S 253 -30.11 103.40 1.01
CA ASN S 253 -31.36 104.06 1.40
C ASN S 253 -31.12 105.49 1.88
N LEU S 254 -30.22 106.20 1.20
CA LEU S 254 -29.99 107.60 1.49
C LEU S 254 -30.95 108.53 0.76
N ALA S 255 -31.74 108.01 -0.18
CA ALA S 255 -32.66 108.85 -0.94
C ALA S 255 -33.90 109.26 -0.14
N ARG S 256 -34.20 108.55 0.94
CA ARG S 256 -35.39 108.84 1.73
C ARG S 256 -35.14 108.96 3.22
N SER S 257 -34.06 108.39 3.76
CA SER S 257 -33.81 108.43 5.20
C SER S 257 -32.92 109.61 5.58
N PHE S 258 -31.69 109.64 5.05
CA PHE S 258 -30.69 110.65 5.38
C PHE S 258 -30.55 110.81 6.89
N PRO S 259 -29.91 109.86 7.56
CA PRO S 259 -29.89 109.89 9.03
C PRO S 259 -29.21 111.13 9.57
N VAL S 260 -29.68 111.58 10.74
CA VAL S 260 -29.06 112.72 11.41
C VAL S 260 -27.63 112.37 11.75
N PHE S 261 -26.69 113.08 11.15
CA PHE S 261 -25.27 112.74 11.22
C PHE S 261 -24.50 113.86 11.90
N LYS S 262 -23.71 113.51 12.92
CA LYS S 262 -22.86 114.47 13.62
C LYS S 262 -21.78 113.70 14.36
N VAL S 263 -20.52 113.96 14.01
CA VAL S 263 -19.40 113.22 14.58
C VAL S 263 -19.17 113.69 16.01
N GLU S 264 -19.10 112.72 16.94
CA GLU S 264 -18.97 113.04 18.35
C GLU S 264 -17.54 112.92 18.86
N GLU S 265 -16.85 111.81 18.58
CA GLU S 265 -15.42 111.75 18.87
C GLU S 265 -14.68 111.06 17.73
N LEU S 266 -13.41 111.41 17.57
CA LEU S 266 -12.55 110.67 16.63
C LEU S 266 -11.08 110.86 17.01
N VAL S 267 -10.26 109.93 16.55
CA VAL S 267 -8.81 109.98 16.77
C VAL S 267 -8.14 109.27 15.60
N ALA S 268 -7.04 109.86 15.12
CA ALA S 268 -6.30 109.36 13.98
C ALA S 268 -4.81 109.33 14.29
N ILE S 269 -4.14 108.35 13.70
CA ILE S 269 -2.68 108.27 13.71
C ILE S 269 -2.21 108.03 12.28
N ALA S 270 -1.26 108.86 11.83
CA ALA S 270 -0.82 108.84 10.44
C ALA S 270 0.48 108.07 10.24
N SER S 271 1.55 108.49 10.91
CA SER S 271 2.85 107.83 10.84
C SER S 271 3.37 107.71 9.41
N GLU S 272 4.45 106.96 9.23
CA GLU S 272 5.03 106.72 7.91
C GLU S 272 5.25 105.24 7.62
N GLY S 273 5.65 104.46 8.62
CA GLY S 273 5.94 103.06 8.42
C GLY S 273 4.91 102.15 9.03
N PRO S 274 5.22 100.85 9.11
CA PRO S 274 4.28 99.89 9.69
C PRO S 274 3.99 100.21 11.14
N ILE S 275 2.70 100.30 11.49
CA ILE S 275 2.29 100.66 12.84
C ILE S 275 1.12 99.80 13.26
N PRO S 276 0.96 99.60 14.56
CA PRO S 276 -0.17 98.79 15.05
C PRO S 276 -1.50 99.46 14.76
N ALA S 277 -2.52 98.63 14.55
CA ALA S 277 -3.85 99.13 14.22
C ALA S 277 -4.51 99.77 15.43
N LEU S 278 -5.29 100.83 15.18
CA LEU S 278 -6.02 101.50 16.24
C LEU S 278 -7.20 100.64 16.69
N VAL S 279 -7.51 100.71 17.98
CA VAL S 279 -8.59 99.90 18.52
C VAL S 279 -9.93 100.43 18.04
N HIS S 280 -10.91 99.53 17.95
CA HIS S 280 -12.25 99.89 17.51
C HIS S 280 -12.98 100.67 18.60
N GLY S 281 -14.00 101.42 18.19
CA GLY S 281 -14.77 102.23 19.11
C GLY S 281 -15.84 101.50 19.88
N PHE S 282 -15.97 100.18 19.69
CA PHE S 282 -16.98 99.41 20.42
C PHE S 282 -16.69 99.43 21.92
N TYR S 283 -15.42 99.31 22.30
CA TYR S 283 -15.04 99.26 23.70
C TYR S 283 -15.16 100.64 24.33
N GLU S 284 -15.07 100.67 25.66
CA GLU S 284 -15.33 101.89 26.41
C GLU S 284 -14.05 102.65 26.74
N ASP S 285 -13.07 101.97 27.33
CA ASP S 285 -11.80 102.59 27.65
C ASP S 285 -10.89 102.61 26.43
N TYR S 286 -11.42 103.09 25.30
CA TYR S 286 -10.63 103.17 24.08
C TYR S 286 -9.72 104.39 24.08
N ILE S 287 -10.08 105.45 24.82
CA ILE S 287 -9.22 106.63 24.89
C ILE S 287 -7.94 106.31 25.64
N GLU S 288 -8.04 105.62 26.79
CA GLU S 288 -6.83 105.21 27.50
C GLU S 288 -6.02 104.23 26.66
N ALA S 289 -6.69 103.31 25.97
CA ALA S 289 -6.00 102.35 25.12
C ALA S 289 -5.22 103.06 24.02
N ASN S 290 -5.84 104.05 23.37
CA ASN S 290 -5.13 104.79 22.32
C ASN S 290 -4.00 105.63 22.89
N ARG S 291 -4.19 106.22 24.07
CA ARG S 291 -3.11 106.98 24.68
C ARG S 291 -1.91 106.09 24.97
N SER S 292 -2.16 104.90 25.53
CA SER S 292 -1.09 103.97 25.82
C SER S 292 -0.48 103.36 24.56
N ILE S 293 -1.25 103.24 23.48
CA ILE S 293 -0.73 102.66 22.25
C ILE S 293 0.00 103.69 21.40
N ILE S 294 -0.18 104.99 21.67
CA ILE S 294 0.58 106.00 20.96
C ILE S 294 1.81 106.42 21.75
N LYS S 295 1.71 106.53 23.08
CA LYS S 295 2.86 106.96 23.87
C LYS S 295 3.99 105.95 23.78
N ASN S 296 3.70 104.66 24.00
CA ASN S 296 4.73 103.64 23.91
C ASN S 296 5.22 103.46 22.48
N ALA S 297 4.34 103.63 21.49
CA ALA S 297 4.78 103.55 20.10
C ALA S 297 5.79 104.64 19.77
N ARG S 298 5.53 105.87 20.23
CA ARG S 298 6.50 106.94 20.04
C ARG S 298 7.76 106.71 20.86
N ALA S 299 7.63 106.05 22.01
CA ALA S 299 8.81 105.69 22.79
C ALA S 299 9.68 104.68 22.07
N LEU S 300 9.07 103.77 21.29
CA LEU S 300 9.84 102.80 20.53
C LEU S 300 10.72 103.46 19.47
N GLY S 301 10.30 104.59 18.93
CA GLY S 301 11.00 105.23 17.85
C GLY S 301 10.22 105.37 16.56
N PHE S 302 8.88 105.34 16.62
CA PHE S 302 8.03 105.47 15.44
C PHE S 302 7.58 106.92 15.31
N ASN S 303 7.72 107.47 14.10
CA ASN S 303 7.33 108.86 13.83
C ASN S 303 5.80 108.94 13.76
N ILE S 304 5.19 108.93 14.93
CA ILE S 304 3.74 108.89 15.05
C ILE S 304 3.22 110.31 15.28
N GLU S 305 2.25 110.72 14.47
CA GLU S 305 1.53 111.98 14.66
C GLU S 305 0.06 111.65 14.88
N VAL S 306 -0.50 112.18 15.97
CA VAL S 306 -1.85 111.83 16.39
C VAL S 306 -2.73 113.08 16.35
N PHE S 307 -3.89 112.95 15.73
CA PHE S 307 -4.87 114.03 15.59
C PHE S 307 -6.13 113.63 16.32
N THR S 308 -6.60 114.50 17.21
CA THR S 308 -7.72 114.19 18.08
C THR S 308 -8.90 115.12 17.80
N TYR S 309 -10.09 114.65 18.13
CA TYR S 309 -11.29 115.48 18.07
C TYR S 309 -12.24 114.99 19.16
N ASN S 310 -12.46 115.85 20.17
CA ASN S 310 -13.26 115.55 21.35
C ASN S 310 -12.66 114.42 22.19
N VAL S 311 -11.37 114.18 22.06
CA VAL S 311 -10.64 113.19 22.85
C VAL S 311 -9.40 113.85 23.42
N ASP S 312 -9.23 113.76 24.74
CA ASP S 312 -8.12 114.45 25.40
C ASP S 312 -6.79 113.79 25.08
N LEU S 313 -6.71 112.46 25.20
CA LEU S 313 -5.47 111.71 25.04
C LEU S 313 -4.39 112.23 25.98
N GLY S 314 -4.81 112.63 27.19
CA GLY S 314 -3.86 113.17 28.13
C GLY S 314 -3.31 114.52 27.68
N GLU S 315 -2.17 114.88 28.25
CA GLU S 315 -1.48 116.12 27.90
C GLU S 315 0.01 115.96 27.65
N ASP S 316 0.64 114.87 28.11
CA ASP S 316 2.06 114.69 27.87
C ASP S 316 2.37 114.43 26.40
N ILE S 317 1.45 113.80 25.68
CA ILE S 317 1.67 113.45 24.28
C ILE S 317 1.32 114.66 23.42
N GLU S 318 1.90 114.70 22.22
CA GLU S 318 1.68 115.80 21.28
C GLU S 318 0.55 115.40 20.35
N ALA S 319 -0.67 115.80 20.69
CA ALA S 319 -1.86 115.51 19.90
C ALA S 319 -2.42 116.80 19.33
N THR S 320 -2.65 116.81 18.02
CA THR S 320 -3.18 117.98 17.35
C THR S 320 -4.69 118.03 17.55
N LYS S 321 -5.17 119.05 18.26
CA LYS S 321 -6.59 119.18 18.59
C LYS S 321 -7.32 119.71 17.35
N VAL S 322 -7.96 118.80 16.63
CA VAL S 322 -8.69 119.13 15.41
C VAL S 322 -10.14 119.44 15.76
N SER S 323 -10.69 120.47 15.13
CA SER S 323 -12.02 120.96 15.48
C SER S 323 -13.13 120.40 14.60
N SER S 324 -12.81 119.90 13.41
CA SER S 324 -13.84 119.34 12.53
C SER S 324 -13.17 118.32 11.61
N VAL S 325 -13.87 117.95 10.54
CA VAL S 325 -13.45 116.82 9.71
C VAL S 325 -12.54 117.26 8.56
N GLU S 326 -12.92 118.31 7.84
CA GLU S 326 -12.20 118.67 6.62
C GLU S 326 -10.77 119.11 6.92
N GLU S 327 -10.55 119.87 7.99
CA GLU S 327 -9.20 120.28 8.30
C GLU S 327 -8.36 119.14 8.86
N LEU S 328 -9.00 118.10 9.42
CA LEU S 328 -8.26 116.90 9.76
C LEU S 328 -7.67 116.26 8.51
N VAL S 329 -8.48 116.13 7.46
CA VAL S 329 -7.98 115.59 6.20
C VAL S 329 -6.91 116.51 5.62
N ALA S 330 -7.08 117.82 5.78
CA ALA S 330 -6.05 118.75 5.36
C ALA S 330 -4.73 118.48 6.08
N ASN S 331 -4.79 118.31 7.40
CA ASN S 331 -3.58 118.02 8.17
C ASN S 331 -2.95 116.71 7.72
N LEU S 332 -3.76 115.72 7.36
CA LEU S 332 -3.22 114.49 6.78
C LEU S 332 -2.50 114.78 5.47
N VAL S 333 -3.06 115.66 4.62
CA VAL S 333 -2.51 115.85 3.29
C VAL S 333 -1.39 116.89 3.22
N LYS S 334 -1.09 117.58 4.32
CA LYS S 334 0.13 118.40 4.34
C LYS S 334 1.38 117.53 4.14
N MET S 335 1.45 116.40 4.83
CA MET S 335 2.63 115.54 4.77
C MET S 335 2.55 114.49 3.67
N VAL S 336 1.48 114.51 2.88
CA VAL S 336 1.20 113.55 1.79
C VAL S 336 1.72 112.14 2.09
#